data_3RCY
#
_entry.id   3RCY
#
_cell.length_a   144.978
_cell.length_b   162.143
_cell.length_c   141.954
_cell.angle_alpha   90.00
_cell.angle_beta   90.00
_cell.angle_gamma   90.00
#
_symmetry.space_group_name_H-M   'P 21 21 2'
#
loop_
_entity.id
_entity.type
_entity.pdbx_description
1 polymer 'Mandelate racemase/muconate lactonizing enzyme-like protein'
2 non-polymer 'MAGNESIUM ION'
3 non-polymer GLYCEROL
4 non-polymer alpha-D-ribofuranose
5 water water
#
_entity_poly.entity_id   1
_entity_poly.type   'polypeptide(L)'
_entity_poly.pdbx_seq_one_letter_code
;MVKLRDLDIIVTAPPAPGWGGRYWILVKLTTDDGITGWGECYAASVGPEAMRAVIEDVFARHMEGENPENIELMFRRVYS
SGFTQRPDLTAIGAFSGLEIACWDILGKARGRPVWALLGGKMNPRIRAYTYLYPLPHHPITPFWTSADMAAESAADCVAR
GYTAVKFDPAGPYTLRGGHMPAMTDISLSVEFCRKIRAAVGDKADLLFGTHGQFTTAGAIRLGQAIEPYSPLWYEEPVPP
DNVGAMAQVARAVRIPVATGERLTTKAEFAPVLREGAAAILQPALGRAGGIWEMKKVAAMAEVYNAQMAPHLYAGPVEWA
ANVHFAASIPNILMCESIETPFHDALIKGSIRVEGGYITPPEAPGLGIEVDEALARANPYHGTGLHLEMQEASCDYTNGN
SFAGGAPHEEGAENLYFQSHHHHHHWSHPQFEK
;
_entity_poly.pdbx_strand_id   A,B,C,D,E,F,G,H
#
loop_
_chem_comp.id
_chem_comp.type
_chem_comp.name
_chem_comp.formula
GOL non-polymer GLYCEROL 'C3 H8 O3'
MG non-polymer 'MAGNESIUM ION' 'Mg 2'
RIB D-saccharide, alpha linking alpha-D-ribofuranose 'C5 H10 O5'
#
# COMPACT_ATOMS: atom_id res chain seq x y z
N VAL A 2 8.02 -7.44 -50.38
CA VAL A 2 8.54 -8.77 -50.46
C VAL A 2 7.87 -9.70 -49.46
N LYS A 3 8.11 -10.99 -49.60
CA LYS A 3 7.57 -11.98 -48.67
C LYS A 3 8.68 -12.92 -48.24
N LEU A 4 8.68 -13.26 -46.96
CA LEU A 4 9.57 -14.31 -46.44
C LEU A 4 9.24 -15.63 -47.12
N ARG A 5 10.25 -16.36 -47.55
CA ARG A 5 10.03 -17.62 -48.24
C ARG A 5 10.80 -18.80 -47.63
N ASP A 6 12.11 -18.67 -47.45
CA ASP A 6 12.95 -19.81 -47.06
C ASP A 6 13.56 -19.65 -45.67
N LEU A 7 13.74 -20.78 -45.00
CA LEU A 7 14.45 -20.85 -43.72
C LEU A 7 15.55 -21.91 -43.75
N ASP A 8 16.74 -21.51 -43.31
CA ASP A 8 17.81 -22.44 -43.02
C ASP A 8 18.22 -22.26 -41.57
N ILE A 9 18.42 -23.37 -40.88
CA ILE A 9 18.89 -23.32 -39.49
C ILE A 9 20.28 -23.95 -39.44
N ILE A 10 21.21 -23.25 -38.81
CA ILE A 10 22.56 -23.77 -38.64
C ILE A 10 22.93 -23.73 -37.17
N VAL A 11 23.19 -24.90 -36.60
CA VAL A 11 23.70 -24.99 -35.24
C VAL A 11 25.21 -25.13 -35.29
N THR A 12 25.91 -24.19 -34.66
CA THR A 12 27.37 -24.14 -34.74
C THR A 12 28.00 -24.13 -33.35
N ALA A 13 29.09 -24.88 -33.22
CA ALA A 13 29.82 -25.03 -31.95
C ALA A 13 31.11 -24.20 -31.93
N PRO A 14 31.19 -23.23 -31.00
CA PRO A 14 32.43 -22.48 -30.84
C PRO A 14 33.55 -23.43 -30.41
N PRO A 15 34.75 -23.29 -31.01
CA PRO A 15 35.92 -24.05 -30.60
C PRO A 15 36.31 -23.78 -29.14
N ALA A 16 37.00 -24.74 -28.53
CA ALA A 16 37.54 -24.59 -27.18
C ALA A 16 38.39 -23.32 -27.06
N PRO A 17 38.37 -22.64 -25.90
CA PRO A 17 37.68 -22.97 -24.64
C PRO A 17 36.17 -22.74 -24.67
N GLY A 18 35.66 -22.16 -25.78
CA GLY A 18 34.22 -22.09 -26.02
C GLY A 18 33.43 -21.01 -25.28
N TRP A 19 34.00 -19.80 -25.21
CA TRP A 19 33.28 -18.67 -24.61
C TRP A 19 32.07 -18.29 -25.44
N GLY A 20 30.92 -18.19 -24.78
CA GLY A 20 29.65 -18.00 -25.47
C GLY A 20 28.77 -19.24 -25.48
N GLY A 21 29.23 -20.33 -24.87
CA GLY A 21 28.41 -21.53 -24.68
C GLY A 21 28.71 -22.68 -25.63
N ARG A 22 27.97 -23.78 -25.49
CA ARG A 22 28.24 -25.02 -26.25
C ARG A 22 27.90 -24.93 -27.73
N TYR A 23 26.85 -24.17 -28.07
CA TYR A 23 26.42 -24.02 -29.46
C TYR A 23 25.59 -22.76 -29.63
N TRP A 24 25.57 -22.25 -30.85
CA TRP A 24 24.73 -21.10 -31.20
C TRP A 24 23.75 -21.52 -32.29
N ILE A 25 22.52 -21.04 -32.18
CA ILE A 25 21.47 -21.41 -33.13
C ILE A 25 21.25 -20.23 -34.08
N LEU A 26 21.78 -20.37 -35.29
CA LEU A 26 21.65 -19.33 -36.30
C LEU A 26 20.49 -19.65 -37.23
N VAL A 27 19.75 -18.61 -37.62
CA VAL A 27 18.70 -18.77 -38.63
C VAL A 27 18.98 -17.84 -39.82
N LYS A 28 18.76 -18.35 -41.02
CA LYS A 28 18.95 -17.58 -42.22
C LYS A 28 17.62 -17.59 -42.97
N LEU A 29 17.06 -16.41 -43.18
CA LEU A 29 15.82 -16.27 -43.93
C LEU A 29 16.10 -15.68 -45.29
N THR A 30 15.33 -16.13 -46.28
CA THR A 30 15.43 -15.59 -47.63
C THR A 30 14.03 -15.19 -48.09
N THR A 31 13.94 -14.01 -48.69
CA THR A 31 12.67 -13.52 -49.25
C THR A 31 12.46 -14.09 -50.64
N ASP A 32 11.25 -13.90 -51.18
CA ASP A 32 10.96 -14.33 -52.55
C ASP A 32 11.75 -13.56 -53.62
N ASP A 33 12.31 -12.40 -53.28
CA ASP A 33 13.18 -11.69 -54.22
C ASP A 33 14.69 -11.86 -53.94
N GLY A 34 15.03 -12.85 -53.11
CA GLY A 34 16.43 -13.22 -52.90
C GLY A 34 17.21 -12.51 -51.79
N ILE A 35 16.58 -11.58 -51.07
CA ILE A 35 17.27 -10.91 -49.96
C ILE A 35 17.43 -11.87 -48.78
N THR A 36 18.62 -11.91 -48.20
CA THR A 36 18.87 -12.81 -47.08
C THR A 36 19.07 -12.03 -45.78
N GLY A 37 18.59 -12.60 -44.68
CA GLY A 37 18.77 -12.03 -43.36
C GLY A 37 19.18 -13.10 -42.37
N TRP A 38 20.02 -12.71 -41.41
CA TRP A 38 20.52 -13.62 -40.39
C TRP A 38 20.03 -13.21 -39.00
N GLY A 39 19.71 -14.22 -38.21
CA GLY A 39 19.24 -14.03 -36.84
C GLY A 39 19.85 -15.10 -35.96
N GLU A 40 19.58 -15.00 -34.66
CA GLU A 40 20.11 -15.97 -33.71
C GLU A 40 19.10 -16.23 -32.61
N CYS A 41 18.79 -17.51 -32.37
CA CYS A 41 17.86 -17.89 -31.31
C CYS A 41 18.60 -18.22 -30.02
N TYR A 42 18.01 -17.82 -28.90
CA TYR A 42 18.58 -18.09 -27.58
C TYR A 42 17.52 -18.88 -26.80
N ALA A 43 17.68 -20.20 -26.80
CA ALA A 43 16.70 -21.11 -26.21
C ALA A 43 17.34 -22.48 -26.00
N ALA A 44 17.44 -22.91 -24.75
CA ALA A 44 18.06 -24.20 -24.44
C ALA A 44 17.35 -25.00 -23.36
N SER A 45 16.04 -24.79 -23.19
CA SER A 45 15.27 -25.66 -22.30
C SER A 45 15.32 -27.10 -22.84
N VAL A 46 15.32 -27.21 -24.16
CA VAL A 46 15.50 -28.48 -24.86
C VAL A 46 16.68 -28.31 -25.83
N GLY A 47 17.26 -29.41 -26.27
CA GLY A 47 18.44 -29.40 -27.13
C GLY A 47 18.20 -28.86 -28.54
N PRO A 48 19.31 -28.68 -29.30
CA PRO A 48 19.22 -28.07 -30.63
C PRO A 48 18.35 -28.84 -31.62
N GLU A 49 18.27 -30.16 -31.53
CA GLU A 49 17.45 -30.91 -32.48
CA GLU A 49 17.44 -30.96 -32.45
C GLU A 49 15.96 -30.63 -32.25
N ALA A 50 15.53 -30.56 -30.99
CA ALA A 50 14.16 -30.20 -30.65
C ALA A 50 13.89 -28.74 -31.04
N MET A 51 14.88 -27.87 -30.80
CA MET A 51 14.75 -26.46 -31.20
C MET A 51 14.57 -26.27 -32.70
N ARG A 52 15.23 -27.11 -33.51
CA ARG A 52 15.02 -27.10 -34.95
C ARG A 52 13.55 -27.27 -35.31
N ALA A 53 12.91 -28.29 -34.73
CA ALA A 53 11.51 -28.57 -34.99
C ALA A 53 10.62 -27.41 -34.55
N VAL A 54 10.94 -26.80 -33.41
CA VAL A 54 10.17 -25.66 -32.89
C VAL A 54 10.28 -24.46 -33.85
N ILE A 55 11.52 -24.13 -34.23
CA ILE A 55 11.79 -23.01 -35.13
C ILE A 55 11.08 -23.19 -36.48
N GLU A 56 11.23 -24.37 -37.06
CA GLU A 56 10.56 -24.70 -38.33
C GLU A 56 9.04 -24.53 -38.23
N ASP A 57 8.45 -24.99 -37.12
CA ASP A 57 7.01 -24.84 -36.88
C ASP A 57 6.61 -23.37 -36.83
N VAL A 58 7.24 -22.61 -35.94
CA VAL A 58 6.97 -21.18 -35.78
C VAL A 58 7.05 -20.43 -37.13
N PHE A 59 8.15 -20.65 -37.85
CA PHE A 59 8.31 -20.01 -39.15
C PHE A 59 7.22 -20.41 -40.14
N ALA A 60 6.99 -21.71 -40.31
CA ALA A 60 6.02 -22.18 -41.31
C ALA A 60 4.61 -21.72 -40.98
N ARG A 61 4.27 -21.74 -39.69
CA ARG A 61 2.91 -21.47 -39.23
C ARG A 61 2.58 -19.97 -39.23
N HIS A 62 3.54 -19.13 -38.83
CA HIS A 62 3.23 -17.71 -38.54
C HIS A 62 3.96 -16.70 -39.41
N MET A 63 5.01 -17.13 -40.11
CA MET A 63 5.87 -16.15 -40.79
C MET A 63 6.05 -16.37 -42.29
N GLU A 64 6.12 -17.63 -42.72
CA GLU A 64 6.30 -17.95 -44.14
C GLU A 64 5.19 -17.32 -44.97
N GLY A 65 5.58 -16.60 -46.02
CA GLY A 65 4.63 -15.93 -46.90
C GLY A 65 4.23 -14.53 -46.44
N GLU A 66 4.73 -14.11 -45.26
CA GLU A 66 4.40 -12.79 -44.71
C GLU A 66 5.40 -11.72 -45.15
N ASN A 67 4.91 -10.49 -45.30
CA ASN A 67 5.76 -9.32 -45.48
C ASN A 67 6.59 -9.09 -44.20
N PRO A 68 7.93 -9.05 -44.32
CA PRO A 68 8.78 -8.88 -43.14
C PRO A 68 8.57 -7.55 -42.39
N GLU A 69 7.93 -6.57 -43.04
CA GLU A 69 7.52 -5.33 -42.35
C GLU A 69 6.57 -5.60 -41.19
N ASN A 70 5.82 -6.70 -41.25
CA ASN A 70 4.72 -6.92 -40.32
C ASN A 70 5.16 -7.58 -39.01
N ILE A 71 6.03 -6.87 -38.31
CA ILE A 71 6.70 -7.35 -37.10
C ILE A 71 5.74 -7.43 -35.91
N GLU A 72 4.84 -6.44 -35.78
CA GLU A 72 3.84 -6.45 -34.72
C GLU A 72 2.93 -7.67 -34.87
N LEU A 73 2.47 -7.87 -36.10
CA LEU A 73 1.54 -8.95 -36.42
C LEU A 73 2.18 -10.32 -36.18
N MET A 74 3.40 -10.51 -36.67
CA MET A 74 4.08 -11.80 -36.52
C MET A 74 4.34 -12.11 -35.04
N PHE A 75 4.72 -11.10 -34.26
CA PHE A 75 4.82 -11.30 -32.82
C PHE A 75 3.49 -11.77 -32.21
N ARG A 76 2.39 -11.07 -32.51
CA ARG A 76 1.08 -11.45 -31.98
C ARG A 76 0.69 -12.89 -32.34
N ARG A 77 0.96 -13.29 -33.57
CA ARG A 77 0.67 -14.65 -34.03
C ARG A 77 1.39 -15.69 -33.19
N VAL A 78 2.70 -15.53 -33.01
CA VAL A 78 3.49 -16.52 -32.28
C VAL A 78 3.16 -16.47 -30.78
N TYR A 79 3.04 -15.26 -30.25
CA TYR A 79 2.68 -15.05 -28.84
C TYR A 79 1.35 -15.69 -28.48
N SER A 80 0.41 -15.69 -29.43
CA SER A 80 -0.94 -16.21 -29.23
C SER A 80 -1.11 -17.67 -29.65
N SER A 81 -0.07 -18.22 -30.28
CA SER A 81 -0.14 -19.52 -30.92
C SER A 81 -0.77 -20.61 -30.07
N GLY A 82 -1.77 -21.28 -30.63
CA GLY A 82 -2.41 -22.44 -29.98
C GLY A 82 -3.24 -22.07 -28.77
N PHE A 83 -3.82 -20.87 -28.76
CA PHE A 83 -4.58 -20.34 -27.61
C PHE A 83 -3.69 -20.25 -26.37
N THR A 84 -2.64 -19.43 -26.48
CA THR A 84 -1.74 -19.21 -25.37
C THR A 84 -1.83 -17.73 -24.99
N GLN A 85 -1.10 -16.86 -25.70
CA GLN A 85 -1.15 -15.42 -25.45
C GLN A 85 -0.64 -15.08 -24.05
N ARG A 86 0.38 -15.83 -23.65
CA ARG A 86 1.27 -15.49 -22.54
C ARG A 86 2.66 -16.01 -22.94
N PRO A 87 3.73 -15.49 -22.30
CA PRO A 87 5.06 -15.83 -22.80
C PRO A 87 5.37 -17.32 -22.78
N ASP A 88 5.74 -17.87 -23.93
CA ASP A 88 6.26 -19.23 -24.03
C ASP A 88 7.76 -19.13 -24.27
N LEU A 89 8.56 -19.49 -23.26
CA LEU A 89 10.01 -19.29 -23.33
C LEU A 89 10.63 -19.92 -24.59
N THR A 90 10.18 -21.10 -24.94
CA THR A 90 10.75 -21.84 -26.08
C THR A 90 10.27 -21.28 -27.43
N ALA A 91 8.97 -21.09 -27.57
CA ALA A 91 8.41 -20.58 -28.84
C ALA A 91 8.85 -19.15 -29.16
N ILE A 92 8.96 -18.31 -28.13
CA ILE A 92 9.39 -16.92 -28.33
C ILE A 92 10.91 -16.87 -28.60
N GLY A 93 11.65 -17.80 -28.01
CA GLY A 93 13.07 -17.99 -28.38
C GLY A 93 13.22 -18.25 -29.87
N ALA A 94 12.37 -19.14 -30.39
CA ALA A 94 12.32 -19.41 -31.82
C ALA A 94 11.97 -18.15 -32.61
N PHE A 95 10.86 -17.51 -32.28
CA PHE A 95 10.47 -16.27 -32.95
C PHE A 95 11.56 -15.20 -32.96
N SER A 96 12.21 -14.99 -31.81
CA SER A 96 13.16 -13.88 -31.66
C SER A 96 14.28 -13.90 -32.70
N GLY A 97 14.88 -15.07 -32.90
CA GLY A 97 15.91 -15.25 -33.90
C GLY A 97 15.41 -14.96 -35.30
N LEU A 98 14.19 -15.42 -35.59
CA LEU A 98 13.57 -15.19 -36.90
C LEU A 98 13.26 -13.69 -37.10
N GLU A 99 12.84 -13.03 -36.02
CA GLU A 99 12.54 -11.58 -36.06
C GLU A 99 13.81 -10.75 -36.33
N ILE A 100 14.92 -11.16 -35.73
CA ILE A 100 16.21 -10.49 -35.98
C ILE A 100 16.61 -10.62 -37.46
N ALA A 101 16.40 -11.80 -38.05
CA ALA A 101 16.62 -12.01 -39.48
C ALA A 101 15.72 -11.12 -40.34
N CYS A 102 14.49 -10.88 -39.89
CA CYS A 102 13.57 -9.97 -40.59
C CYS A 102 14.13 -8.54 -40.62
N TRP A 103 14.70 -8.10 -39.50
CA TRP A 103 15.33 -6.78 -39.44
C TRP A 103 16.55 -6.69 -40.35
N ASP A 104 17.35 -7.75 -40.39
CA ASP A 104 18.48 -7.80 -41.32
C ASP A 104 17.97 -7.62 -42.76
N ILE A 105 16.94 -8.38 -43.12
CA ILE A 105 16.25 -8.24 -44.42
C ILE A 105 15.70 -6.81 -44.65
N LEU A 106 15.00 -6.26 -43.66
CA LEU A 106 14.41 -4.93 -43.78
C LEU A 106 15.47 -3.86 -44.04
N GLY A 107 16.56 -3.89 -43.28
CA GLY A 107 17.66 -2.94 -43.51
C GLY A 107 18.22 -3.04 -44.93
N LYS A 108 18.42 -4.27 -45.40
CA LYS A 108 18.91 -4.47 -46.77
C LYS A 108 17.92 -3.95 -47.81
N ALA A 109 16.64 -4.24 -47.63
CA ALA A 109 15.60 -3.76 -48.54
C ALA A 109 15.49 -2.23 -48.54
N ARG A 110 15.68 -1.62 -47.37
CA ARG A 110 15.62 -0.17 -47.21
C ARG A 110 16.92 0.53 -47.60
N GLY A 111 18.01 -0.25 -47.71
CA GLY A 111 19.35 0.31 -47.94
C GLY A 111 19.88 1.10 -46.74
N ARG A 112 19.46 0.71 -45.53
CA ARG A 112 19.86 1.41 -44.29
C ARG A 112 20.26 0.42 -43.20
N PRO A 113 21.12 0.86 -42.26
CA PRO A 113 21.37 0.02 -41.09
C PRO A 113 20.10 -0.13 -40.25
N VAL A 114 19.99 -1.23 -39.52
CA VAL A 114 18.83 -1.47 -38.68
C VAL A 114 18.54 -0.30 -37.72
N TRP A 115 19.56 0.22 -37.05
CA TRP A 115 19.36 1.33 -36.09
C TRP A 115 18.65 2.55 -36.72
N ALA A 116 18.91 2.79 -38.01
CA ALA A 116 18.29 3.91 -38.72
C ALA A 116 16.77 3.73 -38.84
N LEU A 117 16.31 2.48 -38.76
CA LEU A 117 14.88 2.15 -38.83
C LEU A 117 14.20 2.18 -37.45
N LEU A 118 15.00 2.32 -36.40
CA LEU A 118 14.51 2.21 -35.03
C LEU A 118 14.45 3.56 -34.30
N GLY A 119 14.19 4.63 -35.03
CA GLY A 119 14.16 5.98 -34.45
C GLY A 119 15.49 6.70 -34.62
N GLY A 120 16.39 6.07 -35.36
CA GLY A 120 17.67 6.68 -35.72
C GLY A 120 18.75 6.56 -34.67
N LYS A 121 19.82 7.35 -34.83
CA LYS A 121 20.98 7.21 -33.99
C LYS A 121 20.86 8.05 -32.74
N MET A 122 20.95 7.39 -31.58
CA MET A 122 21.14 8.10 -30.31
C MET A 122 22.61 8.11 -29.90
N ASN A 123 23.30 7.02 -30.19
CA ASN A 123 24.62 6.77 -29.62
C ASN A 123 25.70 6.48 -30.67
N PRO A 124 26.53 7.50 -30.99
CA PRO A 124 27.64 7.32 -31.93
C PRO A 124 28.69 6.31 -31.46
N ARG A 125 28.83 6.14 -30.14
CA ARG A 125 29.68 5.08 -29.58
C ARG A 125 28.97 4.43 -28.37
N ILE A 126 28.94 3.10 -28.38
CA ILE A 126 28.26 2.32 -27.35
C ILE A 126 29.28 1.74 -26.37
N ARG A 127 29.08 2.02 -25.09
CA ARG A 127 29.95 1.48 -24.05
C ARG A 127 29.84 -0.04 -24.01
N ALA A 128 30.99 -0.71 -24.04
CA ALA A 128 31.03 -2.18 -24.00
C ALA A 128 31.60 -2.69 -22.69
N TYR A 129 31.28 -3.92 -22.34
CA TYR A 129 31.96 -4.60 -21.24
C TYR A 129 32.17 -6.07 -21.56
N THR A 130 32.98 -6.73 -20.75
CA THR A 130 33.21 -8.17 -20.90
C THR A 130 33.30 -8.85 -19.54
N TYR A 131 33.01 -10.15 -19.51
CA TYR A 131 33.42 -11.00 -18.40
C TYR A 131 34.94 -10.98 -18.30
N LEU A 132 35.44 -11.27 -17.11
CA LEU A 132 36.86 -11.57 -16.92
C LEU A 132 37.13 -13.03 -17.31
N TYR A 133 37.89 -13.22 -18.39
CA TYR A 133 38.24 -14.57 -18.88
C TYR A 133 39.70 -14.86 -18.54
N PRO A 134 40.05 -16.17 -18.44
CA PRO A 134 41.45 -16.52 -18.16
C PRO A 134 42.38 -15.95 -19.22
N LEU A 135 43.50 -15.40 -18.77
CA LEU A 135 44.61 -15.04 -19.64
C LEU A 135 45.36 -16.31 -20.04
N PRO A 136 46.25 -16.24 -21.05
CA PRO A 136 46.90 -17.46 -21.57
C PRO A 136 47.72 -18.28 -20.55
N HIS A 137 48.23 -17.63 -19.50
CA HIS A 137 49.01 -18.34 -18.47
C HIS A 137 48.14 -18.85 -17.30
N HIS A 138 46.86 -18.50 -17.30
CA HIS A 138 45.94 -18.93 -16.24
C HIS A 138 45.42 -20.33 -16.50
N PRO A 139 45.60 -21.26 -15.55
CA PRO A 139 44.87 -22.53 -15.67
C PRO A 139 43.36 -22.25 -15.57
N ILE A 140 42.60 -22.78 -16.51
CA ILE A 140 41.18 -22.46 -16.68
C ILE A 140 40.34 -22.73 -15.42
N THR A 141 40.39 -23.96 -14.91
CA THR A 141 39.55 -24.35 -13.77
C THR A 141 39.88 -23.55 -12.49
N PRO A 142 41.17 -23.49 -12.07
CA PRO A 142 41.51 -22.64 -10.92
C PRO A 142 41.16 -21.15 -11.09
N PHE A 143 41.19 -20.66 -12.33
CA PHE A 143 40.90 -19.25 -12.61
C PHE A 143 39.58 -18.75 -11.99
N TRP A 144 38.53 -19.58 -12.06
CA TRP A 144 37.19 -19.16 -11.65
C TRP A 144 37.03 -18.83 -10.17
N THR A 145 37.93 -19.36 -9.34
CA THR A 145 37.92 -19.03 -7.92
C THR A 145 39.21 -18.34 -7.44
N SER A 146 40.02 -17.86 -8.38
CA SER A 146 41.23 -17.11 -8.04
C SER A 146 41.04 -15.60 -8.20
N ALA A 147 40.96 -14.87 -7.07
CA ALA A 147 40.86 -13.41 -7.11
C ALA A 147 42.09 -12.78 -7.74
N ASP A 148 43.27 -13.32 -7.40
CA ASP A 148 44.54 -12.89 -7.99
C ASP A 148 44.52 -12.93 -9.51
N MET A 149 44.10 -14.05 -10.09
CA MET A 149 44.03 -14.21 -11.55
C MET A 149 42.96 -13.30 -12.17
N ALA A 150 41.80 -13.23 -11.53
CA ALA A 150 40.75 -12.32 -11.97
C ALA A 150 41.26 -10.88 -12.03
N ALA A 151 42.00 -10.44 -11.00
CA ALA A 151 42.54 -9.09 -10.99
C ALA A 151 43.51 -8.85 -12.16
N GLU A 152 44.31 -9.86 -12.52
CA GLU A 152 45.17 -9.77 -13.71
C GLU A 152 44.37 -9.58 -15.00
N SER A 153 43.28 -10.35 -15.13
CA SER A 153 42.41 -10.22 -16.29
C SER A 153 41.75 -8.85 -16.35
N ALA A 154 41.37 -8.33 -15.19
CA ALA A 154 40.78 -7.00 -15.08
C ALA A 154 41.75 -5.90 -15.52
N ALA A 155 43.00 -5.98 -15.03
CA ALA A 155 44.06 -5.06 -15.43
C ALA A 155 44.26 -5.07 -16.93
N ASP A 156 44.24 -6.26 -17.53
CA ASP A 156 44.37 -6.38 -18.97
C ASP A 156 43.16 -5.80 -19.72
N CYS A 157 41.94 -6.09 -19.26
CA CYS A 157 40.73 -5.50 -19.85
C CYS A 157 40.78 -3.98 -19.84
N VAL A 158 41.18 -3.42 -18.71
CA VAL A 158 41.25 -1.98 -18.54
C VAL A 158 42.33 -1.35 -19.43
N ALA A 159 43.49 -2.01 -19.50
CA ALA A 159 44.57 -1.54 -20.37
C ALA A 159 44.07 -1.41 -21.80
N ARG A 160 43.21 -2.34 -22.19
CA ARG A 160 42.66 -2.48 -23.51
CA ARG A 160 42.67 -2.42 -23.56
C ARG A 160 41.48 -1.53 -23.72
N GLY A 161 41.14 -0.72 -22.74
CA GLY A 161 40.10 0.30 -22.85
C GLY A 161 38.72 0.01 -22.27
N TYR A 162 38.49 -1.21 -21.79
CA TYR A 162 37.21 -1.53 -21.14
C TYR A 162 36.99 -0.67 -19.90
N THR A 163 35.77 -0.16 -19.76
CA THR A 163 35.39 0.72 -18.65
C THR A 163 34.51 0.00 -17.62
N ALA A 164 34.35 -1.31 -17.80
CA ALA A 164 33.58 -2.13 -16.87
C ALA A 164 33.92 -3.60 -17.12
N VAL A 165 33.97 -4.36 -16.03
CA VAL A 165 34.31 -5.77 -16.10
C VAL A 165 33.38 -6.58 -15.21
N LYS A 166 33.05 -7.80 -15.66
CA LYS A 166 32.09 -8.66 -14.96
C LYS A 166 32.72 -9.98 -14.52
N PHE A 167 32.24 -10.49 -13.39
CA PHE A 167 32.77 -11.69 -12.75
C PHE A 167 31.74 -12.21 -11.75
N ASP A 168 31.74 -13.53 -11.53
CA ASP A 168 30.88 -14.17 -10.54
C ASP A 168 31.70 -15.18 -9.74
N PRO A 169 32.13 -14.78 -8.54
CA PRO A 169 32.90 -15.65 -7.66
C PRO A 169 32.05 -16.32 -6.59
N ALA A 170 30.72 -16.16 -6.69
CA ALA A 170 29.80 -16.48 -5.59
C ALA A 170 29.33 -17.93 -5.52
N GLY A 171 29.83 -18.78 -6.42
CA GLY A 171 29.55 -20.22 -6.33
C GLY A 171 28.55 -20.72 -7.36
N PRO A 172 28.24 -22.04 -7.30
CA PRO A 172 27.48 -22.64 -8.39
C PRO A 172 26.00 -22.35 -8.28
N TYR A 173 25.35 -22.22 -9.44
CA TYR A 173 23.90 -22.24 -9.50
C TYR A 173 23.45 -23.69 -9.65
N THR A 174 22.42 -24.08 -8.91
CA THR A 174 21.92 -25.45 -9.00
C THR A 174 20.41 -25.53 -9.26
N LEU A 175 19.97 -26.71 -9.69
CA LEU A 175 18.59 -26.93 -10.10
C LEU A 175 17.59 -26.91 -8.95
N ARG A 176 18.09 -26.94 -7.71
CA ARG A 176 17.23 -26.96 -6.52
CA ARG A 176 17.22 -26.96 -6.52
C ARG A 176 16.52 -25.61 -6.31
N GLY A 177 17.12 -24.55 -6.85
CA GLY A 177 16.61 -23.19 -6.67
C GLY A 177 17.52 -22.42 -5.75
N GLY A 178 17.04 -21.29 -5.23
CA GLY A 178 17.85 -20.45 -4.35
C GLY A 178 18.46 -21.23 -3.18
N HIS A 179 19.70 -20.91 -2.86
CA HIS A 179 20.35 -21.43 -1.66
C HIS A 179 21.05 -20.33 -0.89
N MET A 180 21.45 -20.62 0.34
CA MET A 180 22.22 -19.67 1.15
C MET A 180 23.69 -19.81 0.77
N PRO A 181 24.39 -18.68 0.50
CA PRO A 181 25.82 -18.79 0.24
C PRO A 181 26.59 -19.38 1.43
N ALA A 182 27.65 -20.12 1.15
CA ALA A 182 28.60 -20.53 2.18
C ALA A 182 29.37 -19.28 2.63
N MET A 183 29.93 -19.30 3.84
CA MET A 183 30.79 -18.21 4.31
C MET A 183 31.97 -17.99 3.36
N THR A 184 32.48 -19.08 2.79
CA THR A 184 33.56 -19.01 1.81
C THR A 184 33.14 -18.32 0.50
N ASP A 185 31.88 -18.47 0.09
CA ASP A 185 31.33 -17.73 -1.07
C ASP A 185 31.32 -16.23 -0.81
N ILE A 186 30.92 -15.85 0.39
CA ILE A 186 30.90 -14.46 0.77
C ILE A 186 32.31 -13.89 0.82
N SER A 187 33.21 -14.57 1.53
CA SER A 187 34.59 -14.07 1.66
CA SER A 187 34.57 -14.05 1.67
C SER A 187 35.32 -14.01 0.33
N LEU A 188 35.06 -15.00 -0.53
CA LEU A 188 35.69 -14.99 -1.86
C LEU A 188 35.17 -13.83 -2.70
N SER A 189 33.86 -13.56 -2.60
CA SER A 189 33.25 -12.45 -3.32
C SER A 189 33.85 -11.11 -2.89
N VAL A 190 34.07 -10.96 -1.59
CA VAL A 190 34.72 -9.77 -1.03
C VAL A 190 36.17 -9.68 -1.54
N GLU A 191 36.90 -10.79 -1.49
CA GLU A 191 38.27 -10.83 -1.99
C GLU A 191 38.37 -10.42 -3.48
N PHE A 192 37.47 -10.96 -4.30
CA PHE A 192 37.39 -10.57 -5.72
C PHE A 192 37.17 -9.06 -5.89
N CYS A 193 36.15 -8.52 -5.23
CA CYS A 193 35.84 -7.09 -5.34
C CYS A 193 37.01 -6.23 -4.89
N ARG A 194 37.60 -6.59 -3.74
CA ARG A 194 38.73 -5.84 -3.20
C ARG A 194 39.92 -5.81 -4.16
N LYS A 195 40.31 -6.99 -4.65
CA LYS A 195 41.48 -7.12 -5.53
C LYS A 195 41.24 -6.54 -6.93
N ILE A 196 40.03 -6.72 -7.46
CA ILE A 196 39.68 -6.15 -8.77
C ILE A 196 39.60 -4.63 -8.69
N ARG A 197 38.97 -4.10 -7.62
CA ARG A 197 38.94 -2.65 -7.41
C ARG A 197 40.36 -2.08 -7.27
N ALA A 198 41.21 -2.78 -6.53
CA ALA A 198 42.60 -2.34 -6.38
C ALA A 198 43.34 -2.32 -7.73
N ALA A 199 43.01 -3.27 -8.60
CA ALA A 199 43.64 -3.37 -9.93
C ALA A 199 43.12 -2.34 -10.93
N VAL A 200 41.83 -2.01 -10.85
CA VAL A 200 41.25 -1.07 -11.84
C VAL A 200 41.07 0.38 -11.33
N GLY A 201 41.08 0.56 -10.01
CA GLY A 201 40.81 1.86 -9.39
C GLY A 201 39.53 2.49 -9.91
N ASP A 202 39.61 3.77 -10.29
CA ASP A 202 38.49 4.49 -10.91
C ASP A 202 38.39 4.32 -12.43
N LYS A 203 39.24 3.49 -13.01
CA LYS A 203 39.25 3.37 -14.47
C LYS A 203 38.13 2.48 -15.01
N ALA A 204 37.54 1.65 -14.14
CA ALA A 204 36.48 0.75 -14.57
C ALA A 204 35.48 0.48 -13.47
N ASP A 205 34.25 0.18 -13.86
CA ASP A 205 33.23 -0.30 -12.93
C ASP A 205 33.32 -1.81 -12.72
N LEU A 206 32.91 -2.24 -11.53
CA LEU A 206 32.80 -3.65 -11.20
C LEU A 206 31.36 -4.08 -11.41
N LEU A 207 31.16 -5.12 -12.21
CA LEU A 207 29.83 -5.68 -12.44
C LEU A 207 29.79 -7.04 -11.76
N PHE A 208 28.94 -7.16 -10.73
CA PHE A 208 28.88 -8.39 -9.97
C PHE A 208 27.87 -9.32 -10.63
N GLY A 209 28.41 -10.27 -11.40
CA GLY A 209 27.61 -11.01 -12.38
C GLY A 209 27.03 -12.31 -11.88
N THR A 210 26.32 -12.26 -10.76
CA THR A 210 25.67 -13.45 -10.17
C THR A 210 24.68 -14.13 -11.13
N HIS A 211 24.39 -15.40 -10.86
CA HIS A 211 23.60 -16.24 -11.76
C HIS A 211 22.32 -16.78 -11.12
N GLY A 212 21.68 -15.97 -10.27
CA GLY A 212 20.43 -16.38 -9.64
C GLY A 212 20.54 -17.55 -8.66
N GLN A 213 21.71 -17.66 -8.01
CA GLN A 213 22.01 -18.78 -7.11
C GLN A 213 21.21 -18.78 -5.81
N PHE A 214 20.74 -17.61 -5.39
CA PHE A 214 20.44 -17.39 -3.98
C PHE A 214 18.99 -17.21 -3.58
N THR A 215 18.71 -17.57 -2.34
CA THR A 215 17.47 -17.19 -1.69
C THR A 215 17.54 -15.67 -1.50
N THR A 216 16.41 -15.05 -1.25
CA THR A 216 16.35 -13.62 -0.97
C THR A 216 17.28 -13.28 0.20
N ALA A 217 17.17 -14.07 1.27
CA ALA A 217 18.00 -13.94 2.46
C ALA A 217 19.49 -14.01 2.11
N GLY A 218 19.85 -15.02 1.32
CA GLY A 218 21.23 -15.22 0.88
C GLY A 218 21.77 -14.10 0.03
N ALA A 219 20.94 -13.62 -0.91
CA ALA A 219 21.31 -12.53 -1.80
C ALA A 219 21.57 -11.23 -1.05
N ILE A 220 20.78 -11.00 0.01
CA ILE A 220 20.96 -9.83 0.87
C ILE A 220 22.25 -9.92 1.70
N ARG A 221 22.52 -11.09 2.28
CA ARG A 221 23.78 -11.27 3.04
C ARG A 221 25.02 -11.09 2.16
N LEU A 222 24.98 -11.62 0.94
CA LEU A 222 26.11 -11.47 0.02
C LEU A 222 26.22 -10.04 -0.48
N GLY A 223 25.09 -9.47 -0.87
CA GLY A 223 25.00 -8.10 -1.33
C GLY A 223 25.61 -7.10 -0.37
N GLN A 224 25.21 -7.16 0.90
CA GLN A 224 25.69 -6.21 1.89
C GLN A 224 27.21 -6.27 2.09
N ALA A 225 27.79 -7.46 1.93
CA ALA A 225 29.23 -7.68 2.09
C ALA A 225 30.07 -7.01 1.00
N ILE A 226 29.52 -6.89 -0.21
CA ILE A 226 30.28 -6.35 -1.34
C ILE A 226 29.98 -4.86 -1.59
N GLU A 227 29.00 -4.32 -0.87
CA GLU A 227 28.69 -2.87 -0.93
C GLU A 227 29.90 -1.91 -0.87
N PRO A 228 30.88 -2.17 0.03
CA PRO A 228 32.00 -1.20 0.16
C PRO A 228 32.85 -1.00 -1.11
N TYR A 229 32.70 -1.88 -2.10
CA TYR A 229 33.54 -1.81 -3.30
C TYR A 229 32.85 -1.08 -4.44
N SER A 230 31.66 -0.54 -4.12
CA SER A 230 30.85 0.22 -5.05
C SER A 230 30.63 -0.49 -6.40
N PRO A 231 30.18 -1.76 -6.38
CA PRO A 231 29.87 -2.39 -7.67
C PRO A 231 28.75 -1.65 -8.40
N LEU A 232 28.86 -1.55 -9.72
CA LEU A 232 27.87 -0.83 -10.51
C LEU A 232 26.52 -1.55 -10.53
N TRP A 233 26.54 -2.88 -10.59
CA TRP A 233 25.31 -3.65 -10.48
C TRP A 233 25.52 -5.01 -9.80
N TYR A 234 24.39 -5.57 -9.37
CA TYR A 234 24.29 -6.87 -8.75
C TYR A 234 23.32 -7.60 -9.64
N GLU A 235 23.84 -8.56 -10.42
CA GLU A 235 23.07 -9.21 -11.46
C GLU A 235 22.33 -10.45 -10.96
N GLU A 236 21.10 -10.65 -11.41
CA GLU A 236 20.33 -11.86 -11.06
C GLU A 236 20.63 -12.37 -9.64
N PRO A 237 20.31 -11.57 -8.61
CA PRO A 237 20.68 -12.04 -7.25
C PRO A 237 19.89 -13.28 -6.80
N VAL A 238 18.72 -13.47 -7.40
CA VAL A 238 17.81 -14.57 -7.06
C VAL A 238 17.35 -15.22 -8.37
N PRO A 239 16.75 -16.43 -8.32
CA PRO A 239 16.25 -17.04 -9.55
C PRO A 239 15.19 -16.16 -10.25
N PRO A 240 15.02 -16.35 -11.59
CA PRO A 240 14.18 -15.46 -12.39
C PRO A 240 12.67 -15.69 -12.30
N ASP A 241 12.20 -16.44 -11.30
CA ASP A 241 10.79 -16.84 -11.24
C ASP A 241 10.00 -16.18 -10.11
N ASN A 242 10.49 -15.05 -9.61
CA ASN A 242 9.89 -14.42 -8.45
C ASN A 242 10.24 -12.93 -8.39
N VAL A 243 9.39 -12.11 -8.99
CA VAL A 243 9.63 -10.68 -9.08
C VAL A 243 9.63 -10.05 -7.68
N GLY A 244 8.71 -10.50 -6.82
CA GLY A 244 8.62 -9.98 -5.45
C GLY A 244 9.90 -10.21 -4.65
N ALA A 245 10.50 -11.39 -4.81
CA ALA A 245 11.73 -11.72 -4.11
C ALA A 245 12.87 -10.83 -4.56
N MET A 246 12.94 -10.54 -5.86
CA MET A 246 14.01 -9.69 -6.36
C MET A 246 13.88 -8.25 -5.90
N ALA A 247 12.65 -7.75 -5.83
CA ALA A 247 12.39 -6.41 -5.33
C ALA A 247 12.78 -6.29 -3.86
N GLN A 248 12.59 -7.38 -3.10
CA GLN A 248 13.05 -7.42 -1.72
C GLN A 248 14.56 -7.24 -1.61
N VAL A 249 15.31 -7.95 -2.47
CA VAL A 249 16.76 -7.78 -2.53
C VAL A 249 17.10 -6.32 -2.91
N ALA A 250 16.44 -5.82 -3.95
CA ALA A 250 16.69 -4.46 -4.43
C ALA A 250 16.52 -3.40 -3.34
N ARG A 251 15.49 -3.55 -2.50
CA ARG A 251 15.24 -2.60 -1.41
C ARG A 251 16.22 -2.72 -0.25
N ALA A 252 16.80 -3.92 -0.09
CA ALA A 252 17.64 -4.23 1.07
C ALA A 252 19.16 -4.16 0.81
N VAL A 253 19.56 -3.99 -0.45
CA VAL A 253 20.98 -3.83 -0.76
C VAL A 253 21.21 -2.46 -1.44
N ARG A 254 22.38 -1.85 -1.22
CA ARG A 254 22.64 -0.49 -1.72
C ARG A 254 23.19 -0.46 -3.15
N ILE A 255 23.23 -1.63 -3.78
CA ILE A 255 23.73 -1.83 -5.14
C ILE A 255 22.54 -1.95 -6.11
N PRO A 256 22.62 -1.30 -7.29
CA PRO A 256 21.58 -1.47 -8.30
C PRO A 256 21.46 -2.91 -8.76
N VAL A 257 20.23 -3.40 -8.87
CA VAL A 257 19.99 -4.77 -9.30
C VAL A 257 19.77 -4.79 -10.82
N ALA A 258 20.43 -5.73 -11.48
CA ALA A 258 20.31 -5.92 -12.91
C ALA A 258 19.75 -7.31 -13.16
N THR A 259 18.85 -7.42 -14.13
CA THR A 259 18.33 -8.72 -14.49
C THR A 259 17.72 -8.70 -15.89
N GLY A 260 17.48 -9.89 -16.44
CA GLY A 260 16.64 -10.00 -17.63
C GLY A 260 16.97 -11.12 -18.59
N GLU A 261 18.15 -11.71 -18.47
CA GLU A 261 18.61 -12.66 -19.48
C GLU A 261 17.74 -13.91 -19.60
N ARG A 262 16.99 -14.23 -18.54
CA ARG A 262 16.14 -15.42 -18.54
C ARG A 262 14.66 -15.07 -18.62
N LEU A 263 14.38 -13.79 -18.88
CA LEU A 263 13.02 -13.28 -19.01
C LEU A 263 12.63 -13.10 -20.46
N THR A 264 11.33 -13.05 -20.72
CA THR A 264 10.89 -12.94 -22.10
C THR A 264 9.61 -12.13 -22.27
N THR A 265 9.64 -11.26 -23.30
CA THR A 265 8.56 -10.33 -23.68
C THR A 265 8.34 -9.22 -22.66
N LYS A 266 7.72 -8.13 -23.11
CA LYS A 266 7.35 -7.02 -22.25
C LYS A 266 6.41 -7.44 -21.12
N ALA A 267 5.64 -8.52 -21.31
CA ALA A 267 4.75 -9.01 -20.23
C ALA A 267 5.53 -9.42 -18.98
N GLU A 268 6.81 -9.75 -19.13
CA GLU A 268 7.65 -10.11 -18.00
C GLU A 268 8.54 -8.96 -17.54
N PHE A 269 8.98 -8.13 -18.48
CA PHE A 269 9.82 -7.00 -18.10
C PHE A 269 9.05 -5.88 -17.40
N ALA A 270 7.78 -5.69 -17.79
CA ALA A 270 6.96 -4.65 -17.18
C ALA A 270 6.82 -4.79 -15.65
N PRO A 271 6.45 -5.99 -15.15
CA PRO A 271 6.35 -6.18 -13.70
C PRO A 271 7.68 -5.99 -12.95
N VAL A 272 8.80 -6.36 -13.57
CA VAL A 272 10.13 -6.15 -12.98
C VAL A 272 10.34 -4.66 -12.69
N LEU A 273 9.99 -3.81 -13.65
CA LEU A 273 10.06 -2.36 -13.47
C LEU A 273 9.04 -1.87 -12.45
N ARG A 274 7.79 -2.24 -12.65
CA ARG A 274 6.68 -1.75 -11.82
C ARG A 274 6.89 -2.09 -10.33
N GLU A 275 7.45 -3.26 -10.04
CA GLU A 275 7.69 -3.66 -8.65
C GLU A 275 9.04 -3.18 -8.10
N GLY A 276 9.85 -2.53 -8.92
CA GLY A 276 11.16 -2.06 -8.50
C GLY A 276 12.16 -3.18 -8.27
N ALA A 277 12.00 -4.29 -9.00
CA ALA A 277 12.86 -5.46 -8.83
C ALA A 277 14.24 -5.26 -9.45
N ALA A 278 14.32 -4.44 -10.50
CA ALA A 278 15.60 -4.15 -11.15
C ALA A 278 15.63 -2.75 -11.73
N ALA A 279 16.82 -2.15 -11.70
CA ALA A 279 17.06 -0.83 -12.26
C ALA A 279 17.68 -0.93 -13.65
N ILE A 280 18.22 -2.11 -13.97
CA ILE A 280 18.93 -2.35 -15.23
C ILE A 280 18.41 -3.62 -15.88
N LEU A 281 17.93 -3.52 -17.12
CA LEU A 281 17.31 -4.65 -17.80
C LEU A 281 18.26 -5.26 -18.81
N GLN A 282 18.41 -6.59 -18.75
CA GLN A 282 19.40 -7.31 -19.56
C GLN A 282 18.76 -8.38 -20.44
N PRO A 283 17.84 -7.99 -21.35
CA PRO A 283 17.23 -9.04 -22.14
C PRO A 283 18.25 -9.65 -23.10
N ALA A 284 18.09 -10.94 -23.37
CA ALA A 284 18.75 -11.54 -24.50
C ALA A 284 17.78 -11.42 -25.66
N LEU A 285 18.13 -10.59 -26.65
CA LEU A 285 17.22 -10.31 -27.79
C LEU A 285 16.80 -11.58 -28.54
N GLY A 286 17.68 -12.57 -28.58
CA GLY A 286 17.38 -13.87 -29.19
C GLY A 286 16.42 -14.73 -28.37
N ARG A 287 16.12 -14.27 -27.17
CA ARG A 287 15.16 -14.94 -26.30
C ARG A 287 13.90 -14.12 -26.07
N ALA A 288 14.08 -12.81 -25.89
CA ALA A 288 13.06 -11.99 -25.25
C ALA A 288 11.96 -11.49 -26.16
N GLY A 289 12.04 -11.82 -27.45
CA GLY A 289 11.01 -11.41 -28.41
C GLY A 289 11.55 -10.64 -29.60
N GLY A 290 12.86 -10.43 -29.64
CA GLY A 290 13.52 -9.73 -30.73
C GLY A 290 13.67 -8.23 -30.54
N ILE A 291 14.10 -7.55 -31.60
CA ILE A 291 14.49 -6.14 -31.55
C ILE A 291 13.32 -5.21 -31.24
N TRP A 292 12.21 -5.36 -31.95
CA TRP A 292 11.05 -4.48 -31.80
C TRP A 292 10.42 -4.61 -30.42
N GLU A 293 10.20 -5.85 -29.98
CA GLU A 293 9.66 -6.11 -28.64
C GLU A 293 10.56 -5.47 -27.56
N MET A 294 11.87 -5.57 -27.74
CA MET A 294 12.80 -4.95 -26.81
C MET A 294 12.86 -3.41 -26.87
N LYS A 295 12.50 -2.85 -28.04
CA LYS A 295 12.28 -1.39 -28.15
C LYS A 295 11.11 -0.95 -27.26
N LYS A 296 10.07 -1.76 -27.23
CA LYS A 296 8.93 -1.53 -26.35
C LYS A 296 9.39 -1.53 -24.89
N VAL A 297 10.21 -2.51 -24.53
CA VAL A 297 10.74 -2.61 -23.16
C VAL A 297 11.66 -1.43 -22.82
N ALA A 298 12.51 -1.03 -23.77
CA ALA A 298 13.38 0.13 -23.58
C ALA A 298 12.59 1.40 -23.24
N ALA A 299 11.46 1.61 -23.92
CA ALA A 299 10.60 2.77 -23.66
C ALA A 299 9.98 2.70 -22.26
N MET A 300 9.56 1.50 -21.86
CA MET A 300 9.11 1.28 -20.48
C MET A 300 10.18 1.62 -19.46
N ALA A 301 11.40 1.15 -19.69
CA ALA A 301 12.53 1.51 -18.81
C ALA A 301 12.72 3.03 -18.70
N GLU A 302 12.54 3.74 -19.81
CA GLU A 302 12.64 5.21 -19.81
C GLU A 302 11.76 5.87 -18.75
N VAL A 303 10.50 5.42 -18.65
CA VAL A 303 9.56 6.03 -17.69
C VAL A 303 9.74 5.55 -16.24
N TYR A 304 10.73 4.70 -16.03
CA TYR A 304 11.19 4.35 -14.68
C TYR A 304 12.59 4.90 -14.42
N ASN A 305 13.09 5.73 -15.33
CA ASN A 305 14.47 6.26 -15.26
C ASN A 305 15.46 5.10 -15.10
N ALA A 306 15.22 4.07 -15.90
CA ALA A 306 15.96 2.81 -15.85
C ALA A 306 16.66 2.62 -17.19
N GLN A 307 17.63 1.72 -17.25
CA GLN A 307 18.45 1.54 -18.44
C GLN A 307 18.54 0.11 -18.95
N MET A 308 18.94 -0.02 -20.22
CA MET A 308 19.12 -1.32 -20.86
C MET A 308 20.61 -1.70 -20.90
N ALA A 309 20.88 -2.97 -20.69
CA ALA A 309 22.21 -3.52 -20.90
C ALA A 309 22.06 -4.89 -21.56
N PRO A 310 21.93 -4.92 -22.91
CA PRO A 310 21.64 -6.15 -23.66
C PRO A 310 22.58 -7.30 -23.32
N HIS A 311 22.01 -8.45 -23.01
CA HIS A 311 22.75 -9.65 -22.63
C HIS A 311 23.47 -10.26 -23.84
N LEU A 312 24.67 -10.77 -23.60
CA LEU A 312 25.33 -11.62 -24.58
C LEU A 312 26.09 -12.77 -23.93
N TYR A 313 25.55 -13.97 -24.03
CA TYR A 313 26.36 -15.16 -23.88
C TYR A 313 26.01 -16.10 -25.01
N ALA A 314 26.38 -15.68 -26.22
CA ALA A 314 25.97 -16.32 -27.44
C ALA A 314 26.84 -15.77 -28.57
N GLY A 315 26.40 -15.96 -29.81
CA GLY A 315 27.22 -15.60 -30.97
C GLY A 315 27.13 -14.15 -31.40
N PRO A 316 27.91 -13.80 -32.44
CA PRO A 316 28.05 -12.42 -32.90
C PRO A 316 26.84 -11.90 -33.68
N VAL A 317 25.94 -12.79 -34.08
CA VAL A 317 24.72 -12.39 -34.76
C VAL A 317 23.74 -11.76 -33.77
N GLU A 318 23.51 -12.44 -32.65
CA GLU A 318 22.70 -11.84 -31.60
C GLU A 318 23.36 -10.54 -31.12
N TRP A 319 24.69 -10.53 -31.05
CA TRP A 319 25.41 -9.33 -30.64
C TRP A 319 25.20 -8.16 -31.60
N ALA A 320 25.14 -8.45 -32.90
CA ALA A 320 24.85 -7.40 -33.90
C ALA A 320 23.46 -6.79 -33.66
N ALA A 321 22.48 -7.64 -33.35
CA ALA A 321 21.15 -7.16 -32.98
C ALA A 321 21.24 -6.22 -31.77
N ASN A 322 21.98 -6.64 -30.75
CA ASN A 322 22.22 -5.82 -29.56
C ASN A 322 22.77 -4.44 -29.88
N VAL A 323 23.69 -4.37 -30.82
CA VAL A 323 24.36 -3.13 -31.18
C VAL A 323 23.42 -2.16 -31.87
N HIS A 324 22.66 -2.64 -32.86
CA HIS A 324 21.66 -1.79 -33.51
C HIS A 324 20.57 -1.29 -32.56
N PHE A 325 20.10 -2.19 -31.70
CA PHE A 325 19.16 -1.86 -30.65
C PHE A 325 19.73 -0.75 -29.76
N ALA A 326 20.93 -0.99 -29.23
CA ALA A 326 21.63 -0.03 -28.35
C ALA A 326 21.89 1.31 -29.02
N ALA A 327 22.24 1.31 -30.30
CA ALA A 327 22.51 2.54 -31.05
C ALA A 327 21.31 3.49 -31.09
N SER A 328 20.11 2.92 -30.96
CA SER A 328 18.85 3.64 -31.19
C SER A 328 18.11 4.09 -29.94
N ILE A 329 18.61 3.73 -28.75
CA ILE A 329 17.89 4.08 -27.51
C ILE A 329 18.64 5.12 -26.68
N PRO A 330 17.90 6.07 -26.08
CA PRO A 330 18.57 7.06 -25.24
C PRO A 330 19.02 6.48 -23.89
N ASN A 331 18.35 5.42 -23.44
CA ASN A 331 18.64 4.83 -22.12
C ASN A 331 19.51 3.57 -22.17
N ILE A 332 20.58 3.61 -22.97
CA ILE A 332 21.57 2.52 -23.01
C ILE A 332 22.56 2.71 -21.89
N LEU A 333 22.86 1.62 -21.17
CA LEU A 333 23.97 1.63 -20.20
C LEU A 333 25.24 1.11 -20.86
N MET A 334 25.24 -0.17 -21.24
CA MET A 334 26.39 -0.78 -21.89
C MET A 334 26.00 -2.10 -22.58
N CYS A 335 26.84 -2.58 -23.50
CA CYS A 335 26.61 -3.84 -24.20
C CYS A 335 27.63 -4.90 -23.83
N GLU A 336 27.13 -6.02 -23.29
CA GLU A 336 27.96 -7.19 -23.03
C GLU A 336 28.60 -7.65 -24.35
N SER A 337 29.88 -8.02 -24.31
CA SER A 337 30.62 -8.43 -25.49
C SER A 337 31.57 -9.59 -25.18
N ILE A 338 31.84 -10.40 -26.21
CA ILE A 338 32.74 -11.53 -26.08
C ILE A 338 33.73 -11.48 -27.22
N GLU A 339 35.01 -11.35 -26.88
CA GLU A 339 36.06 -11.25 -27.88
C GLU A 339 36.76 -12.60 -28.05
N THR A 340 36.46 -13.31 -29.14
CA THR A 340 37.16 -14.55 -29.47
C THR A 340 37.42 -14.57 -30.98
N PRO A 341 38.45 -15.33 -31.42
CA PRO A 341 38.67 -15.45 -32.86
C PRO A 341 37.43 -15.95 -33.61
N PHE A 342 36.70 -16.90 -33.02
CA PHE A 342 35.53 -17.49 -33.70
C PHE A 342 34.37 -16.49 -33.83
N HIS A 343 34.07 -15.77 -32.74
CA HIS A 343 33.09 -14.66 -32.80
C HIS A 343 33.41 -13.71 -33.95
N ASP A 344 34.66 -13.25 -34.01
CA ASP A 344 35.08 -12.28 -35.01
C ASP A 344 35.00 -12.84 -36.43
N ALA A 345 35.50 -14.06 -36.61
CA ALA A 345 35.53 -14.70 -37.93
C ALA A 345 34.14 -15.01 -38.47
N LEU A 346 33.21 -15.37 -37.58
CA LEU A 346 31.84 -15.72 -37.99
C LEU A 346 31.10 -14.56 -38.66
N ILE A 347 31.40 -13.33 -38.25
CA ILE A 347 30.85 -12.16 -38.93
C ILE A 347 31.92 -11.37 -39.71
N LYS A 348 33.04 -12.02 -39.99
CA LYS A 348 34.14 -11.46 -40.79
C LYS A 348 34.60 -10.08 -40.30
N GLY A 349 34.70 -9.92 -38.98
CA GLY A 349 35.15 -8.65 -38.38
C GLY A 349 34.30 -7.43 -38.65
N SER A 350 33.02 -7.67 -38.97
CA SER A 350 32.08 -6.63 -39.42
C SER A 350 31.80 -5.57 -38.35
N ILE A 351 31.72 -6.01 -37.10
CA ILE A 351 31.50 -5.12 -35.95
C ILE A 351 32.48 -5.54 -34.85
N ARG A 352 33.17 -4.57 -34.25
CA ARG A 352 34.19 -4.86 -33.24
C ARG A 352 34.17 -3.89 -32.07
N VAL A 353 34.58 -4.37 -30.90
CA VAL A 353 34.87 -3.49 -29.77
C VAL A 353 36.23 -2.86 -30.01
N GLU A 354 36.29 -1.53 -30.01
CA GLU A 354 37.56 -0.82 -30.18
C GLU A 354 37.76 0.17 -29.04
N GLY A 355 38.81 -0.02 -28.26
CA GLY A 355 39.09 0.81 -27.08
C GLY A 355 37.93 0.89 -26.11
N GLY A 356 37.26 -0.24 -25.88
CA GLY A 356 36.15 -0.34 -24.93
C GLY A 356 34.80 0.11 -25.45
N TYR A 357 34.72 0.46 -26.73
CA TYR A 357 33.48 0.99 -27.31
C TYR A 357 33.16 0.38 -28.67
N ILE A 358 31.87 0.40 -29.02
CA ILE A 358 31.39 -0.11 -30.29
C ILE A 358 30.76 1.00 -31.12
N THR A 359 31.24 1.16 -32.35
CA THR A 359 30.66 2.09 -33.31
C THR A 359 29.55 1.39 -34.10
N PRO A 360 28.34 1.95 -34.10
CA PRO A 360 27.24 1.38 -34.91
C PRO A 360 27.66 1.29 -36.37
N PRO A 361 27.45 0.13 -37.01
CA PRO A 361 27.81 -0.01 -38.42
C PRO A 361 26.90 0.81 -39.33
N GLU A 362 27.46 1.25 -40.46
CA GLU A 362 26.75 2.12 -41.40
C GLU A 362 26.19 1.35 -42.60
N ALA A 363 26.66 0.12 -42.82
CA ALA A 363 26.18 -0.73 -43.92
C ALA A 363 24.71 -1.14 -43.74
N PRO A 364 24.04 -1.63 -44.81
CA PRO A 364 22.62 -1.95 -44.70
C PRO A 364 22.35 -3.16 -43.78
N GLY A 365 21.13 -3.24 -43.24
CA GLY A 365 20.76 -4.37 -42.39
C GLY A 365 21.54 -4.39 -41.09
N LEU A 366 21.90 -5.59 -40.63
CA LEU A 366 22.71 -5.71 -39.42
C LEU A 366 24.17 -5.32 -39.67
N GLY A 367 24.52 -5.13 -40.93
CA GLY A 367 25.86 -4.71 -41.30
C GLY A 367 26.90 -5.80 -41.08
N ILE A 368 26.47 -7.04 -41.22
CA ILE A 368 27.36 -8.20 -41.01
C ILE A 368 27.44 -9.05 -42.27
N GLU A 369 28.58 -9.72 -42.44
CA GLU A 369 28.72 -10.76 -43.44
C GLU A 369 28.97 -12.06 -42.70
N VAL A 370 27.96 -12.90 -42.64
CA VAL A 370 28.06 -14.15 -41.90
C VAL A 370 28.85 -15.17 -42.72
N ASP A 371 29.88 -15.73 -42.10
CA ASP A 371 30.64 -16.78 -42.75
C ASP A 371 29.90 -18.11 -42.59
N GLU A 372 28.98 -18.36 -43.52
CA GLU A 372 28.16 -19.58 -43.49
C GLU A 372 29.00 -20.85 -43.57
N ALA A 373 30.01 -20.85 -44.43
CA ALA A 373 30.90 -22.00 -44.58
C ALA A 373 31.61 -22.37 -43.26
N LEU A 374 32.11 -21.34 -42.55
CA LEU A 374 32.73 -21.56 -41.25
C LEU A 374 31.77 -22.15 -40.22
N ALA A 375 30.54 -21.62 -40.15
CA ALA A 375 29.53 -22.15 -39.24
C ALA A 375 29.23 -23.62 -39.53
N ARG A 376 29.05 -23.94 -40.81
CA ARG A 376 28.79 -25.32 -41.23
C ARG A 376 30.00 -26.25 -41.02
N ALA A 377 31.21 -25.70 -41.10
CA ALA A 377 32.43 -26.47 -40.83
C ALA A 377 32.63 -26.72 -39.34
N ASN A 378 31.75 -26.12 -38.52
CA ASN A 378 31.82 -26.28 -37.07
C ASN A 378 30.50 -26.77 -36.47
N PRO A 379 30.09 -28.03 -36.78
CA PRO A 379 28.82 -28.52 -36.27
C PRO A 379 28.89 -28.83 -34.78
N TYR A 380 27.74 -28.93 -34.13
CA TYR A 380 27.70 -29.32 -32.74
C TYR A 380 27.42 -30.82 -32.64
N HIS A 381 28.31 -31.53 -31.98
CA HIS A 381 28.23 -33.00 -31.85
C HIS A 381 27.79 -33.51 -30.47
N GLY A 382 27.84 -32.65 -29.46
CA GLY A 382 27.57 -33.05 -28.07
C GLY A 382 26.12 -33.41 -27.77
N THR A 383 25.85 -33.70 -26.51
CA THR A 383 24.51 -34.11 -26.05
C THR A 383 23.98 -33.16 -24.97
N GLY A 384 24.75 -32.10 -24.69
CA GLY A 384 24.41 -31.13 -23.65
C GLY A 384 23.63 -29.94 -24.17
N LEU A 385 23.22 -29.07 -23.25
CA LEU A 385 22.52 -27.85 -23.62
C LEU A 385 23.52 -26.71 -23.67
N HIS A 386 23.09 -25.57 -24.22
CA HIS A 386 23.94 -24.40 -24.39
C HIS A 386 24.64 -24.04 -23.07
N LEU A 387 23.87 -24.00 -21.99
CA LEU A 387 24.36 -23.93 -20.61
C LEU A 387 23.58 -24.94 -19.79
N GLU A 388 24.10 -25.31 -18.62
CA GLU A 388 23.44 -26.31 -17.77
C GLU A 388 23.51 -25.94 -16.29
N MET A 389 22.53 -26.42 -15.51
CA MET A 389 22.50 -26.18 -14.06
C MET A 389 22.87 -27.43 -13.27
N GLN A 390 23.82 -27.27 -12.35
CA GLN A 390 24.30 -28.33 -11.46
C GLN A 390 23.18 -29.08 -10.72
N GLU A 391 23.37 -30.38 -10.51
CA GLU A 391 22.46 -31.15 -9.64
C GLU A 391 22.94 -31.17 -8.18
N ALA A 392 24.25 -31.39 -7.98
CA ALA A 392 24.85 -31.39 -6.66
C ALA A 392 24.61 -30.05 -5.94
N SER A 393 24.35 -30.12 -4.63
CA SER A 393 24.10 -28.92 -3.83
C SER A 393 25.34 -28.07 -3.63
N CYS A 394 25.14 -26.83 -3.16
CA CYS A 394 26.23 -25.94 -2.74
C CYS A 394 27.11 -26.63 -1.68
N ASP A 395 28.42 -26.44 -1.80
CA ASP A 395 29.38 -27.07 -0.90
C ASP A 395 29.68 -26.19 0.32
N TYR A 396 29.38 -26.72 1.50
CA TYR A 396 29.65 -26.01 2.76
C TYR A 396 30.86 -26.59 3.50
N THR A 397 31.32 -27.76 3.03
CA THR A 397 32.56 -28.37 3.50
C THR A 397 33.70 -27.98 2.56
N VAL B 2 -6.86 50.24 -9.32
CA VAL B 2 -6.22 50.50 -10.57
C VAL B 2 -6.29 49.30 -11.53
N LYS B 3 -5.94 49.53 -12.78
CA LYS B 3 -5.85 48.52 -13.80
C LYS B 3 -4.49 48.44 -14.50
N LEU B 4 -4.04 47.23 -14.80
CA LEU B 4 -2.85 47.02 -15.60
C LEU B 4 -3.09 47.55 -17.01
N ARG B 5 -2.16 48.34 -17.53
CA ARG B 5 -2.32 48.83 -18.89
C ARG B 5 -1.17 48.49 -19.85
N ASP B 6 0.08 48.70 -19.43
CA ASP B 6 1.21 48.53 -20.34
C ASP B 6 2.21 47.48 -19.89
N LEU B 7 2.83 46.83 -20.87
CA LEU B 7 3.91 45.90 -20.65
C LEU B 7 5.12 46.30 -21.47
N ASP B 8 6.28 46.26 -20.83
CA ASP B 8 7.55 46.40 -21.54
C ASP B 8 8.43 45.23 -21.17
N ILE B 9 9.09 44.66 -22.18
CA ILE B 9 9.99 43.52 -21.96
C ILE B 9 11.43 43.95 -22.28
N ILE B 10 12.33 43.64 -21.36
CA ILE B 10 13.75 43.89 -21.56
C ILE B 10 14.52 42.61 -21.32
N VAL B 11 15.29 42.19 -22.31
CA VAL B 11 16.15 41.03 -22.15
C VAL B 11 17.56 41.56 -21.98
N THR B 12 18.16 41.27 -20.84
CA THR B 12 19.48 41.80 -20.53
C THR B 12 20.49 40.69 -20.28
N ALA B 13 21.72 40.92 -20.75
CA ALA B 13 22.78 39.92 -20.63
C ALA B 13 23.82 40.34 -19.59
N PRO B 14 24.01 39.50 -18.55
CA PRO B 14 25.05 39.75 -17.56
C PRO B 14 26.44 39.76 -18.21
N PRO B 15 27.29 40.74 -17.85
CA PRO B 15 28.68 40.76 -18.32
C PRO B 15 29.45 39.52 -17.90
N ALA B 16 30.48 39.16 -18.66
CA ALA B 16 31.39 38.07 -18.30
C ALA B 16 31.92 38.28 -16.88
N PRO B 17 32.10 37.19 -16.10
CA PRO B 17 31.97 35.76 -16.40
C PRO B 17 30.52 35.24 -16.48
N GLY B 18 29.54 36.13 -16.28
CA GLY B 18 28.14 35.80 -16.53
C GLY B 18 27.48 34.87 -15.53
N TRP B 19 27.80 35.03 -14.24
CA TRP B 19 27.11 34.26 -13.21
C TRP B 19 25.63 34.61 -13.23
N GLY B 20 24.78 33.59 -13.35
CA GLY B 20 23.34 33.79 -13.43
C GLY B 20 22.73 33.51 -14.80
N GLY B 21 23.56 33.09 -15.75
CA GLY B 21 23.07 32.64 -17.06
C GLY B 21 23.29 33.61 -18.20
N ARG B 22 22.92 33.21 -19.40
CA ARG B 22 23.18 34.00 -20.60
C ARG B 22 22.35 35.30 -20.68
N TYR B 23 21.12 35.26 -20.18
CA TYR B 23 20.25 36.43 -20.22
C TYR B 23 19.16 36.33 -19.16
N TRP B 24 18.63 37.49 -18.79
CA TRP B 24 17.49 37.59 -17.90
C TRP B 24 16.36 38.30 -18.61
N ILE B 25 15.15 37.77 -18.42
CA ILE B 25 13.95 38.32 -19.03
C ILE B 25 13.19 39.16 -18.01
N LEU B 26 13.35 40.47 -18.11
CA LEU B 26 12.67 41.40 -17.22
C LEU B 26 11.37 41.89 -17.85
N VAL B 27 10.34 42.02 -17.02
CA VAL B 27 9.08 42.63 -17.47
C VAL B 27 8.76 43.86 -16.62
N LYS B 28 8.27 44.90 -17.30
CA LYS B 28 7.88 46.13 -16.62
C LYS B 28 6.40 46.40 -16.90
N LEU B 29 5.61 46.45 -15.84
CA LEU B 29 4.18 46.69 -15.97
C LEU B 29 3.83 48.06 -15.43
N THR B 30 2.96 48.76 -16.15
CA THR B 30 2.47 50.07 -15.73
C THR B 30 0.94 50.04 -15.67
N THR B 31 0.41 50.59 -14.59
CA THR B 31 -1.03 50.70 -14.41
C THR B 31 -1.55 51.94 -15.12
N ASP B 32 -2.88 52.11 -15.13
CA ASP B 32 -3.48 53.26 -15.79
C ASP B 32 -3.27 54.57 -15.04
N ASP B 33 -2.89 54.49 -13.76
CA ASP B 33 -2.58 55.70 -12.98
C ASP B 33 -1.07 55.89 -12.69
N GLY B 34 -0.22 55.20 -13.47
CA GLY B 34 1.21 55.47 -13.48
C GLY B 34 2.14 54.67 -12.59
N ILE B 35 1.59 53.74 -11.80
CA ILE B 35 2.41 52.88 -10.95
C ILE B 35 3.12 51.85 -11.82
N THR B 36 4.42 51.69 -11.59
CA THR B 36 5.21 50.68 -12.30
C THR B 36 5.61 49.54 -11.38
N GLY B 37 5.64 48.34 -11.94
CA GLY B 37 6.10 47.16 -11.23
C GLY B 37 7.04 46.37 -12.10
N TRP B 38 8.04 45.75 -11.48
CA TRP B 38 9.02 44.94 -12.20
C TRP B 38 8.90 43.47 -11.82
N GLY B 39 9.06 42.60 -12.81
CA GLY B 39 9.09 41.15 -12.57
C GLY B 39 10.13 40.50 -13.45
N GLU B 40 10.31 39.20 -13.26
CA GLU B 40 11.29 38.45 -14.04
C GLU B 40 10.74 37.09 -14.41
N CYS B 41 10.86 36.73 -15.68
CA CYS B 41 10.42 35.44 -16.18
C CYS B 41 11.60 34.48 -16.23
N TYR B 42 11.34 33.21 -15.90
CA TYR B 42 12.34 32.16 -15.96
C TYR B 42 11.78 31.08 -16.89
N ALA B 43 12.20 31.13 -18.16
CA ALA B 43 11.64 30.29 -19.21
C ALA B 43 12.60 30.29 -20.39
N ALA B 44 13.11 29.11 -20.72
CA ALA B 44 14.06 28.98 -21.82
C ALA B 44 13.93 27.68 -22.62
N SER B 45 12.73 27.11 -22.68
CA SER B 45 12.48 26.00 -23.63
C SER B 45 12.70 26.52 -25.05
N VAL B 46 12.29 27.78 -25.27
CA VAL B 46 12.58 28.53 -26.48
C VAL B 46 13.33 29.81 -26.10
N GLY B 47 13.95 30.45 -27.10
CA GLY B 47 14.78 31.63 -26.88
C GLY B 47 14.00 32.90 -26.58
N PRO B 48 14.72 34.01 -26.28
CA PRO B 48 14.11 35.29 -25.89
C PRO B 48 13.12 35.85 -26.91
N GLU B 49 13.42 35.74 -28.21
CA GLU B 49 12.52 36.23 -29.26
C GLU B 49 11.12 35.62 -29.19
N ALA B 50 11.06 34.29 -29.20
CA ALA B 50 9.80 33.58 -29.01
C ALA B 50 9.17 33.88 -27.64
N MET B 51 9.98 33.99 -26.60
CA MET B 51 9.43 34.30 -25.27
C MET B 51 8.75 35.67 -25.22
N ARG B 52 9.31 36.66 -25.92
CA ARG B 52 8.66 37.96 -26.06
C ARG B 52 7.23 37.81 -26.58
N ALA B 53 7.07 37.03 -27.67
CA ALA B 53 5.77 36.76 -28.26
C ALA B 53 4.80 36.05 -27.28
N VAL B 54 5.33 35.07 -26.55
CA VAL B 54 4.53 34.35 -25.54
C VAL B 54 4.08 35.31 -24.41
N ILE B 55 5.02 36.10 -23.88
CA ILE B 55 4.74 37.05 -22.80
C ILE B 55 3.70 38.09 -23.22
N GLU B 56 3.88 38.64 -24.42
CA GLU B 56 2.92 39.62 -24.97
C GLU B 56 1.52 39.02 -25.06
N ASP B 57 1.44 37.76 -25.48
CA ASP B 57 0.16 37.06 -25.61
C ASP B 57 -0.50 36.88 -24.25
N VAL B 58 0.23 36.27 -23.31
CA VAL B 58 -0.25 36.06 -21.95
C VAL B 58 -0.76 37.36 -21.31
N PHE B 59 0.05 38.43 -21.38
CA PHE B 59 -0.39 39.72 -20.83
C PHE B 59 -1.64 40.26 -21.51
N ALA B 60 -1.63 40.34 -22.84
CA ALA B 60 -2.75 40.93 -23.57
C ALA B 60 -4.03 40.15 -23.36
N ARG B 61 -3.91 38.83 -23.33
CA ARG B 61 -5.07 37.94 -23.32
C ARG B 61 -5.73 37.83 -21.95
N HIS B 62 -4.91 37.81 -20.89
CA HIS B 62 -5.44 37.48 -19.57
C HIS B 62 -5.28 38.56 -18.48
N MET B 63 -4.44 39.56 -18.73
CA MET B 63 -4.05 40.50 -17.67
C MET B 63 -4.26 41.98 -17.97
N GLU B 64 -4.07 42.38 -19.22
CA GLU B 64 -4.27 43.79 -19.59
C GLU B 64 -5.70 44.18 -19.26
N GLY B 65 -5.86 45.32 -18.55
CA GLY B 65 -7.19 45.81 -18.18
C GLY B 65 -7.70 45.28 -16.86
N GLU B 66 -6.97 44.34 -16.26
CA GLU B 66 -7.40 43.72 -15.00
C GLU B 66 -6.85 44.49 -13.80
N ASN B 67 -7.63 44.48 -12.72
CA ASN B 67 -7.18 44.91 -11.40
C ASN B 67 -6.10 43.96 -10.88
N PRO B 68 -4.88 44.48 -10.59
CA PRO B 68 -3.76 43.63 -10.14
C PRO B 68 -3.98 42.89 -8.80
N GLU B 69 -4.99 43.31 -8.04
CA GLU B 69 -5.43 42.56 -6.85
C GLU B 69 -5.84 41.14 -7.19
N ASN B 70 -6.35 40.95 -8.41
CA ASN B 70 -7.01 39.69 -8.80
C ASN B 70 -6.04 38.61 -9.26
N ILE B 71 -5.15 38.24 -8.34
CA ILE B 71 -4.05 37.30 -8.59
C ILE B 71 -4.53 35.85 -8.80
N GLU B 72 -5.51 35.43 -8.00
CA GLU B 72 -6.14 34.11 -8.16
C GLU B 72 -6.76 33.96 -9.55
N LEU B 73 -7.49 34.98 -9.97
CA LEU B 73 -8.22 34.96 -11.24
C LEU B 73 -7.27 34.93 -12.44
N MET B 74 -6.29 35.82 -12.43
CA MET B 74 -5.34 35.89 -13.52
C MET B 74 -4.55 34.58 -13.65
N PHE B 75 -4.16 34.00 -12.51
CA PHE B 75 -3.55 32.67 -12.55
C PHE B 75 -4.48 31.64 -13.21
N ARG B 76 -5.74 31.58 -12.78
CA ARG B 76 -6.70 30.65 -13.36
C ARG B 76 -6.85 30.86 -14.87
N ARG B 77 -6.87 32.11 -15.29
CA ARG B 77 -7.00 32.45 -16.71
C ARG B 77 -5.87 31.87 -17.56
N VAL B 78 -4.62 32.09 -17.13
CA VAL B 78 -3.46 31.64 -17.88
C VAL B 78 -3.33 30.11 -17.81
N TYR B 79 -3.50 29.58 -16.60
CA TYR B 79 -3.43 28.14 -16.36
C TYR B 79 -4.41 27.34 -17.22
N SER B 80 -5.58 27.92 -17.47
CA SER B 80 -6.64 27.28 -18.23
C SER B 80 -6.61 27.62 -19.72
N SER B 81 -5.73 28.55 -20.09
CA SER B 81 -5.70 29.15 -21.42
C SER B 81 -5.75 28.12 -22.56
N GLY B 82 -6.73 28.31 -23.44
CA GLY B 82 -6.88 27.50 -24.64
C GLY B 82 -7.36 26.08 -24.38
N PHE B 83 -8.12 25.89 -23.31
CA PHE B 83 -8.60 24.58 -22.87
C PHE B 83 -7.42 23.67 -22.53
N THR B 84 -6.64 24.12 -21.55
CA THR B 84 -5.51 23.37 -21.07
C THR B 84 -5.76 23.00 -19.62
N GLN B 85 -5.51 23.92 -18.69
CA GLN B 85 -5.76 23.68 -17.26
C GLN B 85 -4.91 22.52 -16.72
N ARG B 86 -3.69 22.46 -17.22
CA ARG B 86 -2.60 21.73 -16.58
C ARG B 86 -1.36 22.58 -16.86
N PRO B 87 -0.28 22.37 -16.08
CA PRO B 87 0.88 23.27 -16.16
C PRO B 87 1.52 23.33 -17.55
N ASP B 88 1.66 24.54 -18.08
CA ASP B 88 2.38 24.78 -19.33
C ASP B 88 3.63 25.55 -18.95
N LEU B 89 4.78 24.86 -19.03
CA LEU B 89 6.04 25.40 -18.57
C LEU B 89 6.34 26.78 -19.15
N THR B 90 6.06 26.95 -20.44
CA THR B 90 6.34 28.20 -21.15
C THR B 90 5.34 29.32 -20.81
N ALA B 91 4.05 28.99 -20.85
CA ALA B 91 3.01 29.99 -20.56
C ALA B 91 3.04 30.46 -19.11
N ILE B 92 3.28 29.53 -18.18
CA ILE B 92 3.32 29.85 -16.75
C ILE B 92 4.59 30.60 -16.39
N GLY B 93 5.69 30.31 -17.10
CA GLY B 93 6.91 31.12 -16.97
C GLY B 93 6.67 32.57 -17.36
N ALA B 94 5.94 32.79 -18.45
CA ALA B 94 5.53 34.13 -18.85
C ALA B 94 4.66 34.79 -17.76
N PHE B 95 3.62 34.07 -17.31
CA PHE B 95 2.75 34.59 -16.25
C PHE B 95 3.49 34.96 -14.97
N SER B 96 4.42 34.11 -14.55
CA SER B 96 5.11 34.28 -13.27
C SER B 96 5.79 35.64 -13.15
N GLY B 97 6.53 36.03 -14.18
CA GLY B 97 7.21 37.32 -14.18
C GLY B 97 6.23 38.47 -14.09
N LEU B 98 5.14 38.36 -14.84
CA LEU B 98 4.06 39.36 -14.84
C LEU B 98 3.39 39.43 -13.47
N GLU B 99 3.22 38.27 -12.84
CA GLU B 99 2.64 38.20 -11.49
C GLU B 99 3.53 38.88 -10.45
N ILE B 100 4.85 38.66 -10.53
CA ILE B 100 5.80 39.34 -9.65
C ILE B 100 5.68 40.88 -9.80
N ALA B 101 5.61 41.34 -11.04
CA ALA B 101 5.41 42.75 -11.35
C ALA B 101 4.11 43.31 -10.73
N CYS B 102 3.05 42.50 -10.76
CA CYS B 102 1.78 42.87 -10.11
C CYS B 102 1.96 43.08 -8.60
N TRP B 103 2.73 42.21 -7.95
CA TRP B 103 3.03 42.36 -6.54
C TRP B 103 3.83 43.62 -6.24
N ASP B 104 4.79 43.94 -7.10
CA ASP B 104 5.54 45.18 -6.99
C ASP B 104 4.57 46.36 -7.02
N ILE B 105 3.66 46.36 -8.01
CA ILE B 105 2.63 47.37 -8.12
C ILE B 105 1.73 47.41 -6.87
N LEU B 106 1.27 46.23 -6.42
CA LEU B 106 0.40 46.14 -5.24
C LEU B 106 1.05 46.73 -4.00
N GLY B 107 2.32 46.37 -3.77
CA GLY B 107 3.06 46.95 -2.64
C GLY B 107 3.10 48.47 -2.72
N LYS B 108 3.39 49.00 -3.90
CA LYS B 108 3.47 50.45 -4.09
C LYS B 108 2.12 51.14 -3.86
N ALA B 109 1.05 50.52 -4.33
CA ALA B 109 -0.30 51.06 -4.17
C ALA B 109 -0.74 51.00 -2.70
N ARG B 110 -0.33 49.95 -2.00
CA ARG B 110 -0.65 49.80 -0.58
C ARG B 110 0.27 50.62 0.34
N GLY B 111 1.41 51.07 -0.18
CA GLY B 111 2.43 51.76 0.62
C GLY B 111 3.13 50.82 1.60
N ARG B 112 3.27 49.55 1.20
CA ARG B 112 3.86 48.52 2.07
C ARG B 112 4.79 47.61 1.26
N PRO B 113 5.83 47.04 1.92
CA PRO B 113 6.61 45.99 1.26
C PRO B 113 5.73 44.81 0.92
N VAL B 114 6.09 44.08 -0.13
CA VAL B 114 5.31 42.91 -0.54
C VAL B 114 5.11 41.91 0.59
N TRP B 115 6.16 41.63 1.39
CA TRP B 115 6.04 40.64 2.47
C TRP B 115 4.94 40.98 3.46
N ALA B 116 4.68 42.27 3.64
CA ALA B 116 3.63 42.73 4.55
C ALA B 116 2.24 42.29 4.11
N LEU B 117 2.08 42.11 2.80
CA LEU B 117 0.82 41.70 2.22
C LEU B 117 0.65 40.17 2.17
N LEU B 118 1.67 39.44 2.58
CA LEU B 118 1.67 37.97 2.48
C LEU B 118 1.56 37.30 3.85
N GLY B 119 0.83 37.91 4.77
CA GLY B 119 0.67 37.35 6.10
C GLY B 119 1.68 37.90 7.09
N GLY B 120 2.45 38.88 6.62
CA GLY B 120 3.35 39.65 7.48
C GLY B 120 4.74 39.06 7.62
N LYS B 121 5.50 39.63 8.56
CA LYS B 121 6.87 39.20 8.73
C LYS B 121 6.97 37.97 9.62
N MET B 122 7.59 36.92 9.09
CA MET B 122 8.00 35.78 9.89
C MET B 122 9.49 35.85 10.21
N ASN B 123 10.27 36.35 9.27
CA ASN B 123 11.73 36.22 9.33
C ASN B 123 12.46 37.56 9.21
N PRO B 124 12.87 38.14 10.34
CA PRO B 124 13.63 39.41 10.34
C PRO B 124 14.96 39.31 9.58
N ARG B 125 15.55 38.13 9.54
CA ARG B 125 16.75 37.87 8.76
CA ARG B 125 16.75 37.86 8.75
C ARG B 125 16.59 36.54 8.02
N ILE B 126 16.93 36.53 6.73
CA ILE B 126 16.81 35.34 5.91
C ILE B 126 18.20 34.79 5.60
N ARG B 127 18.40 33.52 5.95
CA ARG B 127 19.65 32.81 5.68
C ARG B 127 19.90 32.72 4.18
N ALA B 128 21.10 33.12 3.75
CA ALA B 128 21.47 33.04 2.35
C ALA B 128 22.52 31.96 2.10
N TYR B 129 22.59 31.51 0.84
CA TYR B 129 23.72 30.68 0.42
C TYR B 129 24.14 31.06 -0.99
N THR B 130 25.34 30.63 -1.36
CA THR B 130 25.88 30.86 -2.69
C THR B 130 26.53 29.59 -3.22
N TYR B 131 26.60 29.46 -4.54
CA TYR B 131 27.50 28.49 -5.18
C TYR B 131 28.93 28.87 -4.83
N LEU B 132 29.82 27.89 -4.95
CA LEU B 132 31.25 28.18 -4.92
C LEU B 132 31.69 28.70 -6.30
N TYR B 133 32.17 29.95 -6.33
CA TYR B 133 32.66 30.55 -7.57
C TYR B 133 34.17 30.72 -7.48
N PRO B 134 34.85 30.76 -8.64
CA PRO B 134 36.30 31.00 -8.62
C PRO B 134 36.66 32.30 -7.90
N LEU B 135 37.75 32.26 -7.13
CA LEU B 135 38.33 33.46 -6.54
C LEU B 135 39.15 34.16 -7.64
N PRO B 136 39.54 35.45 -7.42
CA PRO B 136 40.25 36.15 -8.51
C PRO B 136 41.44 35.40 -9.08
N HIS B 137 42.20 34.72 -8.22
CA HIS B 137 43.41 33.99 -8.65
C HIS B 137 43.16 32.58 -9.21
N HIS B 138 41.90 32.13 -9.24
CA HIS B 138 41.57 30.82 -9.80
C HIS B 138 41.32 30.87 -11.31
N PRO B 139 41.99 29.99 -12.09
CA PRO B 139 41.60 29.86 -13.49
C PRO B 139 40.20 29.26 -13.61
N ILE B 140 39.35 29.89 -14.42
CA ILE B 140 37.91 29.56 -14.47
C ILE B 140 37.64 28.09 -14.82
N THR B 141 38.18 27.64 -15.95
CA THR B 141 37.92 26.29 -16.46
C THR B 141 38.38 25.17 -15.49
N PRO B 142 39.65 25.21 -15.02
CA PRO B 142 40.09 24.17 -14.08
C PRO B 142 39.38 24.21 -12.72
N PHE B 143 38.81 25.35 -12.35
CA PHE B 143 38.13 25.50 -11.06
C PHE B 143 37.00 24.47 -10.84
N TRP B 144 36.18 24.27 -11.87
CA TRP B 144 34.97 23.43 -11.75
C TRP B 144 35.25 21.97 -11.38
N THR B 145 36.46 21.50 -11.65
CA THR B 145 36.85 20.15 -11.28
C THR B 145 37.97 20.11 -10.24
N SER B 146 38.25 21.24 -9.61
CA SER B 146 39.31 21.30 -8.61
C SER B 146 38.76 21.34 -7.19
N ALA B 147 38.88 20.22 -6.48
CA ALA B 147 38.46 20.17 -5.06
C ALA B 147 39.24 21.18 -4.21
N ASP B 148 40.53 21.35 -4.50
CA ASP B 148 41.40 22.29 -3.76
C ASP B 148 40.91 23.73 -3.87
N MET B 149 40.61 24.15 -5.10
CA MET B 149 40.14 25.52 -5.34
C MET B 149 38.76 25.75 -4.74
N ALA B 150 37.89 24.74 -4.86
CA ALA B 150 36.54 24.80 -4.28
C ALA B 150 36.59 24.98 -2.76
N ALA B 151 37.51 24.26 -2.11
CA ALA B 151 37.75 24.40 -0.69
C ALA B 151 38.22 25.81 -0.31
N GLU B 152 39.11 26.38 -1.13
CA GLU B 152 39.54 27.78 -0.93
C GLU B 152 38.39 28.76 -1.05
N SER B 153 37.55 28.55 -2.06
CA SER B 153 36.37 29.41 -2.27
CA SER B 153 36.37 29.41 -2.27
C SER B 153 35.40 29.28 -1.10
N ALA B 154 35.22 28.05 -0.60
CA ALA B 154 34.33 27.80 0.54
C ALA B 154 34.81 28.49 1.81
N ALA B 155 36.13 28.49 2.02
CA ALA B 155 36.74 29.15 3.17
C ALA B 155 36.51 30.66 3.09
N ASP B 156 36.63 31.20 1.88
CA ASP B 156 36.37 32.61 1.64
C ASP B 156 34.89 32.96 1.90
N CYS B 157 33.98 32.15 1.36
CA CYS B 157 32.54 32.28 1.66
C CYS B 157 32.25 32.34 3.16
N VAL B 158 32.84 31.41 3.91
CA VAL B 158 32.66 31.37 5.35
C VAL B 158 33.23 32.63 6.04
N ALA B 159 34.40 33.09 5.59
CA ALA B 159 35.01 34.31 6.13
C ALA B 159 34.09 35.53 5.92
N ARG B 160 33.28 35.48 4.86
CA ARG B 160 32.34 36.56 4.56
C ARG B 160 30.97 36.35 5.20
N GLY B 161 30.84 35.29 6.01
CA GLY B 161 29.64 35.10 6.83
C GLY B 161 28.66 34.04 6.36
N TYR B 162 28.88 33.48 5.16
CA TYR B 162 28.01 32.43 4.63
C TYR B 162 28.03 31.17 5.48
N THR B 163 26.83 30.61 5.69
CA THR B 163 26.66 29.44 6.56
C THR B 163 26.26 28.20 5.76
N ALA B 164 26.28 28.32 4.42
CA ALA B 164 26.00 27.19 3.53
C ALA B 164 26.61 27.49 2.17
N VAL B 165 27.19 26.47 1.55
CA VAL B 165 27.78 26.62 0.23
C VAL B 165 27.35 25.46 -0.71
N LYS B 166 27.20 25.78 -1.99
CA LYS B 166 26.78 24.79 -2.99
C LYS B 166 27.84 24.56 -4.08
N PHE B 167 27.87 23.34 -4.60
CA PHE B 167 28.84 22.92 -5.61
C PHE B 167 28.29 21.68 -6.29
N ASP B 168 28.62 21.50 -7.57
CA ASP B 168 28.28 20.28 -8.31
C ASP B 168 29.51 19.78 -9.06
N PRO B 169 30.20 18.78 -8.50
CA PRO B 169 31.35 18.17 -9.15
C PRO B 169 31.02 16.84 -9.86
N ALA B 170 29.74 16.53 -10.00
CA ALA B 170 29.31 15.19 -10.43
C ALA B 170 29.24 14.97 -11.94
N GLY B 171 29.63 15.96 -12.73
CA GLY B 171 29.71 15.80 -14.18
C GLY B 171 28.56 16.41 -14.96
N PRO B 172 28.61 16.27 -16.29
CA PRO B 172 27.69 16.99 -17.17
C PRO B 172 26.26 16.41 -17.13
N TYR B 173 25.28 17.28 -17.32
CA TYR B 173 23.92 16.84 -17.59
C TYR B 173 23.73 16.85 -19.10
N THR B 174 23.10 15.82 -19.65
CA THR B 174 22.92 15.71 -21.11
C THR B 174 21.47 15.47 -21.52
N LEU B 175 21.16 15.74 -22.78
CA LEU B 175 19.79 15.65 -23.30
C LEU B 175 19.23 14.22 -23.37
N ARG B 176 20.09 13.23 -23.18
CA ARG B 176 19.68 11.82 -23.26
C ARG B 176 18.84 11.37 -22.07
N GLY B 177 18.89 12.14 -20.98
CA GLY B 177 18.24 11.77 -19.73
C GLY B 177 19.24 11.17 -18.76
N GLY B 178 18.75 10.51 -17.71
CA GLY B 178 19.62 9.96 -16.67
C GLY B 178 20.74 9.05 -17.20
N HIS B 179 21.94 9.20 -16.64
CA HIS B 179 23.03 8.27 -16.91
C HIS B 179 23.61 7.73 -15.60
N MET B 180 24.45 6.70 -15.69
CA MET B 180 25.19 6.21 -14.53
C MET B 180 26.46 7.09 -14.38
N PRO B 181 26.74 7.60 -13.16
CA PRO B 181 28.02 8.33 -13.00
C PRO B 181 29.21 7.44 -13.29
N ALA B 182 30.29 8.04 -13.79
CA ALA B 182 31.57 7.35 -13.92
C ALA B 182 32.17 7.21 -12.51
N MET B 183 33.00 6.20 -12.30
CA MET B 183 33.71 6.05 -11.01
C MET B 183 34.45 7.35 -10.64
N THR B 184 34.97 8.04 -11.65
CA THR B 184 35.66 9.33 -11.45
C THR B 184 34.71 10.47 -11.03
N ASP B 185 33.42 10.37 -11.40
CA ASP B 185 32.42 11.34 -10.94
C ASP B 185 32.16 11.15 -9.45
N ILE B 186 32.09 9.90 -9.03
CA ILE B 186 31.89 9.56 -7.61
C ILE B 186 33.11 9.96 -6.79
N SER B 187 34.32 9.56 -7.22
CA SER B 187 35.55 9.91 -6.50
CA SER B 187 35.53 9.91 -6.48
C SER B 187 35.77 11.41 -6.41
N LEU B 188 35.48 12.12 -7.50
CA LEU B 188 35.62 13.59 -7.47
C LEU B 188 34.61 14.21 -6.50
N SER B 189 33.38 13.70 -6.52
CA SER B 189 32.36 14.16 -5.58
C SER B 189 32.76 13.92 -4.12
N VAL B 190 33.33 12.75 -3.83
CA VAL B 190 33.84 12.45 -2.50
C VAL B 190 34.99 13.40 -2.13
N GLU B 191 35.91 13.62 -3.06
CA GLU B 191 37.04 14.52 -2.81
C GLU B 191 36.58 15.95 -2.52
N PHE B 192 35.59 16.43 -3.28
CA PHE B 192 35.02 17.77 -3.05
C PHE B 192 34.40 17.86 -1.64
N CYS B 193 33.52 16.91 -1.32
CA CYS B 193 32.88 16.91 -0.01
C CYS B 193 33.90 16.85 1.13
N ARG B 194 34.89 15.97 1.00
CA ARG B 194 35.93 15.83 2.03
C ARG B 194 36.73 17.11 2.25
N LYS B 195 37.19 17.71 1.16
CA LYS B 195 38.05 18.90 1.27
C LYS B 195 37.28 20.17 1.67
N ILE B 196 36.05 20.29 1.18
CA ILE B 196 35.21 21.43 1.57
C ILE B 196 34.78 21.33 3.04
N ARG B 197 34.38 20.14 3.48
CA ARG B 197 34.11 19.91 4.91
C ARG B 197 35.31 20.22 5.80
N ALA B 198 36.50 19.81 5.37
CA ALA B 198 37.73 20.15 6.11
C ALA B 198 37.98 21.67 6.13
N ALA B 199 37.62 22.35 5.05
CA ALA B 199 37.81 23.80 4.96
C ALA B 199 36.81 24.59 5.82
N VAL B 200 35.60 24.07 6.00
CA VAL B 200 34.55 24.83 6.71
C VAL B 200 34.22 24.28 8.10
N GLY B 201 34.57 23.02 8.36
CA GLY B 201 34.21 22.34 9.60
C GLY B 201 32.72 22.48 9.88
N ASP B 202 32.40 22.93 11.10
CA ASP B 202 31.02 23.16 11.53
C ASP B 202 30.49 24.54 11.18
N LYS B 203 31.30 25.36 10.52
CA LYS B 203 30.93 26.76 10.25
C LYS B 203 29.91 26.91 9.10
N ALA B 204 29.78 25.88 8.28
CA ALA B 204 28.86 25.93 7.12
C ALA B 204 28.34 24.55 6.71
N ASP B 205 27.16 24.55 6.08
CA ASP B 205 26.62 23.33 5.52
C ASP B 205 27.09 23.13 4.09
N LEU B 206 27.15 21.87 3.66
CA LEU B 206 27.47 21.52 2.29
C LEU B 206 26.18 21.24 1.56
N LEU B 207 26.01 21.87 0.41
CA LEU B 207 24.83 21.65 -0.41
C LEU B 207 25.29 21.00 -1.70
N PHE B 208 24.90 19.75 -1.90
CA PHE B 208 25.38 19.01 -3.07
C PHE B 208 24.42 19.32 -4.21
N GLY B 209 24.86 20.24 -5.06
CA GLY B 209 23.97 20.88 -6.02
C GLY B 209 23.91 20.24 -7.39
N THR B 210 23.61 18.94 -7.42
CA THR B 210 23.43 18.18 -8.66
C THR B 210 22.36 18.79 -9.58
N HIS B 211 22.39 18.36 -10.84
CA HIS B 211 21.59 18.95 -11.90
C HIS B 211 20.74 17.89 -12.65
N GLY B 212 20.28 16.88 -11.92
CA GLY B 212 19.42 15.84 -12.51
C GLY B 212 20.09 14.97 -13.58
N GLN B 213 21.39 14.73 -13.42
CA GLN B 213 22.19 13.97 -14.40
C GLN B 213 21.87 12.49 -14.45
N PHE B 214 21.29 11.95 -13.39
CA PHE B 214 21.44 10.51 -13.13
C PHE B 214 20.19 9.66 -13.22
N THR B 215 20.42 8.38 -13.54
CA THR B 215 19.40 7.36 -13.36
C THR B 215 19.17 7.22 -11.86
N THR B 216 18.03 6.64 -11.48
CA THR B 216 17.78 6.34 -10.07
C THR B 216 18.92 5.54 -9.43
N ALA B 217 19.36 4.50 -10.13
CA ALA B 217 20.49 3.67 -9.72
C ALA B 217 21.77 4.51 -9.51
N GLY B 218 22.08 5.36 -10.50
CA GLY B 218 23.27 6.20 -10.47
C GLY B 218 23.26 7.21 -9.34
N ALA B 219 22.08 7.78 -9.10
CA ALA B 219 21.89 8.75 -8.02
C ALA B 219 22.05 8.10 -6.65
N ILE B 220 21.59 6.86 -6.51
CA ILE B 220 21.76 6.13 -5.26
C ILE B 220 23.22 5.77 -4.99
N ARG B 221 23.93 5.33 -6.03
CA ARG B 221 25.37 5.03 -5.90
C ARG B 221 26.20 6.27 -5.54
N LEU B 222 25.90 7.39 -6.18
CA LEU B 222 26.62 8.63 -5.87
C LEU B 222 26.26 9.11 -4.47
N GLY B 223 24.95 9.15 -4.20
CA GLY B 223 24.43 9.63 -2.92
C GLY B 223 25.02 8.91 -1.71
N GLN B 224 25.10 7.57 -1.79
CA GLN B 224 25.66 6.81 -0.67
C GLN B 224 27.13 7.12 -0.39
N ALA B 225 27.88 7.45 -1.45
CA ALA B 225 29.30 7.77 -1.32
C ALA B 225 29.55 9.10 -0.59
N ILE B 226 28.61 10.04 -0.67
CA ILE B 226 28.84 11.36 -0.08
C ILE B 226 28.19 11.53 1.32
N GLU B 227 27.43 10.52 1.73
CA GLU B 227 26.79 10.48 3.05
C GLU B 227 27.70 10.77 4.25
N PRO B 228 28.95 10.25 4.27
CA PRO B 228 29.81 10.50 5.44
C PRO B 228 30.13 11.97 5.70
N TYR B 229 29.90 12.84 4.72
CA TYR B 229 30.26 14.26 4.88
C TYR B 229 29.09 15.13 5.32
N SER B 230 27.98 14.48 5.66
CA SER B 230 26.76 15.11 6.14
C SER B 230 26.27 16.29 5.27
N PRO B 231 26.11 16.06 3.95
CA PRO B 231 25.59 17.16 3.16
C PRO B 231 24.15 17.49 3.60
N LEU B 232 23.82 18.77 3.65
CA LEU B 232 22.51 19.21 4.11
C LEU B 232 21.41 18.81 3.12
N TRP B 233 21.72 18.91 1.82
CA TRP B 233 20.81 18.40 0.78
C TRP B 233 21.49 17.81 -0.46
N TYR B 234 20.71 17.02 -1.18
CA TYR B 234 21.11 16.36 -2.41
C TYR B 234 20.11 16.85 -3.46
N GLU B 235 20.54 17.79 -4.30
CA GLU B 235 19.65 18.54 -5.19
C GLU B 235 19.43 17.82 -6.50
N GLU B 236 18.18 17.80 -6.98
CA GLU B 236 17.83 17.20 -8.27
C GLU B 236 18.69 15.97 -8.60
N PRO B 237 18.55 14.89 -7.80
CA PRO B 237 19.40 13.72 -8.07
C PRO B 237 19.07 13.02 -9.41
N VAL B 238 17.83 13.16 -9.86
CA VAL B 238 17.37 12.57 -11.12
C VAL B 238 16.68 13.65 -11.96
N PRO B 239 16.40 13.36 -13.26
CA PRO B 239 15.68 14.37 -14.07
C PRO B 239 14.31 14.71 -13.47
N PRO B 240 13.77 15.90 -13.79
CA PRO B 240 12.55 16.40 -13.13
C PRO B 240 11.23 15.81 -13.66
N ASP B 241 11.28 14.72 -14.40
CA ASP B 241 10.09 14.22 -15.09
C ASP B 241 9.58 12.89 -14.55
N ASN B 242 9.95 12.57 -13.30
CA ASN B 242 9.60 11.28 -12.72
C ASN B 242 9.60 11.34 -11.19
N VAL B 243 8.42 11.60 -10.63
CA VAL B 243 8.31 11.76 -9.17
C VAL B 243 8.66 10.47 -8.44
N GLY B 244 8.17 9.34 -8.97
CA GLY B 244 8.42 8.02 -8.37
C GLY B 244 9.91 7.69 -8.28
N ALA B 245 10.66 8.00 -9.35
CA ALA B 245 12.10 7.78 -9.38
C ALA B 245 12.82 8.59 -8.30
N MET B 246 12.45 9.85 -8.15
CA MET B 246 13.08 10.69 -7.13
C MET B 246 12.73 10.20 -5.73
N ALA B 247 11.48 9.77 -5.52
CA ALA B 247 11.09 9.16 -4.24
C ALA B 247 11.92 7.92 -3.92
N GLN B 248 12.24 7.11 -4.95
CA GLN B 248 13.12 5.95 -4.75
C GLN B 248 14.53 6.36 -4.28
N VAL B 249 15.08 7.44 -4.86
CA VAL B 249 16.37 7.98 -4.39
C VAL B 249 16.27 8.45 -2.92
N ALA B 250 15.24 9.24 -2.62
CA ALA B 250 15.05 9.78 -1.25
C ALA B 250 14.96 8.68 -0.19
N ARG B 251 14.28 7.58 -0.51
CA ARG B 251 14.17 6.45 0.44
C ARG B 251 15.49 5.67 0.58
N ALA B 252 16.33 5.73 -0.44
CA ALA B 252 17.53 4.89 -0.48
C ALA B 252 18.84 5.60 -0.11
N VAL B 253 18.80 6.93 0.02
CA VAL B 253 19.97 7.70 0.48
C VAL B 253 19.62 8.45 1.77
N ARG B 254 20.61 8.64 2.64
CA ARG B 254 20.38 9.23 3.97
C ARG B 254 20.48 10.77 3.98
N ILE B 255 20.48 11.36 2.79
CA ILE B 255 20.61 12.80 2.63
C ILE B 255 19.24 13.31 2.20
N PRO B 256 18.79 14.44 2.77
CA PRO B 256 17.55 15.05 2.32
C PRO B 256 17.63 15.45 0.85
N VAL B 257 16.59 15.14 0.10
CA VAL B 257 16.54 15.49 -1.32
C VAL B 257 15.86 16.85 -1.47
N ALA B 258 16.46 17.70 -2.30
CA ALA B 258 15.89 18.99 -2.64
C ALA B 258 15.61 19.03 -4.13
N THR B 259 14.51 19.67 -4.52
CA THR B 259 14.20 19.81 -5.95
C THR B 259 13.18 20.92 -6.18
N GLY B 260 13.01 21.32 -7.44
CA GLY B 260 11.89 22.18 -7.80
C GLY B 260 12.13 23.24 -8.85
N GLU B 261 13.40 23.51 -9.17
CA GLU B 261 13.72 24.61 -10.09
C GLU B 261 13.17 24.42 -11.49
N ARG B 262 12.91 23.17 -11.86
CA ARG B 262 12.34 22.87 -13.17
C ARG B 262 10.88 22.46 -13.11
N LEU B 263 10.24 22.66 -11.95
CA LEU B 263 8.81 22.36 -11.78
C LEU B 263 7.96 23.61 -11.79
N THR B 264 6.66 23.43 -12.04
CA THR B 264 5.76 24.58 -12.14
C THR B 264 4.37 24.30 -11.60
N THR B 265 3.89 25.25 -10.78
CA THR B 265 2.57 25.24 -10.12
C THR B 265 2.45 24.21 -9.00
N LYS B 266 1.48 24.46 -8.13
CA LYS B 266 1.15 23.54 -7.04
C LYS B 266 0.79 22.15 -7.56
N ALA B 267 0.26 22.05 -8.78
CA ALA B 267 -0.13 20.76 -9.37
C ALA B 267 1.05 19.80 -9.50
N GLU B 268 2.26 20.35 -9.63
CA GLU B 268 3.48 19.55 -9.73
C GLU B 268 4.22 19.45 -8.40
N PHE B 269 4.13 20.48 -7.56
CA PHE B 269 4.77 20.40 -6.25
C PHE B 269 4.03 19.50 -5.27
N ALA B 270 2.70 19.44 -5.37
CA ALA B 270 1.94 18.60 -4.44
C ALA B 270 2.35 17.13 -4.52
N PRO B 271 2.42 16.54 -5.73
CA PRO B 271 2.84 15.13 -5.83
C PRO B 271 4.25 14.84 -5.32
N VAL B 272 5.17 15.78 -5.52
CA VAL B 272 6.53 15.69 -4.96
C VAL B 272 6.49 15.49 -3.44
N LEU B 273 5.71 16.33 -2.75
CA LEU B 273 5.51 16.20 -1.31
C LEU B 273 4.79 14.91 -0.95
N ARG B 274 3.67 14.65 -1.63
CA ARG B 274 2.82 13.49 -1.32
C ARG B 274 3.55 12.17 -1.44
N GLU B 275 4.41 12.06 -2.46
CA GLU B 275 5.17 10.83 -2.71
C GLU B 275 6.48 10.74 -1.93
N GLY B 276 6.82 11.80 -1.19
CA GLY B 276 8.06 11.86 -0.44
C GLY B 276 9.30 11.97 -1.34
N ALA B 277 9.13 12.59 -2.50
CA ALA B 277 10.23 12.72 -3.46
C ALA B 277 11.28 13.74 -3.00
N ALA B 278 10.84 14.77 -2.28
CA ALA B 278 11.76 15.79 -1.79
C ALA B 278 11.29 16.38 -0.46
N ALA B 279 12.26 16.77 0.37
CA ALA B 279 12.00 17.34 1.69
C ALA B 279 12.15 18.86 1.65
N ILE B 280 12.75 19.37 0.58
CA ILE B 280 13.08 20.78 0.42
C ILE B 280 12.68 21.18 -0.99
N LEU B 281 11.83 22.21 -1.11
CA LEU B 281 11.31 22.64 -2.41
C LEU B 281 12.00 23.92 -2.89
N GLN B 282 12.50 23.88 -4.12
CA GLN B 282 13.29 24.98 -4.69
C GLN B 282 12.65 25.56 -5.96
N PRO B 283 11.42 26.10 -5.84
CA PRO B 283 10.85 26.69 -7.05
C PRO B 283 11.63 27.93 -7.50
N ALA B 284 11.67 28.14 -8.81
CA ALA B 284 12.05 29.42 -9.35
C ALA B 284 10.74 30.19 -9.48
N LEU B 285 10.56 31.22 -8.66
CA LEU B 285 9.30 31.97 -8.65
C LEU B 285 8.92 32.54 -10.02
N GLY B 286 9.91 32.88 -10.82
CA GLY B 286 9.69 33.34 -12.20
C GLY B 286 9.30 32.25 -13.18
N ARG B 287 9.25 31.00 -12.71
CA ARG B 287 8.82 29.86 -13.52
C ARG B 287 7.57 29.19 -12.94
N ALA B 288 7.54 29.06 -11.62
CA ALA B 288 6.59 28.16 -10.95
C ALA B 288 5.17 28.70 -10.74
N GLY B 289 4.90 29.93 -11.18
CA GLY B 289 3.55 30.51 -11.10
C GLY B 289 3.47 31.82 -10.32
N GLY B 290 4.63 32.29 -9.85
CA GLY B 290 4.72 33.54 -9.12
C GLY B 290 4.68 33.40 -7.60
N ILE B 291 4.58 34.55 -6.93
CA ILE B 291 4.63 34.63 -5.47
C ILE B 291 3.45 33.93 -4.78
N TRP B 292 2.24 34.24 -5.22
CA TRP B 292 1.02 33.75 -4.56
C TRP B 292 0.89 32.23 -4.74
N GLU B 293 1.14 31.73 -5.95
CA GLU B 293 1.14 30.29 -6.19
C GLU B 293 2.15 29.59 -5.28
N MET B 294 3.32 30.21 -5.09
CA MET B 294 4.33 29.61 -4.22
C MET B 294 4.01 29.69 -2.72
N LYS B 295 3.20 30.68 -2.31
CA LYS B 295 2.68 30.71 -0.94
C LYS B 295 1.79 29.47 -0.71
N LYS B 296 1.03 29.11 -1.73
CA LYS B 296 0.18 27.92 -1.66
C LYS B 296 1.03 26.67 -1.46
N VAL B 297 2.12 26.58 -2.21
CA VAL B 297 3.06 25.46 -2.10
C VAL B 297 3.75 25.48 -0.74
N ALA B 298 4.16 26.66 -0.28
CA ALA B 298 4.79 26.78 1.04
C ALA B 298 3.89 26.23 2.15
N ALA B 299 2.60 26.56 2.09
CA ALA B 299 1.60 25.99 3.02
C ALA B 299 1.49 24.46 2.94
N MET B 300 1.50 23.93 1.72
CA MET B 300 1.55 22.47 1.53
C MET B 300 2.82 21.85 2.14
N ALA B 301 3.96 22.49 1.91
CA ALA B 301 5.21 22.04 2.54
C ALA B 301 5.10 21.99 4.07
N GLU B 302 4.40 22.96 4.65
CA GLU B 302 4.20 22.98 6.11
C GLU B 302 3.57 21.71 6.64
N VAL B 303 2.54 21.19 5.96
CA VAL B 303 1.85 20.00 6.46
C VAL B 303 2.60 18.69 6.15
N TYR B 304 3.76 18.81 5.51
CA TYR B 304 4.70 17.68 5.36
C TYR B 304 5.96 17.90 6.19
N ASN B 305 5.95 18.92 7.06
CA ASN B 305 7.14 19.27 7.87
C ASN B 305 8.36 19.46 6.96
N ALA B 306 8.09 20.11 5.82
CA ALA B 306 9.06 20.37 4.76
C ALA B 306 9.29 21.87 4.60
N GLN B 307 10.37 22.25 3.94
CA GLN B 307 10.78 23.65 3.86
C GLN B 307 11.01 24.14 2.43
N MET B 308 11.01 25.46 2.28
CA MET B 308 11.22 26.11 1.00
C MET B 308 12.63 26.67 0.93
N ALA B 309 13.24 26.58 -0.25
CA ALA B 309 14.53 27.19 -0.52
C ALA B 309 14.48 27.77 -1.93
N PRO B 310 13.94 28.99 -2.08
CA PRO B 310 13.73 29.57 -3.40
C PRO B 310 14.99 29.53 -4.28
N HIS B 311 14.82 29.09 -5.52
CA HIS B 311 15.91 28.96 -6.48
C HIS B 311 16.33 30.32 -7.03
N LEU B 312 17.63 30.49 -7.24
CA LEU B 312 18.11 31.62 -8.05
C LEU B 312 19.25 31.23 -8.97
N TYR B 313 18.95 31.19 -10.27
CA TYR B 313 19.98 31.27 -11.29
C TYR B 313 19.50 32.24 -12.36
N ALA B 314 19.34 33.50 -11.94
CA ALA B 314 18.72 34.54 -12.73
C ALA B 314 19.05 35.88 -12.09
N GLY B 315 18.24 36.90 -12.40
CA GLY B 315 18.53 38.26 -11.99
C GLY B 315 18.11 38.66 -10.58
N PRO B 316 18.42 39.91 -10.20
CA PRO B 316 18.08 40.43 -8.87
C PRO B 316 16.59 40.68 -8.71
N VAL B 317 15.85 40.78 -9.81
CA VAL B 317 14.40 40.99 -9.71
C VAL B 317 13.70 39.74 -9.18
N GLU B 318 13.95 38.58 -9.79
CA GLU B 318 13.44 37.32 -9.24
C GLU B 318 13.90 37.12 -7.80
N TRP B 319 15.16 37.48 -7.54
CA TRP B 319 15.73 37.35 -6.20
C TRP B 319 14.95 38.17 -5.17
N ALA B 320 14.58 39.40 -5.54
CA ALA B 320 13.75 40.26 -4.69
C ALA B 320 12.40 39.60 -4.40
N ALA B 321 11.78 39.00 -5.42
CA ALA B 321 10.55 38.20 -5.21
C ALA B 321 10.81 37.08 -4.18
N ASN B 322 11.93 36.38 -4.32
CA ASN B 322 12.32 35.33 -3.37
C ASN B 322 12.40 35.82 -1.92
N VAL B 323 13.00 36.98 -1.73
CA VAL B 323 13.20 37.58 -0.41
C VAL B 323 11.87 37.91 0.28
N HIS B 324 10.97 38.56 -0.45
CA HIS B 324 9.66 38.91 0.11
C HIS B 324 8.85 37.65 0.43
N PHE B 325 8.92 36.67 -0.48
CA PHE B 325 8.31 35.36 -0.28
C PHE B 325 8.87 34.74 0.99
N ALA B 326 10.20 34.65 1.06
CA ALA B 326 10.90 34.06 2.20
C ALA B 326 10.64 34.75 3.54
N ALA B 327 10.49 36.07 3.52
CA ALA B 327 10.26 36.84 4.74
C ALA B 327 8.94 36.47 5.42
N SER B 328 7.98 36.04 4.60
CA SER B 328 6.60 35.83 5.04
C SER B 328 6.24 34.39 5.45
N ILE B 329 7.16 33.45 5.26
CA ILE B 329 6.83 32.03 5.50
C ILE B 329 7.52 31.48 6.75
N PRO B 330 6.80 30.69 7.56
CA PRO B 330 7.42 30.07 8.73
C PRO B 330 8.47 29.02 8.34
N ASN B 331 8.27 28.35 7.21
CA ASN B 331 9.10 27.21 6.81
C ASN B 331 10.14 27.53 5.73
N ILE B 332 10.90 28.59 5.95
CA ILE B 332 12.02 28.95 5.08
C ILE B 332 13.27 28.23 5.56
N LEU B 333 14.04 27.68 4.61
CA LEU B 333 15.34 27.10 4.93
C LEU B 333 16.43 28.14 4.66
N MET B 334 16.54 28.54 3.38
CA MET B 334 17.55 29.51 2.95
C MET B 334 17.25 30.03 1.54
N CYS B 335 17.84 31.18 1.21
CA CYS B 335 17.70 31.78 -0.11
C CYS B 335 18.99 31.73 -0.90
N GLU B 336 18.95 31.04 -2.04
CA GLU B 336 20.02 31.07 -3.04
C GLU B 336 20.28 32.52 -3.46
N SER B 337 21.55 32.87 -3.53
CA SER B 337 21.96 34.23 -3.82
C SER B 337 23.17 34.22 -4.76
N ILE B 338 23.28 35.24 -5.60
CA ILE B 338 24.45 35.41 -6.45
C ILE B 338 24.93 36.83 -6.29
N GLU B 339 26.15 37.00 -5.82
CA GLU B 339 26.72 38.33 -5.63
C GLU B 339 27.65 38.68 -6.79
N THR B 340 27.17 39.53 -7.69
CA THR B 340 28.00 40.07 -8.76
C THR B 340 27.78 41.58 -8.80
N PRO B 341 28.75 42.35 -9.34
CA PRO B 341 28.54 43.79 -9.48
C PRO B 341 27.33 44.15 -10.35
N PHE B 342 27.05 43.34 -11.37
CA PHE B 342 25.89 43.57 -12.23
C PHE B 342 24.54 43.35 -11.52
N HIS B 343 24.42 42.25 -10.75
CA HIS B 343 23.22 41.97 -9.93
C HIS B 343 22.92 43.18 -9.03
N ASP B 344 23.95 43.64 -8.32
CA ASP B 344 23.82 44.76 -7.39
C ASP B 344 23.46 46.06 -8.10
N ALA B 345 24.13 46.34 -9.21
CA ALA B 345 23.90 47.59 -9.95
C ALA B 345 22.51 47.63 -10.58
N LEU B 346 22.01 46.47 -11.03
CA LEU B 346 20.71 46.40 -11.70
C LEU B 346 19.53 46.79 -10.77
N ILE B 347 19.67 46.54 -9.48
CA ILE B 347 18.69 47.04 -8.50
C ILE B 347 19.25 48.14 -7.59
N LYS B 348 20.32 48.79 -8.07
CA LYS B 348 20.95 49.93 -7.39
C LYS B 348 21.26 49.68 -5.90
N GLY B 349 21.73 48.46 -5.60
CA GLY B 349 22.08 48.06 -4.25
C GLY B 349 20.94 48.03 -3.24
N SER B 350 19.70 47.90 -3.72
CA SER B 350 18.49 48.06 -2.90
C SER B 350 18.32 46.96 -1.87
N ILE B 351 18.79 45.76 -2.20
CA ILE B 351 18.74 44.60 -1.31
C ILE B 351 20.08 43.89 -1.46
N ARG B 352 20.68 43.49 -0.35
CA ARG B 352 22.00 42.89 -0.34
C ARG B 352 22.12 41.80 0.70
N VAL B 353 22.97 40.81 0.40
CA VAL B 353 23.41 39.87 1.42
C VAL B 353 24.40 40.64 2.32
N GLU B 354 24.17 40.59 3.64
CA GLU B 354 25.09 41.15 4.61
C GLU B 354 25.47 40.05 5.60
N GLY B 355 26.76 39.69 5.64
CA GLY B 355 27.25 38.68 6.57
C GLY B 355 26.47 37.37 6.50
N GLY B 356 26.17 36.92 5.28
CA GLY B 356 25.49 35.64 5.06
C GLY B 356 23.98 35.64 5.24
N TYR B 357 23.39 36.81 5.49
CA TYR B 357 21.94 36.92 5.70
C TYR B 357 21.33 38.08 4.93
N ILE B 358 20.01 38.02 4.75
CA ILE B 358 19.29 39.06 4.02
C ILE B 358 18.22 39.65 4.93
N THR B 359 18.21 40.97 5.05
CA THR B 359 17.14 41.67 5.76
C THR B 359 16.05 42.04 4.75
N PRO B 360 14.78 41.64 5.02
CA PRO B 360 13.66 42.05 4.16
C PRO B 360 13.57 43.57 4.11
N PRO B 361 13.44 44.15 2.89
CA PRO B 361 13.35 45.61 2.78
C PRO B 361 12.04 46.17 3.37
N GLU B 362 12.07 47.43 3.75
CA GLU B 362 10.91 48.09 4.35
C GLU B 362 10.19 49.02 3.38
N ALA B 363 10.83 49.34 2.25
CA ALA B 363 10.24 50.24 1.26
C ALA B 363 9.02 49.59 0.60
N PRO B 364 8.16 50.40 -0.08
CA PRO B 364 6.98 49.82 -0.72
C PRO B 364 7.31 48.85 -1.86
N GLY B 365 6.42 47.89 -2.11
CA GLY B 365 6.58 46.95 -3.21
C GLY B 365 7.71 45.96 -2.98
N LEU B 366 8.44 45.64 -4.04
CA LEU B 366 9.63 44.78 -3.89
C LEU B 366 10.80 45.53 -3.24
N GLY B 367 10.66 46.83 -3.08
CA GLY B 367 11.68 47.67 -2.43
C GLY B 367 12.92 47.83 -3.27
N ILE B 368 12.77 47.74 -4.60
CA ILE B 368 13.91 47.86 -5.50
C ILE B 368 13.78 49.06 -6.44
N GLU B 369 14.91 49.60 -6.86
CA GLU B 369 14.93 50.57 -7.95
C GLU B 369 15.71 49.97 -9.11
N VAL B 370 14.99 49.59 -10.16
CA VAL B 370 15.60 48.92 -11.30
C VAL B 370 16.29 49.95 -12.19
N ASP B 371 17.56 49.72 -12.49
CA ASP B 371 18.28 50.57 -13.41
C ASP B 371 17.93 50.11 -14.83
N GLU B 372 16.81 50.61 -15.34
CA GLU B 372 16.32 50.27 -16.68
C GLU B 372 17.35 50.62 -17.77
N ALA B 373 17.94 51.81 -17.68
CA ALA B 373 18.99 52.25 -18.60
C ALA B 373 20.15 51.25 -18.66
N LEU B 374 20.61 50.80 -17.50
CA LEU B 374 21.67 49.77 -17.44
C LEU B 374 21.24 48.48 -18.14
N ALA B 375 20.01 48.02 -17.88
CA ALA B 375 19.52 46.80 -18.51
C ALA B 375 19.51 46.92 -20.04
N ARG B 376 19.07 48.08 -20.54
CA ARG B 376 19.00 48.34 -21.97
C ARG B 376 20.38 48.47 -22.61
N ALA B 377 21.35 48.95 -21.83
CA ALA B 377 22.73 49.07 -22.32
C ALA B 377 23.46 47.72 -22.38
N ASN B 378 22.82 46.67 -21.86
CA ASN B 378 23.40 45.34 -21.87
C ASN B 378 22.51 44.31 -22.57
N PRO B 379 22.34 44.44 -23.90
CA PRO B 379 21.45 43.52 -24.61
C PRO B 379 22.10 42.15 -24.80
N TYR B 380 21.26 41.15 -25.04
CA TYR B 380 21.75 39.81 -25.35
C TYR B 380 21.98 39.66 -26.86
N HIS B 381 23.18 39.21 -27.23
CA HIS B 381 23.57 39.07 -28.63
C HIS B 381 23.86 37.63 -29.07
N GLY B 382 23.63 36.66 -28.19
CA GLY B 382 23.91 35.26 -28.51
C GLY B 382 22.78 34.57 -29.27
N THR B 383 23.01 33.32 -29.65
CA THR B 383 21.99 32.51 -30.31
C THR B 383 21.49 31.39 -29.39
N GLY B 384 22.11 31.28 -28.20
CA GLY B 384 21.79 30.21 -27.26
C GLY B 384 20.66 30.48 -26.28
N LEU B 385 20.37 29.49 -25.43
CA LEU B 385 19.36 29.62 -24.38
C LEU B 385 20.03 29.97 -23.04
N HIS B 386 19.24 30.46 -22.10
CA HIS B 386 19.70 30.84 -20.75
C HIS B 386 20.69 29.82 -20.17
N LEU B 387 20.29 28.55 -20.24
CA LEU B 387 21.11 27.38 -19.94
C LEU B 387 20.83 26.34 -21.03
N GLU B 388 21.76 25.42 -21.25
CA GLU B 388 21.62 24.41 -22.31
C GLU B 388 22.10 23.05 -21.84
N MET B 389 21.51 21.99 -22.40
CA MET B 389 21.93 20.62 -22.10
C MET B 389 22.79 20.05 -23.23
N GLN B 390 23.97 19.58 -22.84
CA GLN B 390 24.96 18.95 -23.71
C GLN B 390 24.36 17.80 -24.55
N GLU B 391 24.86 17.64 -25.78
CA GLU B 391 24.49 16.48 -26.62
C GLU B 391 25.40 15.26 -26.41
N ALA B 392 26.70 15.50 -26.27
CA ALA B 392 27.68 14.42 -26.03
C ALA B 392 27.36 13.70 -24.71
N SER B 393 27.57 12.39 -24.71
CA SER B 393 27.29 11.57 -23.53
C SER B 393 28.31 11.79 -22.41
N CYS B 394 28.03 11.19 -21.24
CA CYS B 394 28.99 11.11 -20.13
C CYS B 394 30.27 10.42 -20.60
N ASP B 395 31.42 10.90 -20.13
CA ASP B 395 32.73 10.39 -20.54
C ASP B 395 33.29 9.39 -19.52
N TYR B 396 33.43 8.13 -19.95
CA TYR B 396 33.91 7.05 -19.08
C TYR B 396 35.34 6.65 -19.47
N VAL C 2 12.40 -49.17 -9.07
CA VAL C 2 12.37 -49.38 -10.54
C VAL C 2 12.91 -48.14 -11.23
N LYS C 3 13.17 -48.20 -12.43
CA LYS C 3 13.58 -47.03 -13.20
C LYS C 3 12.70 -46.86 -14.42
N LEU C 4 12.45 -45.60 -14.78
CA LEU C 4 11.78 -45.26 -16.03
C LEU C 4 12.68 -45.69 -17.18
N ARG C 5 12.11 -46.40 -18.15
CA ARG C 5 12.92 -46.94 -19.23
C ARG C 5 12.51 -46.44 -20.61
N ASP C 6 11.25 -46.68 -20.99
CA ASP C 6 10.78 -46.36 -22.34
C ASP C 6 9.68 -45.33 -22.38
N LEU C 7 9.62 -44.62 -23.51
CA LEU C 7 8.58 -43.65 -23.79
C LEU C 7 7.95 -43.94 -25.15
N ASP C 8 6.62 -43.96 -25.20
CA ASP C 8 5.89 -43.93 -26.47
C ASP C 8 4.98 -42.70 -26.50
N ILE C 9 4.98 -41.99 -27.62
CA ILE C 9 4.12 -40.81 -27.77
C ILE C 9 3.05 -41.14 -28.81
N ILE C 10 1.78 -40.98 -28.42
CA ILE C 10 0.69 -41.19 -29.36
C ILE C 10 -0.13 -39.93 -29.44
N VAL C 11 -0.22 -39.39 -30.65
CA VAL C 11 -1.04 -38.22 -30.91
C VAL C 11 -2.33 -38.69 -31.58
N THR C 12 -3.46 -38.48 -30.91
CA THR C 12 -4.72 -39.05 -31.35
C THR C 12 -5.76 -37.97 -31.67
N ALA C 13 -6.50 -38.17 -32.76
CA ALA C 13 -7.51 -37.21 -33.19
C ALA C 13 -8.92 -37.67 -32.79
N PRO C 14 -9.60 -36.89 -31.93
CA PRO C 14 -11.00 -37.22 -31.64
C PRO C 14 -11.84 -37.09 -32.90
N PRO C 15 -12.72 -38.08 -33.16
CA PRO C 15 -13.60 -38.01 -34.33
C PRO C 15 -14.56 -36.83 -34.24
N ALA C 16 -15.00 -36.36 -35.42
CA ALA C 16 -16.02 -35.32 -35.53
C ALA C 16 -17.19 -35.62 -34.58
N PRO C 17 -17.77 -34.59 -33.93
CA PRO C 17 -17.51 -33.15 -34.03
C PRO C 17 -16.26 -32.66 -33.30
N GLY C 18 -15.58 -33.55 -32.58
CA GLY C 18 -14.28 -33.25 -31.98
C GLY C 18 -14.28 -32.44 -30.71
N TRP C 19 -15.24 -32.70 -29.81
CA TRP C 19 -15.27 -32.03 -28.52
C TRP C 19 -14.01 -32.42 -27.74
N GLY C 20 -13.24 -31.43 -27.31
CA GLY C 20 -11.96 -31.67 -26.68
C GLY C 20 -10.74 -31.31 -27.53
N GLY C 21 -10.97 -30.78 -28.73
CA GLY C 21 -9.88 -30.22 -29.54
C GLY C 21 -9.43 -31.11 -30.69
N ARG C 22 -8.49 -30.60 -31.49
CA ARG C 22 -8.07 -31.29 -32.71
C ARG C 22 -7.33 -32.61 -32.45
N TYR C 23 -6.53 -32.64 -31.39
CA TYR C 23 -5.75 -33.84 -31.07
C TYR C 23 -5.37 -33.86 -29.60
N TRP C 24 -5.08 -35.06 -29.10
CA TRP C 24 -4.58 -35.23 -27.75
C TRP C 24 -3.20 -35.86 -27.81
N ILE C 25 -2.30 -35.37 -26.96
CA ILE C 25 -0.94 -35.89 -26.90
C ILE C 25 -0.81 -36.84 -25.73
N LEU C 26 -0.85 -38.13 -26.03
CA LEU C 26 -0.75 -39.16 -25.00
C LEU C 26 0.69 -39.62 -24.88
N VAL C 27 1.11 -39.89 -23.65
CA VAL C 27 2.40 -40.49 -23.42
C VAL C 27 2.27 -41.75 -22.60
N LYS C 28 3.09 -42.74 -22.95
CA LYS C 28 3.11 -44.04 -22.28
C LYS C 28 4.53 -44.31 -21.83
N LEU C 29 4.73 -44.44 -20.53
CA LEU C 29 6.04 -44.78 -19.97
C LEU C 29 6.06 -46.23 -19.52
N THR C 30 7.21 -46.88 -19.72
CA THR C 30 7.42 -48.26 -19.26
C THR C 30 8.66 -48.29 -18.37
N THR C 31 8.55 -48.97 -17.23
CA THR C 31 9.70 -49.14 -16.33
C THR C 31 10.54 -50.35 -16.73
N ASP C 32 11.71 -50.46 -16.13
CA ASP C 32 12.59 -51.61 -16.35
C ASP C 32 12.04 -52.94 -15.76
N ASP C 33 10.95 -52.87 -15.00
CA ASP C 33 10.26 -54.09 -14.60
C ASP C 33 8.93 -54.25 -15.35
N GLY C 34 8.74 -53.40 -16.35
CA GLY C 34 7.65 -53.56 -17.31
C GLY C 34 6.30 -52.98 -16.89
N ILE C 35 6.29 -52.16 -15.84
CA ILE C 35 5.08 -51.44 -15.44
C ILE C 35 4.84 -50.28 -16.42
N THR C 36 3.62 -50.20 -16.94
CA THR C 36 3.26 -49.13 -17.86
C THR C 36 2.43 -48.03 -17.17
N GLY C 37 2.69 -46.79 -17.56
CA GLY C 37 1.94 -45.64 -17.05
C GLY C 37 1.53 -44.72 -18.19
N TRP C 38 0.34 -44.15 -18.08
CA TRP C 38 -0.19 -43.26 -19.11
C TRP C 38 -0.36 -41.84 -18.61
N GLY C 39 0.05 -40.89 -19.45
CA GLY C 39 -0.09 -39.47 -19.15
C GLY C 39 -0.57 -38.71 -20.37
N GLU C 40 -0.83 -37.41 -20.19
CA GLU C 40 -1.30 -36.58 -21.29
C GLU C 40 -0.68 -35.18 -21.20
N CYS C 41 -0.06 -34.73 -22.28
CA CYS C 41 0.52 -33.38 -22.34
C CYS C 41 -0.50 -32.40 -22.91
N TYR C 42 -0.43 -31.16 -22.42
CA TYR C 42 -1.31 -30.11 -22.89
C TYR C 42 -0.40 -28.95 -23.26
N ALA C 43 -0.10 -28.86 -24.56
CA ALA C 43 0.89 -27.93 -25.08
C ALA C 43 0.72 -27.81 -26.59
N ALA C 44 0.34 -26.62 -27.05
CA ALA C 44 0.08 -26.39 -28.47
C ALA C 44 0.57 -25.04 -28.99
N SER C 45 1.61 -24.50 -28.37
CA SER C 45 2.28 -23.32 -28.93
C SER C 45 2.87 -23.67 -30.29
N VAL C 46 3.38 -24.90 -30.36
CA VAL C 46 3.83 -25.53 -31.62
C VAL C 46 3.04 -26.82 -31.80
N GLY C 47 3.04 -27.35 -33.03
CA GLY C 47 2.26 -28.53 -33.37
C GLY C 47 2.78 -29.85 -32.81
N PRO C 48 2.01 -30.94 -33.02
CA PRO C 48 2.31 -32.29 -32.51
C PRO C 48 3.71 -32.79 -32.87
N GLU C 49 4.18 -32.56 -34.11
CA GLU C 49 5.47 -33.08 -34.49
CA GLU C 49 5.50 -33.00 -34.58
C GLU C 49 6.62 -32.40 -33.73
N ALA C 50 6.53 -31.08 -33.55
CA ALA C 50 7.52 -30.37 -32.75
C ALA C 50 7.43 -30.80 -31.29
N MET C 51 6.20 -31.00 -30.79
CA MET C 51 6.01 -31.45 -29.41
C MET C 51 6.59 -32.85 -29.16
N ARG C 52 6.52 -33.73 -30.16
CA ARG C 52 7.15 -35.07 -30.07
C ARG C 52 8.65 -34.94 -29.73
N ALA C 53 9.32 -34.08 -30.50
CA ALA C 53 10.74 -33.78 -30.30
C ALA C 53 11.04 -33.19 -28.92
N VAL C 54 10.19 -32.28 -28.47
CA VAL C 54 10.31 -31.67 -27.14
C VAL C 54 10.15 -32.71 -26.03
N ILE C 55 9.08 -33.50 -26.10
CA ILE C 55 8.80 -34.55 -25.12
C ILE C 55 9.92 -35.60 -25.05
N GLU C 56 10.40 -36.04 -26.22
CA GLU C 56 11.55 -36.97 -26.30
C GLU C 56 12.78 -36.40 -25.60
N ASP C 57 13.04 -35.11 -25.81
CA ASP C 57 14.20 -34.44 -25.21
C ASP C 57 14.07 -34.40 -23.68
N VAL C 58 12.94 -33.90 -23.20
CA VAL C 58 12.66 -33.80 -21.76
C VAL C 58 12.78 -35.17 -21.08
N PHE C 59 12.16 -36.20 -21.66
CA PHE C 59 12.27 -37.54 -21.11
C PHE C 59 13.72 -38.05 -21.05
N ALA C 60 14.40 -38.06 -22.20
CA ALA C 60 15.74 -38.62 -22.29
C ALA C 60 16.73 -37.87 -21.41
N ARG C 61 16.56 -36.54 -21.34
CA ARG C 61 17.52 -35.69 -20.62
C ARG C 61 17.35 -35.74 -19.10
N HIS C 62 16.10 -35.75 -18.63
CA HIS C 62 15.84 -35.49 -17.21
C HIS C 62 15.16 -36.63 -16.47
N MET C 63 14.63 -37.62 -17.19
CA MET C 63 13.78 -38.64 -16.60
C MET C 63 14.16 -40.09 -16.87
N GLU C 64 14.65 -40.39 -18.08
CA GLU C 64 15.09 -41.75 -18.40
CA GLU C 64 15.08 -41.74 -18.40
C GLU C 64 16.10 -42.23 -17.37
N GLY C 65 15.92 -43.46 -16.89
CA GLY C 65 16.83 -44.02 -15.90
C GLY C 65 16.57 -43.61 -14.46
N GLU C 66 15.60 -42.72 -14.25
CA GLU C 66 15.30 -42.20 -12.91
C GLU C 66 14.22 -43.02 -12.21
N ASN C 67 14.31 -43.12 -10.89
CA ASN C 67 13.25 -43.68 -10.07
C ASN C 67 12.01 -42.77 -10.15
N PRO C 68 10.84 -43.34 -10.56
CA PRO C 68 9.61 -42.55 -10.71
C PRO C 68 9.10 -41.91 -9.41
N GLU C 69 9.58 -42.39 -8.26
CA GLU C 69 9.31 -41.77 -6.96
C GLU C 69 9.83 -40.33 -6.87
N ASN C 70 10.86 -40.02 -7.66
CA ASN C 70 11.60 -38.78 -7.51
C ASN C 70 10.99 -37.61 -8.28
N ILE C 71 9.74 -37.34 -7.95
CA ILE C 71 8.90 -36.36 -8.63
C ILE C 71 9.39 -34.93 -8.38
N GLU C 72 9.76 -34.62 -7.14
CA GLU C 72 10.33 -33.32 -6.81
C GLU C 72 11.57 -33.08 -7.65
N LEU C 73 12.47 -34.06 -7.67
CA LEU C 73 13.74 -33.94 -8.39
C LEU C 73 13.53 -33.78 -9.91
N MET C 74 12.67 -34.61 -10.50
CA MET C 74 12.47 -34.53 -11.95
C MET C 74 11.88 -33.19 -12.37
N PHE C 75 10.97 -32.64 -11.55
CA PHE C 75 10.45 -31.31 -11.81
C PHE C 75 11.56 -30.25 -11.78
N ARG C 76 12.37 -30.27 -10.72
CA ARG C 76 13.49 -29.32 -10.61
C ARG C 76 14.41 -29.40 -11.83
N ARG C 77 14.68 -30.61 -12.31
CA ARG C 77 15.53 -30.78 -13.50
C ARG C 77 14.96 -30.10 -14.74
N VAL C 78 13.70 -30.39 -15.07
CA VAL C 78 13.09 -29.82 -16.27
C VAL C 78 12.93 -28.32 -16.10
N TYR C 79 12.39 -27.90 -14.96
CA TYR C 79 12.17 -26.47 -14.66
C TYR C 79 13.46 -25.63 -14.79
N SER C 80 14.60 -26.22 -14.45
CA SER C 80 15.89 -25.51 -14.47
C SER C 80 16.68 -25.74 -15.76
N SER C 81 16.15 -26.60 -16.62
CA SER C 81 16.88 -27.14 -17.77
C SER C 81 17.46 -26.03 -18.64
N GLY C 82 18.75 -26.14 -18.95
CA GLY C 82 19.42 -25.21 -19.85
C GLY C 82 19.64 -23.83 -19.25
N PHE C 83 19.76 -23.79 -17.91
CA PHE C 83 19.91 -22.52 -17.17
C PHE C 83 18.69 -21.62 -17.41
N THR C 84 17.52 -22.13 -17.04
CA THR C 84 16.29 -21.38 -17.14
C THR C 84 15.77 -21.12 -15.73
N GLN C 85 15.11 -22.10 -15.14
CA GLN C 85 14.58 -22.02 -13.76
C GLN C 85 13.53 -20.90 -13.64
N ARG C 86 12.70 -20.80 -14.67
CA ARG C 86 11.46 -20.03 -14.66
C ARG C 86 10.55 -20.78 -15.64
N PRO C 87 9.22 -20.59 -15.53
CA PRO C 87 8.35 -21.49 -16.29
C PRO C 87 8.52 -21.41 -17.80
N ASP C 88 8.73 -22.57 -18.42
CA ASP C 88 8.73 -22.70 -19.87
C ASP C 88 7.47 -23.48 -20.25
N LEU C 89 6.50 -22.78 -20.84
CA LEU C 89 5.19 -23.33 -21.16
C LEU C 89 5.27 -24.62 -21.96
N THR C 90 6.17 -24.65 -22.95
CA THR C 90 6.32 -25.81 -23.81
C THR C 90 7.05 -26.98 -23.12
N ALA C 91 8.19 -26.70 -22.46
CA ALA C 91 8.93 -27.76 -21.78
C ALA C 91 8.18 -28.36 -20.59
N ILE C 92 7.50 -27.51 -19.81
CA ILE C 92 6.74 -27.99 -18.66
C ILE C 92 5.47 -28.74 -19.09
N GLY C 93 4.92 -28.36 -20.25
CA GLY C 93 3.81 -29.11 -20.86
C GLY C 93 4.25 -30.54 -21.18
N ALA C 94 5.44 -30.68 -21.74
CA ALA C 94 6.06 -31.98 -21.96
C ALA C 94 6.23 -32.76 -20.65
N PHE C 95 6.89 -32.14 -19.67
CA PHE C 95 7.09 -32.77 -18.35
C PHE C 95 5.78 -33.23 -17.69
N SER C 96 4.74 -32.38 -17.77
CA SER C 96 3.48 -32.62 -17.07
C SER C 96 2.85 -33.96 -17.46
N GLY C 97 2.76 -34.21 -18.76
CA GLY C 97 2.24 -35.49 -19.24
C GLY C 97 3.07 -36.67 -18.74
N LEU C 98 4.39 -36.52 -18.80
CA LEU C 98 5.32 -37.55 -18.34
C LEU C 98 5.18 -37.79 -16.82
N GLU C 99 5.00 -36.71 -16.07
CA GLU C 99 4.78 -36.78 -14.63
C GLU C 99 3.49 -37.55 -14.29
N ILE C 100 2.43 -37.31 -15.05
CA ILE C 100 1.17 -38.02 -14.85
C ILE C 100 1.36 -39.54 -15.06
N ALA C 101 2.11 -39.89 -16.11
CA ALA C 101 2.43 -41.31 -16.36
C ALA C 101 3.21 -41.93 -15.20
N CYS C 102 4.08 -41.13 -14.57
CA CYS C 102 4.82 -41.57 -13.39
C CYS C 102 3.90 -41.92 -12.24
N TRP C 103 2.86 -41.11 -12.03
CA TRP C 103 1.87 -41.38 -10.99
C TRP C 103 1.06 -42.66 -11.26
N ASP C 104 0.67 -42.85 -12.52
CA ASP C 104 0.04 -44.11 -12.94
C ASP C 104 0.94 -45.31 -12.58
N ILE C 105 2.23 -45.21 -12.92
CA ILE C 105 3.22 -46.23 -12.56
C ILE C 105 3.34 -46.42 -11.05
N LEU C 106 3.42 -45.32 -10.31
CA LEU C 106 3.58 -45.39 -8.85
C LEU C 106 2.39 -46.07 -8.20
N GLY C 107 1.19 -45.70 -8.63
CA GLY C 107 -0.04 -46.32 -8.14
C GLY C 107 -0.04 -47.82 -8.39
N LYS C 108 0.38 -48.22 -9.60
CA LYS C 108 0.48 -49.64 -9.93
C LYS C 108 1.56 -50.36 -9.11
N ALA C 109 2.71 -49.72 -8.91
CA ALA C 109 3.79 -50.31 -8.08
C ALA C 109 3.39 -50.49 -6.61
N ARG C 110 2.65 -49.51 -6.09
CA ARG C 110 2.16 -49.50 -4.71
C ARG C 110 0.91 -50.36 -4.52
N GLY C 111 0.24 -50.69 -5.62
CA GLY C 111 -1.07 -51.37 -5.56
C GLY C 111 -2.18 -50.50 -4.97
N ARG C 112 -2.13 -49.19 -5.26
CA ARG C 112 -3.11 -48.25 -4.71
C ARG C 112 -3.51 -47.23 -5.78
N PRO C 113 -4.74 -46.69 -5.69
CA PRO C 113 -5.10 -45.61 -6.60
C PRO C 113 -4.28 -44.36 -6.31
N VAL C 114 -4.02 -43.56 -7.34
CA VAL C 114 -3.18 -42.36 -7.17
C VAL C 114 -3.62 -41.47 -6.00
N TRP C 115 -4.93 -41.24 -5.82
CA TRP C 115 -5.41 -40.37 -4.73
C TRP C 115 -4.95 -40.83 -3.34
N ALA C 116 -4.83 -42.15 -3.16
CA ALA C 116 -4.38 -42.72 -1.89
C ALA C 116 -2.94 -42.35 -1.56
N LEU C 117 -2.18 -41.98 -2.59
CA LEU C 117 -0.79 -41.58 -2.43
C LEU C 117 -0.65 -40.07 -2.22
N LEU C 118 -1.75 -39.35 -2.34
CA LEU C 118 -1.74 -37.88 -2.31
C LEU C 118 -2.36 -37.29 -1.04
N GLY C 119 -2.24 -38.03 0.06
CA GLY C 119 -2.83 -37.58 1.32
C GLY C 119 -4.18 -38.23 1.56
N GLY C 120 -4.53 -39.21 0.72
CA GLY C 120 -5.73 -40.01 0.90
C GLY C 120 -7.00 -39.35 0.38
N LYS C 121 -8.13 -39.92 0.76
CA LYS C 121 -9.42 -39.47 0.24
C LYS C 121 -10.03 -38.34 1.06
N MET C 122 -10.33 -37.22 0.38
CA MET C 122 -11.13 -36.15 0.96
C MET C 122 -12.57 -36.24 0.47
N ASN C 123 -12.73 -36.64 -0.79
CA ASN C 123 -14.00 -36.53 -1.49
C ASN C 123 -14.53 -37.83 -2.07
N PRO C 124 -15.46 -38.50 -1.36
CA PRO C 124 -16.03 -39.76 -1.87
C PRO C 124 -16.74 -39.56 -3.22
N ARG C 125 -17.22 -38.34 -3.47
CA ARG C 125 -17.76 -37.96 -4.75
C ARG C 125 -17.32 -36.56 -5.15
N ILE C 126 -17.05 -36.38 -6.43
CA ILE C 126 -16.54 -35.11 -6.95
C ILE C 126 -17.57 -34.51 -7.89
N ARG C 127 -17.96 -33.29 -7.61
CA ARG C 127 -18.93 -32.57 -8.42
C ARG C 127 -18.37 -32.33 -9.81
N ALA C 128 -19.14 -32.70 -10.84
CA ALA C 128 -18.73 -32.49 -12.23
C ALA C 128 -19.47 -31.32 -12.88
N TYR C 129 -18.90 -30.80 -13.96
CA TYR C 129 -19.65 -29.94 -14.84
C TYR C 129 -19.24 -30.15 -16.28
N THR C 130 -20.04 -29.61 -17.19
CA THR C 130 -19.77 -29.68 -18.62
C THR C 130 -20.12 -28.36 -19.28
N TYR C 131 -19.50 -28.11 -20.43
CA TYR C 131 -20.00 -27.08 -21.34
C TYR C 131 -21.38 -27.48 -21.82
N LEU C 132 -22.12 -26.50 -22.33
CA LEU C 132 -23.36 -26.77 -23.03
C LEU C 132 -23.01 -27.08 -24.48
N TYR C 133 -23.30 -28.31 -24.89
CA TYR C 133 -23.07 -28.77 -26.25
C TYR C 133 -24.41 -28.93 -26.97
N PRO C 134 -24.39 -28.84 -28.32
CA PRO C 134 -25.64 -28.96 -29.05
C PRO C 134 -26.30 -30.32 -28.83
N LEU C 135 -27.63 -30.30 -28.72
CA LEU C 135 -28.42 -31.53 -28.64
C LEU C 135 -28.50 -32.14 -30.05
N PRO C 136 -28.94 -33.40 -30.15
CA PRO C 136 -28.96 -34.04 -31.48
C PRO C 136 -29.74 -33.27 -32.55
N HIS C 137 -30.75 -32.50 -32.13
CA HIS C 137 -31.58 -31.74 -33.08
C HIS C 137 -31.14 -30.28 -33.28
N HIS C 138 -30.04 -29.89 -32.62
CA HIS C 138 -29.50 -28.54 -32.78
C HIS C 138 -28.50 -28.48 -33.94
N PRO C 139 -28.67 -27.51 -34.85
CA PRO C 139 -27.62 -27.25 -35.85
C PRO C 139 -26.36 -26.73 -35.14
N ILE C 140 -25.19 -27.26 -35.52
CA ILE C 140 -23.94 -26.96 -34.82
C ILE C 140 -23.58 -25.47 -34.78
N THR C 141 -23.41 -24.86 -35.95
CA THR C 141 -22.95 -23.47 -36.03
C THR C 141 -23.90 -22.42 -35.41
N PRO C 142 -25.22 -22.51 -35.69
CA PRO C 142 -26.15 -21.58 -35.04
C PRO C 142 -26.25 -21.78 -33.52
N PHE C 143 -25.93 -22.98 -33.05
CA PHE C 143 -26.06 -23.30 -31.62
C PHE C 143 -25.29 -22.34 -30.71
N TRP C 144 -24.07 -22.02 -31.10
CA TRP C 144 -23.13 -21.25 -30.28
C TRP C 144 -23.58 -19.84 -29.95
N THR C 145 -24.44 -19.28 -30.81
CA THR C 145 -24.96 -17.93 -30.58
C THR C 145 -26.46 -17.94 -30.27
N SER C 146 -27.02 -19.13 -30.00
CA SER C 146 -28.45 -19.25 -29.71
C SER C 146 -28.72 -19.46 -28.21
N ALA C 147 -29.28 -18.44 -27.58
CA ALA C 147 -29.65 -18.53 -26.16
C ALA C 147 -30.73 -19.57 -25.92
N ASP C 148 -31.66 -19.69 -26.88
CA ASP C 148 -32.76 -20.66 -26.78
C ASP C 148 -32.24 -22.10 -26.79
N MET C 149 -31.33 -22.40 -27.71
CA MET C 149 -30.74 -23.74 -27.82
C MET C 149 -29.85 -24.04 -26.62
N ALA C 150 -29.10 -23.04 -26.17
CA ALA C 150 -28.27 -23.19 -24.96
C ALA C 150 -29.11 -23.54 -23.74
N ALA C 151 -30.25 -22.85 -23.59
CA ALA C 151 -31.18 -23.11 -22.49
C ALA C 151 -31.77 -24.53 -22.54
N GLU C 152 -32.04 -25.02 -23.74
CA GLU C 152 -32.51 -26.40 -23.94
C GLU C 152 -31.42 -27.41 -23.56
N SER C 153 -30.18 -27.12 -23.97
CA SER C 153 -29.04 -27.96 -23.61
CA SER C 153 -29.04 -27.95 -23.61
C SER C 153 -28.85 -27.98 -22.09
N ALA C 154 -29.00 -26.82 -21.46
CA ALA C 154 -28.88 -26.67 -20.01
C ALA C 154 -29.91 -27.51 -19.26
N ALA C 155 -31.16 -27.50 -19.74
CA ALA C 155 -32.23 -28.28 -19.14
C ALA C 155 -31.93 -29.77 -19.24
N ASP C 156 -31.37 -30.19 -20.37
CA ASP C 156 -30.94 -31.57 -20.59
C ASP C 156 -29.83 -31.98 -19.62
N CYS C 157 -28.82 -31.11 -19.45
CA CYS C 157 -27.75 -31.36 -18.49
C CYS C 157 -28.28 -31.56 -17.07
N VAL C 158 -29.22 -30.71 -16.66
CA VAL C 158 -29.84 -30.83 -15.34
C VAL C 158 -30.65 -32.13 -15.23
N ALA C 159 -31.36 -32.50 -16.29
CA ALA C 159 -32.11 -33.75 -16.32
C ALA C 159 -31.21 -34.97 -16.09
N ARG C 160 -29.97 -34.88 -16.56
CA ARG C 160 -29.00 -35.95 -16.40
C ARG C 160 -28.16 -35.82 -15.12
N GLY C 161 -28.49 -34.83 -14.30
CA GLY C 161 -27.91 -34.71 -12.96
C GLY C 161 -26.83 -33.65 -12.75
N TYR C 162 -26.46 -32.93 -13.81
CA TYR C 162 -25.45 -31.87 -13.67
C TYR C 162 -25.97 -30.73 -12.80
N THR C 163 -25.08 -30.21 -11.93
CA THR C 163 -25.41 -29.14 -10.98
C THR C 163 -24.71 -27.83 -11.37
N ALA C 164 -24.09 -27.81 -12.53
CA ALA C 164 -23.40 -26.62 -13.03
C ALA C 164 -23.14 -26.78 -14.52
N VAL C 165 -23.34 -25.70 -15.28
CA VAL C 165 -23.13 -25.73 -16.73
C VAL C 165 -22.34 -24.49 -17.17
N LYS C 166 -21.54 -24.66 -18.22
CA LYS C 166 -20.66 -23.59 -18.70
C LYS C 166 -20.95 -23.22 -20.15
N PHE C 167 -20.76 -21.95 -20.46
CA PHE C 167 -21.03 -21.40 -21.81
C PHE C 167 -20.23 -20.11 -22.01
N ASP C 168 -19.83 -19.85 -23.26
CA ASP C 168 -19.22 -18.58 -23.61
C ASP C 168 -19.91 -17.96 -24.80
N PRO C 169 -20.82 -17.01 -24.54
CA PRO C 169 -21.53 -16.36 -25.64
C PRO C 169 -20.94 -14.99 -25.99
N ALA C 170 -19.73 -14.70 -25.49
CA ALA C 170 -19.21 -13.31 -25.47
C ALA C 170 -18.33 -12.91 -26.66
N GLY C 171 -18.20 -13.80 -27.63
CA GLY C 171 -17.52 -13.45 -28.89
C GLY C 171 -16.14 -14.07 -29.06
N PRO C 172 -15.50 -13.83 -30.22
CA PRO C 172 -14.24 -14.49 -30.53
C PRO C 172 -13.06 -13.96 -29.73
N TYR C 173 -12.11 -14.83 -29.43
CA TYR C 173 -10.82 -14.44 -28.90
C TYR C 173 -9.87 -14.37 -30.08
N THR C 174 -9.09 -13.28 -30.16
CA THR C 174 -8.18 -13.06 -31.27
C THR C 174 -6.74 -12.87 -30.82
N LEU C 175 -5.83 -12.94 -31.78
CA LEU C 175 -4.39 -12.86 -31.50
C LEU C 175 -3.92 -11.44 -31.15
N ARG C 176 -4.79 -10.45 -31.34
CA ARG C 176 -4.46 -9.05 -31.06
C ARG C 176 -4.31 -8.75 -29.56
N GLY C 177 -4.90 -9.61 -28.74
CA GLY C 177 -4.98 -9.34 -27.30
C GLY C 177 -6.38 -8.85 -26.96
N GLY C 178 -6.53 -8.28 -25.77
CA GLY C 178 -7.84 -7.87 -25.29
C GLY C 178 -8.51 -6.86 -26.22
N HIS C 179 -9.83 -6.96 -26.35
CA HIS C 179 -10.60 -5.97 -27.08
C HIS C 179 -11.81 -5.57 -26.24
N MET C 180 -12.50 -4.49 -26.63
CA MET C 180 -13.74 -4.09 -25.97
C MET C 180 -14.88 -4.92 -26.57
N PRO C 181 -15.76 -5.50 -25.73
CA PRO C 181 -16.88 -6.24 -26.32
C PRO C 181 -17.78 -5.34 -27.15
N ALA C 182 -18.39 -5.90 -28.20
CA ALA C 182 -19.44 -5.18 -28.93
C ALA C 182 -20.67 -5.10 -28.05
N MET C 183 -21.54 -4.12 -28.27
CA MET C 183 -22.80 -4.09 -27.52
C MET C 183 -23.58 -5.40 -27.70
N THR C 184 -23.53 -5.98 -28.90
CA THR C 184 -24.22 -7.24 -29.16
C THR C 184 -23.63 -8.42 -28.35
N ASP C 185 -22.32 -8.37 -28.08
CA ASP C 185 -21.67 -9.36 -27.20
C ASP C 185 -22.24 -9.27 -25.79
N ILE C 186 -22.44 -8.06 -25.30
CA ILE C 186 -22.98 -7.86 -23.96
C ILE C 186 -24.44 -8.32 -23.90
N SER C 187 -25.25 -7.88 -24.86
CA SER C 187 -26.67 -8.26 -24.89
CA SER C 187 -26.68 -8.25 -24.89
C SER C 187 -26.88 -9.76 -25.06
N LEU C 188 -26.05 -10.39 -25.91
CA LEU C 188 -26.15 -11.84 -26.07
C LEU C 188 -25.79 -12.58 -24.77
N SER C 189 -24.77 -12.07 -24.07
CA SER C 189 -24.34 -12.67 -22.81
C SER C 189 -25.45 -12.59 -21.77
N VAL C 190 -26.12 -11.44 -21.73
CA VAL C 190 -27.26 -11.21 -20.85
C VAL C 190 -28.42 -12.16 -21.20
N GLU C 191 -28.72 -12.29 -22.48
CA GLU C 191 -29.78 -13.17 -22.96
C GLU C 191 -29.52 -14.65 -22.60
N PHE C 192 -28.28 -15.11 -22.84
CA PHE C 192 -27.83 -16.44 -22.42
C PHE C 192 -28.05 -16.66 -20.92
N CYS C 193 -27.49 -15.77 -20.10
CA CYS C 193 -27.63 -15.91 -18.64
C CYS C 193 -29.09 -15.90 -18.19
N ARG C 194 -29.89 -14.99 -18.75
CA ARG C 194 -31.31 -14.90 -18.42
C ARG C 194 -32.08 -16.18 -18.75
N LYS C 195 -31.92 -16.67 -19.97
CA LYS C 195 -32.67 -17.85 -20.42
C LYS C 195 -32.18 -19.17 -19.80
N ILE C 196 -30.87 -19.28 -19.62
CA ILE C 196 -30.29 -20.45 -18.97
C ILE C 196 -30.69 -20.52 -17.49
N ARG C 197 -30.61 -19.39 -16.79
CA ARG C 197 -31.15 -19.26 -15.42
C ARG C 197 -32.64 -19.62 -15.36
N ALA C 198 -33.41 -19.15 -16.33
CA ALA C 198 -34.84 -19.48 -16.39
C ALA C 198 -35.03 -20.98 -16.55
N ALA C 199 -34.16 -21.61 -17.33
CA ALA C 199 -34.27 -23.03 -17.64
C ALA C 199 -33.84 -23.95 -16.48
N VAL C 200 -32.85 -23.53 -15.69
CA VAL C 200 -32.33 -24.37 -14.60
C VAL C 200 -32.79 -23.95 -13.19
N GLY C 201 -33.24 -22.70 -13.04
CA GLY C 201 -33.61 -22.15 -11.74
C GLY C 201 -32.49 -22.34 -10.73
N ASP C 202 -32.84 -22.93 -9.58
CA ASP C 202 -31.88 -23.23 -8.51
C ASP C 202 -31.18 -24.57 -8.64
N LYS C 203 -31.49 -25.32 -9.68
CA LYS C 203 -31.00 -26.69 -9.84
C LYS C 203 -29.54 -26.75 -10.31
N ALA C 204 -29.03 -25.65 -10.83
CA ALA C 204 -27.66 -25.60 -11.34
C ALA C 204 -27.07 -24.20 -11.32
N ASP C 205 -25.76 -24.13 -11.21
CA ASP C 205 -25.02 -22.89 -11.31
C ASP C 205 -24.67 -22.56 -12.75
N LEU C 206 -24.59 -21.26 -13.04
CA LEU C 206 -24.10 -20.80 -14.34
C LEU C 206 -22.61 -20.48 -14.23
N LEU C 207 -21.83 -21.06 -15.16
CA LEU C 207 -20.41 -20.80 -15.23
C LEU C 207 -20.19 -19.99 -16.50
N PHE C 208 -19.73 -18.75 -16.33
CA PHE C 208 -19.54 -17.89 -17.48
C PHE C 208 -18.12 -18.10 -18.00
N GLY C 209 -18.03 -18.92 -19.04
CA GLY C 209 -16.77 -19.50 -19.48
C GLY C 209 -16.02 -18.73 -20.54
N THR C 210 -15.77 -17.45 -20.27
CA THR C 210 -15.02 -16.58 -21.19
C THR C 210 -13.60 -17.11 -21.50
N HIS C 211 -13.01 -16.60 -22.57
CA HIS C 211 -11.71 -17.09 -23.04
C HIS C 211 -10.64 -16.00 -23.12
N GLY C 212 -10.67 -15.07 -22.17
CA GLY C 212 -9.67 -14.00 -22.10
C GLY C 212 -9.70 -13.04 -23.29
N GLN C 213 -10.91 -12.77 -23.79
CA GLN C 213 -11.11 -11.92 -24.97
C GLN C 213 -10.82 -10.44 -24.73
N PHE C 214 -10.89 -10.02 -23.46
CA PHE C 214 -11.17 -8.62 -23.16
C PHE C 214 -10.07 -7.80 -22.53
N THR C 215 -10.09 -6.50 -22.85
CA THR C 215 -9.36 -5.51 -22.08
C THR C 215 -9.99 -5.53 -20.70
N THR C 216 -9.25 -5.02 -19.71
CA THR C 216 -9.76 -4.89 -18.35
C THR C 216 -11.07 -4.10 -18.36
N ALA C 217 -11.07 -2.96 -19.05
CA ALA C 217 -12.26 -2.13 -19.22
C ALA C 217 -13.44 -2.93 -19.78
N GLY C 218 -13.17 -3.69 -20.84
CA GLY C 218 -14.17 -4.54 -21.49
C GLY C 218 -14.72 -5.63 -20.60
N ALA C 219 -13.83 -6.29 -19.85
CA ALA C 219 -14.24 -7.34 -18.91
C ALA C 219 -15.16 -6.82 -17.81
N ILE C 220 -14.87 -5.60 -17.35
CA ILE C 220 -15.70 -4.96 -16.31
C ILE C 220 -17.08 -4.58 -16.85
N ARG C 221 -17.13 -3.99 -18.05
CA ARG C 221 -18.42 -3.65 -18.68
C ARG C 221 -19.29 -4.90 -18.90
N LEU C 222 -18.66 -5.98 -19.37
CA LEU C 222 -19.39 -7.23 -19.56
C LEU C 222 -19.80 -7.84 -18.23
N GLY C 223 -18.88 -7.84 -17.27
CA GLY C 223 -19.13 -8.47 -15.97
C GLY C 223 -20.30 -7.86 -15.21
N GLN C 224 -20.35 -6.53 -15.15
CA GLN C 224 -21.44 -5.87 -14.45
C GLN C 224 -22.81 -6.19 -15.08
N ALA C 225 -22.86 -6.43 -16.39
CA ALA C 225 -24.11 -6.74 -17.07
C ALA C 225 -24.67 -8.12 -16.72
N ILE C 226 -23.80 -9.06 -16.37
CA ILE C 226 -24.25 -10.42 -16.08
C ILE C 226 -24.42 -10.73 -14.60
N GLU C 227 -23.98 -9.81 -13.73
CA GLU C 227 -24.14 -9.95 -12.28
C GLU C 227 -25.56 -10.33 -11.77
N PRO C 228 -26.63 -9.77 -12.36
CA PRO C 228 -27.99 -10.10 -11.86
C PRO C 228 -28.38 -11.57 -11.94
N TYR C 229 -27.63 -12.37 -12.70
CA TYR C 229 -28.00 -13.78 -12.92
C TYR C 229 -27.21 -14.72 -12.02
N SER C 230 -26.44 -14.12 -11.11
CA SER C 230 -25.65 -14.81 -10.10
C SER C 230 -24.77 -15.92 -10.68
N PRO C 231 -23.96 -15.60 -11.71
CA PRO C 231 -23.08 -16.65 -12.20
C PRO C 231 -22.05 -17.04 -11.13
N LEU C 232 -21.78 -18.33 -11.02
CA LEU C 232 -20.86 -18.81 -10.00
C LEU C 232 -19.43 -18.32 -10.27
N TRP C 233 -19.01 -18.31 -11.53
CA TRP C 233 -17.70 -17.74 -11.86
C TRP C 233 -17.66 -17.03 -13.21
N TYR C 234 -16.66 -16.15 -13.35
CA TYR C 234 -16.36 -15.38 -14.54
C TYR C 234 -14.97 -15.81 -14.94
N GLU C 235 -14.88 -16.65 -15.97
CA GLU C 235 -13.62 -17.36 -16.32
C GLU C 235 -12.76 -16.51 -17.26
N GLU C 236 -11.44 -16.52 -17.02
CA GLU C 236 -10.48 -15.80 -17.87
C GLU C 236 -11.07 -14.50 -18.47
N PRO C 237 -11.41 -13.52 -17.62
CA PRO C 237 -12.02 -12.30 -18.21
C PRO C 237 -11.05 -11.52 -19.09
N VAL C 238 -9.75 -11.67 -18.84
CA VAL C 238 -8.71 -10.97 -19.61
C VAL C 238 -7.65 -12.00 -20.05
N PRO C 239 -6.78 -11.62 -21.02
CA PRO C 239 -5.70 -12.55 -21.43
C PRO C 239 -4.80 -12.92 -20.23
N PRO C 240 -4.15 -14.11 -20.29
CA PRO C 240 -3.44 -14.67 -19.14
C PRO C 240 -2.04 -14.08 -18.86
N ASP C 241 -1.72 -12.93 -19.46
CA ASP C 241 -0.37 -12.38 -19.38
C ASP C 241 -0.26 -11.11 -18.52
N ASN C 242 -1.21 -10.90 -17.62
CA ASN C 242 -1.25 -9.69 -16.81
C ASN C 242 -2.09 -9.92 -15.54
N VAL C 243 -1.40 -10.24 -14.45
CA VAL C 243 -2.06 -10.55 -13.18
C VAL C 243 -2.75 -9.33 -12.58
N GLY C 244 -2.09 -8.18 -12.64
CA GLY C 244 -2.66 -6.91 -12.17
C GLY C 244 -3.96 -6.55 -12.85
N ALA C 245 -4.00 -6.73 -14.17
CA ALA C 245 -5.23 -6.48 -14.94
C ALA C 245 -6.36 -7.38 -14.48
N MET C 246 -6.07 -8.66 -14.30
CA MET C 246 -7.10 -9.56 -13.83
C MET C 246 -7.59 -9.17 -12.43
N ALA C 247 -6.66 -8.82 -11.54
CA ALA C 247 -7.04 -8.36 -10.20
C ALA C 247 -7.95 -7.11 -10.24
N GLN C 248 -7.70 -6.21 -11.20
CA GLN C 248 -8.57 -5.05 -11.41
C GLN C 248 -10.00 -5.47 -11.75
N VAL C 249 -10.14 -6.50 -12.59
CA VAL C 249 -11.46 -7.03 -12.91
C VAL C 249 -12.14 -7.63 -11.67
N ALA C 250 -11.41 -8.49 -10.95
CA ALA C 250 -11.95 -9.13 -9.73
C ALA C 250 -12.47 -8.11 -8.70
N ARG C 251 -11.75 -7.01 -8.52
CA ARG C 251 -12.16 -5.95 -7.59
C ARG C 251 -13.38 -5.16 -8.10
N ALA C 252 -13.55 -5.09 -9.41
CA ALA C 252 -14.57 -4.26 -10.03
C ALA C 252 -15.86 -5.00 -10.40
N VAL C 253 -15.86 -6.33 -10.35
CA VAL C 253 -17.07 -7.09 -10.64
C VAL C 253 -17.47 -7.96 -9.45
N ARG C 254 -18.76 -8.15 -9.25
CA ARG C 254 -19.24 -8.88 -8.08
C ARG C 254 -19.31 -10.40 -8.30
N ILE C 255 -18.62 -10.90 -9.34
CA ILE C 255 -18.59 -12.33 -9.65
C ILE C 255 -17.20 -12.87 -9.35
N PRO C 256 -17.09 -14.05 -8.67
CA PRO C 256 -15.76 -14.64 -8.47
C PRO C 256 -15.05 -14.87 -9.81
N VAL C 257 -13.77 -14.56 -9.87
CA VAL C 257 -13.01 -14.75 -11.10
C VAL C 257 -12.32 -16.10 -11.04
N ALA C 258 -12.39 -16.84 -12.14
CA ALA C 258 -11.71 -18.13 -12.26
C ALA C 258 -10.71 -18.05 -13.39
N THR C 259 -9.55 -18.67 -13.21
CA THR C 259 -8.53 -18.71 -14.25
C THR C 259 -7.49 -19.81 -14.02
N GLY C 260 -6.67 -20.07 -15.02
CA GLY C 260 -5.48 -20.89 -14.82
C GLY C 260 -5.11 -21.86 -15.92
N GLU C 261 -6.04 -22.12 -16.85
CA GLU C 261 -5.77 -23.12 -17.91
C GLU C 261 -4.59 -22.79 -18.81
N ARG C 262 -4.19 -21.53 -18.84
CA ARG C 262 -3.07 -21.10 -19.67
C ARG C 262 -1.84 -20.73 -18.82
N LEU C 263 -1.91 -21.03 -17.53
CA LEU C 263 -0.80 -20.78 -16.62
C LEU C 263 -0.03 -22.05 -16.31
N THR C 264 1.19 -21.90 -15.83
CA THR C 264 2.03 -23.07 -15.53
C THR C 264 2.95 -22.87 -14.33
N THR C 265 2.96 -23.89 -13.46
CA THR C 265 3.72 -23.96 -12.20
C THR C 265 3.21 -23.02 -11.10
N LYS C 266 3.55 -23.38 -9.87
CA LYS C 266 3.26 -22.57 -8.70
C LYS C 266 3.84 -21.14 -8.81
N ALA C 267 4.90 -20.98 -9.59
CA ALA C 267 5.50 -19.65 -9.79
C ALA C 267 4.52 -18.69 -10.48
N GLU C 268 3.56 -19.24 -11.22
CA GLU C 268 2.54 -18.40 -11.86
C GLU C 268 1.25 -18.34 -11.07
N PHE C 269 0.89 -19.44 -10.42
CA PHE C 269 -0.32 -19.48 -9.60
C PHE C 269 -0.21 -18.68 -8.32
N ALA C 270 0.97 -18.66 -7.70
CA ALA C 270 1.14 -17.92 -6.45
C ALA C 270 0.82 -16.42 -6.59
N PRO C 271 1.35 -15.74 -7.62
CA PRO C 271 0.99 -14.33 -7.76
C PRO C 271 -0.50 -14.08 -8.03
N VAL C 272 -1.15 -14.98 -8.78
CA VAL C 272 -2.60 -14.90 -9.03
C VAL C 272 -3.37 -14.84 -7.70
N LEU C 273 -3.02 -15.74 -6.79
CA LEU C 273 -3.61 -15.75 -5.46
C LEU C 273 -3.23 -14.49 -4.67
N ARG C 274 -1.93 -14.18 -4.65
CA ARG C 274 -1.39 -13.10 -3.82
C ARG C 274 -1.99 -11.73 -4.17
N GLU C 275 -2.21 -11.48 -5.46
CA GLU C 275 -2.74 -10.20 -5.92
CA GLU C 275 -2.74 -10.20 -5.93
C GLU C 275 -4.27 -10.19 -5.93
N GLY C 276 -4.88 -11.32 -5.60
CA GLY C 276 -6.34 -11.44 -5.65
C GLY C 276 -6.90 -11.45 -7.07
N ALA C 277 -6.13 -11.96 -8.02
CA ALA C 277 -6.57 -11.99 -9.42
C ALA C 277 -7.68 -13.00 -9.68
N ALA C 278 -7.72 -14.08 -8.89
CA ALA C 278 -8.72 -15.11 -9.05
C ALA C 278 -9.00 -15.84 -7.72
N ALA C 279 -10.23 -16.32 -7.59
CA ALA C 279 -10.69 -17.02 -6.40
C ALA C 279 -10.74 -18.51 -6.66
N ILE C 280 -10.72 -18.87 -7.93
CA ILE C 280 -10.85 -20.26 -8.38
C ILE C 280 -9.76 -20.52 -9.41
N LEU C 281 -8.98 -21.57 -9.17
CA LEU C 281 -7.82 -21.90 -10.00
C LEU C 281 -8.12 -23.10 -10.88
N GLN C 282 -7.86 -22.95 -12.18
CA GLN C 282 -8.23 -23.96 -13.18
C GLN C 282 -7.03 -24.47 -13.99
N PRO C 283 -6.02 -25.04 -13.32
CA PRO C 283 -4.89 -25.54 -14.09
C PRO C 283 -5.31 -26.70 -14.98
N ALA C 284 -4.66 -26.77 -16.15
CA ALA C 284 -4.62 -28.01 -16.91
C ALA C 284 -3.40 -28.77 -16.40
N LEU C 285 -3.64 -29.90 -15.76
CA LEU C 285 -2.55 -30.68 -15.16
C LEU C 285 -1.51 -31.14 -16.18
N GLY C 286 -1.92 -31.30 -17.44
CA GLY C 286 -1.00 -31.66 -18.52
C GLY C 286 -0.18 -30.48 -19.03
N ARG C 287 -0.42 -29.30 -18.47
CA ARG C 287 0.35 -28.11 -18.79
C ARG C 287 1.11 -27.57 -17.59
N ALA C 288 0.45 -27.56 -16.44
CA ALA C 288 0.86 -26.73 -15.31
C ALA C 288 1.97 -27.29 -14.44
N GLY C 289 2.47 -28.49 -14.76
CA GLY C 289 3.55 -29.10 -13.97
C GLY C 289 3.21 -30.49 -13.44
N GLY C 290 2.01 -30.99 -13.74
CA GLY C 290 1.56 -32.30 -13.28
C GLY C 290 0.85 -32.29 -11.93
N ILE C 291 0.62 -33.48 -11.39
CA ILE C 291 -0.21 -33.68 -10.20
C ILE C 291 0.43 -33.11 -8.93
N TRP C 292 1.71 -33.38 -8.71
CA TRP C 292 2.37 -33.03 -7.46
C TRP C 292 2.51 -31.51 -7.37
N GLU C 293 2.95 -30.91 -8.48
CA GLU C 293 3.06 -29.46 -8.57
C GLU C 293 1.70 -28.79 -8.31
N MET C 294 0.61 -29.41 -8.79
CA MET C 294 -0.72 -28.85 -8.56
C MET C 294 -1.22 -29.08 -7.13
N LYS C 295 -0.77 -30.15 -6.49
CA LYS C 295 -0.99 -30.30 -5.04
C LYS C 295 -0.38 -29.12 -4.27
N LYS C 296 0.79 -28.68 -4.68
CA LYS C 296 1.44 -27.51 -4.06
C LYS C 296 0.56 -26.27 -4.22
N VAL C 297 0.05 -26.08 -5.43
CA VAL C 297 -0.86 -24.97 -5.72
C VAL C 297 -2.17 -25.08 -4.92
N ALA C 298 -2.71 -26.29 -4.79
CA ALA C 298 -3.94 -26.50 -4.01
C ALA C 298 -3.78 -26.09 -2.55
N ALA C 299 -2.62 -26.38 -1.97
CA ALA C 299 -2.28 -25.97 -0.60
C ALA C 299 -2.21 -24.45 -0.48
N MET C 300 -1.61 -23.81 -1.48
CA MET C 300 -1.56 -22.34 -1.55
C MET C 300 -2.97 -21.73 -1.64
N ALA C 301 -3.83 -22.33 -2.47
CA ALA C 301 -5.23 -21.89 -2.56
C ALA C 301 -5.93 -21.99 -1.19
N GLU C 302 -5.60 -23.03 -0.43
CA GLU C 302 -6.17 -23.23 0.92
C GLU C 302 -5.96 -22.03 1.83
N VAL C 303 -4.76 -21.45 1.82
CA VAL C 303 -4.45 -20.31 2.70
C VAL C 303 -4.94 -18.98 2.13
N TYR C 304 -5.60 -19.05 0.97
CA TYR C 304 -6.36 -17.90 0.45
C TYR C 304 -7.87 -18.16 0.52
N ASN C 305 -8.27 -19.26 1.18
CA ASN C 305 -9.69 -19.66 1.22
C ASN C 305 -10.25 -19.68 -0.20
N ALA C 306 -9.45 -20.24 -1.10
CA ALA C 306 -9.74 -20.32 -2.54
C ALA C 306 -9.81 -21.79 -2.93
N GLN C 307 -10.33 -22.07 -4.12
CA GLN C 307 -10.61 -23.46 -4.52
C GLN C 307 -10.04 -23.81 -5.89
N MET C 308 -9.87 -25.11 -6.12
CA MET C 308 -9.41 -25.66 -7.39
C MET C 308 -10.60 -26.18 -8.22
N ALA C 309 -10.50 -25.97 -9.52
CA ALA C 309 -11.45 -26.52 -10.49
C ALA C 309 -10.65 -26.94 -11.73
N PRO C 310 -10.05 -28.15 -11.69
CA PRO C 310 -9.15 -28.59 -12.77
C PRO C 310 -9.78 -28.48 -14.16
N HIS C 311 -9.00 -27.92 -15.08
CA HIS C 311 -9.41 -27.71 -16.46
C HIS C 311 -9.45 -29.01 -17.24
N LEU C 312 -10.43 -29.14 -18.11
CA LEU C 312 -10.40 -30.17 -19.12
C LEU C 312 -10.92 -29.67 -20.46
N TYR C 313 -10.00 -29.49 -21.39
CA TYR C 313 -10.37 -29.44 -22.80
C TYR C 313 -9.38 -30.30 -23.55
N ALA C 314 -9.44 -31.60 -23.24
CA ALA C 314 -8.46 -32.57 -23.69
C ALA C 314 -9.05 -33.96 -23.45
N GLY C 315 -8.19 -34.98 -23.44
CA GLY C 315 -8.65 -36.36 -23.33
C GLY C 315 -8.93 -36.90 -21.94
N PRO C 316 -9.38 -38.16 -21.88
CA PRO C 316 -9.78 -38.79 -20.61
C PRO C 316 -8.58 -39.14 -19.71
N VAL C 317 -7.37 -39.14 -20.25
CA VAL C 317 -6.17 -39.43 -19.45
C VAL C 317 -5.84 -38.25 -18.55
N GLU C 318 -5.79 -37.05 -19.13
CA GLU C 318 -5.66 -35.86 -18.29
C GLU C 318 -6.82 -35.78 -17.30
N TRP C 319 -8.04 -36.11 -17.76
CA TRP C 319 -9.21 -36.10 -16.90
C TRP C 319 -9.04 -37.02 -15.68
N ALA C 320 -8.53 -38.24 -15.91
CA ALA C 320 -8.26 -39.19 -14.85
C ALA C 320 -7.30 -38.61 -13.80
N ALA C 321 -6.26 -37.92 -14.27
CA ALA C 321 -5.34 -37.19 -13.39
C ALA C 321 -6.09 -36.15 -12.55
N ASN C 322 -6.98 -35.39 -13.19
CA ASN C 322 -7.83 -34.41 -12.50
C ASN C 322 -8.66 -35.04 -11.38
N VAL C 323 -9.21 -36.22 -11.65
CA VAL C 323 -10.06 -36.95 -10.72
C VAL C 323 -9.31 -37.34 -9.45
N HIS C 324 -8.14 -37.97 -9.61
CA HIS C 324 -7.31 -38.34 -8.46
C HIS C 324 -6.82 -37.14 -7.65
N PHE C 325 -6.40 -36.10 -8.35
CA PHE C 325 -6.05 -34.82 -7.72
C PHE C 325 -7.23 -34.29 -6.90
N ALA C 326 -8.39 -34.13 -7.56
CA ALA C 326 -9.62 -33.66 -6.90
C ALA C 326 -10.01 -34.48 -5.67
N ALA C 327 -9.91 -35.80 -5.79
CA ALA C 327 -10.29 -36.70 -4.70
C ALA C 327 -9.49 -36.46 -3.40
N SER C 328 -8.26 -35.95 -3.55
CA SER C 328 -7.32 -35.81 -2.44
C SER C 328 -7.25 -34.43 -1.79
N ILE C 329 -8.00 -33.46 -2.30
CA ILE C 329 -7.89 -32.07 -1.78
C ILE C 329 -9.16 -31.61 -1.05
N PRO C 330 -8.98 -30.91 0.09
CA PRO C 330 -10.15 -30.39 0.80
C PRO C 330 -10.86 -29.27 0.05
N ASN C 331 -10.13 -28.52 -0.78
CA ASN C 331 -10.64 -27.33 -1.44
C ASN C 331 -10.96 -27.50 -2.93
N ILE C 332 -11.62 -28.61 -3.26
CA ILE C 332 -12.15 -28.85 -4.61
C ILE C 332 -13.51 -28.16 -4.77
N LEU C 333 -13.68 -27.49 -5.90
CA LEU C 333 -14.97 -26.91 -6.29
C LEU C 333 -15.69 -27.90 -7.21
N MET C 334 -15.11 -28.18 -8.37
CA MET C 334 -15.72 -29.10 -9.33
C MET C 334 -14.73 -29.50 -10.41
N CYS C 335 -15.02 -30.59 -11.11
CA CYS C 335 -14.19 -31.08 -12.22
C CYS C 335 -14.87 -30.93 -13.59
N GLU C 336 -14.25 -30.12 -14.47
CA GLU C 336 -14.67 -30.03 -15.86
C GLU C 336 -14.62 -31.40 -16.50
N SER C 337 -15.68 -31.74 -17.23
CA SER C 337 -15.82 -33.07 -17.84
C SER C 337 -16.40 -32.90 -19.24
N ILE C 338 -16.05 -33.84 -20.12
CA ILE C 338 -16.57 -33.89 -21.48
C ILE C 338 -16.99 -35.34 -21.76
N GLU C 339 -18.28 -35.56 -21.97
CA GLU C 339 -18.78 -36.88 -22.28
C GLU C 339 -18.91 -37.05 -23.79
N THR C 340 -18.00 -37.82 -24.37
CA THR C 340 -18.13 -38.27 -25.77
C THR C 340 -17.90 -39.78 -25.82
N PRO C 341 -18.47 -40.46 -26.83
CA PRO C 341 -18.19 -41.89 -27.03
C PRO C 341 -16.69 -42.17 -27.11
N PHE C 342 -15.92 -41.27 -27.73
CA PHE C 342 -14.48 -41.44 -27.88
C PHE C 342 -13.71 -41.31 -26.56
N HIS C 343 -14.02 -40.29 -25.76
CA HIS C 343 -13.47 -40.15 -24.42
C HIS C 343 -13.66 -41.46 -23.65
N ASP C 344 -14.90 -41.94 -23.61
CA ASP C 344 -15.23 -43.16 -22.86
C ASP C 344 -14.49 -44.39 -23.38
N ALA C 345 -14.49 -44.55 -24.70
CA ALA C 345 -13.85 -45.71 -25.35
C ALA C 345 -12.34 -45.75 -25.12
N LEU C 346 -11.71 -44.57 -25.12
CA LEU C 346 -10.26 -44.48 -24.98
C LEU C 346 -9.76 -44.97 -23.60
N ILE C 347 -10.60 -44.88 -22.59
CA ILE C 347 -10.28 -45.44 -21.27
C ILE C 347 -11.22 -46.61 -20.92
N LYS C 348 -11.87 -47.16 -21.95
CA LYS C 348 -12.76 -48.33 -21.80
C LYS C 348 -13.76 -48.18 -20.65
N GLY C 349 -14.35 -46.99 -20.54
CA GLY C 349 -15.35 -46.68 -19.50
C GLY C 349 -14.90 -46.88 -18.06
N SER C 350 -13.61 -46.76 -17.81
CA SER C 350 -13.01 -47.01 -16.48
CA SER C 350 -13.05 -47.04 -16.48
C SER C 350 -13.48 -46.02 -15.42
N ILE C 351 -13.66 -44.77 -15.85
CA ILE C 351 -14.14 -43.70 -14.98
C ILE C 351 -15.23 -42.94 -15.73
N ARG C 352 -16.35 -42.66 -15.07
CA ARG C 352 -17.48 -41.98 -15.71
C ARG C 352 -18.12 -40.96 -14.78
N VAL C 353 -18.73 -39.93 -15.36
CA VAL C 353 -19.67 -39.08 -14.65
C VAL C 353 -20.96 -39.90 -14.48
N GLU C 354 -21.47 -39.97 -13.25
CA GLU C 354 -22.73 -40.64 -12.96
C GLU C 354 -23.61 -39.66 -12.20
N GLY C 355 -24.72 -39.25 -12.79
CA GLY C 355 -25.64 -38.31 -12.14
C GLY C 355 -24.98 -37.02 -11.67
N GLY C 356 -24.10 -36.47 -12.50
CA GLY C 356 -23.45 -35.19 -12.21
C GLY C 356 -22.26 -35.24 -11.27
N TYR C 357 -21.85 -36.45 -10.87
CA TYR C 357 -20.74 -36.64 -9.95
C TYR C 357 -19.80 -37.77 -10.41
N ILE C 358 -18.57 -37.73 -9.90
CA ILE C 358 -17.54 -38.71 -10.22
C ILE C 358 -17.06 -39.37 -8.95
N THR C 359 -17.10 -40.70 -8.93
CA THR C 359 -16.53 -41.49 -7.86
C THR C 359 -15.05 -41.78 -8.17
N PRO C 360 -14.14 -41.40 -7.25
CA PRO C 360 -12.72 -41.73 -7.46
C PRO C 360 -12.54 -43.24 -7.60
N PRO C 361 -11.77 -43.70 -8.60
CA PRO C 361 -11.58 -45.14 -8.80
C PRO C 361 -10.77 -45.81 -7.68
N GLU C 362 -11.05 -47.09 -7.47
CA GLU C 362 -10.41 -47.86 -6.41
C GLU C 362 -9.27 -48.76 -6.93
N ALA C 363 -9.18 -48.91 -8.25
CA ALA C 363 -8.13 -49.71 -8.88
C ALA C 363 -6.75 -49.04 -8.73
N PRO C 364 -5.66 -49.79 -8.93
CA PRO C 364 -4.33 -49.18 -8.79
C PRO C 364 -4.05 -48.14 -9.85
N GLY C 365 -3.20 -47.18 -9.52
CA GLY C 365 -2.78 -46.15 -10.47
C GLY C 365 -3.88 -45.14 -10.73
N LEU C 366 -3.93 -44.66 -11.97
CA LEU C 366 -5.02 -43.79 -12.41
C LEU C 366 -6.35 -44.56 -12.53
N GLY C 367 -6.27 -45.88 -12.48
CA GLY C 367 -7.46 -46.74 -12.53
C GLY C 367 -8.12 -46.75 -13.90
N ILE C 368 -7.29 -46.61 -14.95
CA ILE C 368 -7.78 -46.62 -16.33
C ILE C 368 -7.15 -47.74 -17.12
N GLU C 369 -7.88 -48.24 -18.11
CA GLU C 369 -7.31 -49.13 -19.11
C GLU C 369 -7.40 -48.39 -20.45
N VAL C 370 -6.26 -47.88 -20.90
CA VAL C 370 -6.19 -47.12 -22.14
C VAL C 370 -6.27 -48.04 -23.36
N ASP C 371 -7.16 -47.72 -24.30
CA ASP C 371 -7.23 -48.47 -25.53
C ASP C 371 -6.19 -47.91 -26.50
N GLU C 372 -4.97 -48.44 -26.40
CA GLU C 372 -3.87 -47.98 -27.24
C GLU C 372 -4.15 -48.23 -28.72
N ALA C 373 -4.75 -49.38 -29.03
CA ALA C 373 -5.13 -49.70 -30.41
C ALA C 373 -6.10 -48.67 -30.98
N LEU C 374 -7.12 -48.29 -30.21
CA LEU C 374 -8.05 -47.24 -30.65
C LEU C 374 -7.34 -45.90 -30.88
N ALA C 375 -6.44 -45.53 -29.97
CA ALA C 375 -5.66 -44.30 -30.12
C ALA C 375 -4.84 -44.29 -31.41
N ARG C 376 -4.17 -45.42 -31.69
CA ARG C 376 -3.30 -45.53 -32.88
C ARG C 376 -4.09 -45.59 -34.18
N ALA C 377 -5.32 -46.08 -34.11
CA ALA C 377 -6.22 -46.15 -35.26
C ALA C 377 -6.78 -44.77 -35.61
N ASN C 378 -6.60 -43.82 -34.70
CA ASN C 378 -7.06 -42.45 -34.92
C ASN C 378 -5.91 -41.42 -34.90
N PRO C 379 -5.02 -41.49 -35.90
CA PRO C 379 -3.89 -40.58 -35.91
C PRO C 379 -4.31 -39.16 -36.30
N TYR C 380 -3.48 -38.18 -35.99
CA TYR C 380 -3.74 -36.81 -36.40
C TYR C 380 -2.75 -36.36 -37.45
N HIS C 381 -3.27 -35.92 -38.59
CA HIS C 381 -2.44 -35.41 -39.66
C HIS C 381 -2.99 -34.11 -40.26
N GLY C 382 -3.75 -33.37 -39.45
CA GLY C 382 -4.18 -32.02 -39.81
C GLY C 382 -3.02 -31.05 -39.69
N THR C 383 -3.21 -29.82 -40.19
CA THR C 383 -2.15 -28.82 -40.17
C THR C 383 -2.31 -27.88 -38.99
N GLY C 384 -3.43 -28.00 -38.27
CA GLY C 384 -3.79 -27.05 -37.22
C GLY C 384 -3.26 -27.39 -35.84
N LEU C 385 -3.45 -26.46 -34.91
CA LEU C 385 -3.11 -26.68 -33.52
C LEU C 385 -4.34 -27.14 -32.74
N HIS C 386 -4.10 -27.68 -31.54
CA HIS C 386 -5.17 -28.20 -30.68
C HIS C 386 -6.36 -27.23 -30.58
N LEU C 387 -6.03 -25.97 -30.28
CA LEU C 387 -6.94 -24.83 -30.38
C LEU C 387 -6.17 -23.71 -31.07
N GLU C 388 -6.89 -22.76 -31.66
CA GLU C 388 -6.25 -21.64 -32.36
C GLU C 388 -6.95 -20.31 -32.07
N MET C 389 -6.18 -19.23 -32.15
CA MET C 389 -6.71 -17.87 -31.98
C MET C 389 -6.89 -17.17 -33.33
N GLN C 390 -8.11 -16.67 -33.54
CA GLN C 390 -8.51 -15.91 -34.72
C GLN C 390 -7.55 -14.76 -35.06
N GLU C 391 -7.33 -14.52 -36.36
CA GLU C 391 -6.61 -13.31 -36.79
C GLU C 391 -7.52 -12.08 -36.96
N ALA C 392 -8.71 -12.30 -37.54
CA ALA C 392 -9.70 -11.23 -37.74
C ALA C 392 -10.13 -10.61 -36.41
N SER C 393 -10.30 -9.29 -36.40
CA SER C 393 -10.73 -8.56 -35.19
C SER C 393 -12.17 -8.92 -34.78
N CYS C 394 -12.52 -8.54 -33.54
CA CYS C 394 -13.91 -8.55 -33.08
C CYS C 394 -14.78 -7.78 -34.08
N ASP C 395 -15.95 -8.34 -34.39
CA ASP C 395 -16.85 -7.73 -35.37
C ASP C 395 -17.87 -6.80 -34.68
N TYR C 396 -17.77 -5.51 -34.98
CA TYR C 396 -18.68 -4.51 -34.40
C TYR C 396 -19.82 -4.12 -35.34
N THR C 397 -19.87 -4.75 -36.52
CA THR C 397 -20.98 -4.54 -37.46
C THR C 397 -21.68 -5.87 -37.76
N VAL D 2 19.12 12.32 -46.25
CA VAL D 2 18.71 13.72 -46.53
C VAL D 2 18.72 14.54 -45.23
N LYS D 3 18.50 15.83 -45.38
CA LYS D 3 18.47 16.72 -44.22
C LYS D 3 17.25 17.63 -44.30
N LEU D 4 16.67 17.95 -43.15
CA LEU D 4 15.60 18.94 -43.06
C LEU D 4 16.17 20.31 -43.37
N ARG D 5 15.49 21.08 -44.22
CA ARG D 5 15.98 22.39 -44.66
CA ARG D 5 15.99 22.39 -44.66
C ARG D 5 14.99 23.53 -44.42
N ASP D 6 13.79 23.38 -44.96
CA ASP D 6 12.81 24.48 -44.93
C ASP D 6 11.57 24.17 -44.12
N LEU D 7 10.98 25.22 -43.56
CA LEU D 7 9.73 25.13 -42.82
C LEU D 7 8.79 26.23 -43.29
N ASP D 8 7.55 25.85 -43.58
CA ASP D 8 6.49 26.82 -43.81
C ASP D 8 5.41 26.52 -42.81
N ILE D 9 4.86 27.57 -42.20
CA ILE D 9 3.77 27.43 -41.24
C ILE D 9 2.51 28.05 -41.82
N ILE D 10 1.43 27.28 -41.86
CA ILE D 10 0.16 27.77 -42.38
C ILE D 10 -0.93 27.60 -41.34
N VAL D 11 -1.51 28.71 -40.90
CA VAL D 11 -2.62 28.66 -39.96
C VAL D 11 -3.92 28.85 -40.75
N THR D 12 -4.79 27.84 -40.68
CA THR D 12 -6.00 27.87 -41.50
C THR D 12 -7.25 27.79 -40.64
N ALA D 13 -8.28 28.55 -41.00
CA ALA D 13 -9.54 28.54 -40.23
C ALA D 13 -10.60 27.76 -40.99
N PRO D 14 -11.17 26.72 -40.37
CA PRO D 14 -12.25 25.99 -41.04
C PRO D 14 -13.46 26.90 -41.27
N PRO D 15 -14.11 26.80 -42.45
CA PRO D 15 -15.33 27.58 -42.65
C PRO D 15 -16.49 26.95 -41.89
N ALA D 16 -17.67 27.56 -41.97
CA ALA D 16 -18.87 27.05 -41.30
C ALA D 16 -19.18 25.61 -41.72
N PRO D 17 -19.69 24.77 -40.80
CA PRO D 17 -20.09 25.05 -39.41
C PRO D 17 -18.91 25.11 -38.41
N GLY D 18 -17.70 24.82 -38.90
CA GLY D 18 -16.48 25.01 -38.10
C GLY D 18 -16.09 23.91 -37.13
N TRP D 19 -16.57 22.69 -37.34
CA TRP D 19 -16.21 21.58 -36.45
C TRP D 19 -14.70 21.38 -36.50
N GLY D 20 -14.08 21.29 -35.31
CA GLY D 20 -12.63 21.14 -35.22
C GLY D 20 -11.88 22.35 -34.70
N GLY D 21 -12.60 23.39 -34.28
CA GLY D 21 -11.98 24.53 -33.60
C GLY D 21 -11.73 25.73 -34.49
N ARG D 22 -11.25 26.82 -33.89
CA ARG D 22 -11.08 28.11 -34.59
C ARG D 22 -10.05 28.10 -35.72
N TYR D 23 -8.97 27.33 -35.55
CA TYR D 23 -7.91 27.26 -36.55
C TYR D 23 -7.09 26.00 -36.37
N TRP D 24 -6.42 25.59 -37.44
CA TRP D 24 -5.46 24.50 -37.40
C TRP D 24 -4.10 25.01 -37.78
N ILE D 25 -3.08 24.54 -37.05
CA ILE D 25 -1.71 24.94 -37.30
C ILE D 25 -1.02 23.85 -38.10
N LEU D 26 -0.80 24.13 -39.38
CA LEU D 26 -0.16 23.15 -40.26
C LEU D 26 1.29 23.52 -40.46
N VAL D 27 2.15 22.50 -40.53
CA VAL D 27 3.57 22.71 -40.84
C VAL D 27 3.97 21.90 -42.06
N LYS D 28 4.77 22.52 -42.92
CA LYS D 28 5.28 21.90 -44.12
C LYS D 28 6.80 21.93 -44.06
N LEU D 29 7.42 20.75 -44.09
CA LEU D 29 8.87 20.66 -44.09
C LEU D 29 9.37 20.21 -45.45
N THR D 30 10.50 20.77 -45.86
CA THR D 30 11.15 20.41 -47.12
C THR D 30 12.59 20.03 -46.83
N THR D 31 13.02 18.90 -47.39
CA THR D 31 14.40 18.44 -47.25
C THR D 31 15.31 19.12 -48.25
N ASP D 32 16.62 18.94 -48.09
CA ASP D 32 17.60 19.44 -49.05
C ASP D 32 17.46 18.86 -50.44
N ASP D 33 16.87 17.67 -50.57
CA ASP D 33 16.60 17.13 -51.92
C ASP D 33 15.15 17.34 -52.39
N GLY D 34 14.41 18.21 -51.72
CA GLY D 34 13.09 18.63 -52.18
C GLY D 34 11.88 17.78 -51.79
N ILE D 35 12.06 16.81 -50.90
CA ILE D 35 10.93 16.03 -50.40
C ILE D 35 10.12 16.88 -49.41
N THR D 36 8.81 16.92 -49.56
CA THR D 36 7.95 17.68 -48.65
C THR D 36 7.18 16.76 -47.70
N GLY D 37 6.99 17.22 -46.46
CA GLY D 37 6.18 16.50 -45.50
C GLY D 37 5.26 17.45 -44.77
N TRP D 38 4.07 16.98 -44.44
CA TRP D 38 3.09 17.80 -43.73
C TRP D 38 2.85 17.30 -42.31
N GLY D 39 2.76 18.23 -41.38
CA GLY D 39 2.40 17.91 -40.00
C GLY D 39 1.39 18.90 -39.45
N GLU D 40 0.98 18.68 -38.20
CA GLU D 40 -0.02 19.53 -37.59
C GLU D 40 0.27 19.64 -36.10
N CYS D 41 0.33 20.88 -35.61
CA CYS D 41 0.58 21.17 -34.21
C CYS D 41 -0.74 21.37 -33.46
N TYR D 42 -0.79 20.91 -32.23
CA TYR D 42 -1.97 21.10 -31.38
C TYR D 42 -1.48 21.77 -30.11
N ALA D 43 -1.67 23.09 -30.07
CA ALA D 43 -1.11 23.93 -29.02
C ALA D 43 -1.81 25.30 -29.06
N ALA D 44 -2.52 25.63 -27.98
CA ALA D 44 -3.25 26.89 -27.91
C ALA D 44 -3.23 27.57 -26.55
N SER D 45 -2.20 27.29 -25.74
CA SER D 45 -2.00 28.07 -24.51
C SER D 45 -1.81 29.55 -24.85
N VAL D 46 -1.15 29.78 -25.99
CA VAL D 46 -1.01 31.11 -26.59
C VAL D 46 -1.50 31.03 -28.03
N GLY D 47 -1.77 32.19 -28.62
CA GLY D 47 -2.34 32.27 -29.96
C GLY D 47 -1.39 31.90 -31.08
N PRO D 48 -1.93 31.80 -32.31
CA PRO D 48 -1.16 31.33 -33.47
C PRO D 48 0.10 32.14 -33.79
N GLU D 49 0.08 33.47 -33.55
CA GLU D 49 1.25 34.29 -33.81
CA GLU D 49 1.24 34.32 -33.79
C GLU D 49 2.40 33.92 -32.89
N ALA D 50 2.12 33.76 -31.60
CA ALA D 50 3.15 33.31 -30.66
C ALA D 50 3.62 31.90 -30.99
N MET D 51 2.68 31.02 -31.35
CA MET D 51 3.03 29.65 -31.72
C MET D 51 3.93 29.58 -32.95
N ARG D 52 3.69 30.47 -33.91
CA ARG D 52 4.55 30.57 -35.08
C ARG D 52 6.00 30.84 -34.65
N ALA D 53 6.19 31.80 -33.73
CA ALA D 53 7.51 32.09 -33.18
C ALA D 53 8.11 30.89 -32.44
N VAL D 54 7.27 30.17 -31.68
CA VAL D 54 7.69 28.99 -30.94
C VAL D 54 8.14 27.86 -31.90
N ILE D 55 7.33 27.62 -32.92
CA ILE D 55 7.61 26.55 -33.89
C ILE D 55 8.89 26.84 -34.68
N GLU D 56 9.06 28.09 -35.11
CA GLU D 56 10.28 28.53 -35.78
C GLU D 56 11.51 28.28 -34.91
N ASP D 57 11.40 28.60 -33.62
CA ASP D 57 12.52 28.44 -32.70
C ASP D 57 12.89 26.96 -32.56
N VAL D 58 11.89 26.12 -32.26
CA VAL D 58 12.06 24.68 -32.10
C VAL D 58 12.72 24.05 -33.33
N PHE D 59 12.18 24.35 -34.50
CA PHE D 59 12.74 23.84 -35.75
C PHE D 59 14.20 24.26 -35.97
N ALA D 60 14.47 25.56 -35.89
CA ALA D 60 15.81 26.09 -36.17
C ALA D 60 16.85 25.57 -35.19
N ARG D 61 16.46 25.49 -33.92
CA ARG D 61 17.39 25.14 -32.84
C ARG D 61 17.70 23.65 -32.81
N HIS D 62 16.71 22.81 -33.08
CA HIS D 62 16.83 21.37 -32.80
C HIS D 62 16.69 20.44 -34.01
N MET D 63 16.19 20.97 -35.13
CA MET D 63 15.77 20.12 -36.24
C MET D 63 16.37 20.47 -37.61
N GLU D 64 16.52 21.77 -37.90
CA GLU D 64 17.09 22.19 -39.17
CA GLU D 64 17.09 22.19 -39.17
C GLU D 64 18.49 21.59 -39.35
N GLY D 65 18.75 21.03 -40.52
CA GLY D 65 20.03 20.43 -40.82
C GLY D 65 20.14 18.96 -40.41
N GLU D 66 19.11 18.45 -39.74
CA GLU D 66 19.14 17.09 -39.19
C GLU D 66 18.53 16.07 -40.15
N ASN D 67 19.08 14.85 -40.11
CA ASN D 67 18.50 13.69 -40.81
C ASN D 67 17.16 13.37 -40.17
N PRO D 68 16.05 13.41 -40.96
CA PRO D 68 14.73 13.13 -40.39
C PRO D 68 14.59 11.73 -39.76
N GLU D 69 15.50 10.81 -40.06
CA GLU D 69 15.52 9.50 -39.40
C GLU D 69 15.70 9.62 -37.88
N ASN D 70 16.35 10.70 -37.45
CA ASN D 70 16.77 10.82 -36.05
C ASN D 70 15.70 11.36 -35.10
N ILE D 71 14.59 10.62 -35.07
CA ILE D 71 13.38 10.97 -34.33
C ILE D 71 13.61 10.91 -32.81
N GLU D 72 14.34 9.90 -32.34
CA GLU D 72 14.70 9.77 -30.93
C GLU D 72 15.50 10.99 -30.48
N LEU D 73 16.54 11.31 -31.23
CA LEU D 73 17.44 12.43 -30.92
C LEU D 73 16.73 13.78 -30.93
N MET D 74 15.95 14.04 -31.97
CA MET D 74 15.25 15.32 -32.06
C MET D 74 14.27 15.52 -30.90
N PHE D 75 13.55 14.46 -30.53
CA PHE D 75 12.70 14.54 -29.35
C PHE D 75 13.52 14.87 -28.10
N ARG D 76 14.64 14.17 -27.89
CA ARG D 76 15.48 14.44 -26.72
C ARG D 76 15.93 15.91 -26.69
N ARG D 77 16.37 16.44 -27.84
CA ARG D 77 16.80 17.84 -27.93
C ARG D 77 15.73 18.82 -27.48
N VAL D 78 14.51 18.68 -28.00
CA VAL D 78 13.42 19.62 -27.69
C VAL D 78 12.93 19.44 -26.25
N TYR D 79 12.79 18.18 -25.85
CA TYR D 79 12.35 17.81 -24.49
C TYR D 79 13.31 18.32 -23.42
N SER D 80 14.61 18.39 -23.74
CA SER D 80 15.63 18.88 -22.80
C SER D 80 15.96 20.36 -22.97
N SER D 81 15.41 20.98 -24.02
CA SER D 81 15.76 22.34 -24.43
C SER D 81 15.78 23.33 -23.28
N GLY D 82 16.90 24.03 -23.14
CA GLY D 82 17.05 25.08 -22.14
C GLY D 82 17.18 24.56 -20.72
N PHE D 83 17.72 23.35 -20.57
CA PHE D 83 17.81 22.70 -19.25
C PHE D 83 16.41 22.55 -18.65
N THR D 84 15.55 21.85 -19.37
CA THR D 84 14.23 21.54 -18.88
C THR D 84 14.17 20.03 -18.64
N GLN D 85 13.95 19.25 -19.70
CA GLN D 85 13.88 17.78 -19.59
C GLN D 85 12.71 17.35 -18.70
N ARG D 86 11.62 18.09 -18.81
CA ARG D 86 10.30 17.66 -18.37
C ARG D 86 9.31 18.22 -19.39
N PRO D 87 8.07 17.70 -19.42
CA PRO D 87 7.19 18.14 -20.51
C PRO D 87 6.85 19.63 -20.50
N ASP D 88 7.14 20.29 -21.62
CA ASP D 88 6.70 21.67 -21.87
C ASP D 88 5.58 21.60 -22.91
N LEU D 89 4.35 21.86 -22.46
CA LEU D 89 3.17 21.69 -23.30
C LEU D 89 3.27 22.46 -24.63
N THR D 90 3.78 23.68 -24.57
CA THR D 90 3.91 24.54 -25.75
C THR D 90 5.04 24.09 -26.68
N ALA D 91 6.21 23.84 -26.10
CA ALA D 91 7.38 23.45 -26.90
C ALA D 91 7.18 22.09 -27.58
N ILE D 92 6.56 21.16 -26.85
CA ILE D 92 6.33 19.80 -27.37
C ILE D 92 5.19 19.80 -28.39
N GLY D 93 4.19 20.65 -28.19
CA GLY D 93 3.16 20.88 -29.22
C GLY D 93 3.82 21.31 -30.54
N ALA D 94 4.78 22.23 -30.45
CA ALA D 94 5.54 22.67 -31.62
C ALA D 94 6.28 21.50 -32.27
N PHE D 95 7.03 20.75 -31.46
CA PHE D 95 7.80 19.61 -31.97
C PHE D 95 6.93 18.53 -32.62
N SER D 96 5.78 18.24 -32.01
CA SER D 96 4.90 17.15 -32.44
C SER D 96 4.45 17.28 -33.89
N GLY D 97 4.03 18.48 -34.27
CA GLY D 97 3.63 18.75 -35.65
C GLY D 97 4.79 18.58 -36.59
N LEU D 98 5.95 19.09 -36.19
CA LEU D 98 7.18 18.98 -36.98
C LEU D 98 7.60 17.50 -37.14
N GLU D 99 7.43 16.73 -36.05
CA GLU D 99 7.73 15.30 -36.05
C GLU D 99 6.82 14.53 -37.03
N ILE D 100 5.53 14.85 -37.04
CA ILE D 100 4.60 14.25 -37.99
C ILE D 100 5.06 14.49 -39.44
N ALA D 101 5.48 15.71 -39.73
CA ALA D 101 5.99 16.05 -41.06
C ALA D 101 7.26 15.23 -41.40
N CYS D 102 8.10 14.98 -40.39
CA CYS D 102 9.26 14.14 -40.58
C CYS D 102 8.85 12.74 -41.02
N TRP D 103 7.78 12.21 -40.43
CA TRP D 103 7.27 10.89 -40.82
C TRP D 103 6.73 10.85 -42.24
N ASP D 104 6.01 11.90 -42.63
CA ASP D 104 5.55 12.05 -44.01
C ASP D 104 6.74 11.97 -44.98
N ILE D 105 7.78 12.72 -44.66
CA ILE D 105 9.05 12.70 -45.43
C ILE D 105 9.71 11.31 -45.46
N LEU D 106 9.78 10.65 -44.29
CA LEU D 106 10.40 9.33 -44.20
C LEU D 106 9.69 8.30 -45.07
N GLY D 107 8.36 8.32 -45.04
CA GLY D 107 7.57 7.41 -45.87
C GLY D 107 7.80 7.66 -47.36
N LYS D 108 7.84 8.94 -47.73
CA LYS D 108 8.13 9.33 -49.11
C LYS D 108 9.53 8.89 -49.54
N ALA D 109 10.51 9.06 -48.66
CA ALA D 109 11.90 8.64 -48.93
C ALA D 109 12.02 7.11 -49.08
N ARG D 110 11.27 6.39 -48.24
CA ARG D 110 11.28 4.93 -48.23
C ARG D 110 10.34 4.32 -49.29
N GLY D 111 9.45 5.15 -49.84
CA GLY D 111 8.43 4.68 -50.79
C GLY D 111 7.42 3.76 -50.12
N ARG D 112 7.10 4.02 -48.85
CA ARG D 112 6.14 3.22 -48.09
C ARG D 112 5.22 4.10 -47.25
N PRO D 113 4.01 3.60 -46.93
CA PRO D 113 3.15 4.30 -45.97
C PRO D 113 3.83 4.36 -44.61
N VAL D 114 3.52 5.39 -43.84
CA VAL D 114 4.09 5.51 -42.49
C VAL D 114 3.85 4.27 -41.62
N TRP D 115 2.64 3.72 -41.63
CA TRP D 115 2.34 2.54 -40.80
C TRP D 115 3.31 1.38 -41.08
N ALA D 116 3.78 1.29 -42.33
CA ALA D 116 4.70 0.23 -42.75
C ALA D 116 6.04 0.35 -42.03
N LEU D 117 6.37 1.56 -41.60
CA LEU D 117 7.62 1.84 -40.88
C LEU D 117 7.47 1.73 -39.38
N LEU D 118 6.27 1.42 -38.92
CA LEU D 118 5.95 1.45 -37.48
C LEU D 118 5.65 0.04 -36.92
N GLY D 119 6.28 -0.98 -37.48
CA GLY D 119 6.00 -2.35 -37.05
C GLY D 119 5.01 -3.05 -37.97
N GLY D 120 4.60 -2.34 -39.03
CA GLY D 120 3.76 -2.91 -40.08
C GLY D 120 2.27 -2.81 -39.79
N LYS D 121 1.48 -3.56 -40.55
CA LYS D 121 0.04 -3.45 -40.42
C LYS D 121 -0.51 -4.43 -39.38
N MET D 122 -1.21 -3.88 -38.39
CA MET D 122 -2.00 -4.69 -37.46
C MET D 122 -3.46 -4.69 -37.85
N ASN D 123 -3.94 -3.57 -38.37
CA ASN D 123 -5.38 -3.35 -38.52
C ASN D 123 -5.75 -2.96 -39.95
N PRO D 124 -6.25 -3.92 -40.75
CA PRO D 124 -6.67 -3.57 -42.12
C PRO D 124 -7.85 -2.61 -42.19
N ARG D 125 -8.68 -2.56 -41.14
CA ARG D 125 -9.74 -1.56 -41.00
C ARG D 125 -9.70 -1.01 -39.58
N ILE D 126 -9.81 0.31 -39.46
CA ILE D 126 -9.79 0.97 -38.15
C ILE D 126 -11.18 1.53 -37.80
N ARG D 127 -11.68 1.16 -36.63
CA ARG D 127 -12.99 1.59 -36.17
C ARG D 127 -12.99 3.11 -35.90
N ALA D 128 -13.95 3.80 -36.48
CA ALA D 128 -14.05 5.25 -36.30
C ALA D 128 -15.22 5.62 -35.43
N TYR D 129 -15.19 6.83 -34.87
CA TYR D 129 -16.37 7.38 -34.25
C TYR D 129 -16.45 8.89 -34.49
N THR D 130 -17.60 9.45 -34.20
CA THR D 130 -17.80 10.87 -34.32
C THR D 130 -18.61 11.42 -33.15
N TYR D 131 -18.44 12.71 -32.89
CA TYR D 131 -19.38 13.45 -32.08
C TYR D 131 -20.75 13.47 -32.77
N LEU D 132 -21.80 13.67 -31.97
CA LEU D 132 -23.12 13.97 -32.52
C LEU D 132 -23.18 15.44 -32.91
N TYR D 133 -23.41 15.69 -34.21
CA TYR D 133 -23.57 17.05 -34.73
C TYR D 133 -25.02 17.28 -35.17
N PRO D 134 -25.47 18.55 -35.19
CA PRO D 134 -26.83 18.86 -35.61
C PRO D 134 -27.15 18.36 -37.02
N LEU D 135 -28.35 17.82 -37.18
CA LEU D 135 -28.86 17.48 -38.50
C LEU D 135 -29.35 18.76 -39.19
N PRO D 136 -29.48 18.73 -40.53
CA PRO D 136 -29.93 19.94 -41.25
C PRO D 136 -31.25 20.53 -40.76
N HIS D 137 -32.10 19.71 -40.14
CA HIS D 137 -33.35 20.20 -39.58
C HIS D 137 -33.28 20.64 -38.10
N HIS D 138 -32.06 20.67 -37.55
CA HIS D 138 -31.85 21.10 -36.17
C HIS D 138 -31.34 22.54 -36.08
N PRO D 139 -31.96 23.36 -35.19
CA PRO D 139 -31.35 24.65 -34.86
C PRO D 139 -30.05 24.39 -34.10
N ILE D 140 -28.99 25.12 -34.45
CA ILE D 140 -27.65 24.80 -33.95
C ILE D 140 -27.51 24.95 -32.43
N THR D 141 -27.88 26.12 -31.90
CA THR D 141 -27.65 26.41 -30.48
C THR D 141 -28.50 25.52 -29.56
N PRO D 142 -29.83 25.40 -29.82
CA PRO D 142 -30.63 24.48 -29.00
C PRO D 142 -30.21 23.00 -29.07
N PHE D 143 -29.56 22.59 -30.15
CA PHE D 143 -29.12 21.19 -30.34
C PHE D 143 -28.30 20.66 -29.16
N TRP D 144 -27.38 21.47 -28.65
CA TRP D 144 -26.37 21.01 -27.69
C TRP D 144 -26.93 20.54 -26.35
N THR D 145 -28.14 21.00 -26.02
CA THR D 145 -28.78 20.62 -24.76
C THR D 145 -30.08 19.86 -24.98
N SER D 146 -30.33 19.45 -26.22
CA SER D 146 -31.54 18.70 -26.54
C SER D 146 -31.28 17.21 -26.67
N ALA D 147 -31.77 16.43 -25.71
CA ALA D 147 -31.67 14.97 -25.77
C ALA D 147 -32.39 14.39 -26.98
N ASP D 148 -33.56 14.97 -27.31
CA ASP D 148 -34.34 14.52 -28.47
C ASP D 148 -33.55 14.65 -29.76
N MET D 149 -32.94 15.81 -29.98
CA MET D 149 -32.13 16.04 -31.19
C MET D 149 -30.88 15.15 -31.22
N ALA D 150 -30.20 15.00 -30.09
CA ALA D 150 -29.03 14.13 -29.99
C ALA D 150 -29.35 12.70 -30.42
N ALA D 151 -30.49 12.19 -29.95
CA ALA D 151 -30.95 10.85 -30.30
C ALA D 151 -31.16 10.71 -31.81
N GLU D 152 -31.78 11.71 -32.43
CA GLU D 152 -31.94 11.75 -33.89
C GLU D 152 -30.60 11.69 -34.60
N SER D 153 -29.65 12.50 -34.12
CA SER D 153 -28.32 12.52 -34.70
C SER D 153 -27.61 11.16 -34.50
N ALA D 154 -27.82 10.52 -33.35
CA ALA D 154 -27.26 9.18 -33.09
C ALA D 154 -27.78 8.13 -34.08
N ALA D 155 -29.09 8.12 -34.30
CA ALA D 155 -29.70 7.22 -35.31
C ALA D 155 -29.14 7.49 -36.71
N ASP D 156 -28.90 8.76 -37.00
CA ASP D 156 -28.31 9.18 -38.27
C ASP D 156 -26.89 8.61 -38.42
N CYS D 157 -26.08 8.73 -37.37
CA CYS D 157 -24.72 8.19 -37.38
C CYS D 157 -24.72 6.67 -37.60
N VAL D 158 -25.64 5.98 -36.96
CA VAL D 158 -25.81 4.53 -37.10
C VAL D 158 -26.19 4.16 -38.54
N ALA D 159 -27.07 4.95 -39.14
CA ALA D 159 -27.44 4.75 -40.55
C ALA D 159 -26.23 4.96 -41.47
N ARG D 160 -25.36 5.90 -41.09
CA ARG D 160 -24.08 6.13 -41.80
C ARG D 160 -23.07 5.00 -41.61
N GLY D 161 -23.35 4.08 -40.68
CA GLY D 161 -22.46 2.95 -40.39
C GLY D 161 -21.56 3.10 -39.17
N TYR D 162 -21.66 4.21 -38.44
CA TYR D 162 -20.89 4.38 -37.19
C TYR D 162 -21.35 3.40 -36.11
N THR D 163 -20.37 2.91 -35.35
CA THR D 163 -20.60 1.91 -34.32
C THR D 163 -20.36 2.50 -32.91
N ALA D 164 -20.10 3.82 -32.87
CA ALA D 164 -19.96 4.55 -31.62
C ALA D 164 -20.18 6.04 -31.86
N VAL D 165 -20.81 6.71 -30.89
CA VAL D 165 -21.06 8.14 -30.98
C VAL D 165 -20.72 8.84 -29.67
N LYS D 166 -20.19 10.05 -29.79
CA LYS D 166 -19.82 10.84 -28.61
C LYS D 166 -20.69 12.09 -28.45
N PHE D 167 -20.90 12.49 -27.20
CA PHE D 167 -21.74 13.63 -26.83
C PHE D 167 -21.36 14.08 -25.41
N ASP D 168 -21.52 15.38 -25.14
CA ASP D 168 -21.30 15.94 -23.80
C ASP D 168 -22.45 16.85 -23.40
N PRO D 169 -23.40 16.34 -22.60
CA PRO D 169 -24.54 17.14 -22.17
C PRO D 169 -24.35 17.70 -20.75
N ALA D 170 -23.14 17.62 -20.22
CA ALA D 170 -22.90 17.83 -18.78
C ALA D 170 -22.58 19.26 -18.37
N GLY D 171 -22.64 20.19 -19.32
CA GLY D 171 -22.47 21.61 -19.03
C GLY D 171 -21.09 22.18 -19.33
N PRO D 172 -20.92 23.50 -19.14
CA PRO D 172 -19.70 24.20 -19.51
C PRO D 172 -18.50 23.87 -18.63
N TYR D 173 -17.32 23.88 -19.24
CA TYR D 173 -16.07 23.85 -18.49
C TYR D 173 -15.61 25.29 -18.29
N THR D 174 -15.06 25.58 -17.12
CA THR D 174 -14.65 26.93 -16.79
C THR D 174 -13.22 26.96 -16.26
N LEU D 175 -12.64 28.16 -16.22
CA LEU D 175 -11.25 28.36 -15.82
C LEU D 175 -11.01 28.18 -14.32
N ARG D 176 -12.10 28.09 -13.55
CA ARG D 176 -12.03 27.94 -12.09
C ARG D 176 -11.49 26.59 -11.63
N GLY D 177 -11.56 25.59 -12.50
CA GLY D 177 -11.22 24.21 -12.13
C GLY D 177 -12.49 23.40 -11.94
N GLY D 178 -12.36 22.22 -11.35
CA GLY D 178 -13.50 21.34 -11.13
C GLY D 178 -14.65 22.02 -10.40
N HIS D 179 -15.88 21.70 -10.80
CA HIS D 179 -17.06 22.11 -10.05
C HIS D 179 -18.01 20.94 -9.84
N MET D 180 -18.99 21.11 -8.97
CA MET D 180 -20.03 20.12 -8.77
C MET D 180 -21.10 20.31 -9.85
N PRO D 181 -21.54 19.22 -10.51
CA PRO D 181 -22.61 19.42 -11.49
C PRO D 181 -23.91 19.90 -10.84
N ALA D 182 -24.66 20.72 -11.56
CA ALA D 182 -26.01 21.09 -11.16
C ALA D 182 -26.86 19.83 -11.29
N MET D 183 -27.94 19.74 -10.51
CA MET D 183 -28.87 18.61 -10.63
C MET D 183 -29.40 18.51 -12.06
N THR D 184 -29.59 19.67 -12.71
CA THR D 184 -29.99 19.71 -14.12
C THR D 184 -28.94 19.07 -15.07
N ASP D 185 -27.66 19.26 -14.79
CA ASP D 185 -26.58 18.62 -15.56
C ASP D 185 -26.67 17.10 -15.46
N ILE D 186 -26.93 16.60 -14.25
CA ILE D 186 -27.05 15.17 -14.05
C ILE D 186 -28.30 14.62 -14.76
N SER D 187 -29.45 15.27 -14.57
CA SER D 187 -30.69 14.81 -15.20
CA SER D 187 -30.69 14.81 -15.20
C SER D 187 -30.61 14.86 -16.72
N LEU D 188 -30.00 15.92 -17.26
CA LEU D 188 -29.85 16.02 -18.72
C LEU D 188 -28.96 14.91 -19.25
N SER D 189 -27.90 14.59 -18.51
CA SER D 189 -26.95 13.56 -18.90
C SER D 189 -27.63 12.18 -18.93
N VAL D 190 -28.49 11.93 -17.95
CA VAL D 190 -29.31 10.71 -17.92
C VAL D 190 -30.28 10.70 -19.10
N GLU D 191 -30.97 11.82 -19.33
CA GLU D 191 -31.92 11.90 -20.44
C GLU D 191 -31.25 11.65 -21.80
N PHE D 192 -30.08 12.25 -22.01
CA PHE D 192 -29.26 12.01 -23.20
C PHE D 192 -28.92 10.53 -23.36
N CYS D 193 -28.35 9.93 -22.31
CA CYS D 193 -27.95 8.53 -22.36
C CYS D 193 -29.16 7.60 -22.61
N ARG D 194 -30.27 7.87 -21.92
CA ARG D 194 -31.50 7.11 -22.08
C ARG D 194 -32.02 7.18 -23.52
N LYS D 195 -32.17 8.39 -24.05
CA LYS D 195 -32.74 8.56 -25.38
C LYS D 195 -31.82 8.11 -26.50
N ILE D 196 -30.51 8.31 -26.33
CA ILE D 196 -29.52 7.83 -27.32
C ILE D 196 -29.46 6.30 -27.30
N ARG D 197 -29.42 5.69 -26.12
CA ARG D 197 -29.45 4.23 -26.05
C ARG D 197 -30.71 3.66 -26.71
N ALA D 198 -31.87 4.26 -26.43
CA ALA D 198 -33.11 3.84 -27.08
C ALA D 198 -33.03 3.95 -28.60
N ALA D 199 -32.38 5.00 -29.10
CA ALA D 199 -32.28 5.24 -30.54
C ALA D 199 -31.30 4.31 -31.27
N VAL D 200 -30.23 3.87 -30.59
CA VAL D 200 -29.21 3.02 -31.23
C VAL D 200 -29.25 1.54 -30.85
N GLY D 201 -29.92 1.22 -29.74
CA GLY D 201 -29.94 -0.16 -29.21
C GLY D 201 -28.53 -0.72 -29.07
N ASP D 202 -28.32 -1.91 -29.63
CA ASP D 202 -27.01 -2.59 -29.66
C ASP D 202 -26.16 -2.24 -30.87
N LYS D 203 -26.63 -1.33 -31.72
CA LYS D 203 -25.96 -1.05 -32.98
C LYS D 203 -24.74 -0.14 -32.80
N ALA D 204 -24.66 0.54 -31.66
CA ALA D 204 -23.56 1.47 -31.42
C ALA D 204 -23.29 1.68 -29.93
N ASP D 205 -22.05 2.04 -29.63
CA ASP D 205 -21.66 2.39 -28.27
C ASP D 205 -21.88 3.87 -27.99
N LEU D 206 -22.14 4.18 -26.72
CA LEU D 206 -22.23 5.57 -26.27
C LEU D 206 -20.90 5.98 -25.64
N LEU D 207 -20.35 7.09 -26.11
CA LEU D 207 -19.12 7.66 -25.55
C LEU D 207 -19.47 8.95 -24.83
N PHE D 208 -19.33 8.96 -23.50
CA PHE D 208 -19.72 10.11 -22.73
C PHE D 208 -18.54 11.09 -22.71
N GLY D 209 -18.64 12.13 -23.53
CA GLY D 209 -17.48 12.91 -23.91
C GLY D 209 -17.29 14.15 -23.08
N THR D 210 -17.20 13.97 -21.77
CA THR D 210 -16.99 15.09 -20.83
C THR D 210 -15.66 15.82 -21.08
N HIS D 211 -15.55 17.03 -20.56
CA HIS D 211 -14.41 17.93 -20.80
C HIS D 211 -13.71 18.36 -19.52
N GLY D 212 -13.62 17.46 -18.53
CA GLY D 212 -12.92 17.76 -17.28
C GLY D 212 -13.53 18.89 -16.46
N GLN D 213 -14.85 18.98 -16.47
CA GLN D 213 -15.58 20.04 -15.77
C GLN D 213 -15.55 19.87 -14.25
N PHE D 214 -15.36 18.65 -13.76
CA PHE D 214 -15.83 18.33 -12.42
C PHE D 214 -14.80 18.09 -11.35
N THR D 215 -15.19 18.41 -10.11
CA THR D 215 -14.50 17.90 -8.94
C THR D 215 -14.60 16.38 -8.97
N THR D 216 -13.70 15.71 -8.26
CA THR D 216 -13.76 14.25 -8.10
C THR D 216 -15.15 13.82 -7.62
N ALA D 217 -15.63 14.50 -6.58
CA ALA D 217 -16.97 14.25 -6.03
C ALA D 217 -18.06 14.39 -7.10
N GLY D 218 -17.99 15.49 -7.86
CA GLY D 218 -18.97 15.75 -8.89
C GLY D 218 -18.96 14.74 -10.02
N ALA D 219 -17.75 14.32 -10.39
CA ALA D 219 -17.57 13.33 -11.45
C ALA D 219 -18.15 11.97 -11.06
N ILE D 220 -17.98 11.60 -9.79
CA ILE D 220 -18.53 10.34 -9.28
C ILE D 220 -20.06 10.35 -9.23
N ARG D 221 -20.63 11.48 -8.81
CA ARG D 221 -22.09 11.63 -8.78
C ARG D 221 -22.68 11.55 -10.18
N LEU D 222 -22.03 12.18 -11.15
CA LEU D 222 -22.49 12.11 -12.54
C LEU D 222 -22.31 10.71 -13.13
N GLY D 223 -21.13 10.12 -12.90
CA GLY D 223 -20.80 8.78 -13.39
C GLY D 223 -21.79 7.71 -12.97
N GLN D 224 -22.12 7.67 -11.69
CA GLN D 224 -23.05 6.67 -11.17
C GLN D 224 -24.46 6.81 -11.79
N ALA D 225 -24.86 8.04 -12.10
CA ALA D 225 -26.16 8.28 -12.70
C ALA D 225 -26.28 7.72 -14.13
N ILE D 226 -25.17 7.65 -14.86
CA ILE D 226 -25.24 7.24 -16.27
C ILE D 226 -24.86 5.77 -16.49
N GLU D 227 -24.39 5.11 -15.44
CA GLU D 227 -24.02 3.67 -15.48
C GLU D 227 -25.08 2.72 -16.09
N PRO D 228 -26.39 2.91 -15.80
CA PRO D 228 -27.40 2.00 -16.35
C PRO D 228 -27.45 1.91 -17.89
N TYR D 229 -26.83 2.87 -18.56
CA TYR D 229 -26.90 2.92 -20.03
C TYR D 229 -25.66 2.33 -20.70
N SER D 230 -24.81 1.71 -19.88
CA SER D 230 -23.56 1.06 -20.31
C SER D 230 -22.74 1.89 -21.30
N PRO D 231 -22.40 3.14 -20.91
CA PRO D 231 -21.53 3.90 -21.79
C PRO D 231 -20.17 3.21 -21.86
N LEU D 232 -19.55 3.23 -23.03
CA LEU D 232 -18.30 2.53 -23.24
C LEU D 232 -17.14 3.24 -22.54
N TRP D 233 -17.17 4.58 -22.51
CA TRP D 233 -16.20 5.33 -21.74
C TRP D 233 -16.74 6.63 -21.14
N TYR D 234 -16.00 7.12 -20.15
CA TYR D 234 -16.29 8.34 -19.41
C TYR D 234 -15.04 9.19 -19.60
N GLU D 235 -15.10 10.18 -20.49
CA GLU D 235 -13.91 10.92 -20.93
C GLU D 235 -13.61 12.09 -19.99
N GLU D 236 -12.32 12.29 -19.69
CA GLU D 236 -11.87 13.42 -18.87
C GLU D 236 -12.90 13.81 -17.79
N PRO D 237 -13.16 12.93 -16.83
CA PRO D 237 -14.17 13.28 -15.83
C PRO D 237 -13.75 14.46 -14.94
N VAL D 238 -12.43 14.65 -14.79
CA VAL D 238 -11.85 15.73 -13.97
C VAL D 238 -10.79 16.49 -14.78
N PRO D 239 -10.34 17.67 -14.30
CA PRO D 239 -9.30 18.40 -15.00
C PRO D 239 -8.01 17.60 -15.12
N PRO D 240 -7.21 17.87 -16.16
CA PRO D 240 -6.06 17.01 -16.51
C PRO D 240 -4.82 17.21 -15.62
N ASP D 241 -4.98 17.84 -14.46
CA ASP D 241 -3.82 18.21 -13.63
C ASP D 241 -3.71 17.44 -12.32
N ASN D 242 -4.40 16.31 -12.24
CA ASN D 242 -4.44 15.54 -11.00
C ASN D 242 -4.71 14.05 -11.25
N VAL D 243 -3.64 13.27 -11.36
CA VAL D 243 -3.74 11.85 -11.69
C VAL D 243 -4.48 11.09 -10.59
N GLY D 244 -4.17 11.41 -9.34
CA GLY D 244 -4.78 10.75 -8.19
C GLY D 244 -6.27 10.96 -8.14
N ALA D 245 -6.73 12.19 -8.44
CA ALA D 245 -8.16 12.49 -8.48
C ALA D 245 -8.86 11.66 -9.56
N MET D 246 -8.24 11.57 -10.73
CA MET D 246 -8.87 10.78 -11.81
C MET D 246 -8.95 9.29 -11.44
N ALA D 247 -7.90 8.77 -10.82
CA ALA D 247 -7.91 7.38 -10.36
C ALA D 247 -9.02 7.13 -9.32
N GLN D 248 -9.26 8.11 -8.45
CA GLN D 248 -10.39 8.03 -7.50
C GLN D 248 -11.73 7.87 -8.24
N VAL D 249 -11.92 8.61 -9.32
CA VAL D 249 -13.13 8.48 -10.13
C VAL D 249 -13.19 7.08 -10.74
N ALA D 250 -12.09 6.66 -11.38
CA ALA D 250 -12.02 5.35 -12.04
C ALA D 250 -12.43 4.21 -11.10
N ARG D 251 -11.95 4.25 -9.86
CA ARG D 251 -12.29 3.23 -8.85
C ARG D 251 -13.74 3.31 -8.35
N ALA D 252 -14.32 4.51 -8.37
CA ALA D 252 -15.67 4.72 -7.82
C ALA D 252 -16.81 4.61 -8.85
N VAL D 253 -16.47 4.56 -10.13
CA VAL D 253 -17.50 4.45 -11.18
C VAL D 253 -17.30 3.17 -11.99
N ARG D 254 -18.40 2.60 -12.47
CA ARG D 254 -18.36 1.32 -13.17
C ARG D 254 -18.16 1.48 -14.67
N ILE D 255 -17.78 2.70 -15.08
CA ILE D 255 -17.53 3.02 -16.48
C ILE D 255 -16.03 3.21 -16.70
N PRO D 256 -15.49 2.64 -17.79
CA PRO D 256 -14.06 2.86 -18.10
C PRO D 256 -13.78 4.33 -18.31
N VAL D 257 -12.67 4.82 -17.73
CA VAL D 257 -12.29 6.21 -17.89
C VAL D 257 -11.34 6.34 -19.07
N ALA D 258 -11.61 7.33 -19.92
CA ALA D 258 -10.72 7.66 -21.02
C ALA D 258 -10.16 9.07 -20.82
N THR D 259 -8.88 9.25 -21.13
CA THR D 259 -8.28 10.58 -21.05
C THR D 259 -7.03 10.70 -21.89
N GLY D 260 -6.59 11.94 -22.12
CA GLY D 260 -5.25 12.14 -22.65
C GLY D 260 -5.05 13.29 -23.58
N GLU D 261 -6.13 13.92 -24.04
CA GLU D 261 -6.03 14.98 -25.06
C GLU D 261 -5.25 16.20 -24.60
N ARG D 262 -5.18 16.39 -23.28
CA ARG D 262 -4.49 17.56 -22.72
C ARG D 262 -3.16 17.17 -22.06
N LEU D 263 -2.76 15.92 -22.26
CA LEU D 263 -1.51 15.42 -21.71
C LEU D 263 -0.41 15.37 -22.77
N THR D 264 0.83 15.31 -22.32
CA THR D 264 1.95 15.29 -23.26
C THR D 264 3.12 14.43 -22.81
N THR D 265 3.64 13.65 -23.76
CA THR D 265 4.78 12.73 -23.59
C THR D 265 4.47 11.54 -22.71
N LYS D 266 5.28 10.49 -22.87
CA LYS D 266 5.21 9.28 -22.05
C LYS D 266 5.38 9.55 -20.56
N ALA D 267 6.06 10.65 -20.23
CA ALA D 267 6.25 11.06 -18.84
C ALA D 267 4.93 11.39 -18.12
N GLU D 268 3.92 11.79 -18.89
CA GLU D 268 2.60 12.06 -18.32
C GLU D 268 1.65 10.88 -18.47
N PHE D 269 1.78 10.13 -19.56
CA PHE D 269 0.89 8.99 -19.78
C PHE D 269 1.22 7.77 -18.92
N ALA D 270 2.50 7.60 -18.58
CA ALA D 270 2.89 6.48 -17.72
C ALA D 270 2.25 6.51 -16.31
N PRO D 271 2.28 7.67 -15.60
CA PRO D 271 1.58 7.69 -14.31
C PRO D 271 0.06 7.47 -14.42
N VAL D 272 -0.57 7.97 -15.48
CA VAL D 272 -2.00 7.71 -15.73
C VAL D 272 -2.28 6.19 -15.73
N LEU D 273 -1.48 5.43 -16.48
CA LEU D 273 -1.60 3.98 -16.47
C LEU D 273 -1.25 3.37 -15.12
N ARG D 274 -0.10 3.79 -14.58
CA ARG D 274 0.44 3.16 -13.38
C ARG D 274 -0.53 3.28 -12.20
N GLU D 275 -1.20 4.42 -12.10
CA GLU D 275 -2.11 4.72 -10.99
C GLU D 275 -3.54 4.26 -11.26
N GLY D 276 -3.78 3.72 -12.45
CA GLY D 276 -5.12 3.24 -12.83
C GLY D 276 -6.09 4.39 -13.04
N ALA D 277 -5.59 5.55 -13.47
CA ALA D 277 -6.45 6.71 -13.69
C ALA D 277 -7.34 6.58 -14.93
N ALA D 278 -6.85 5.88 -15.95
CA ALA D 278 -7.60 5.69 -17.18
C ALA D 278 -7.30 4.35 -17.85
N ALA D 279 -8.30 3.79 -18.52
CA ALA D 279 -8.16 2.52 -19.23
C ALA D 279 -7.95 2.74 -20.73
N ILE D 280 -8.24 3.95 -21.17
CA ILE D 280 -8.23 4.32 -22.60
C ILE D 280 -7.48 5.64 -22.75
N LEU D 281 -6.42 5.65 -23.54
CA LEU D 281 -5.59 6.84 -23.69
C LEU D 281 -5.90 7.57 -24.99
N GLN D 282 -6.10 8.89 -24.90
CA GLN D 282 -6.55 9.69 -26.03
C GLN D 282 -5.59 10.84 -26.35
N PRO D 283 -4.33 10.51 -26.65
CA PRO D 283 -3.41 11.59 -26.97
C PRO D 283 -3.82 12.29 -28.26
N ALA D 284 -3.58 13.59 -28.31
CA ALA D 284 -3.59 14.31 -29.57
C ALA D 284 -2.14 14.28 -30.02
N LEU D 285 -1.91 13.62 -31.15
CA LEU D 285 -0.56 13.39 -31.62
C LEU D 285 0.21 14.67 -31.92
N GLY D 286 -0.52 15.71 -32.30
CA GLY D 286 0.06 17.03 -32.55
C GLY D 286 0.38 17.81 -31.28
N ARG D 287 0.08 17.20 -30.12
CA ARG D 287 0.43 17.78 -28.82
C ARG D 287 1.41 16.91 -28.05
N ALA D 288 1.16 15.61 -28.06
CA ALA D 288 1.75 14.67 -27.10
C ALA D 288 3.19 14.23 -27.39
N GLY D 289 3.78 14.70 -28.49
CA GLY D 289 5.17 14.36 -28.82
C GLY D 289 5.36 13.69 -30.17
N GLY D 290 4.27 13.51 -30.90
CA GLY D 290 4.31 12.95 -32.24
C GLY D 290 4.04 11.45 -32.29
N ILE D 291 4.23 10.87 -33.48
CA ILE D 291 3.92 9.46 -33.73
C ILE D 291 4.79 8.49 -32.93
N TRP D 292 6.09 8.72 -32.91
CA TRP D 292 7.03 7.75 -32.32
C TRP D 292 6.88 7.71 -30.80
N GLU D 293 6.80 8.90 -30.20
CA GLU D 293 6.56 9.03 -28.76
C GLU D 293 5.25 8.33 -28.38
N MET D 294 4.23 8.44 -29.23
CA MET D 294 2.94 7.78 -28.97
C MET D 294 2.96 6.27 -29.20
N LYS D 295 3.88 5.77 -30.04
CA LYS D 295 4.12 4.32 -30.14
C LYS D 295 4.67 3.78 -28.83
N LYS D 296 5.55 4.55 -28.19
CA LYS D 296 6.06 4.22 -26.87
C LYS D 296 4.92 4.12 -25.86
N VAL D 297 4.02 5.09 -25.88
CA VAL D 297 2.85 5.08 -24.99
C VAL D 297 1.92 3.88 -25.30
N ALA D 298 1.65 3.63 -26.59
CA ALA D 298 0.84 2.47 -26.97
C ALA D 298 1.40 1.16 -26.40
N ALA D 299 2.73 1.00 -26.42
CA ALA D 299 3.39 -0.19 -25.83
C ALA D 299 3.16 -0.29 -24.32
N MET D 300 3.24 0.84 -23.63
CA MET D 300 2.97 0.91 -22.19
C MET D 300 1.52 0.53 -21.93
N ALA D 301 0.60 1.00 -22.76
CA ALA D 301 -0.81 0.63 -22.60
C ALA D 301 -1.03 -0.88 -22.75
N GLU D 302 -0.27 -1.53 -23.64
CA GLU D 302 -0.33 -2.97 -23.82
C GLU D 302 -0.09 -3.75 -22.51
N VAL D 303 0.89 -3.33 -21.73
CA VAL D 303 1.22 -4.04 -20.50
C VAL D 303 0.29 -3.70 -19.32
N TYR D 304 -0.68 -2.82 -19.58
CA TYR D 304 -1.77 -2.58 -18.64
C TYR D 304 -3.08 -3.14 -19.20
N ASN D 305 -3.01 -3.85 -20.32
CA ASN D 305 -4.22 -4.35 -21.01
C ASN D 305 -5.18 -3.18 -21.30
N ALA D 306 -4.58 -2.05 -21.68
CA ALA D 306 -5.30 -0.82 -21.98
C ALA D 306 -5.16 -0.50 -23.47
N GLN D 307 -5.97 0.45 -23.95
CA GLN D 307 -6.03 0.75 -25.39
C GLN D 307 -5.88 2.21 -25.69
N MET D 308 -5.55 2.49 -26.96
CA MET D 308 -5.45 3.84 -27.49
C MET D 308 -6.70 4.20 -28.30
N ALA D 309 -7.13 5.45 -28.16
CA ALA D 309 -8.17 6.03 -28.99
C ALA D 309 -7.72 7.44 -29.33
N PRO D 310 -6.89 7.61 -30.38
CA PRO D 310 -6.30 8.91 -30.73
C PRO D 310 -7.34 10.04 -30.84
N HIS D 311 -7.02 11.17 -30.22
CA HIS D 311 -7.90 12.33 -30.18
C HIS D 311 -7.92 13.07 -31.51
N LEU D 312 -9.09 13.56 -31.90
CA LEU D 312 -9.18 14.52 -32.98
C LEU D 312 -10.18 15.62 -32.67
N TYR D 313 -9.66 16.82 -32.45
CA TYR D 313 -10.47 18.03 -32.58
C TYR D 313 -9.61 19.07 -33.27
N ALA D 314 -9.33 18.79 -34.52
CA ALA D 314 -8.31 19.49 -35.31
C ALA D 314 -8.48 19.06 -36.77
N GLY D 315 -7.46 19.33 -37.57
CA GLY D 315 -7.54 19.04 -39.01
C GLY D 315 -7.19 17.63 -39.46
N PRO D 316 -7.27 17.40 -40.79
CA PRO D 316 -7.11 16.09 -41.40
C PRO D 316 -5.65 15.63 -41.43
N VAL D 317 -4.71 16.56 -41.27
CA VAL D 317 -3.30 16.19 -41.22
C VAL D 317 -3.00 15.43 -39.91
N GLU D 318 -3.45 15.96 -38.77
CA GLU D 318 -3.30 15.21 -37.51
C GLU D 318 -4.05 13.87 -37.55
N TRP D 319 -5.24 13.89 -38.14
CA TRP D 319 -6.05 12.69 -38.35
C TRP D 319 -5.30 11.63 -39.18
N ALA D 320 -4.63 12.06 -40.25
CA ALA D 320 -3.82 11.16 -41.05
C ALA D 320 -2.74 10.48 -40.19
N ALA D 321 -2.10 11.27 -39.32
CA ALA D 321 -1.13 10.72 -38.37
C ALA D 321 -1.77 9.67 -37.45
N ASN D 322 -2.95 10.00 -36.91
CA ASN D 322 -3.73 9.06 -36.10
C ASN D 322 -3.98 7.72 -36.81
N VAL D 323 -4.37 7.80 -38.09
CA VAL D 323 -4.67 6.62 -38.90
C VAL D 323 -3.44 5.71 -39.07
N HIS D 324 -2.30 6.29 -39.43
CA HIS D 324 -1.05 5.52 -39.54
C HIS D 324 -0.62 4.90 -38.22
N PHE D 325 -0.71 5.69 -37.16
CA PHE D 325 -0.45 5.23 -35.79
C PHE D 325 -1.34 4.04 -35.44
N ALA D 326 -2.66 4.23 -35.57
CA ALA D 326 -3.67 3.21 -35.27
C ALA D 326 -3.51 1.93 -36.09
N ALA D 327 -3.11 2.08 -37.35
CA ALA D 327 -2.93 0.93 -38.24
C ALA D 327 -1.85 -0.03 -37.75
N SER D 328 -0.90 0.50 -36.99
CA SER D 328 0.31 -0.21 -36.58
C SER D 328 0.28 -0.80 -35.16
N ILE D 329 -0.77 -0.54 -34.40
CA ILE D 329 -0.82 -1.02 -33.00
C ILE D 329 -1.86 -2.10 -32.76
N PRO D 330 -1.52 -3.10 -31.94
CA PRO D 330 -2.49 -4.17 -31.65
C PRO D 330 -3.63 -3.71 -30.75
N ASN D 331 -3.37 -2.67 -29.95
CA ASN D 331 -4.29 -2.22 -28.91
C ASN D 331 -5.01 -0.92 -29.28
N ILE D 332 -5.54 -0.87 -30.50
CA ILE D 332 -6.36 0.25 -30.94
C ILE D 332 -7.81 -0.01 -30.52
N LEU D 333 -8.46 1.01 -29.98
CA LEU D 333 -9.90 0.95 -29.71
C LEU D 333 -10.66 1.55 -30.91
N MET D 334 -10.47 2.84 -31.15
CA MET D 334 -11.12 3.55 -32.27
C MET D 334 -10.44 4.90 -32.54
N CYS D 335 -10.67 5.47 -33.73
CA CYS D 335 -10.17 6.81 -34.08
C CYS D 335 -11.29 7.83 -34.18
N GLU D 336 -11.19 8.85 -33.34
CA GLU D 336 -12.06 10.02 -33.42
C GLU D 336 -11.93 10.64 -34.79
N SER D 337 -13.07 10.99 -35.39
CA SER D 337 -13.08 11.51 -36.75
C SER D 337 -14.07 12.66 -36.88
N ILE D 338 -13.76 13.59 -37.77
CA ILE D 338 -14.67 14.71 -38.06
C ILE D 338 -14.86 14.77 -39.57
N GLU D 339 -16.07 14.48 -40.02
CA GLU D 339 -16.36 14.50 -41.45
C GLU D 339 -16.95 15.84 -41.82
N THR D 340 -16.12 16.74 -42.34
CA THR D 340 -16.62 17.98 -42.93
C THR D 340 -16.13 18.08 -44.37
N PRO D 341 -16.85 18.86 -45.20
CA PRO D 341 -16.37 19.12 -46.56
C PRO D 341 -14.93 19.67 -46.59
N PHE D 342 -14.62 20.55 -45.64
CA PHE D 342 -13.29 21.16 -45.54
C PHE D 342 -12.16 20.18 -45.16
N HIS D 343 -12.39 19.33 -44.14
CA HIS D 343 -11.44 18.26 -43.80
C HIS D 343 -11.12 17.43 -45.04
N ASP D 344 -12.17 17.00 -45.74
CA ASP D 344 -11.98 16.16 -46.93
C ASP D 344 -11.24 16.89 -48.05
N ALA D 345 -11.66 18.13 -48.32
CA ALA D 345 -11.06 18.94 -49.37
C ALA D 345 -9.58 19.24 -49.07
N LEU D 346 -9.26 19.46 -47.80
CA LEU D 346 -7.89 19.83 -47.42
C LEU D 346 -6.87 18.72 -47.68
N ILE D 347 -7.31 17.46 -47.66
CA ILE D 347 -6.44 16.36 -48.08
C ILE D 347 -6.92 15.69 -49.38
N LYS D 348 -7.78 16.41 -50.13
CA LYS D 348 -8.29 15.96 -51.43
C LYS D 348 -8.87 14.54 -51.38
N GLY D 349 -9.63 14.24 -50.33
CA GLY D 349 -10.28 12.95 -50.15
C GLY D 349 -9.33 11.76 -50.09
N SER D 350 -8.08 12.01 -49.67
CA SER D 350 -7.02 10.99 -49.67
C SER D 350 -7.31 9.82 -48.72
N ILE D 351 -7.92 10.12 -47.58
CA ILE D 351 -8.25 9.12 -46.59
C ILE D 351 -9.67 9.45 -46.12
N ARG D 352 -10.52 8.44 -46.03
CA ARG D 352 -11.93 8.67 -45.67
C ARG D 352 -12.48 7.60 -44.74
N VAL D 353 -13.46 8.01 -43.93
CA VAL D 353 -14.28 7.05 -43.19
C VAL D 353 -15.28 6.45 -44.18
N GLU D 354 -15.33 5.13 -44.24
CA GLU D 354 -16.28 4.42 -45.11
CA GLU D 354 -16.28 4.43 -45.10
C GLU D 354 -17.05 3.41 -44.27
N GLY D 355 -18.36 3.60 -44.16
CA GLY D 355 -19.20 2.70 -43.36
C GLY D 355 -18.70 2.52 -41.93
N GLY D 356 -18.25 3.62 -41.31
CA GLY D 356 -17.81 3.62 -39.91
C GLY D 356 -16.38 3.16 -39.64
N TYR D 357 -15.64 2.85 -40.69
CA TYR D 357 -14.26 2.38 -40.57
C TYR D 357 -13.32 3.11 -41.51
N ILE D 358 -12.03 3.05 -41.19
CA ILE D 358 -11.00 3.68 -42.00
C ILE D 358 -10.01 2.61 -42.49
N THR D 359 -9.80 2.60 -43.80
CA THR D 359 -8.74 1.79 -44.39
C THR D 359 -7.46 2.61 -44.43
N PRO D 360 -6.38 2.09 -43.84
CA PRO D 360 -5.07 2.74 -43.92
C PRO D 360 -4.63 2.89 -45.38
N PRO D 361 -4.12 4.07 -45.75
CA PRO D 361 -3.70 4.31 -47.13
C PRO D 361 -2.47 3.47 -47.50
N GLU D 362 -2.32 3.20 -48.80
CA GLU D 362 -1.19 2.40 -49.28
C GLU D 362 -0.12 3.26 -49.94
N ALA D 363 -0.43 4.53 -50.20
CA ALA D 363 0.52 5.44 -50.82
C ALA D 363 1.67 5.79 -49.86
N PRO D 364 2.81 6.28 -50.39
CA PRO D 364 3.95 6.59 -49.51
C PRO D 364 3.67 7.72 -48.53
N GLY D 365 4.39 7.73 -47.40
CA GLY D 365 4.25 8.78 -46.39
C GLY D 365 2.90 8.71 -45.69
N LEU D 366 2.34 9.87 -45.37
CA LEU D 366 1.01 9.90 -44.76
C LEU D 366 -0.08 9.52 -45.76
N GLY D 367 0.27 9.48 -47.04
CA GLY D 367 -0.67 9.13 -48.09
C GLY D 367 -1.71 10.20 -48.33
N ILE D 368 -1.33 11.45 -48.09
CA ILE D 368 -2.25 12.57 -48.32
C ILE D 368 -1.71 13.53 -49.37
N GLU D 369 -2.61 14.21 -50.06
CA GLU D 369 -2.21 15.33 -50.89
C GLU D 369 -2.88 16.56 -50.32
N VAL D 370 -2.10 17.34 -49.57
CA VAL D 370 -2.61 18.53 -48.91
C VAL D 370 -2.88 19.62 -49.95
N ASP D 371 -4.08 20.18 -49.90
CA ASP D 371 -4.40 21.32 -50.75
C ASP D 371 -3.87 22.60 -50.09
N GLU D 372 -2.59 22.88 -50.34
CA GLU D 372 -1.94 24.05 -49.74
C GLU D 372 -2.64 25.36 -50.12
N ALA D 373 -3.01 25.49 -51.40
CA ALA D 373 -3.73 26.68 -51.87
C ALA D 373 -5.01 26.92 -51.08
N LEU D 374 -5.76 25.84 -50.83
CA LEU D 374 -7.01 25.93 -50.05
C LEU D 374 -6.75 26.37 -48.60
N ALA D 375 -5.74 25.78 -47.95
CA ALA D 375 -5.39 26.20 -46.59
C ALA D 375 -5.02 27.68 -46.56
N ARG D 376 -4.22 28.10 -47.53
CA ARG D 376 -3.75 29.48 -47.62
C ARG D 376 -4.87 30.47 -47.95
N ALA D 377 -5.87 30.02 -48.71
CA ALA D 377 -7.04 30.85 -49.04
C ALA D 377 -8.03 30.95 -47.88
N ASN D 378 -7.76 30.24 -46.79
CA ASN D 378 -8.62 30.28 -45.61
C ASN D 378 -7.86 30.67 -44.35
N PRO D 379 -7.36 31.92 -44.29
CA PRO D 379 -6.58 32.34 -43.12
C PRO D 379 -7.44 32.53 -41.88
N TYR D 380 -6.79 32.63 -40.72
CA TYR D 380 -7.50 32.92 -39.47
C TYR D 380 -7.31 34.39 -39.11
N HIS D 381 -8.42 35.11 -38.99
CA HIS D 381 -8.38 36.55 -38.72
C HIS D 381 -8.90 36.94 -37.32
N GLY D 382 -9.25 35.95 -36.51
CA GLY D 382 -9.77 36.22 -35.17
C GLY D 382 -8.70 36.53 -34.14
N THR D 383 -9.12 36.76 -32.90
CA THR D 383 -8.19 37.02 -31.81
C THR D 383 -8.25 35.92 -30.74
N GLY D 384 -9.10 34.92 -30.97
CA GLY D 384 -9.32 33.86 -30.01
C GLY D 384 -8.32 32.71 -30.10
N LEU D 385 -8.48 31.74 -29.21
CA LEU D 385 -7.64 30.54 -29.21
C LEU D 385 -8.43 29.39 -29.85
N HIS D 386 -7.73 28.31 -30.21
CA HIS D 386 -8.36 27.15 -30.85
C HIS D 386 -9.64 26.73 -30.11
N LEU D 387 -9.53 26.62 -28.78
CA LEU D 387 -10.67 26.48 -27.88
C LEU D 387 -10.41 27.39 -26.68
N GLU D 388 -11.45 27.71 -25.93
CA GLU D 388 -11.32 28.59 -24.76
C GLU D 388 -12.19 28.10 -23.61
N MET D 389 -11.77 28.40 -22.39
CA MET D 389 -12.53 28.04 -21.19
C MET D 389 -13.20 29.30 -20.63
N GLN D 390 -14.53 29.25 -20.48
CA GLN D 390 -15.29 30.41 -20.03
C GLN D 390 -14.91 30.88 -18.62
N GLU D 391 -15.22 32.14 -18.32
CA GLU D 391 -14.95 32.71 -17.01
C GLU D 391 -16.11 32.54 -16.02
N ALA D 392 -17.33 32.71 -16.52
CA ALA D 392 -18.55 32.59 -15.70
C ALA D 392 -18.63 31.18 -15.09
N SER D 393 -19.15 31.11 -13.87
CA SER D 393 -19.26 29.82 -13.17
C SER D 393 -20.36 28.93 -13.73
N CYS D 394 -20.39 27.67 -13.29
CA CYS D 394 -21.51 26.77 -13.56
C CYS D 394 -22.81 27.42 -13.06
N ASP D 395 -23.88 27.28 -13.84
CA ASP D 395 -25.16 27.90 -13.52
C ASP D 395 -26.06 26.94 -12.74
N TYR D 396 -26.32 27.26 -11.47
CA TYR D 396 -27.19 26.44 -10.61
C TYR D 396 -28.58 27.07 -10.47
N THR D 397 -28.70 28.34 -10.87
CA THR D 397 -29.96 29.05 -10.83
C THR D 397 -30.63 29.05 -12.20
N VAL E 2 -5.41 -50.98 5.81
CA VAL E 2 -5.25 -51.12 7.22
C VAL E 2 -5.96 -49.99 7.95
N LYS E 3 -6.25 -50.21 9.21
CA LYS E 3 -6.90 -49.21 10.06
C LYS E 3 -6.06 -48.94 11.30
N LEU E 4 -6.04 -47.69 11.76
CA LEU E 4 -5.45 -47.35 13.05
C LEU E 4 -6.29 -47.96 14.17
N ARG E 5 -5.61 -48.53 15.16
CA ARG E 5 -6.28 -49.32 16.17
C ARG E 5 -5.93 -48.91 17.61
N ASP E 6 -4.64 -48.91 17.94
CA ASP E 6 -4.22 -48.68 19.32
C ASP E 6 -3.28 -47.49 19.46
N LEU E 7 -3.35 -46.86 20.63
CA LEU E 7 -2.46 -45.77 20.99
C LEU E 7 -1.82 -46.05 22.34
N ASP E 8 -0.50 -45.88 22.40
CA ASP E 8 0.24 -45.84 23.66
C ASP E 8 0.96 -44.53 23.75
N ILE E 9 0.92 -43.91 24.92
CA ILE E 9 1.61 -42.64 25.15
C ILE E 9 2.71 -42.87 26.17
N ILE E 10 3.93 -42.50 25.82
CA ILE E 10 5.05 -42.62 26.75
C ILE E 10 5.74 -41.27 26.95
N VAL E 11 5.69 -40.78 28.17
CA VAL E 11 6.41 -39.57 28.53
C VAL E 11 7.75 -39.97 29.15
N THR E 12 8.83 -39.50 28.53
CA THR E 12 10.17 -39.89 28.97
C THR E 12 11.04 -38.66 29.26
N ALA E 13 11.85 -38.76 30.30
CA ALA E 13 12.70 -37.65 30.74
C ALA E 13 14.17 -37.93 30.42
N PRO E 14 14.79 -37.12 29.55
CA PRO E 14 16.24 -37.27 29.30
C PRO E 14 17.04 -37.07 30.59
N PRO E 15 18.07 -37.91 30.82
CA PRO E 15 18.94 -37.75 31.99
C PRO E 15 19.69 -36.43 31.97
N ALA E 16 20.18 -36.00 33.13
CA ALA E 16 21.03 -34.82 33.25
C ALA E 16 22.20 -34.91 32.27
N PRO E 17 22.61 -33.78 31.66
CA PRO E 17 22.15 -32.40 31.87
C PRO E 17 20.86 -32.04 31.14
N GLY E 18 20.30 -33.00 30.40
CA GLY E 18 18.96 -32.88 29.85
C GLY E 18 18.76 -31.99 28.64
N TRP E 19 19.71 -32.04 27.70
CA TRP E 19 19.58 -31.27 26.46
C TRP E 19 18.37 -31.79 25.68
N GLY E 20 17.51 -30.86 25.27
CA GLY E 20 16.27 -31.23 24.59
C GLY E 20 15.04 -31.13 25.47
N GLY E 21 15.22 -30.69 26.72
CA GLY E 21 14.08 -30.36 27.58
C GLY E 21 13.82 -31.33 28.72
N ARG E 22 12.78 -31.03 29.50
CA ARG E 22 12.43 -31.80 30.69
C ARG E 22 11.86 -33.19 30.38
N TYR E 23 11.10 -33.30 29.30
CA TYR E 23 10.45 -34.56 28.92
C TYR E 23 10.07 -34.53 27.45
N TRP E 24 9.92 -35.72 26.88
CA TRP E 24 9.46 -35.88 25.52
C TRP E 24 8.18 -36.72 25.52
N ILE E 25 7.21 -36.30 24.70
CA ILE E 25 5.92 -36.99 24.62
C ILE E 25 5.93 -37.88 23.38
N LEU E 26 6.12 -39.17 23.61
CA LEU E 26 6.15 -40.14 22.53
C LEU E 26 4.78 -40.76 22.37
N VAL E 27 4.37 -41.01 21.13
CA VAL E 27 3.15 -41.75 20.87
C VAL E 27 3.46 -42.96 20.00
N LYS E 28 2.80 -44.07 20.31
CA LYS E 28 2.97 -45.28 19.55
C LYS E 28 1.60 -45.74 19.04
N LEU E 29 1.48 -45.86 17.72
CA LEU E 29 0.26 -46.34 17.10
C LEU E 29 0.44 -47.75 16.52
N THR E 30 -0.61 -48.56 16.64
CA THR E 30 -0.63 -49.90 16.05
C THR E 30 -1.85 -50.03 15.15
N THR E 31 -1.65 -50.63 13.99
CA THR E 31 -2.74 -50.88 13.04
C THR E 31 -3.44 -52.18 13.37
N ASP E 32 -4.56 -52.46 12.68
CA ASP E 32 -5.28 -53.71 12.85
C ASP E 32 -4.50 -54.93 12.31
N ASP E 33 -3.50 -54.69 11.48
CA ASP E 33 -2.65 -55.80 11.01
C ASP E 33 -1.27 -55.86 11.68
N GLY E 34 -1.13 -55.14 12.79
CA GLY E 34 0.04 -55.28 13.67
C GLY E 34 1.24 -54.40 13.35
N ILE E 35 1.05 -53.44 12.43
CA ILE E 35 2.12 -52.49 12.12
C ILE E 35 2.18 -51.41 13.20
N THR E 36 3.38 -51.09 13.66
CA THR E 36 3.57 -50.03 14.65
C THR E 36 4.26 -48.80 14.07
N GLY E 37 3.88 -47.63 14.58
CA GLY E 37 4.49 -46.38 14.18
C GLY E 37 4.71 -45.50 15.39
N TRP E 38 5.81 -44.76 15.38
CA TRP E 38 6.15 -43.87 16.47
C TRP E 38 6.11 -42.42 16.03
N GLY E 39 5.61 -41.58 16.93
CA GLY E 39 5.58 -40.14 16.70
C GLY E 39 5.96 -39.42 17.97
N GLU E 40 6.01 -38.10 17.89
CA GLU E 40 6.36 -37.28 19.04
C GLU E 40 5.55 -35.99 18.99
N CYS E 41 4.89 -35.68 20.11
CA CYS E 41 4.13 -34.45 20.25
C CYS E 41 5.00 -33.37 20.89
N TYR E 42 4.84 -32.14 20.42
CA TYR E 42 5.53 -30.99 20.96
C TYR E 42 4.46 -29.99 21.44
N ALA E 43 4.13 -30.09 22.73
CA ALA E 43 3.03 -29.33 23.31
C ALA E 43 3.19 -29.24 24.81
N ALA E 44 3.39 -28.03 25.32
CA ALA E 44 3.61 -27.87 26.75
C ALA E 44 2.97 -26.63 27.36
N SER E 45 1.87 -26.16 26.79
CA SER E 45 1.08 -25.11 27.43
C SER E 45 0.55 -25.64 28.77
N VAL E 46 0.28 -26.95 28.79
CA VAL E 46 -0.11 -27.68 29.99
C VAL E 46 0.82 -28.90 30.14
N GLY E 47 0.85 -29.47 31.34
CA GLY E 47 1.77 -30.57 31.65
C GLY E 47 1.45 -31.89 30.97
N PRO E 48 2.38 -32.87 31.08
CA PRO E 48 2.24 -34.16 30.40
C PRO E 48 0.98 -34.96 30.74
N GLU E 49 0.46 -34.88 31.96
CA GLU E 49 -0.74 -35.64 32.31
CA GLU E 49 -0.74 -35.64 32.30
C GLU E 49 -1.99 -35.05 31.66
N ALA E 50 -2.08 -33.71 31.61
CA ALA E 50 -3.15 -33.06 30.85
C ALA E 50 -3.00 -33.37 29.35
N MET E 51 -1.78 -33.31 28.83
CA MET E 51 -1.51 -33.68 27.44
C MET E 51 -1.91 -35.12 27.10
N ARG E 52 -1.70 -36.07 28.03
CA ARG E 52 -2.18 -37.46 27.86
CA ARG E 52 -2.16 -37.44 27.84
C ARG E 52 -3.66 -37.49 27.53
N ALA E 53 -4.46 -36.78 28.32
CA ALA E 53 -5.90 -36.70 28.14
C ALA E 53 -6.27 -36.09 26.80
N VAL E 54 -5.56 -35.02 26.42
CA VAL E 54 -5.80 -34.35 25.13
C VAL E 54 -5.50 -35.29 23.96
N ILE E 55 -4.35 -35.98 24.03
CA ILE E 55 -3.95 -36.91 22.96
C ILE E 55 -4.93 -38.08 22.84
N GLU E 56 -5.29 -38.69 23.98
CA GLU E 56 -6.30 -39.76 24.00
C GLU E 56 -7.61 -39.31 23.32
N ASP E 57 -8.02 -38.08 23.60
CA ASP E 57 -9.24 -37.52 23.02
C ASP E 57 -9.14 -37.37 21.51
N VAL E 58 -8.11 -36.65 21.05
CA VAL E 58 -7.87 -36.44 19.62
C VAL E 58 -7.83 -37.76 18.85
N PHE E 59 -7.06 -38.73 19.36
CA PHE E 59 -6.97 -40.04 18.69
C PHE E 59 -8.31 -40.79 18.58
N ALA E 60 -9.00 -40.96 19.70
CA ALA E 60 -10.24 -41.74 19.73
C ALA E 60 -11.35 -41.06 18.90
N ARG E 61 -11.40 -39.73 18.95
CA ARG E 61 -12.47 -38.97 18.30
C ARG E 61 -12.27 -38.87 16.79
N HIS E 62 -11.04 -38.68 16.35
CA HIS E 62 -10.78 -38.32 14.95
C HIS E 62 -9.95 -39.30 14.11
N MET E 63 -9.30 -40.27 14.76
CA MET E 63 -8.28 -41.08 14.09
C MET E 63 -8.46 -42.60 14.25
N GLU E 64 -8.91 -43.02 15.43
CA GLU E 64 -9.16 -44.44 15.70
C GLU E 64 -10.10 -45.05 14.66
N GLY E 65 -9.68 -46.17 14.08
CA GLY E 65 -10.46 -46.86 13.04
C GLY E 65 -10.28 -46.32 11.62
N GLU E 66 -9.55 -45.22 11.47
CA GLU E 66 -9.33 -44.60 10.15
C GLU E 66 -8.14 -45.24 9.42
N ASN E 67 -8.21 -45.23 8.08
CA ASN E 67 -7.06 -45.58 7.24
C ASN E 67 -5.96 -44.54 7.41
N PRO E 68 -4.73 -44.98 7.78
CA PRO E 68 -3.63 -44.01 7.96
C PRO E 68 -3.28 -43.22 6.70
N GLU E 69 -3.68 -43.71 5.53
CA GLU E 69 -3.52 -42.98 4.26
C GLU E 69 -4.22 -41.62 4.30
N ASN E 70 -5.30 -41.52 5.07
CA ASN E 70 -6.18 -40.36 5.03
C ASN E 70 -5.70 -39.18 5.88
N ILE E 71 -4.48 -38.74 5.57
CA ILE E 71 -3.81 -37.68 6.29
C ILE E 71 -4.51 -36.31 6.14
N GLU E 72 -4.98 -36.01 4.93
CA GLU E 72 -5.71 -34.75 4.69
C GLU E 72 -6.95 -34.69 5.58
N LEU E 73 -7.71 -35.78 5.59
CA LEU E 73 -8.99 -35.86 6.28
C LEU E 73 -8.84 -35.80 7.79
N MET E 74 -7.85 -36.53 8.32
CA MET E 74 -7.64 -36.52 9.77
C MET E 74 -7.19 -35.14 10.27
N PHE E 75 -6.37 -34.45 9.48
CA PHE E 75 -6.02 -33.07 9.81
C PHE E 75 -7.28 -32.18 9.85
N ARG E 76 -8.09 -32.23 8.80
CA ARG E 76 -9.33 -31.43 8.78
C ARG E 76 -10.22 -31.69 9.99
N ARG E 77 -10.32 -32.96 10.39
CA ARG E 77 -11.13 -33.35 11.54
C ARG E 77 -10.67 -32.68 12.83
N VAL E 78 -9.37 -32.80 13.12
CA VAL E 78 -8.82 -32.25 14.37
C VAL E 78 -8.83 -30.73 14.33
N TYR E 79 -8.44 -30.17 13.17
CA TYR E 79 -8.41 -28.72 12.96
C TYR E 79 -9.77 -28.07 13.17
N SER E 80 -10.83 -28.78 12.78
CA SER E 80 -12.20 -28.29 12.87
C SER E 80 -12.92 -28.70 14.16
N SER E 81 -12.29 -29.57 14.95
CA SER E 81 -12.92 -30.20 16.12
C SER E 81 -13.66 -29.22 17.05
N GLY E 82 -14.92 -29.53 17.32
CA GLY E 82 -15.73 -28.76 18.26
C GLY E 82 -16.15 -27.40 17.75
N PHE E 83 -16.28 -27.28 16.43
CA PHE E 83 -16.58 -26.01 15.77
C PHE E 83 -15.47 -24.99 16.05
N THR E 84 -14.27 -25.34 15.60
CA THR E 84 -13.12 -24.44 15.72
C THR E 84 -12.64 -24.01 14.33
N GLN E 85 -11.86 -24.86 13.68
CA GLN E 85 -11.35 -24.57 12.32
C GLN E 85 -10.48 -23.31 12.27
N ARG E 86 -9.72 -23.12 13.35
CA ARG E 86 -8.55 -22.26 13.37
C ARG E 86 -7.54 -22.98 14.28
N PRO E 87 -6.26 -22.58 14.23
CA PRO E 87 -5.24 -23.38 14.91
C PRO E 87 -5.39 -23.41 16.42
N ASP E 88 -5.46 -24.62 16.98
CA ASP E 88 -5.47 -24.82 18.43
C ASP E 88 -4.12 -25.41 18.80
N LEU E 89 -3.30 -24.62 19.46
CA LEU E 89 -1.91 -24.99 19.72
C LEU E 89 -1.80 -26.35 20.40
N THR E 90 -2.67 -26.59 21.37
CA THR E 90 -2.65 -27.83 22.14
C THR E 90 -3.21 -29.03 21.35
N ALA E 91 -4.35 -28.85 20.70
CA ALA E 91 -4.99 -29.95 19.96
C ALA E 91 -4.16 -30.38 18.75
N ILE E 92 -3.61 -29.40 18.04
CA ILE E 92 -2.76 -29.70 16.88
C ILE E 92 -1.42 -30.31 17.30
N GLY E 93 -0.86 -29.85 18.41
CA GLY E 93 0.32 -30.51 19.00
C GLY E 93 0.04 -31.99 19.21
N ALA E 94 -1.14 -32.31 19.74
CA ALA E 94 -1.53 -33.72 19.92
C ALA E 94 -1.61 -34.46 18.59
N PHE E 95 -2.34 -33.89 17.62
CA PHE E 95 -2.45 -34.48 16.29
C PHE E 95 -1.08 -34.72 15.62
N SER E 96 -0.19 -33.73 15.72
CA SER E 96 1.07 -33.73 14.98
C SER E 96 1.91 -34.99 15.27
N GLY E 97 2.01 -35.36 16.54
CA GLY E 97 2.76 -36.55 16.93
C GLY E 97 2.09 -37.80 16.40
N LEU E 98 0.76 -37.82 16.46
CA LEU E 98 -0.02 -38.97 15.98
C LEU E 98 0.13 -39.11 14.46
N GLU E 99 0.14 -37.98 13.76
CA GLU E 99 0.34 -37.92 12.32
C GLU E 99 1.72 -38.47 11.93
N ILE E 100 2.74 -38.12 12.73
CA ILE E 100 4.09 -38.61 12.47
C ILE E 100 4.13 -40.15 12.55
N ALA E 101 3.43 -40.70 13.54
CA ALA E 101 3.30 -42.14 13.71
C ALA E 101 2.56 -42.78 12.53
N CYS E 102 1.58 -42.05 11.97
CA CYS E 102 0.92 -42.51 10.74
C CYS E 102 1.91 -42.67 9.58
N TRP E 103 2.82 -41.71 9.43
CA TRP E 103 3.83 -41.77 8.37
C TRP E 103 4.78 -42.94 8.59
N ASP E 104 5.18 -43.17 9.84
CA ASP E 104 5.98 -44.34 10.19
C ASP E 104 5.26 -45.62 9.74
N ILE E 105 3.97 -45.75 10.09
CA ILE E 105 3.17 -46.89 9.65
C ILE E 105 3.06 -46.99 8.11
N LEU E 106 2.79 -45.86 7.44
CA LEU E 106 2.64 -45.84 5.99
C LEU E 106 3.91 -46.32 5.25
N GLY E 107 5.07 -45.83 5.70
CA GLY E 107 6.35 -46.31 5.16
C GLY E 107 6.55 -47.81 5.35
N LYS E 108 6.23 -48.32 6.53
CA LYS E 108 6.36 -49.75 6.80
C LYS E 108 5.40 -50.57 5.94
N ALA E 109 4.17 -50.09 5.79
CA ALA E 109 3.17 -50.75 4.95
C ALA E 109 3.59 -50.75 3.47
N ARG E 110 4.16 -49.64 3.02
CA ARG E 110 4.60 -49.47 1.63
C ARG E 110 5.95 -50.14 1.38
N GLY E 111 6.70 -50.37 2.44
CA GLY E 111 8.05 -50.93 2.35
C GLY E 111 9.06 -49.92 1.83
N ARG E 112 8.86 -48.64 2.17
CA ARG E 112 9.71 -47.55 1.70
C ARG E 112 9.95 -46.56 2.82
N PRO E 113 11.08 -45.81 2.77
CA PRO E 113 11.28 -44.73 3.73
C PRO E 113 10.23 -43.64 3.53
N VAL E 114 9.91 -42.90 4.59
CA VAL E 114 8.91 -41.83 4.49
C VAL E 114 9.25 -40.81 3.38
N TRP E 115 10.51 -40.36 3.29
CA TRP E 115 10.89 -39.38 2.25
C TRP E 115 10.49 -39.86 0.85
N ALA E 116 10.55 -41.17 0.62
CA ALA E 116 10.19 -41.75 -0.68
C ALA E 116 8.73 -41.53 -1.02
N LEU E 117 7.91 -41.35 0.01
CA LEU E 117 6.48 -41.11 -0.18
C LEU E 117 6.15 -39.63 -0.31
N LEU E 118 7.14 -38.77 -0.10
CA LEU E 118 6.92 -37.32 -0.05
C LEU E 118 7.46 -36.58 -1.29
N GLY E 119 7.45 -37.26 -2.44
CA GLY E 119 7.96 -36.67 -3.67
C GLY E 119 9.39 -37.13 -3.96
N GLY E 120 9.88 -38.04 -3.13
CA GLY E 120 11.15 -38.69 -3.39
C GLY E 120 12.33 -37.93 -2.82
N LYS E 121 13.53 -38.29 -3.25
CA LYS E 121 14.70 -37.70 -2.65
C LYS E 121 15.11 -36.43 -3.38
N MET E 122 15.26 -35.35 -2.62
CA MET E 122 15.89 -34.14 -3.15
C MET E 122 17.31 -34.02 -2.66
N ASN E 123 17.55 -34.52 -1.45
CA ASN E 123 18.79 -34.24 -0.74
C ASN E 123 19.51 -35.48 -0.22
N PRO E 124 20.54 -35.95 -0.95
CA PRO E 124 21.29 -37.12 -0.50
C PRO E 124 21.98 -36.91 0.84
N ARG E 125 22.33 -35.66 1.16
CA ARG E 125 22.88 -35.30 2.47
C ARG E 125 22.18 -34.02 2.97
N ILE E 126 21.84 -34.00 4.25
CA ILE E 126 21.14 -32.85 4.85
C ILE E 126 22.08 -32.14 5.82
N ARG E 127 22.28 -30.85 5.58
CA ARG E 127 23.11 -30.01 6.44
C ARG E 127 22.54 -29.95 7.86
N ALA E 128 23.38 -30.21 8.85
CA ALA E 128 22.94 -30.15 10.24
C ALA E 128 23.56 -28.98 10.99
N TYR E 129 22.96 -28.62 12.12
CA TYR E 129 23.58 -27.68 13.05
C TYR E 129 23.20 -28.02 14.49
N THR E 130 23.95 -27.47 15.43
CA THR E 130 23.69 -27.66 16.85
C THR E 130 23.84 -26.34 17.60
N TYR E 131 23.16 -26.23 18.74
CA TYR E 131 23.47 -25.22 19.75
C TYR E 131 24.89 -25.45 20.24
N LEU E 132 25.47 -24.42 20.86
CA LEU E 132 26.72 -24.56 21.56
C LEU E 132 26.40 -25.02 22.98
N TYR E 133 26.82 -26.23 23.31
CA TYR E 133 26.64 -26.79 24.64
C TYR E 133 27.99 -26.73 25.37
N PRO E 134 27.96 -26.70 26.72
CA PRO E 134 29.24 -26.68 27.42
C PRO E 134 30.08 -27.94 27.16
N LEU E 135 31.39 -27.76 26.98
CA LEU E 135 32.32 -28.89 26.92
C LEU E 135 32.48 -29.45 28.34
N PRO E 136 33.00 -30.69 28.47
CA PRO E 136 33.10 -31.27 29.81
C PRO E 136 33.91 -30.45 30.82
N HIS E 137 34.91 -29.71 30.35
CA HIS E 137 35.70 -28.84 31.22
C HIS E 137 35.08 -27.45 31.51
N HIS E 138 33.94 -27.15 30.90
CA HIS E 138 33.21 -25.90 31.16
C HIS E 138 32.22 -26.05 32.30
N PRO E 139 32.28 -25.16 33.30
CA PRO E 139 31.21 -25.15 34.32
C PRO E 139 29.89 -24.72 33.68
N ILE E 140 28.82 -25.46 33.96
CA ILE E 140 27.56 -25.31 33.21
C ILE E 140 26.93 -23.91 33.30
N THR E 141 26.76 -23.40 34.53
CA THR E 141 26.07 -22.12 34.72
C THR E 141 26.83 -20.93 34.11
N PRO E 142 28.13 -20.76 34.43
CA PRO E 142 28.87 -19.66 33.80
C PRO E 142 29.01 -19.77 32.27
N PHE E 143 28.87 -20.98 31.73
CA PHE E 143 29.02 -21.20 30.29
C PHE E 143 28.10 -20.30 29.45
N TRP E 144 26.84 -20.18 29.86
CA TRP E 144 25.81 -19.47 29.07
C TRP E 144 26.10 -17.98 28.85
N THR E 145 26.94 -17.40 29.69
CA THR E 145 27.31 -16.00 29.55
C THR E 145 28.81 -15.80 29.25
N SER E 146 29.50 -16.89 28.92
CA SER E 146 30.93 -16.82 28.62
C SER E 146 31.22 -16.96 27.12
N ALA E 147 31.58 -15.84 26.50
CA ALA E 147 31.99 -15.81 25.09
C ALA E 147 33.22 -16.69 24.81
N ASP E 148 34.20 -16.66 25.73
CA ASP E 148 35.39 -17.50 25.64
C ASP E 148 35.03 -18.99 25.58
N MET E 149 34.17 -19.44 26.50
CA MET E 149 33.76 -20.83 26.54
C MET E 149 32.93 -21.20 25.32
N ALA E 150 32.03 -20.29 24.91
CA ALA E 150 31.21 -20.48 23.72
C ALA E 150 32.08 -20.68 22.46
N ALA E 151 33.11 -19.85 22.32
CA ALA E 151 34.07 -19.96 21.22
C ALA E 151 34.78 -21.31 21.21
N GLU E 152 35.14 -21.82 22.39
CA GLU E 152 35.73 -23.15 22.55
C GLU E 152 34.78 -24.25 22.06
N SER E 153 33.53 -24.19 22.49
CA SER E 153 32.51 -25.14 22.05
CA SER E 153 32.50 -25.14 22.06
C SER E 153 32.32 -25.07 20.53
N ALA E 154 32.35 -23.85 19.98
CA ALA E 154 32.20 -23.64 18.54
C ALA E 154 33.36 -24.28 17.75
N ALA E 155 34.59 -24.10 18.24
CA ALA E 155 35.76 -24.72 17.65
C ALA E 155 35.64 -26.25 17.65
N ASP E 156 35.11 -26.81 18.74
CA ASP E 156 34.90 -28.25 18.84
C ASP E 156 33.84 -28.73 17.85
N CYS E 157 32.75 -27.96 17.71
CA CYS E 157 31.71 -28.27 16.71
C CYS E 157 32.27 -28.32 15.29
N VAL E 158 33.13 -27.35 14.96
CA VAL E 158 33.78 -27.28 13.65
C VAL E 158 34.71 -28.48 13.43
N ALA E 159 35.48 -28.84 14.47
CA ALA E 159 36.36 -30.00 14.41
C ALA E 159 35.58 -31.29 14.12
N ARG E 160 34.34 -31.37 14.57
CA ARG E 160 33.50 -32.55 14.31
C ARG E 160 32.69 -32.47 13.01
N GLY E 161 32.89 -31.40 12.24
CA GLY E 161 32.28 -31.28 10.91
C GLY E 161 31.10 -30.35 10.77
N TYR E 162 30.64 -29.77 11.88
CA TYR E 162 29.50 -28.83 11.83
C TYR E 162 29.84 -27.56 11.05
N THR E 163 28.90 -27.11 10.24
CA THR E 163 29.08 -25.94 9.37
C THR E 163 28.23 -24.75 9.81
N ALA E 164 27.54 -24.92 10.93
CA ALA E 164 26.75 -23.84 11.53
C ALA E 164 26.55 -24.15 13.01
N VAL E 165 26.59 -23.11 13.84
CA VAL E 165 26.40 -23.24 15.28
C VAL E 165 25.46 -22.18 15.81
N LYS E 166 24.67 -22.53 16.83
CA LYS E 166 23.66 -21.62 17.36
C LYS E 166 23.90 -21.27 18.82
N PHE E 167 23.55 -20.04 19.20
CA PHE E 167 23.77 -19.55 20.57
C PHE E 167 22.86 -18.36 20.85
N ASP E 168 22.48 -18.19 22.11
CA ASP E 168 21.69 -17.03 22.54
C ASP E 168 22.27 -16.39 23.81
N PRO E 169 23.09 -15.33 23.64
CA PRO E 169 23.64 -14.62 24.79
C PRO E 169 22.85 -13.36 25.19
N ALA E 170 21.64 -13.20 24.65
CA ALA E 170 20.89 -11.92 24.73
C ALA E 170 20.02 -11.76 25.97
N GLY E 171 20.02 -12.76 26.84
CA GLY E 171 19.32 -12.67 28.12
C GLY E 171 18.03 -13.47 28.23
N PRO E 172 17.36 -13.36 29.40
CA PRO E 172 16.20 -14.20 29.71
C PRO E 172 14.96 -13.80 28.92
N TYR E 173 14.16 -14.79 28.55
CA TYR E 173 12.82 -14.51 28.04
C TYR E 173 11.87 -14.61 29.22
N THR E 174 10.89 -13.71 29.27
CA THR E 174 9.97 -13.63 30.41
C THR E 174 8.52 -13.52 29.98
N LEU E 175 7.63 -13.86 30.92
CA LEU E 175 6.20 -13.95 30.65
C LEU E 175 5.54 -12.59 30.37
N ARG E 176 6.28 -11.51 30.60
CA ARG E 176 5.77 -10.16 30.43
C ARG E 176 5.56 -9.79 28.96
N GLY E 177 6.30 -10.45 28.07
CA GLY E 177 6.29 -10.10 26.66
C GLY E 177 7.61 -9.42 26.33
N GLY E 178 7.66 -8.76 25.18
CA GLY E 178 8.92 -8.12 24.74
C GLY E 178 9.46 -7.12 25.75
N HIS E 179 10.78 -7.10 25.89
CA HIS E 179 11.44 -6.06 26.69
C HIS E 179 12.60 -5.45 25.91
N MET E 180 13.13 -4.34 26.41
CA MET E 180 14.30 -3.71 25.81
C MET E 180 15.56 -4.39 26.38
N PRO E 181 16.52 -4.78 25.51
CA PRO E 181 17.75 -5.37 26.06
C PRO E 181 18.51 -4.38 26.93
N ALA E 182 19.21 -4.89 27.94
CA ALA E 182 20.17 -4.08 28.70
C ALA E 182 21.36 -3.79 27.82
N MET E 183 22.08 -2.68 28.07
CA MET E 183 23.31 -2.40 27.32
C MET E 183 24.25 -3.61 27.40
N THR E 184 24.26 -4.25 28.58
CA THR E 184 25.09 -5.44 28.78
C THR E 184 24.64 -6.63 27.93
N ASP E 185 23.34 -6.75 27.63
CA ASP E 185 22.87 -7.82 26.73
C ASP E 185 23.43 -7.62 25.32
N ILE E 186 23.43 -6.37 24.88
CA ILE E 186 23.94 -6.02 23.55
C ILE E 186 25.45 -6.25 23.45
N SER E 187 26.19 -5.75 24.44
CA SER E 187 27.64 -5.93 24.50
C SER E 187 28.04 -7.40 24.53
N LEU E 188 27.36 -8.21 25.36
CA LEU E 188 27.65 -9.64 25.43
C LEU E 188 27.37 -10.34 24.09
N SER E 189 26.27 -9.97 23.45
CA SER E 189 25.94 -10.50 22.13
C SER E 189 27.01 -10.21 21.09
N VAL E 190 27.51 -8.97 21.08
CA VAL E 190 28.62 -8.56 20.22
C VAL E 190 29.87 -9.37 20.54
N GLU E 191 30.13 -9.56 21.84
CA GLU E 191 31.31 -10.29 22.28
C GLU E 191 31.23 -11.76 21.82
N PHE E 192 30.07 -12.38 21.98
CA PHE E 192 29.85 -13.75 21.49
C PHE E 192 30.08 -13.85 19.99
N CYS E 193 29.43 -13.00 19.20
CA CYS E 193 29.59 -13.04 17.76
C CYS E 193 31.04 -12.84 17.34
N ARG E 194 31.68 -11.83 17.94
CA ARG E 194 33.09 -11.53 17.64
C ARG E 194 34.00 -12.72 17.91
N LYS E 195 33.90 -13.27 19.12
CA LYS E 195 34.78 -14.37 19.53
C LYS E 195 34.49 -15.69 18.83
N ILE E 196 33.20 -15.98 18.59
CA ILE E 196 32.83 -17.19 17.87
C ILE E 196 33.27 -17.09 16.40
N ARG E 197 33.05 -15.93 15.77
CA ARG E 197 33.53 -15.72 14.39
C ARG E 197 35.05 -15.93 14.31
N ALA E 198 35.78 -15.36 15.27
CA ALA E 198 37.23 -15.54 15.34
C ALA E 198 37.60 -17.02 15.43
N ALA E 199 36.82 -17.79 16.19
CA ALA E 199 37.10 -19.22 16.39
C ALA E 199 36.79 -20.09 15.17
N VAL E 200 35.74 -19.75 14.42
CA VAL E 200 35.29 -20.61 13.31
C VAL E 200 35.69 -20.09 11.93
N GLY E 201 36.00 -18.80 11.84
CA GLY E 201 36.33 -18.15 10.58
C GLY E 201 35.24 -18.36 9.54
N ASP E 202 35.64 -18.78 8.35
CA ASP E 202 34.71 -19.12 7.27
C ASP E 202 34.23 -20.56 7.29
N LYS E 203 34.64 -21.33 8.31
CA LYS E 203 34.30 -22.74 8.36
C LYS E 203 32.88 -22.99 8.85
N ALA E 204 32.27 -21.99 9.49
CA ALA E 204 30.91 -22.15 10.01
C ALA E 204 30.14 -20.84 10.01
N ASP E 205 28.83 -20.96 9.91
CA ASP E 205 27.92 -19.84 10.06
C ASP E 205 27.53 -19.65 11.51
N LEU E 206 27.27 -18.41 11.89
CA LEU E 206 26.75 -18.12 13.22
C LEU E 206 25.24 -18.01 13.12
N LEU E 207 24.54 -18.74 13.99
CA LEU E 207 23.09 -18.66 14.07
C LEU E 207 22.75 -17.97 15.37
N PHE E 208 22.14 -16.80 15.29
CA PHE E 208 21.84 -16.04 16.49
C PHE E 208 20.48 -16.46 17.00
N GLY E 209 20.49 -17.38 17.97
CA GLY E 209 19.31 -18.14 18.35
C GLY E 209 18.46 -17.52 19.43
N THR E 210 18.09 -16.25 19.26
CA THR E 210 17.22 -15.56 20.21
C THR E 210 15.87 -16.28 20.42
N HIS E 211 15.22 -15.96 21.54
CA HIS E 211 14.04 -16.67 22.00
C HIS E 211 12.84 -15.73 22.18
N GLY E 212 12.73 -14.72 21.31
CA GLY E 212 11.58 -13.82 21.33
C GLY E 212 11.49 -12.91 22.55
N GLN E 213 12.64 -12.52 23.08
CA GLN E 213 12.73 -11.71 24.32
C GLN E 213 12.28 -10.26 24.16
N PHE E 214 12.28 -9.75 22.92
CA PHE E 214 12.36 -8.31 22.74
C PHE E 214 11.15 -7.63 22.12
N THR E 215 10.97 -6.38 22.52
CA THR E 215 10.14 -5.44 21.77
C THR E 215 10.74 -5.29 20.37
N THR E 216 9.92 -4.82 19.44
CA THR E 216 10.40 -4.53 18.08
C THR E 216 11.61 -3.59 18.16
N ALA E 217 11.46 -2.52 18.95
CA ALA E 217 12.54 -1.56 19.20
C ALA E 217 13.81 -2.25 19.71
N GLY E 218 13.65 -3.09 20.73
CA GLY E 218 14.77 -3.81 21.35
C GLY E 218 15.48 -4.73 20.39
N ALA E 219 14.68 -5.45 19.60
CA ALA E 219 15.18 -6.38 18.59
C ALA E 219 15.99 -5.68 17.51
N ILE E 220 15.56 -4.48 17.12
CA ILE E 220 16.28 -3.70 16.10
C ILE E 220 17.62 -3.17 16.64
N ARG E 221 17.61 -2.67 17.87
CA ARG E 221 18.85 -2.22 18.53
C ARG E 221 19.87 -3.36 18.66
N LEU E 222 19.41 -4.54 19.10
CA LEU E 222 20.29 -5.70 19.20
C LEU E 222 20.77 -6.18 17.82
N GLY E 223 19.83 -6.29 16.88
CA GLY E 223 20.11 -6.74 15.52
C GLY E 223 21.19 -5.93 14.84
N GLN E 224 21.07 -4.60 14.87
CA GLN E 224 22.06 -3.74 14.23
C GLN E 224 23.47 -3.90 14.84
N ALA E 225 23.55 -4.23 16.13
CA ALA E 225 24.86 -4.38 16.79
C ALA E 225 25.64 -5.62 16.35
N ILE E 226 24.94 -6.67 15.94
CA ILE E 226 25.60 -7.93 15.56
C ILE E 226 25.77 -8.11 14.05
N GLU E 227 25.20 -7.20 13.27
CA GLU E 227 25.35 -7.18 11.80
C GLU E 227 26.79 -7.35 11.27
N PRO E 228 27.79 -6.67 11.90
CA PRO E 228 29.16 -6.79 11.38
C PRO E 228 29.71 -8.22 11.33
N TYR E 229 29.10 -9.16 12.04
CA TYR E 229 29.66 -10.52 12.15
C TYR E 229 28.97 -11.50 11.20
N SER E 230 28.14 -10.95 10.32
CA SER E 230 27.42 -11.69 9.28
C SER E 230 26.73 -12.96 9.79
N PRO E 231 25.91 -12.82 10.85
CA PRO E 231 25.19 -14.03 11.27
C PRO E 231 24.23 -14.48 10.18
N LEU E 232 24.09 -15.80 10.01
CA LEU E 232 23.27 -16.34 8.95
C LEU E 232 21.78 -16.06 9.21
N TRP E 233 21.35 -16.17 10.47
CA TRP E 233 19.98 -15.76 10.83
C TRP E 233 19.83 -15.12 12.21
N TYR E 234 18.68 -14.49 12.41
CA TYR E 234 18.28 -13.83 13.64
C TYR E 234 16.96 -14.48 14.00
N GLU E 235 17.00 -15.42 14.96
CA GLU E 235 15.85 -16.26 15.30
C GLU E 235 14.89 -15.56 16.26
N GLU E 236 13.59 -15.73 16.05
CA GLU E 236 12.56 -15.19 16.95
C GLU E 236 12.99 -13.88 17.64
N PRO E 237 13.21 -12.80 16.86
CA PRO E 237 13.68 -11.58 17.53
C PRO E 237 12.63 -10.99 18.48
N VAL E 238 11.36 -11.28 18.20
CA VAL E 238 10.22 -10.78 18.99
C VAL E 238 9.30 -11.96 19.34
N PRO E 239 8.38 -11.77 20.30
CA PRO E 239 7.47 -12.89 20.63
C PRO E 239 6.63 -13.31 19.41
N PRO E 240 6.14 -14.56 19.41
CA PRO E 240 5.47 -15.17 18.26
C PRO E 240 4.01 -14.75 18.01
N ASP E 241 3.55 -13.67 18.62
CA ASP E 241 2.12 -13.32 18.58
C ASP E 241 1.83 -12.05 17.80
N ASN E 242 2.76 -11.65 16.94
CA ASN E 242 2.64 -10.40 16.21
C ASN E 242 3.47 -10.43 14.92
N VAL E 243 2.82 -10.81 13.82
CA VAL E 243 3.47 -10.92 12.52
C VAL E 243 4.01 -9.58 12.03
N GLY E 244 3.19 -8.53 12.19
CA GLY E 244 3.58 -7.17 11.81
C GLY E 244 4.84 -6.67 12.50
N ALA E 245 4.93 -6.94 13.81
CA ALA E 245 6.11 -6.57 14.60
C ALA E 245 7.36 -7.25 14.07
N MET E 246 7.27 -8.55 13.81
CA MET E 246 8.43 -9.28 13.29
C MET E 246 8.87 -8.76 11.91
N ALA E 247 7.90 -8.42 11.06
CA ALA E 247 8.19 -7.85 9.75
C ALA E 247 8.91 -6.49 9.85
N GLN E 248 8.56 -5.70 10.87
CA GLN E 248 9.25 -4.45 11.14
C GLN E 248 10.71 -4.67 11.48
N VAL E 249 11.01 -5.72 12.25
CA VAL E 249 12.39 -6.10 12.55
C VAL E 249 13.10 -6.51 11.26
N ALA E 250 12.46 -7.38 10.49
CA ALA E 250 13.04 -7.92 9.25
C ALA E 250 13.44 -6.83 8.26
N ARG E 251 12.61 -5.78 8.17
CA ARG E 251 12.90 -4.65 7.27
C ARG E 251 13.99 -3.72 7.82
N ALA E 252 14.18 -3.71 9.14
CA ALA E 252 15.09 -2.78 9.79
C ALA E 252 16.47 -3.37 10.15
N VAL E 253 16.62 -4.68 10.04
CA VAL E 253 17.91 -5.32 10.31
C VAL E 253 18.41 -6.00 9.05
N ARG E 254 19.73 -6.03 8.87
CA ARG E 254 20.30 -6.56 7.63
C ARG E 254 20.55 -8.07 7.73
N ILE E 255 19.96 -8.70 8.74
CA ILE E 255 20.13 -10.14 9.00
C ILE E 255 18.83 -10.86 8.65
N PRO E 256 18.92 -12.02 7.97
CA PRO E 256 17.70 -12.80 7.72
C PRO E 256 17.02 -13.21 9.03
N VAL E 257 15.70 -13.05 9.08
CA VAL E 257 14.92 -13.44 10.26
C VAL E 257 14.43 -14.88 10.09
N ALA E 258 14.62 -15.69 11.13
CA ALA E 258 14.11 -17.05 11.18
C ALA E 258 13.10 -17.15 12.31
N THR E 259 12.02 -17.90 12.08
CA THR E 259 11.01 -18.15 13.12
C THR E 259 10.16 -19.37 12.80
N GLY E 260 9.38 -19.83 13.78
CA GLY E 260 8.33 -20.81 13.53
C GLY E 260 8.11 -21.88 14.58
N GLU E 261 9.05 -22.02 15.51
CA GLU E 261 8.96 -23.10 16.50
C GLU E 261 7.73 -23.03 17.41
N ARG E 262 7.16 -21.84 17.55
CA ARG E 262 5.98 -21.64 18.38
C ARG E 262 4.72 -21.40 17.55
N LEU E 263 4.83 -21.63 16.24
CA LEU E 263 3.72 -21.46 15.32
C LEU E 263 3.13 -22.80 14.92
N THR E 264 1.87 -22.79 14.49
CA THR E 264 1.19 -24.02 14.11
C THR E 264 0.26 -23.88 12.92
N THR E 265 0.39 -24.82 11.98
CA THR E 265 -0.38 -24.93 10.73
C THR E 265 0.01 -23.91 9.64
N LYS E 266 -0.33 -24.26 8.40
CA LYS E 266 -0.18 -23.33 7.29
C LYS E 266 -0.92 -22.01 7.50
N ALA E 267 -2.02 -22.04 8.28
CA ALA E 267 -2.77 -20.82 8.58
C ALA E 267 -1.93 -19.75 9.29
N GLU E 268 -0.89 -20.18 10.01
CA GLU E 268 0.03 -19.24 10.69
C GLU E 268 1.31 -18.96 9.91
N PHE E 269 1.79 -19.95 9.17
CA PHE E 269 3.01 -19.77 8.39
C PHE E 269 2.80 -18.90 7.14
N ALA E 270 1.62 -19.00 6.54
CA ALA E 270 1.34 -18.22 5.34
C ALA E 270 1.43 -16.71 5.57
N PRO E 271 0.80 -16.17 6.65
CA PRO E 271 0.95 -14.74 6.94
C PRO E 271 2.39 -14.33 7.21
N VAL E 272 3.17 -15.19 7.87
CA VAL E 272 4.60 -14.94 8.11
C VAL E 272 5.34 -14.66 6.80
N LEU E 273 5.13 -15.53 5.81
CA LEU E 273 5.74 -15.33 4.49
C LEU E 273 5.17 -14.11 3.80
N ARG E 274 3.83 -14.02 3.75
CA ARG E 274 3.14 -12.98 2.99
C ARG E 274 3.52 -11.57 3.47
N GLU E 275 3.71 -11.40 4.78
CA GLU E 275 4.07 -10.09 5.33
C GLU E 275 5.58 -9.85 5.35
N GLY E 276 6.34 -10.85 4.91
CA GLY E 276 7.80 -10.78 4.93
C GLY E 276 8.36 -10.73 6.35
N ALA E 277 7.73 -11.46 7.27
CA ALA E 277 8.17 -11.47 8.66
C ALA E 277 9.41 -12.34 8.88
N ALA E 278 9.56 -13.40 8.07
CA ALA E 278 10.70 -14.30 8.17
C ALA E 278 11.08 -14.85 6.81
N ALA E 279 12.37 -15.05 6.60
CA ALA E 279 12.92 -15.66 5.39
C ALA E 279 13.14 -17.17 5.57
N ILE E 280 13.19 -17.60 6.82
CA ILE E 280 13.52 -18.99 7.16
C ILE E 280 12.49 -19.49 8.16
N LEU E 281 11.86 -20.62 7.86
CA LEU E 281 10.75 -21.15 8.65
C LEU E 281 11.19 -22.36 9.44
N GLN E 282 10.92 -22.34 10.75
CA GLN E 282 11.45 -23.36 11.68
C GLN E 282 10.33 -24.05 12.48
N PRO E 283 9.40 -24.72 11.79
CA PRO E 283 8.35 -25.40 12.53
C PRO E 283 8.91 -26.56 13.35
N ALA E 284 8.32 -26.78 14.52
CA ALA E 284 8.45 -28.05 15.22
C ALA E 284 7.37 -28.95 14.64
N LEU E 285 7.77 -29.99 13.93
CA LEU E 285 6.79 -30.85 13.23
C LEU E 285 5.81 -31.51 14.19
N GLY E 286 6.25 -31.78 15.42
CA GLY E 286 5.38 -32.31 16.48
C GLY E 286 4.41 -31.30 17.06
N ARG E 287 4.50 -30.05 16.62
CA ARG E 287 3.60 -28.98 17.03
C ARG E 287 2.75 -28.47 15.86
N ALA E 288 3.39 -28.30 14.71
CA ALA E 288 2.84 -27.47 13.64
C ALA E 288 1.81 -28.14 12.73
N GLY E 289 1.53 -29.40 12.96
CA GLY E 289 0.52 -30.11 12.16
C GLY E 289 0.99 -31.41 11.54
N GLY E 290 2.26 -31.75 11.78
CA GLY E 290 2.83 -32.98 11.23
C GLY E 290 3.58 -32.78 9.93
N ILE E 291 3.98 -33.90 9.34
CA ILE E 291 4.82 -33.91 8.14
C ILE E 291 4.11 -33.36 6.89
N TRP E 292 2.87 -33.80 6.66
CA TRP E 292 2.14 -33.42 5.45
C TRP E 292 1.78 -31.95 5.43
N GLU E 293 1.26 -31.44 6.55
CA GLU E 293 0.98 -30.01 6.72
C GLU E 293 2.25 -29.19 6.51
N MET E 294 3.39 -29.69 6.99
CA MET E 294 4.64 -28.98 6.78
C MET E 294 5.17 -29.04 5.33
N LYS E 295 4.82 -30.10 4.60
CA LYS E 295 5.09 -30.15 3.15
C LYS E 295 4.33 -29.03 2.42
N LYS E 296 3.10 -28.76 2.86
CA LYS E 296 2.33 -27.65 2.32
C LYS E 296 3.03 -26.34 2.60
N VAL E 297 3.51 -26.16 3.84
CA VAL E 297 4.25 -24.94 4.19
C VAL E 297 5.57 -24.80 3.40
N ALA E 298 6.26 -25.92 3.19
CA ALA E 298 7.50 -25.90 2.40
C ALA E 298 7.24 -25.39 0.96
N ALA E 299 6.12 -25.81 0.38
CA ALA E 299 5.71 -25.37 -0.95
C ALA E 299 5.45 -23.85 -0.98
N MET E 300 4.77 -23.35 0.04
CA MET E 300 4.56 -21.90 0.20
C MET E 300 5.88 -21.14 0.31
N ALA E 301 6.82 -21.67 1.08
CA ALA E 301 8.13 -21.05 1.21
C ALA E 301 8.85 -21.00 -0.16
N GLU E 302 8.69 -22.04 -0.96
CA GLU E 302 9.26 -22.06 -2.30
C GLU E 302 8.87 -20.83 -3.11
N VAL E 303 7.60 -20.44 -3.05
CA VAL E 303 7.12 -19.32 -3.88
C VAL E 303 7.41 -17.96 -3.26
N TYR E 304 8.09 -17.96 -2.12
CA TYR E 304 8.69 -16.76 -1.53
C TYR E 304 10.23 -16.81 -1.58
N ASN E 305 10.76 -17.80 -2.29
CA ASN E 305 12.23 -18.00 -2.37
C ASN E 305 12.80 -18.05 -0.94
N ALA E 306 12.07 -18.75 -0.08
CA ALA E 306 12.38 -18.88 1.34
C ALA E 306 12.66 -20.35 1.64
N GLN E 307 13.24 -20.62 2.81
CA GLN E 307 13.69 -21.99 3.13
C GLN E 307 13.18 -22.51 4.47
N MET E 308 13.23 -23.83 4.61
CA MET E 308 12.84 -24.51 5.85
C MET E 308 14.06 -24.92 6.65
N ALA E 309 13.98 -24.70 7.96
CA ALA E 309 14.99 -25.22 8.90
C ALA E 309 14.26 -25.82 10.11
N PRO E 310 13.83 -27.09 9.98
CA PRO E 310 13.00 -27.73 11.00
C PRO E 310 13.60 -27.64 12.40
N HIS E 311 12.76 -27.26 13.36
CA HIS E 311 13.16 -27.06 14.74
C HIS E 311 13.38 -28.40 15.43
N LEU E 312 14.36 -28.44 16.32
CA LEU E 312 14.47 -29.52 17.30
C LEU E 312 14.91 -29.00 18.66
N TYR E 313 14.00 -29.04 19.62
CA TYR E 313 14.40 -29.06 21.01
C TYR E 313 13.53 -30.09 21.71
N ALA E 314 13.73 -31.34 21.31
CA ALA E 314 12.93 -32.48 21.71
C ALA E 314 13.72 -33.75 21.41
N GLY E 315 13.02 -34.89 21.30
CA GLY E 315 13.66 -36.18 21.12
C GLY E 315 13.97 -36.59 19.68
N PRO E 316 14.60 -37.76 19.51
CA PRO E 316 15.06 -38.23 18.20
C PRO E 316 13.90 -38.69 17.30
N VAL E 317 12.72 -38.91 17.87
CA VAL E 317 11.56 -39.27 17.06
C VAL E 317 11.08 -38.08 16.21
N GLU E 318 10.90 -36.91 16.83
CA GLU E 318 10.59 -35.72 16.04
C GLU E 318 11.74 -35.40 15.08
N TRP E 319 12.98 -35.65 15.52
CA TRP E 319 14.13 -35.41 14.66
C TRP E 319 14.07 -36.28 13.40
N ALA E 320 13.68 -37.55 13.56
CA ALA E 320 13.54 -38.46 12.44
C ALA E 320 12.49 -37.96 11.43
N ALA E 321 11.38 -37.43 11.93
CA ALA E 321 10.38 -36.79 11.08
C ALA E 321 10.99 -35.60 10.31
N ASN E 322 11.73 -34.76 11.01
CA ASN E 322 12.46 -33.64 10.39
C ASN E 322 13.35 -34.09 9.24
N VAL E 323 14.09 -35.18 9.47
CA VAL E 323 15.03 -35.74 8.49
C VAL E 323 14.32 -36.17 7.21
N HIS E 324 13.20 -36.89 7.33
CA HIS E 324 12.47 -37.37 6.16
C HIS E 324 11.84 -36.22 5.39
N PHE E 325 11.27 -35.27 6.13
CA PHE E 325 10.71 -34.03 5.57
C PHE E 325 11.80 -33.27 4.79
N ALA E 326 12.95 -33.07 5.41
CA ALA E 326 14.08 -32.36 4.81
C ALA E 326 14.63 -33.06 3.58
N ALA E 327 14.64 -34.39 3.60
CA ALA E 327 15.10 -35.20 2.47
C ALA E 327 14.32 -34.95 1.19
N SER E 328 13.04 -34.61 1.34
CA SER E 328 12.11 -34.52 0.22
C SER E 328 11.84 -33.11 -0.32
N ILE E 329 12.44 -32.09 0.28
CA ILE E 329 12.13 -30.72 -0.14
C ILE E 329 13.32 -30.04 -0.82
N PRO E 330 13.07 -29.31 -1.93
CA PRO E 330 14.17 -28.63 -2.60
C PRO E 330 14.72 -27.45 -1.80
N ASN E 331 13.89 -26.87 -0.93
CA ASN E 331 14.25 -25.64 -0.20
C ASN E 331 14.62 -25.86 1.28
N ILE E 332 15.40 -26.91 1.54
CA ILE E 332 15.95 -27.15 2.87
C ILE E 332 17.18 -26.25 3.10
N LEU E 333 17.25 -25.61 4.27
CA LEU E 333 18.47 -24.91 4.67
C LEU E 333 19.33 -25.84 5.54
N MET E 334 18.81 -26.23 6.70
CA MET E 334 19.55 -27.12 7.62
C MET E 334 18.60 -27.72 8.67
N CYS E 335 19.02 -28.80 9.31
CA CYS E 335 18.24 -29.42 10.37
C CYS E 335 18.92 -29.26 11.72
N GLU E 336 18.23 -28.60 12.64
CA GLU E 336 18.63 -28.56 14.05
C GLU E 336 18.77 -29.99 14.58
N SER E 337 19.85 -30.24 15.31
CA SER E 337 20.16 -31.57 15.82
C SER E 337 20.72 -31.44 17.22
N ILE E 338 20.48 -32.46 18.05
CA ILE E 338 21.03 -32.54 19.39
C ILE E 338 21.67 -33.92 19.57
N GLU E 339 22.98 -33.94 19.76
CA GLU E 339 23.67 -35.20 19.97
C GLU E 339 23.87 -35.44 21.45
N THR E 340 23.14 -36.42 21.99
CA THR E 340 23.36 -36.90 23.35
C THR E 340 23.32 -38.42 23.30
N PRO E 341 23.96 -39.10 24.26
CA PRO E 341 23.84 -40.55 24.36
C PRO E 341 22.39 -41.02 24.47
N PHE E 342 21.55 -40.27 25.18
CA PHE E 342 20.15 -40.66 25.34
C PHE E 342 19.35 -40.54 24.04
N HIS E 343 19.56 -39.45 23.28
CA HIS E 343 18.98 -39.30 21.95
C HIS E 343 19.35 -40.49 21.09
N ASP E 344 20.64 -40.81 21.04
CA ASP E 344 21.13 -41.89 20.20
C ASP E 344 20.59 -43.24 20.63
N ALA E 345 20.61 -43.51 21.94
CA ALA E 345 20.09 -44.78 22.46
C ALA E 345 18.58 -44.97 22.24
N LEU E 346 17.81 -43.88 22.32
CA LEU E 346 16.34 -43.98 22.19
C LEU E 346 15.89 -44.47 20.80
N ILE E 347 16.66 -44.18 19.77
CA ILE E 347 16.37 -44.72 18.43
C ILE E 347 17.41 -45.76 17.98
N LYS E 348 18.20 -46.24 18.95
CA LYS E 348 19.20 -47.28 18.73
C LYS E 348 20.18 -46.94 17.60
N GLY E 349 20.63 -45.69 17.56
CA GLY E 349 21.62 -45.23 16.57
C GLY E 349 21.17 -45.32 15.13
N SER E 350 19.86 -45.37 14.90
CA SER E 350 19.29 -45.58 13.56
C SER E 350 19.60 -44.47 12.56
N ILE E 351 19.62 -43.25 13.04
CA ILE E 351 19.96 -42.09 12.20
C ILE E 351 20.93 -41.27 13.01
N ARG E 352 22.01 -40.80 12.37
CA ARG E 352 23.03 -40.06 13.07
C ARG E 352 23.55 -38.93 12.23
N VAL E 353 23.99 -37.87 12.90
CA VAL E 353 24.81 -36.84 12.26
C VAL E 353 26.22 -37.42 12.09
N GLU E 354 26.77 -37.27 10.89
CA GLU E 354 28.13 -37.70 10.58
C GLU E 354 28.85 -36.60 9.81
N GLY E 355 29.88 -36.02 10.43
CA GLY E 355 30.65 -34.94 9.82
C GLY E 355 29.80 -33.72 9.46
N GLY E 356 28.81 -33.43 10.29
CA GLY E 356 27.96 -32.24 10.11
C GLY E 356 26.79 -32.42 9.17
N TYR E 357 26.57 -33.66 8.71
CA TYR E 357 25.48 -33.95 7.78
C TYR E 357 24.71 -35.21 8.17
N ILE E 358 23.48 -35.29 7.67
CA ILE E 358 22.58 -36.40 7.95
C ILE E 358 22.21 -37.06 6.62
N THR E 359 22.49 -38.37 6.52
CA THR E 359 22.03 -39.15 5.38
C THR E 359 20.62 -39.68 5.66
N PRO E 360 19.67 -39.43 4.75
CA PRO E 360 18.32 -39.97 4.92
C PRO E 360 18.38 -41.50 4.96
N PRO E 361 17.71 -42.12 5.94
CA PRO E 361 17.74 -43.58 6.02
C PRO E 361 17.00 -44.25 4.87
N GLU E 362 17.44 -45.46 4.52
CA GLU E 362 16.84 -46.24 3.43
C GLU E 362 15.85 -47.31 3.94
N ALA E 363 15.85 -47.57 5.24
CA ALA E 363 14.91 -48.53 5.83
C ALA E 363 13.45 -48.02 5.73
N PRO E 364 12.46 -48.94 5.84
CA PRO E 364 11.05 -48.54 5.74
C PRO E 364 10.57 -47.62 6.86
N GLY E 365 9.60 -46.76 6.56
CA GLY E 365 9.01 -45.87 7.56
C GLY E 365 9.95 -44.76 7.94
N LEU E 366 9.98 -44.40 9.22
CA LEU E 366 10.92 -43.39 9.70
C LEU E 366 12.36 -43.94 9.76
N GLY E 367 12.50 -45.26 9.65
CA GLY E 367 13.80 -45.90 9.64
C GLY E 367 14.44 -45.90 11.02
N ILE E 368 13.60 -45.97 12.05
CA ILE E 368 14.08 -45.97 13.44
C ILE E 368 13.64 -47.23 14.17
N GLU E 369 14.44 -47.63 15.15
CA GLU E 369 14.09 -48.70 16.06
C GLU E 369 14.04 -48.07 17.43
N VAL E 370 12.83 -47.75 17.88
CA VAL E 370 12.65 -47.04 19.14
C VAL E 370 12.84 -48.01 20.30
N ASP E 371 13.68 -47.63 21.27
CA ASP E 371 13.88 -48.46 22.45
C ASP E 371 12.79 -48.14 23.48
N GLU E 372 11.67 -48.85 23.37
CA GLU E 372 10.53 -48.65 24.25
C GLU E 372 10.86 -48.90 25.73
N ALA E 373 11.61 -49.96 26.01
CA ALA E 373 12.06 -50.27 27.37
C ALA E 373 12.84 -49.11 27.98
N LEU E 374 13.75 -48.52 27.20
CA LEU E 374 14.56 -47.40 27.68
C LEU E 374 13.68 -46.18 28.01
N ALA E 375 12.73 -45.88 27.12
CA ALA E 375 11.79 -44.79 27.35
C ALA E 375 10.99 -44.99 28.63
N ARG E 376 10.45 -46.20 28.81
CA ARG E 376 9.67 -46.54 30.01
C ARG E 376 10.52 -46.61 31.29
N ALA E 377 11.81 -46.90 31.14
CA ALA E 377 12.73 -46.94 32.27
C ALA E 377 13.15 -45.53 32.70
N ASN E 378 12.78 -44.53 31.91
CA ASN E 378 13.10 -43.13 32.22
C ASN E 378 11.87 -42.22 32.29
N PRO E 379 11.04 -42.40 33.34
CA PRO E 379 9.81 -41.60 33.44
C PRO E 379 10.08 -40.17 33.89
N TYR E 380 9.15 -39.27 33.61
CA TYR E 380 9.26 -37.90 34.10
C TYR E 380 8.69 -37.81 35.52
N HIS E 381 9.47 -37.25 36.44
CA HIS E 381 9.05 -37.16 37.83
C HIS E 381 8.69 -35.76 38.31
N GLY E 382 9.08 -34.75 37.52
CA GLY E 382 8.90 -33.36 37.93
C GLY E 382 7.49 -32.81 37.87
N THR E 383 7.39 -31.52 38.17
CA THR E 383 6.12 -30.80 38.18
C THR E 383 6.16 -29.68 37.15
N GLY E 384 7.29 -29.54 36.47
CA GLY E 384 7.50 -28.48 35.49
C GLY E 384 7.12 -28.86 34.07
N LEU E 385 7.19 -27.86 33.19
CA LEU E 385 6.85 -28.03 31.77
C LEU E 385 8.14 -28.23 30.98
N HIS E 386 8.00 -28.77 29.77
CA HIS E 386 9.13 -29.04 28.87
C HIS E 386 10.13 -27.88 28.89
N LEU E 387 9.60 -26.67 28.71
CA LEU E 387 10.34 -25.42 28.87
C LEU E 387 9.45 -24.44 29.63
N GLU E 388 10.06 -23.47 30.30
CA GLU E 388 9.29 -22.48 31.05
C GLU E 388 9.78 -21.05 30.84
N MET E 389 8.89 -20.09 30.99
CA MET E 389 9.22 -18.67 30.85
C MET E 389 9.31 -18.00 32.21
N GLN E 390 10.48 -17.43 32.48
CA GLN E 390 10.77 -16.68 33.70
C GLN E 390 9.67 -15.68 34.10
N GLU E 391 9.41 -15.58 35.40
CA GLU E 391 8.52 -14.54 35.93
C GLU E 391 9.26 -13.23 36.18
N ALA E 392 10.43 -13.32 36.83
CA ALA E 392 11.28 -12.14 37.08
C ALA E 392 11.57 -11.38 35.79
N SER E 393 11.64 -10.05 35.90
CA SER E 393 11.89 -9.20 34.73
C SER E 393 13.36 -9.30 34.26
N CYS E 394 13.64 -8.69 33.11
CA CYS E 394 15.01 -8.51 32.65
C CYS E 394 15.77 -7.67 33.68
N ASP E 395 17.02 -8.01 33.93
CA ASP E 395 17.82 -7.29 34.94
C ASP E 395 18.70 -6.20 34.32
N TYR E 396 18.48 -4.96 34.76
CA TYR E 396 19.26 -3.80 34.33
C TYR E 396 20.11 -3.25 35.48
N VAL F 2 -20.46 6.68 46.78
CA VAL F 2 -20.25 8.06 47.13
C VAL F 2 -20.36 8.98 45.92
N LYS F 3 -20.28 10.27 46.11
CA LYS F 3 -20.44 11.24 45.03
C LYS F 3 -19.42 12.37 45.14
N LEU F 4 -18.84 12.76 44.01
CA LEU F 4 -17.93 13.92 43.97
C LEU F 4 -18.68 15.20 44.35
N ARG F 5 -18.07 15.99 45.22
CA ARG F 5 -18.73 17.18 45.73
C ARG F 5 -17.90 18.46 45.56
N ASP F 6 -16.69 18.48 46.10
CA ASP F 6 -15.91 19.71 46.15
C ASP F 6 -14.65 19.66 45.30
N LEU F 7 -14.26 20.82 44.78
CA LEU F 7 -13.01 20.97 44.05
C LEU F 7 -12.20 22.15 44.60
N ASP F 8 -10.93 21.90 44.88
CA ASP F 8 -9.98 22.96 45.19
C ASP F 8 -8.83 22.90 44.20
N ILE F 9 -8.47 24.04 43.63
CA ILE F 9 -7.34 24.11 42.70
C ILE F 9 -6.19 24.87 43.35
N ILE F 10 -5.00 24.28 43.35
CA ILE F 10 -3.83 24.95 43.90
C ILE F 10 -2.72 24.99 42.85
N VAL F 11 -2.36 26.20 42.42
CA VAL F 11 -1.24 26.39 41.53
C VAL F 11 -0.01 26.69 42.38
N THR F 12 0.98 25.81 42.30
CA THR F 12 2.19 25.95 43.11
C THR F 12 3.45 26.10 42.25
N ALA F 13 4.34 26.99 42.68
CA ALA F 13 5.59 27.26 41.97
C ALA F 13 6.77 26.64 42.70
N PRO F 14 7.48 25.70 42.03
CA PRO F 14 8.67 25.10 42.61
C PRO F 14 9.78 26.14 42.77
N PRO F 15 10.48 26.13 43.92
CA PRO F 15 11.57 27.09 44.14
C PRO F 15 12.73 26.88 43.16
N ALA F 16 13.61 27.88 43.08
CA ALA F 16 14.82 27.79 42.26
C ALA F 16 15.61 26.53 42.63
N PRO F 17 16.25 25.87 41.63
CA PRO F 17 16.34 26.20 40.20
C PRO F 17 15.05 25.92 39.42
N GLY F 18 14.13 25.17 40.02
CA GLY F 18 12.79 24.98 39.45
C GLY F 18 12.65 23.86 38.44
N TRP F 19 13.32 22.74 38.69
CA TRP F 19 13.19 21.57 37.81
C TRP F 19 11.77 21.02 37.87
N GLY F 20 11.11 20.95 36.72
CA GLY F 20 9.72 20.54 36.64
C GLY F 20 8.80 21.61 36.12
N GLY F 21 9.34 22.79 35.84
CA GLY F 21 8.58 23.87 35.20
C GLY F 21 8.20 25.00 36.14
N ARG F 22 7.58 26.04 35.59
CA ARG F 22 7.26 27.26 36.33
C ARG F 22 6.19 27.10 37.40
N TYR F 23 5.24 26.21 37.16
CA TYR F 23 4.16 25.95 38.11
C TYR F 23 3.55 24.57 37.86
N TRP F 24 2.93 24.03 38.92
CA TRP F 24 2.15 22.81 38.84
C TRP F 24 0.71 23.12 39.23
N ILE F 25 -0.24 22.55 38.49
CA ILE F 25 -1.67 22.74 38.76
C ILE F 25 -2.21 21.50 39.49
N LEU F 26 -2.35 21.64 40.79
CA LEU F 26 -2.85 20.54 41.61
C LEU F 26 -4.34 20.71 41.81
N VAL F 27 -5.05 19.60 41.82
CA VAL F 27 -6.48 19.62 42.10
C VAL F 27 -6.80 18.68 43.25
N LYS F 28 -7.69 19.14 44.12
CA LYS F 28 -8.10 18.35 45.26
C LYS F 28 -9.60 18.19 45.19
N LEU F 29 -10.04 16.93 45.13
CA LEU F 29 -11.47 16.62 45.15
C LEU F 29 -11.88 16.03 46.48
N THR F 30 -13.11 16.34 46.90
CA THR F 30 -13.69 15.80 48.13
C THR F 30 -15.07 15.21 47.84
N THR F 31 -15.30 14.00 48.33
CA THR F 31 -16.61 13.35 48.17
C THR F 31 -17.60 13.91 49.20
N ASP F 32 -18.87 13.57 49.02
CA ASP F 32 -19.92 13.95 49.98
C ASP F 32 -19.73 13.31 51.36
N ASP F 33 -19.02 12.18 51.41
CA ASP F 33 -18.70 11.53 52.69
C ASP F 33 -17.27 11.82 53.18
N GLY F 34 -16.61 12.78 52.54
CA GLY F 34 -15.38 13.36 53.08
C GLY F 34 -14.03 12.80 52.65
N ILE F 35 -14.03 11.85 51.72
CA ILE F 35 -12.78 11.28 51.19
C ILE F 35 -12.14 12.29 50.26
N THR F 36 -10.84 12.55 50.46
CA THR F 36 -10.11 13.46 49.57
C THR F 36 -9.23 12.70 48.57
N GLY F 37 -9.10 13.27 47.37
CA GLY F 37 -8.19 12.75 46.37
C GLY F 37 -7.44 13.87 45.69
N TRP F 38 -6.20 13.60 45.33
CA TRP F 38 -5.38 14.58 44.66
C TRP F 38 -5.05 14.18 43.23
N GLY F 39 -5.08 15.16 42.34
CA GLY F 39 -4.68 14.95 40.95
C GLY F 39 -3.79 16.10 40.50
N GLU F 40 -3.33 16.03 39.27
CA GLU F 40 -2.50 17.09 38.71
C GLU F 40 -2.81 17.27 37.23
N CYS F 41 -3.04 18.53 36.84
CA CYS F 41 -3.34 18.88 35.45
C CYS F 41 -2.08 19.29 34.72
N TYR F 42 -1.98 18.91 33.45
CA TYR F 42 -0.84 19.28 32.62
C TYR F 42 -1.40 19.95 31.38
N ALA F 43 -1.49 21.27 31.46
CA ALA F 43 -2.10 22.08 30.41
C ALA F 43 -1.56 23.49 30.51
N ALA F 44 -0.87 23.93 29.46
CA ALA F 44 -0.30 25.27 29.48
C ALA F 44 -0.42 26.04 28.17
N SER F 45 -1.44 25.74 27.36
CA SER F 45 -1.70 26.54 26.16
C SER F 45 -2.09 27.96 26.57
N VAL F 46 -2.85 28.03 27.68
CA VAL F 46 -3.14 29.28 28.36
C VAL F 46 -2.61 29.19 29.79
N GLY F 47 -2.53 30.34 30.46
CA GLY F 47 -1.96 30.43 31.81
C GLY F 47 -2.83 29.84 32.92
N PRO F 48 -2.29 29.79 34.15
CA PRO F 48 -3.00 29.15 35.28
C PRO F 48 -4.37 29.74 35.60
N GLU F 49 -4.53 31.05 35.48
CA GLU F 49 -5.82 31.71 35.77
C GLU F 49 -6.92 31.29 34.80
N ALA F 50 -6.59 31.21 33.51
CA ALA F 50 -7.53 30.69 32.53
C ALA F 50 -7.80 29.19 32.76
N MET F 51 -6.75 28.44 33.12
CA MET F 51 -6.90 27.02 33.42
C MET F 51 -7.79 26.76 34.63
N ARG F 52 -7.69 27.61 35.65
CA ARG F 52 -8.61 27.58 36.81
C ARG F 52 -10.05 27.57 36.33
N ALA F 53 -10.38 28.53 35.48
CA ALA F 53 -11.73 28.67 34.93
C ALA F 53 -12.15 27.45 34.11
N VAL F 54 -11.21 26.89 33.33
CA VAL F 54 -11.48 25.69 32.52
C VAL F 54 -11.78 24.48 33.42
N ILE F 55 -10.92 24.27 34.42
CA ILE F 55 -11.06 23.13 35.33
C ILE F 55 -12.36 23.21 36.14
N GLU F 56 -12.70 24.41 36.62
CA GLU F 56 -13.95 24.63 37.35
C GLU F 56 -15.15 24.27 36.49
N ASP F 57 -15.12 24.69 35.22
CA ASP F 57 -16.18 24.38 34.26
C ASP F 57 -16.33 22.88 34.03
N VAL F 58 -15.22 22.22 33.69
CA VAL F 58 -15.23 20.77 33.44
C VAL F 58 -15.81 19.99 34.62
N PHE F 59 -15.32 20.30 35.82
CA PHE F 59 -15.79 19.65 37.03
C PHE F 59 -17.27 19.87 37.29
N ALA F 60 -17.70 21.13 37.30
CA ALA F 60 -19.10 21.48 37.60
C ALA F 60 -20.07 20.88 36.59
N ARG F 61 -19.65 20.87 35.32
CA ARG F 61 -20.52 20.46 34.22
C ARG F 61 -20.63 18.94 34.08
N HIS F 62 -19.52 18.24 34.29
CA HIS F 62 -19.45 16.83 33.92
C HIS F 62 -19.20 15.85 35.05
N MET F 63 -18.77 16.36 36.20
CA MET F 63 -18.24 15.50 37.27
C MET F 63 -18.90 15.69 38.65
N GLU F 64 -19.22 16.93 38.99
CA GLU F 64 -19.86 17.24 40.29
C GLU F 64 -21.13 16.42 40.44
N GLY F 65 -21.26 15.73 41.58
CA GLY F 65 -22.42 14.89 41.86
C GLY F 65 -22.35 13.47 41.33
N GLU F 66 -21.29 13.16 40.58
CA GLU F 66 -21.15 11.85 39.97
C GLU F 66 -20.43 10.88 40.91
N ASN F 67 -20.81 9.61 40.84
CA ASN F 67 -20.07 8.53 41.45
C ASN F 67 -18.68 8.43 40.78
N PRO F 68 -17.60 8.56 41.58
CA PRO F 68 -16.23 8.57 41.04
C PRO F 68 -15.86 7.27 40.37
CA GLU F 69 -16.53 4.81 39.78
C GLU F 69 -16.72 5.02 38.27
N ASN F 70 -17.48 6.05 37.91
CA ASN F 70 -17.92 6.22 36.52
C ASN F 70 -16.93 6.95 35.62
N ILE F 71 -15.73 6.37 35.53
CA ILE F 71 -14.60 6.97 34.82
C ILE F 71 -14.82 6.99 33.30
N GLU F 72 -15.33 5.87 32.76
CA GLU F 72 -15.70 5.77 31.34
C GLU F 72 -16.68 6.88 30.95
N LEU F 73 -17.74 7.03 31.74
CA LEU F 73 -18.78 8.01 31.47
C LEU F 73 -18.28 9.46 31.57
N MET F 74 -17.57 9.77 32.65
CA MET F 74 -17.05 11.12 32.82
C MET F 74 -16.09 11.53 31.70
N PHE F 75 -15.25 10.60 31.24
CA PHE F 75 -14.42 10.87 30.06
C PHE F 75 -15.28 11.16 28.82
N ARG F 76 -16.26 10.30 28.56
CA ARG F 76 -17.16 10.49 27.42
C ARG F 76 -17.84 11.86 27.46
N ARG F 77 -18.23 12.27 28.67
CA ARG F 77 -18.87 13.57 28.87
C ARG F 77 -17.99 14.75 28.49
N VAL F 78 -16.77 14.80 29.03
CA VAL F 78 -15.84 15.89 28.75
C VAL F 78 -15.37 15.85 27.31
N TYR F 79 -15.06 14.65 26.83
CA TYR F 79 -14.57 14.43 25.46
C TYR F 79 -15.58 14.91 24.42
N SER F 80 -16.86 14.79 24.75
CA SER F 80 -17.95 15.15 23.83
C SER F 80 -18.48 16.55 24.06
N SER F 81 -17.98 17.18 25.12
CA SER F 81 -18.55 18.42 25.64
C SER F 81 -18.74 19.49 24.57
N GLY F 82 -19.96 20.00 24.48
CA GLY F 82 -20.31 21.09 23.56
C GLY F 82 -20.30 20.70 22.09
N PHE F 83 -20.63 19.44 21.81
CA PHE F 83 -20.61 18.89 20.44
C PHE F 83 -19.20 18.96 19.85
N THR F 84 -18.27 18.30 20.53
CA THR F 84 -16.91 18.18 20.05
C THR F 84 -16.62 16.71 19.71
N GLN F 85 -16.30 15.91 20.72
CA GLN F 85 -16.03 14.48 20.54
C GLN F 85 -14.80 14.24 19.64
N ARG F 86 -13.83 15.13 19.79
CA ARG F 86 -12.47 14.93 19.31
C ARG F 86 -11.59 15.60 20.36
N PRO F 87 -10.30 15.22 20.44
CA PRO F 87 -9.50 15.69 21.58
C PRO F 87 -9.36 17.22 21.68
N ASP F 88 -9.71 17.76 22.83
CA ASP F 88 -9.45 19.17 23.13
C ASP F 88 -8.30 19.20 24.13
N LEU F 89 -7.14 19.67 23.68
CA LEU F 89 -5.94 19.64 24.50
C LEU F 89 -6.16 20.29 25.87
N THR F 90 -6.84 21.44 25.87
CA THR F 90 -7.07 22.20 27.10
C THR F 90 -8.12 21.54 28.01
N ALA F 91 -9.27 21.17 27.46
CA ALA F 91 -10.34 20.58 28.25
C ALA F 91 -10.00 19.18 28.78
N ILE F 92 -9.28 18.38 27.99
CA ILE F 92 -8.87 17.05 28.44
C ILE F 92 -7.75 17.15 29.48
N GLY F 93 -6.89 18.16 29.34
CA GLY F 93 -5.89 18.48 30.36
C GLY F 93 -6.58 18.74 31.70
N ALA F 94 -7.63 19.56 31.66
CA ALA F 94 -8.47 19.79 32.84
C ALA F 94 -9.02 18.48 33.43
N PHE F 95 -9.62 17.64 32.58
CA PHE F 95 -10.22 16.38 33.05
C PHE F 95 -9.20 15.40 33.62
N SER F 96 -8.02 15.33 33.01
CA SER F 96 -7.00 14.34 33.39
C SER F 96 -6.64 14.43 34.87
N GLY F 97 -6.37 15.65 35.34
CA GLY F 97 -6.00 15.88 36.74
C GLY F 97 -7.12 15.52 37.68
N LEU F 98 -8.34 15.86 37.28
CA LEU F 98 -9.55 15.52 38.03
C LEU F 98 -9.78 14.01 38.09
N GLU F 99 -9.46 13.32 36.99
CA GLU F 99 -9.59 11.87 36.89
C GLU F 99 -8.60 11.18 37.81
N ILE F 100 -7.36 11.68 37.85
CA ILE F 100 -6.34 11.16 38.77
C ILE F 100 -6.83 11.28 40.21
N ALA F 101 -7.45 12.41 40.54
CA ALA F 101 -8.01 12.62 41.87
C ALA F 101 -9.14 11.63 42.17
N CYS F 102 -9.92 11.26 41.15
CA CYS F 102 -10.95 10.22 41.33
C CYS F 102 -10.33 8.89 41.71
N TRP F 103 -9.21 8.54 41.07
CA TRP F 103 -8.50 7.30 41.37
C TRP F 103 -7.96 7.24 42.80
N ASP F 104 -7.37 8.35 43.25
CA ASP F 104 -6.91 8.49 44.64
C ASP F 104 -8.09 8.22 45.60
N ILE F 105 -9.23 8.85 45.31
CA ILE F 105 -10.48 8.64 46.07
C ILE F 105 -10.94 7.17 46.04
N LEU F 106 -10.89 6.56 44.85
CA LEU F 106 -11.34 5.18 44.68
C LEU F 106 -10.49 4.19 45.47
N GLY F 107 -9.17 4.32 45.38
CA GLY F 107 -8.25 3.52 46.20
C GLY F 107 -8.56 3.64 47.69
N LYS F 108 -8.77 4.87 48.17
CA LYS F 108 -9.09 5.09 49.58
C LYS F 108 -10.42 4.45 49.96
N ALA F 109 -11.43 4.62 49.11
CA ALA F 109 -12.74 4.00 49.34
C ALA F 109 -12.65 2.49 49.39
N ARG F 110 -11.85 1.93 48.47
CA ARG F 110 -11.61 0.48 48.36
C ARG F 110 -10.64 -0.05 49.42
N GLY F 111 -9.86 0.86 50.00
CA GLY F 111 -8.78 0.48 50.92
C GLY F 111 -7.63 -0.25 50.24
N ARG F 112 -7.32 0.14 49.00
CA ARG F 112 -6.27 -0.51 48.21
C ARG F 112 -5.48 0.52 47.41
N PRO F 113 -4.20 0.20 47.08
CA PRO F 113 -3.47 1.09 46.17
C PRO F 113 -4.15 1.16 44.81
N VAL F 114 -3.96 2.26 44.08
CA VAL F 114 -4.55 2.42 42.75
C VAL F 114 -4.15 1.28 41.79
N TRP F 115 -2.87 0.90 41.78
CA TRP F 115 -2.42 -0.20 40.90
C TRP F 115 -3.20 -1.48 41.13
N ALA F 116 -3.67 -1.70 42.37
CA ALA F 116 -4.44 -2.89 42.70
C ALA F 116 -5.80 -2.90 41.98
N LEU F 117 -6.26 -1.72 41.59
CA LEU F 117 -7.55 -1.57 40.92
C LEU F 117 -7.43 -1.65 39.39
N LEU F 118 -6.18 -1.72 38.92
CA LEU F 118 -5.86 -1.61 37.50
C LEU F 118 -5.41 -2.93 36.85
N GLY F 119 -5.87 -4.04 37.40
CA GLY F 119 -5.45 -5.36 36.94
C GLY F 119 -4.36 -5.95 37.82
N GLY F 120 -4.05 -5.25 38.91
CA GLY F 120 -3.11 -5.74 39.92
C GLY F 120 -1.65 -5.46 39.58
N LYS F 121 -0.76 -6.09 40.35
CA LYS F 121 0.67 -5.84 40.22
C LYS F 121 1.31 -6.65 39.09
N MET F 122 1.98 -5.95 38.18
CA MET F 122 2.85 -6.59 37.19
C MET F 122 4.31 -6.43 37.60
N ASN F 123 4.64 -5.27 38.16
CA ASN F 123 6.02 -4.86 38.34
C ASN F 123 6.34 -4.48 39.78
N PRO F 124 6.95 -5.41 40.54
CA PRO F 124 7.31 -5.09 41.92
C PRO F 124 8.33 -3.94 42.04
N ARG F 125 9.10 -3.71 40.99
CA ARG F 125 9.99 -2.56 40.90
C ARG F 125 9.86 -1.95 39.51
N ILE F 126 9.91 -0.62 39.45
CA ILE F 126 9.77 0.10 38.21
C ILE F 126 11.07 0.86 37.92
N ARG F 127 11.63 0.57 36.76
CA ARG F 127 12.84 1.23 36.30
C ARG F 127 12.59 2.73 36.12
N ALA F 128 13.47 3.55 36.68
CA ALA F 128 13.36 5.01 36.61
C ALA F 128 14.47 5.62 35.78
N TYR F 129 14.24 6.83 35.27
CA TYR F 129 15.32 7.62 34.69
C TYR F 129 15.17 9.09 35.03
N THR F 130 16.22 9.86 34.77
CA THR F 130 16.20 11.29 34.99
C THR F 130 16.91 12.00 33.84
N TYR F 131 16.52 13.24 33.60
CA TYR F 131 17.34 14.19 32.85
C TYR F 131 18.69 14.39 33.55
N LEU F 132 19.69 14.81 32.77
CA LEU F 132 20.97 15.25 33.33
C LEU F 132 20.84 16.71 33.76
N TYR F 133 20.87 16.92 35.07
CA TYR F 133 20.75 18.26 35.64
C TYR F 133 22.13 18.73 36.09
N PRO F 134 22.37 20.06 36.11
CA PRO F 134 23.68 20.55 36.53
C PRO F 134 23.98 20.17 37.98
N LEU F 135 25.20 19.74 38.23
CA LEU F 135 25.72 19.53 39.58
C LEU F 135 25.96 20.89 40.24
N PRO F 136 26.13 20.93 41.58
CA PRO F 136 26.29 22.20 42.30
C PRO F 136 27.37 23.15 41.73
N HIS F 137 28.47 22.59 41.23
CA HIS F 137 29.56 23.40 40.70
C HIS F 137 29.41 23.78 39.21
N HIS F 138 28.37 23.27 38.56
CA HIS F 138 28.12 23.59 37.16
C HIS F 138 27.35 24.91 37.01
N PRO F 139 27.93 25.90 36.29
CA PRO F 139 27.14 27.08 35.93
C PRO F 139 25.95 26.67 35.05
N ILE F 140 24.74 27.08 35.45
CA ILE F 140 23.51 26.58 34.83
C ILE F 140 23.41 26.79 33.32
N THR F 141 23.62 28.02 32.87
CA THR F 141 23.51 28.34 31.44
C THR F 141 24.52 27.55 30.58
N PRO F 142 25.83 27.64 30.91
CA PRO F 142 26.82 26.86 30.14
C PRO F 142 26.57 25.35 30.17
N PHE F 143 25.99 24.84 31.25
CA PHE F 143 25.78 23.40 31.41
C PHE F 143 25.05 22.76 30.25
N TRP F 144 24.00 23.41 29.77
CA TRP F 144 23.14 22.84 28.72
C TRP F 144 23.88 22.60 27.40
N THR F 145 25.02 23.25 27.20
CA THR F 145 25.78 23.05 25.97
C THR F 145 27.18 22.47 26.22
N SER F 146 27.42 21.99 27.45
CA SER F 146 28.70 21.40 27.80
C SER F 146 28.63 19.88 27.92
N ALA F 147 29.28 19.19 26.97
CA ALA F 147 29.33 17.73 26.98
C ALA F 147 30.15 17.23 28.17
N ASP F 148 31.22 17.94 28.52
CA ASP F 148 32.01 17.57 29.68
C ASP F 148 31.16 17.58 30.95
N MET F 149 30.40 18.64 31.19
CA MET F 149 29.60 18.74 32.40
C MET F 149 28.46 17.73 32.41
N ALA F 150 27.82 17.53 31.25
CA ALA F 150 26.76 16.52 31.11
C ALA F 150 27.29 15.12 31.44
N ALA F 151 28.51 14.83 31.01
CA ALA F 151 29.13 13.54 31.29
C ALA F 151 29.42 13.37 32.79
N GLU F 152 29.82 14.46 33.46
CA GLU F 152 29.97 14.46 34.91
C GLU F 152 28.65 14.18 35.62
N SER F 153 27.59 14.85 35.16
CA SER F 153 26.24 14.64 35.71
CA SER F 153 26.25 14.64 35.71
C SER F 153 25.80 13.19 35.51
N ALA F 154 26.07 12.66 34.32
CA ALA F 154 25.73 11.26 34.01
C ALA F 154 26.45 10.27 34.91
N ALA F 155 27.74 10.50 35.14
CA ALA F 155 28.52 9.66 36.06
C ALA F 155 27.90 9.67 37.47
N ASP F 156 27.45 10.85 37.89
CA ASP F 156 26.79 11.03 39.18
C ASP F 156 25.45 10.27 39.28
N CYS F 157 24.60 10.35 38.25
CA CYS F 157 23.36 9.59 38.21
C CYS F 157 23.59 8.09 38.31
N VAL F 158 24.60 7.60 37.58
CA VAL F 158 24.95 6.18 37.57
C VAL F 158 25.47 5.72 38.95
N ALA F 159 26.32 6.54 39.57
CA ALA F 159 26.82 6.28 40.91
C ALA F 159 25.67 6.10 41.90
N ARG F 160 24.54 6.77 41.64
CA ARG F 160 23.33 6.69 42.47
CA ARG F 160 23.35 6.68 42.49
C ARG F 160 22.39 5.56 42.07
N GLY F 161 22.78 4.78 41.07
CA GLY F 161 21.98 3.61 40.66
C GLY F 161 21.08 3.79 39.45
N TYR F 162 21.09 4.96 38.82
CA TYR F 162 20.31 5.15 37.60
C TYR F 162 20.86 4.31 36.46
N THR F 163 19.94 3.74 35.68
CA THR F 163 20.29 2.86 34.56
C THR F 163 19.96 3.47 33.21
N ALA F 164 19.54 4.74 33.22
CA ALA F 164 19.27 5.49 32.00
C ALA F 164 19.27 6.98 32.32
N VAL F 165 19.79 7.77 31.38
CA VAL F 165 19.87 9.22 31.55
C VAL F 165 19.44 9.93 30.27
N LYS F 166 18.82 11.09 30.42
CA LYS F 166 18.29 11.82 29.27
C LYS F 166 18.89 13.23 29.16
N PHE F 167 19.06 13.70 27.91
CA PHE F 167 19.69 14.98 27.63
C PHE F 167 19.29 15.44 26.23
N ASP F 168 19.25 16.76 26.02
CA ASP F 168 18.99 17.34 24.69
C ASP F 168 19.95 18.51 24.41
N PRO F 169 21.05 18.23 23.69
CA PRO F 169 22.02 19.25 23.32
C PRO F 169 21.79 19.82 21.91
N ALA F 170 20.66 19.49 21.29
CA ALA F 170 20.44 19.75 19.86
C ALA F 170 19.84 21.13 19.53
N GLY F 171 19.71 21.99 20.54
CA GLY F 171 19.34 23.38 20.29
C GLY F 171 17.90 23.72 20.60
N PRO F 172 17.54 25.01 20.47
CA PRO F 172 16.25 25.48 20.92
C PRO F 172 15.09 25.03 20.03
N TYR F 173 13.94 24.81 20.65
CA TYR F 173 12.70 24.63 19.92
C TYR F 173 12.04 26.00 19.78
N THR F 174 11.49 26.29 18.61
CA THR F 174 10.91 27.61 18.38
C THR F 174 9.49 27.49 17.84
N LEU F 175 8.79 28.62 17.87
CA LEU F 175 7.38 28.69 17.48
C LEU F 175 7.15 28.55 15.96
N ARG F 176 8.22 28.61 15.17
CA ARG F 176 8.12 28.55 13.72
C ARG F 176 7.78 27.16 13.19
N GLY F 177 8.05 26.15 14.00
CA GLY F 177 7.90 24.76 13.59
C GLY F 177 9.27 24.15 13.41
N GLY F 178 9.33 23.00 12.74
CA GLY F 178 10.59 22.31 12.55
C GLY F 178 11.60 23.13 11.77
N HIS F 179 12.87 23.01 12.13
CA HIS F 179 13.94 23.60 11.35
C HIS F 179 15.05 22.59 11.12
N MET F 180 16.02 22.93 10.27
CA MET F 180 17.21 22.12 10.05
C MET F 180 18.22 22.41 11.16
N PRO F 181 18.80 21.36 11.78
CA PRO F 181 19.86 21.62 12.76
C PRO F 181 21.06 22.33 12.10
N ALA F 182 21.74 23.17 12.87
CA ALA F 182 23.02 23.73 12.47
C ALA F 182 24.05 22.59 12.54
N MET F 183 25.15 22.70 11.81
CA MET F 183 26.20 21.68 11.91
C MET F 183 26.70 21.55 13.35
N THR F 184 26.80 22.69 14.04
CA THR F 184 27.20 22.72 15.46
C THR F 184 26.21 21.97 16.36
N ASP F 185 24.93 21.96 16.01
CA ASP F 185 23.93 21.15 16.73
C ASP F 185 24.20 19.66 16.59
N ILE F 186 24.53 19.24 15.36
CA ILE F 186 24.85 17.85 15.08
C ILE F 186 26.15 17.46 15.79
N SER F 187 27.19 18.27 15.60
CA SER F 187 28.48 18.03 16.23
C SER F 187 28.38 17.97 17.75
N LEU F 188 27.65 18.90 18.36
CA LEU F 188 27.52 18.90 19.82
C LEU F 188 26.77 17.65 20.27
N SER F 189 25.74 17.26 19.52
CA SER F 189 24.95 16.07 19.87
C SER F 189 25.81 14.83 19.82
N VAL F 190 26.68 14.75 18.81
CA VAL F 190 27.64 13.65 18.72
C VAL F 190 28.58 13.67 19.92
N GLU F 191 29.10 14.85 20.25
CA GLU F 191 30.03 15.00 21.37
C GLU F 191 29.39 14.57 22.70
N PHE F 192 28.13 14.98 22.92
CA PHE F 192 27.38 14.60 24.12
C PHE F 192 27.27 13.07 24.20
N CYS F 193 26.81 12.45 23.12
CA CYS F 193 26.62 11.00 23.10
C CYS F 193 27.93 10.25 23.32
N ARG F 194 29.00 10.71 22.67
CA ARG F 194 30.31 10.08 22.80
C ARG F 194 30.85 10.17 24.23
N LYS F 195 30.79 11.37 24.81
CA LYS F 195 31.36 11.58 26.15
C LYS F 195 30.48 11.00 27.26
N ILE F 196 29.16 11.05 27.08
CA ILE F 196 28.26 10.41 28.04
C ILE F 196 28.43 8.87 27.99
N ARG F 197 28.49 8.31 26.79
CA ARG F 197 28.75 6.86 26.66
C ARG F 197 30.06 6.46 27.30
N ALA F 198 31.12 7.22 27.07
CA ALA F 198 32.41 6.95 27.71
C ALA F 198 32.29 6.98 29.24
N ALA F 199 31.49 7.91 29.77
CA ALA F 199 31.32 8.05 31.22
C ALA F 199 30.49 6.94 31.86
N VAL F 200 29.50 6.40 31.15
CA VAL F 200 28.58 5.41 31.74
C VAL F 200 28.82 3.97 31.27
N GLY F 201 29.53 3.81 30.15
CA GLY F 201 29.74 2.50 29.53
C GLY F 201 28.45 1.73 29.31
N ASP F 202 28.45 0.47 29.74
CA ASP F 202 27.25 -0.38 29.70
C ASP F 202 26.36 -0.26 30.93
N LYS F 203 26.67 0.66 31.83
CA LYS F 203 25.91 0.78 33.09
C LYS F 203 24.59 1.53 32.93
N ALA F 204 24.49 2.37 31.90
CA ALA F 204 23.27 3.15 31.68
C ALA F 204 22.97 3.30 30.20
N ASP F 205 21.68 3.46 29.89
CA ASP F 205 21.25 3.79 28.54
C ASP F 205 21.25 5.30 28.33
N LEU F 206 21.51 5.69 27.09
CA LEU F 206 21.45 7.07 26.67
C LEU F 206 20.07 7.32 26.06
N LEU F 207 19.37 8.31 26.59
CA LEU F 207 18.06 8.70 26.07
C LEU F 207 18.21 10.05 25.40
N PHE F 208 18.03 10.09 24.08
CA PHE F 208 18.21 11.37 23.37
C PHE F 208 16.91 12.15 23.41
N GLY F 209 16.83 13.10 24.34
CA GLY F 209 15.57 13.76 24.69
C GLY F 209 15.23 15.02 23.92
N THR F 210 15.24 14.91 22.59
CA THR F 210 14.86 16.03 21.70
C THR F 210 13.46 16.55 21.97
N HIS F 211 13.19 17.78 21.54
CA HIS F 211 11.96 18.49 21.86
C HIS F 211 11.14 18.87 20.63
N GLY F 212 11.17 18.03 19.60
CA GLY F 212 10.46 18.31 18.34
C GLY F 212 10.94 19.54 17.57
N GLN F 213 12.25 19.82 17.64
CA GLN F 213 12.85 21.00 16.99
C GLN F 213 12.82 20.96 15.47
N PHE F 214 12.76 19.77 14.90
CA PHE F 214 13.28 19.57 13.54
C PHE F 214 12.29 19.27 12.44
N THR F 215 12.68 19.63 11.23
CA THR F 215 12.01 19.12 10.04
C THR F 215 12.31 17.64 9.99
N THR F 216 11.53 16.90 9.21
CA THR F 216 11.79 15.49 9.00
C THR F 216 13.22 15.29 8.49
N ALA F 217 13.60 16.08 7.47
CA ALA F 217 14.96 16.08 6.93
C ALA F 217 16.01 16.32 8.02
N GLY F 218 15.79 17.35 8.82
CA GLY F 218 16.68 17.68 9.94
C GLY F 218 16.79 16.58 10.98
N ALA F 219 15.65 15.98 11.33
CA ALA F 219 15.63 14.89 12.32
C ALA F 219 16.39 13.65 11.84
N ILE F 220 16.32 13.40 10.53
CA ILE F 220 17.03 12.26 9.93
C ILE F 220 18.55 12.52 9.87
N ARG F 221 18.95 13.72 9.47
CA ARG F 221 20.37 14.11 9.50
C ARG F 221 20.98 13.99 10.90
N LEU F 222 20.23 14.44 11.92
CA LEU F 222 20.71 14.36 13.31
C LEU F 222 20.74 12.92 13.85
N GLY F 223 19.65 12.18 13.63
CA GLY F 223 19.52 10.81 14.07
C GLY F 223 20.64 9.92 13.57
N GLN F 224 20.96 10.03 12.28
CA GLN F 224 22.01 9.20 11.70
C GLN F 224 23.38 9.47 12.34
N ALA F 225 23.63 10.72 12.74
CA ALA F 225 24.90 11.07 13.36
C ALA F 225 25.11 10.46 14.76
N ILE F 226 24.03 10.25 15.50
CA ILE F 226 24.12 9.72 16.87
C ILE F 226 23.91 8.22 16.98
N GLU F 227 23.54 7.57 15.88
CA GLU F 227 23.38 6.10 15.81
C GLU F 227 24.54 5.27 16.37
N PRO F 228 25.82 5.65 16.10
CA PRO F 228 26.95 4.83 16.59
C PRO F 228 27.04 4.66 18.11
N TYR F 229 26.34 5.49 18.88
CA TYR F 229 26.41 5.45 20.35
C TYR F 229 25.26 4.68 20.99
N SER F 230 24.51 3.97 20.13
CA SER F 230 23.37 3.13 20.53
C SER F 230 22.39 3.78 21.53
N PRO F 231 21.90 4.99 21.24
CA PRO F 231 20.91 5.56 22.16
C PRO F 231 19.67 4.69 22.20
N LEU F 232 19.06 4.57 23.37
CA LEU F 232 17.92 3.69 23.56
C LEU F 232 16.68 4.25 22.85
N TRP F 233 16.52 5.58 22.86
CA TRP F 233 15.44 6.21 22.12
C TRP F 233 15.78 7.61 21.59
N TYR F 234 14.99 8.04 20.61
CA TYR F 234 15.09 9.33 19.95
C TYR F 234 13.73 9.96 20.16
N GLU F 235 13.66 10.89 21.12
CA GLU F 235 12.40 11.44 21.60
C GLU F 235 11.92 12.60 20.73
N GLU F 236 10.61 12.68 20.45
CA GLU F 236 10.03 13.78 19.69
C GLU F 236 11.00 14.37 18.64
N PRO F 237 11.38 13.57 17.62
CA PRO F 237 12.35 14.12 16.67
C PRO F 237 11.78 15.27 15.84
N VAL F 238 10.45 15.28 15.66
CA VAL F 238 9.75 16.32 14.91
C VAL F 238 8.60 16.87 15.78
N PRO F 239 7.98 18.01 15.37
CA PRO F 239 6.81 18.54 16.10
C PRO F 239 5.67 17.51 16.16
N PRO F 240 4.82 17.59 17.21
CA PRO F 240 3.75 16.61 17.48
C PRO F 240 2.49 16.74 16.63
N ASP F 241 2.56 17.45 15.50
CA ASP F 241 1.36 17.72 14.70
C ASP F 241 1.39 17.03 13.33
N ASN F 242 2.16 15.96 13.22
CA ASN F 242 2.30 15.27 11.93
C ASN F 242 2.81 13.84 12.12
N VAL F 243 1.88 12.89 12.19
CA VAL F 243 2.18 11.47 12.42
C VAL F 243 3.01 10.85 11.28
N GLY F 244 2.63 11.15 10.04
CA GLY F 244 3.36 10.66 8.86
C GLY F 244 4.81 11.11 8.84
N ALA F 245 5.06 12.38 9.19
CA ALA F 245 6.42 12.91 9.26
C ALA F 245 7.24 12.16 10.30
N MET F 246 6.66 11.89 11.46
CA MET F 246 7.37 11.15 12.49
C MET F 246 7.64 9.70 12.04
N ALA F 247 6.68 9.09 11.35
CA ALA F 247 6.88 7.76 10.78
C ALA F 247 8.02 7.73 9.75
N GLN F 248 8.17 8.82 8.98
CA GLN F 248 9.29 8.92 8.03
C GLN F 248 10.64 8.89 8.75
N VAL F 249 10.74 9.62 9.86
CA VAL F 249 11.95 9.61 10.67
C VAL F 249 12.20 8.20 11.21
N ALA F 250 11.17 7.59 11.79
CA ALA F 250 11.30 6.25 12.38
C ALA F 250 11.83 5.22 11.39
N ARG F 251 11.38 5.31 10.14
CA ARG F 251 11.83 4.40 9.08
C ARG F 251 13.26 4.69 8.62
N ALA F 252 13.70 5.94 8.77
CA ALA F 252 14.99 6.36 8.23
C ALA F 252 16.13 6.37 9.25
N VAL F 253 15.81 6.19 10.52
CA VAL F 253 16.85 6.19 11.54
C VAL F 253 16.84 4.86 12.31
N ARG F 254 18.00 4.39 12.72
CA ARG F 254 18.09 3.05 13.34
C ARG F 254 17.84 3.10 14.86
N ILE F 255 17.34 4.23 15.34
CA ILE F 255 17.05 4.44 16.77
C ILE F 255 15.53 4.39 16.99
N PRO F 256 15.09 3.68 18.05
CA PRO F 256 13.66 3.66 18.35
C PRO F 256 13.17 5.08 18.64
N VAL F 257 12.04 5.43 18.05
CA VAL F 257 11.45 6.76 18.27
C VAL F 257 10.49 6.72 19.46
N ALA F 258 10.61 7.69 20.35
CA ALA F 258 9.72 7.83 21.49
C ALA F 258 8.97 9.15 21.37
N THR F 259 7.69 9.15 21.73
CA THR F 259 6.88 10.37 21.67
C THR F 259 5.62 10.27 22.52
N GLY F 260 4.99 11.41 22.78
CA GLY F 260 3.65 11.38 23.36
C GLY F 260 3.27 12.47 24.33
N GLU F 261 4.26 13.19 24.86
CA GLU F 261 4.00 14.13 25.94
C GLU F 261 3.08 15.28 25.54
N ARG F 262 3.01 15.53 24.23
CA ARG F 262 2.15 16.59 23.72
C ARG F 262 0.91 16.04 23.03
N LEU F 263 0.68 14.73 23.19
CA LEU F 263 -0.51 14.11 22.63
C LEU F 263 -1.57 13.83 23.69
N THR F 264 -2.81 13.64 23.24
CA THR F 264 -3.92 13.45 24.17
C THR F 264 -4.98 12.48 23.65
N THR F 265 -5.38 11.58 24.54
CA THR F 265 -6.37 10.51 24.26
C THR F 265 -5.88 9.42 23.32
N LYS F 266 -6.52 8.26 23.42
CA LYS F 266 -6.28 7.12 22.54
C LYS F 266 -6.51 7.45 21.08
N ALA F 267 -7.35 8.45 20.80
CA ALA F 267 -7.61 8.88 19.42
C ALA F 267 -6.36 9.43 18.74
N GLU F 268 -5.42 9.95 19.52
CA GLU F 268 -4.14 10.44 18.98
C GLU F 268 -3.01 9.42 19.09
N PHE F 269 -3.06 8.57 20.11
CA PHE F 269 -2.03 7.56 20.30
C PHE F 269 -2.19 6.37 19.35
N ALA F 270 -3.43 6.05 18.98
CA ALA F 270 -3.68 4.96 18.05
C ALA F 270 -3.02 5.15 16.68
N PRO F 271 -3.19 6.33 16.04
CA PRO F 271 -2.50 6.56 14.75
C PRO F 271 -0.97 6.52 14.84
N VAL F 272 -0.41 7.03 15.94
CA VAL F 272 1.04 6.96 16.16
C VAL F 272 1.53 5.50 16.06
N LEU F 273 0.84 4.60 16.76
CA LEU F 273 1.14 3.16 16.69
C LEU F 273 0.88 2.58 15.30
N ARG F 274 -0.32 2.84 14.76
CA ARG F 274 -0.75 2.27 13.49
C ARG F 274 0.18 2.64 12.34
N GLU F 275 0.66 3.88 12.33
CA GLU F 275 1.53 4.35 11.25
C GLU F 275 3.00 4.01 11.50
N GLY F 276 3.30 3.43 12.66
CA GLY F 276 4.69 3.15 13.06
C GLY F 276 5.53 4.39 13.33
N ALA F 277 4.87 5.45 13.81
CA ALA F 277 5.55 6.72 14.08
C ALA F 277 6.45 6.63 15.32
N ALA F 278 6.09 5.77 16.27
CA ALA F 278 6.89 5.60 17.50
C ALA F 278 6.76 4.20 18.09
N ALA F 279 7.83 3.74 18.75
CA ALA F 279 7.85 2.43 19.39
C ALA F 279 7.64 2.56 20.89
N ILE F 280 7.78 3.78 21.40
CA ILE F 280 7.69 4.05 22.83
C ILE F 280 6.76 5.25 23.03
N LEU F 281 5.72 5.05 23.84
CA LEU F 281 4.74 6.11 24.07
C LEU F 281 4.95 6.76 25.42
N GLN F 282 4.94 8.10 25.42
CA GLN F 282 5.27 8.91 26.59
C GLN F 282 4.17 9.92 26.96
N PRO F 283 2.94 9.41 27.24
CA PRO F 283 1.90 10.35 27.64
C PRO F 283 2.20 11.03 28.97
N ALA F 284 1.82 12.30 29.08
CA ALA F 284 1.68 12.95 30.36
C ALA F 284 0.27 12.63 30.83
N LEU F 285 0.14 11.88 31.92
CA LEU F 285 -1.17 11.41 32.36
C LEU F 285 -2.10 12.56 32.76
N GLY F 286 -1.52 13.66 33.22
CA GLY F 286 -2.27 14.87 33.52
C GLY F 286 -2.71 15.65 32.29
N ARG F 287 -2.31 15.18 31.10
CA ARG F 287 -2.72 15.80 29.84
C ARG F 287 -3.55 14.86 28.97
N ALA F 288 -3.14 13.60 28.91
CA ALA F 288 -3.60 12.67 27.88
C ALA F 288 -4.94 11.98 28.15
N GLY F 289 -5.55 12.24 29.31
CA GLY F 289 -6.87 11.69 29.58
C GLY F 289 -7.00 10.96 30.91
N GLY F 290 -5.90 10.89 31.64
CA GLY F 290 -5.88 10.29 32.96
C GLY F 290 -5.42 8.85 32.92
N ILE F 291 -5.55 8.16 34.06
CA ILE F 291 -5.03 6.80 34.24
C ILE F 291 -5.78 5.76 33.39
N TRP F 292 -7.11 5.81 33.41
CA TRP F 292 -7.90 4.79 32.71
C TRP F 292 -7.75 4.90 31.19
N GLU F 293 -7.77 6.14 30.68
CA GLU F 293 -7.56 6.36 29.25
C GLU F 293 -6.17 5.86 28.82
N MET F 294 -5.17 6.06 29.66
CA MET F 294 -3.83 5.58 29.37
C MET F 294 -3.66 4.05 29.49
N LYS F 295 -4.49 3.41 30.31
CA LYS F 295 -4.53 1.94 30.35
C LYS F 295 -5.01 1.39 29.01
N LYS F 296 -5.99 2.07 28.40
CA LYS F 296 -6.45 1.70 27.06
C LYS F 296 -5.31 1.84 26.05
N VAL F 297 -4.57 2.95 26.11
CA VAL F 297 -3.41 3.17 25.24
C VAL F 297 -2.32 2.11 25.46
N ALA F 298 -2.05 1.78 26.71
CA ALA F 298 -1.07 0.73 27.04
C ALA F 298 -1.45 -0.63 26.43
N ALA F 299 -2.74 -0.94 26.44
CA ALA F 299 -3.25 -2.16 25.81
C ALA F 299 -3.03 -2.14 24.29
N MET F 300 -3.27 -0.98 23.66
CA MET F 300 -3.00 -0.83 22.23
C MET F 300 -1.52 -1.00 21.92
N ALA F 301 -0.66 -0.43 22.78
CA ALA F 301 0.79 -0.59 22.64
C ALA F 301 1.21 -2.06 22.71
N GLU F 302 0.58 -2.85 23.58
CA GLU F 302 0.85 -4.29 23.65
C GLU F 302 0.70 -5.03 22.31
N VAL F 303 -0.35 -4.69 21.55
CA VAL F 303 -0.58 -5.37 20.27
C VAL F 303 0.29 -4.80 19.14
N TYR F 304 1.10 -3.80 19.47
CA TYR F 304 2.18 -3.36 18.58
C TYR F 304 3.56 -3.78 19.09
N ASN F 305 3.59 -4.61 20.13
CA ASN F 305 4.85 -4.99 20.81
C ASN F 305 5.67 -3.73 21.13
N ALA F 306 4.95 -2.74 21.69
CA ALA F 306 5.48 -1.43 22.02
C ALA F 306 5.33 -1.18 23.52
N GLN F 307 6.03 -0.17 24.03
CA GLN F 307 6.08 0.05 25.47
C GLN F 307 5.72 1.47 25.87
N MET F 308 5.31 1.62 27.13
CA MET F 308 4.98 2.92 27.72
C MET F 308 6.16 3.45 28.54
N ALA F 309 6.36 4.75 28.47
CA ALA F 309 7.33 5.43 29.32
C ALA F 309 6.72 6.77 29.75
N PRO F 310 5.87 6.73 30.80
CA PRO F 310 5.13 7.91 31.25
C PRO F 310 6.01 9.14 31.42
N HIS F 311 5.52 10.25 30.86
CA HIS F 311 6.22 11.52 30.89
C HIS F 311 6.11 12.17 32.25
N LEU F 312 7.19 12.83 32.69
CA LEU F 312 7.13 13.73 33.84
C LEU F 312 7.99 14.97 33.62
N TYR F 313 7.33 16.10 33.42
CA TYR F 313 7.99 17.39 33.66
C TYR F 313 6.99 18.24 34.41
N ALA F 314 6.71 17.79 35.63
CA ALA F 314 5.64 18.31 36.46
C ALA F 314 5.84 17.78 37.88
N GLY F 315 4.80 17.88 38.70
CA GLY F 315 4.93 17.58 40.12
C GLY F 315 4.84 16.11 40.48
N PRO F 316 4.99 15.80 41.78
CA PRO F 316 5.01 14.44 42.32
C PRO F 316 3.65 13.76 42.33
N VAL F 317 2.58 14.55 42.21
CA VAL F 317 1.22 14.01 42.13
C VAL F 317 1.00 13.30 40.78
N GLU F 318 1.34 13.96 39.68
CA GLU F 318 1.29 13.29 38.38
C GLU F 318 2.22 12.07 38.37
N TRP F 319 3.41 12.24 38.96
CA TRP F 319 4.40 11.16 39.07
C TRP F 319 3.81 9.95 39.81
N ALA F 320 3.07 10.20 40.89
CA ALA F 320 2.40 9.13 41.62
C ALA F 320 1.42 8.37 40.73
N ALA F 321 0.63 9.09 39.94
CA ALA F 321 -0.24 8.46 38.94
C ALA F 321 0.58 7.58 37.99
N ASN F 322 1.69 8.13 37.49
CA ASN F 322 2.62 7.38 36.63
C ASN F 322 3.05 6.07 37.27
N VAL F 323 3.37 6.12 38.56
CA VAL F 323 3.88 4.96 39.29
C VAL F 323 2.83 3.84 39.38
N HIS F 324 1.60 4.20 39.74
CA HIS F 324 0.51 3.21 39.80
C HIS F 324 0.15 2.61 38.44
N PHE F 325 0.10 3.48 37.44
CA PHE F 325 -0.10 3.05 36.06
C PHE F 325 1.00 2.08 35.63
N ALA F 326 2.25 2.46 35.83
CA ALA F 326 3.41 1.61 35.50
C ALA F 326 3.41 0.26 36.22
N ALA F 327 2.99 0.27 37.49
CA ALA F 327 2.95 -0.95 38.31
C ALA F 327 2.00 -2.02 37.74
N SER F 328 1.01 -1.59 36.98
CA SER F 328 -0.10 -2.46 36.54
C SER F 328 0.00 -2.95 35.09
N ILE F 329 0.99 -2.47 34.34
CA ILE F 329 1.08 -2.82 32.93
C ILE F 329 2.27 -3.75 32.62
N PRO F 330 2.05 -4.76 31.77
CA PRO F 330 3.15 -5.67 31.44
C PRO F 330 4.19 -5.01 30.54
N ASN F 331 3.79 -3.97 29.82
CA ASN F 331 4.67 -3.34 28.82
C ASN F 331 5.23 -1.98 29.25
N ILE F 332 5.70 -1.91 30.48
CA ILE F 332 6.39 -0.73 30.99
C ILE F 332 7.84 -0.73 30.54
N LEU F 333 8.35 0.42 30.11
CA LEU F 333 9.77 0.55 29.84
C LEU F 333 10.47 1.19 31.05
N MET F 334 10.15 2.45 31.32
CA MET F 334 10.69 3.15 32.50
C MET F 334 9.85 4.37 32.83
N CYS F 335 10.04 4.91 34.03
CA CYS F 335 9.34 6.11 34.48
C CYS F 335 10.27 7.30 34.64
N GLU F 336 10.01 8.35 33.85
CA GLU F 336 10.67 9.63 34.03
C GLU F 336 10.44 10.14 35.45
N SER F 337 11.52 10.61 36.08
CA SER F 337 11.47 11.04 37.48
C SER F 337 12.31 12.30 37.66
N ILE F 338 11.91 13.14 38.60
CA ILE F 338 12.64 14.38 38.91
C ILE F 338 12.82 14.44 40.42
N GLU F 339 14.06 14.25 40.87
CA GLU F 339 14.37 14.29 42.30
C GLU F 339 14.79 15.70 42.70
N THR F 340 13.86 16.44 43.27
CA THR F 340 14.18 17.70 43.95
C THR F 340 13.63 17.62 45.37
N PRO F 341 14.18 18.43 46.30
CA PRO F 341 13.63 18.52 47.65
C PRO F 341 12.14 18.89 47.68
N PHE F 342 11.73 19.80 46.79
CA PHE F 342 10.34 20.25 46.73
C PHE F 342 9.39 19.13 46.30
N HIS F 343 9.76 18.41 45.24
CA HIS F 343 9.00 17.21 44.81
C HIS F 343 8.75 16.28 45.99
N ASP F 344 9.82 15.93 46.70
CA ASP F 344 9.76 14.99 47.81
C ASP F 344 8.93 15.53 48.97
N ALA F 345 9.15 16.78 49.34
CA ALA F 345 8.44 17.40 50.45
C ALA F 345 6.94 17.60 50.17
N LEU F 346 6.58 17.81 48.91
CA LEU F 346 5.18 18.00 48.53
C LEU F 346 4.34 16.74 48.77
N ILE F 347 4.95 15.56 48.65
CA ILE F 347 4.27 14.32 49.00
C ILE F 347 4.82 13.65 50.27
N LYS F 348 5.58 14.44 51.05
CA LYS F 348 6.16 14.01 52.33
C LYS F 348 6.94 12.70 52.21
N GLY F 349 7.76 12.61 51.16
CA GLY F 349 8.59 11.44 50.90
C GLY F 349 7.85 10.11 50.77
N SER F 350 6.59 10.16 50.33
CA SER F 350 5.71 8.98 50.28
C SER F 350 6.13 7.95 49.24
N ILE F 351 6.65 8.42 48.13
CA ILE F 351 7.17 7.55 47.08
C ILE F 351 8.52 8.11 46.67
N ARG F 352 9.52 7.25 46.57
CA ARG F 352 10.89 7.68 46.24
C ARG F 352 11.56 6.74 45.24
N VAL F 353 12.48 7.30 44.46
CA VAL F 353 13.39 6.50 43.66
C VAL F 353 14.49 6.04 44.61
N GLU F 354 14.76 4.74 44.59
CA GLU F 354 15.84 4.17 45.39
CA GLU F 354 15.85 4.17 45.40
C GLU F 354 16.68 3.24 44.52
N GLY F 355 17.97 3.56 44.39
CA GLY F 355 18.89 2.79 43.55
C GLY F 355 18.42 2.65 42.10
N GLY F 356 17.78 3.69 41.58
CA GLY F 356 17.36 3.73 40.18
C GLY F 356 16.01 3.09 39.88
N TYR F 357 15.28 2.70 40.93
CA TYR F 357 14.01 2.01 40.78
C TYR F 357 12.96 2.54 41.74
N ILE F 358 11.69 2.34 41.39
CA ILE F 358 10.58 2.77 42.21
C ILE F 358 9.75 1.56 42.66
N THR F 359 9.56 1.42 43.96
CA THR F 359 8.65 0.42 44.51
C THR F 359 7.24 1.03 44.57
N PRO F 360 6.23 0.36 43.98
CA PRO F 360 4.87 0.90 44.04
C PRO F 360 4.35 0.86 45.48
N PRO F 361 3.71 1.96 45.94
CA PRO F 361 3.27 1.99 47.34
C PRO F 361 2.15 1.00 47.64
N GLU F 362 2.04 0.63 48.92
CA GLU F 362 1.05 -0.35 49.38
C GLU F 362 -0.14 0.29 50.12
N ALA F 363 -0.02 1.59 50.42
CA ALA F 363 -1.08 2.34 51.10
C ALA F 363 -2.29 2.58 50.16
N PRO F 364 -3.46 2.92 50.72
CA PRO F 364 -4.63 3.15 49.85
C PRO F 364 -4.47 4.35 48.90
N GLY F 365 -5.22 4.32 47.80
CA GLY F 365 -5.19 5.41 46.80
C GLY F 365 -3.84 5.51 46.11
N LEU F 366 -3.42 6.73 45.81
CA LEU F 366 -2.09 6.95 45.23
C LEU F 366 -0.97 6.69 46.24
N GLY F 367 -1.33 6.61 47.52
CA GLY F 367 -0.37 6.33 48.58
C GLY F 367 0.52 7.52 48.85
N ILE F 368 -0.06 8.71 48.74
CA ILE F 368 0.66 9.96 48.97
C ILE F 368 -0.02 10.79 50.07
N GLU F 369 0.78 11.54 50.80
CA GLU F 369 0.26 12.50 51.74
C GLU F 369 0.71 13.86 51.25
N VAL F 370 -0.19 14.58 50.58
CA VAL F 370 0.11 15.86 49.99
C VAL F 370 0.22 16.95 51.06
N ASP F 371 1.32 17.68 51.04
CA ASP F 371 1.51 18.81 51.94
C ASP F 371 0.85 20.04 51.32
N GLU F 372 -0.44 20.21 51.62
CA GLU F 372 -1.24 21.28 51.05
C GLU F 372 -0.73 22.65 51.51
N ALA F 373 -0.37 22.73 52.79
CA ALA F 373 0.19 23.96 53.37
C ALA F 373 1.43 24.43 52.60
N LEU F 374 2.34 23.51 52.32
CA LEU F 374 3.55 23.79 51.55
C LEU F 374 3.23 24.31 50.14
N ALA F 375 2.25 23.69 49.49
CA ALA F 375 1.83 24.12 48.16
C ALA F 375 1.25 25.53 48.19
N ARG F 376 0.41 25.80 49.18
CA ARG F 376 -0.21 27.12 49.33
C ARG F 376 0.80 28.20 49.73
N ALA F 377 1.87 27.78 50.41
CA ALA F 377 2.94 28.69 50.83
C ALA F 377 3.91 28.98 49.68
N ASN F 378 3.75 28.27 48.57
CA ASN F 378 4.56 28.53 47.38
C ASN F 378 3.69 28.85 46.16
N PRO F 379 3.04 30.03 46.15
CA PRO F 379 2.18 30.35 45.01
C PRO F 379 2.98 30.78 43.77
N TYR F 380 2.33 30.81 42.62
CA TYR F 380 2.97 31.29 41.39
C TYR F 380 2.63 32.76 41.15
N HIS F 381 3.67 33.57 41.04
CA HIS F 381 3.50 35.02 40.85
C HIS F 381 3.89 35.52 39.45
N GLY F 382 4.40 34.62 38.59
CA GLY F 382 4.84 35.03 37.26
C GLY F 382 3.71 35.30 36.28
N THR F 383 4.07 35.72 35.07
CA THR F 383 3.09 35.90 33.99
C THR F 383 3.39 34.93 32.85
N GLY F 384 4.30 34.00 33.11
CA GLY F 384 4.75 33.05 32.10
C GLY F 384 3.94 31.77 32.09
N LEU F 385 4.24 30.91 31.12
CA LEU F 385 3.62 29.60 31.03
C LEU F 385 4.56 28.54 31.61
N HIS F 386 4.00 27.39 31.95
CA HIS F 386 4.75 26.28 32.55
C HIS F 386 6.04 25.99 31.76
N LEU F 387 5.89 25.95 30.44
CA LEU F 387 7.03 25.97 29.49
C LEU F 387 6.67 26.92 28.36
N GLU F 388 7.68 27.41 27.63
CA GLU F 388 7.44 28.33 26.52
C GLU F 388 8.31 28.01 25.30
N MET F 389 7.84 28.44 24.12
CA MET F 389 8.59 28.27 22.87
C MET F 389 9.17 29.58 22.35
N GLN F 390 10.50 29.61 22.28
CA GLN F 390 11.30 30.70 21.72
C GLN F 390 10.71 31.32 20.43
N GLU F 391 10.81 32.64 20.32
CA GLU F 391 10.42 33.33 19.08
C GLU F 391 11.56 33.43 18.07
N ALA F 392 12.74 33.84 18.55
CA ALA F 392 13.95 33.95 17.72
C ALA F 392 14.24 32.62 17.01
N SER F 393 14.69 32.70 15.77
CA SER F 393 14.95 31.48 14.99
C SER F 393 16.22 30.76 15.46
N CYS F 394 16.43 29.55 14.92
CA CYS F 394 17.66 28.79 15.16
C CYS F 394 18.89 29.63 14.77
N ASP F 395 19.93 29.56 15.58
CA ASP F 395 21.16 30.34 15.35
C ASP F 395 22.17 29.55 14.52
N TYR F 396 22.46 30.06 13.32
CA TYR F 396 23.41 29.43 12.41
C TYR F 396 24.76 30.16 12.30
N THR F 397 24.82 31.39 12.84
CA THR F 397 26.10 32.11 12.96
C THR F 397 26.90 31.52 14.13
N ASN F 398 26.34 31.66 15.34
CA ASN F 398 26.84 31.03 16.57
C ASN F 398 28.36 31.03 16.73
N VAL G 2 -6.70 -11.66 49.86
CA VAL G 2 -7.16 -13.01 49.79
C VAL G 2 -6.36 -13.72 48.72
N LYS G 3 -6.25 -15.01 48.86
CA LYS G 3 -5.58 -15.87 47.87
C LYS G 3 -6.58 -16.90 47.34
N LEU G 4 -6.44 -17.27 46.06
CA LEU G 4 -7.24 -18.35 45.50
C LEU G 4 -6.77 -19.67 46.08
N ARG G 5 -7.70 -20.53 46.48
CA ARG G 5 -7.35 -21.77 47.16
CA ARG G 5 -7.38 -21.76 47.19
C ARG G 5 -7.96 -23.01 46.51
N ASP G 6 -9.27 -23.02 46.32
CA ASP G 6 -9.98 -24.22 45.85
C ASP G 6 -10.61 -24.03 44.48
N LEU G 7 -10.71 -25.13 43.75
CA LEU G 7 -11.36 -25.17 42.45
C LEU G 7 -12.32 -26.35 42.38
N ASP G 8 -13.56 -26.08 41.95
CA ASP G 8 -14.48 -27.15 41.59
C ASP G 8 -14.92 -26.98 40.14
N ILE G 9 -14.91 -28.08 39.39
CA ILE G 9 -15.34 -28.07 38.00
C ILE G 9 -16.64 -28.85 37.85
N ILE G 10 -17.67 -28.19 37.32
CA ILE G 10 -18.96 -28.83 37.10
C ILE G 10 -19.33 -28.72 35.63
N VAL G 11 -19.43 -29.87 34.98
CA VAL G 11 -19.89 -29.94 33.59
C VAL G 11 -21.36 -30.32 33.61
N THR G 12 -22.21 -29.42 33.12
CA THR G 12 -23.66 -29.62 33.18
C THR G 12 -24.30 -29.64 31.80
N ALA G 13 -25.29 -30.51 31.62
CA ALA G 13 -25.97 -30.68 30.33
C ALA G 13 -27.35 -30.06 30.34
N PRO G 14 -27.58 -29.06 29.46
CA PRO G 14 -28.93 -28.48 29.38
C PRO G 14 -29.92 -29.53 28.90
N PRO G 15 -31.12 -29.60 29.52
CA PRO G 15 -32.16 -30.51 29.04
C PRO G 15 -32.55 -30.20 27.60
N ALA G 16 -33.14 -31.18 26.92
CA ALA G 16 -33.74 -30.98 25.60
C ALA G 16 -34.71 -29.80 25.65
N PRO G 17 -34.79 -28.99 24.57
CA PRO G 17 -34.14 -29.12 23.24
C PRO G 17 -32.63 -28.83 23.23
N GLY G 18 -32.12 -28.26 24.32
CA GLY G 18 -30.68 -28.07 24.49
C GLY G 18 -30.11 -26.85 23.77
N TRP G 19 -30.85 -25.74 23.77
CA TRP G 19 -30.32 -24.48 23.24
C TRP G 19 -29.16 -24.01 24.12
N GLY G 20 -28.01 -23.77 23.50
CA GLY G 20 -26.80 -23.38 24.21
C GLY G 20 -25.73 -24.45 24.18
N GLY G 21 -26.03 -25.59 23.54
CA GLY G 21 -25.04 -26.63 23.29
C GLY G 21 -25.17 -27.86 24.18
N ARG G 22 -24.31 -28.85 23.95
CA ARG G 22 -24.43 -30.14 24.63
C ARG G 22 -24.11 -30.09 26.13
N TYR G 23 -23.16 -29.24 26.52
CA TYR G 23 -22.78 -29.09 27.93
C TYR G 23 -22.16 -27.73 28.17
N TRP G 24 -22.18 -27.31 29.44
CA TRP G 24 -21.50 -26.09 29.87
C TRP G 24 -20.44 -26.45 30.90
N ILE G 25 -19.27 -25.86 30.76
CA ILE G 25 -18.18 -26.08 31.69
C ILE G 25 -18.16 -24.94 32.72
N LEU G 26 -18.67 -25.23 33.91
CA LEU G 26 -18.66 -24.26 35.00
C LEU G 26 -17.46 -24.47 35.89
N VAL G 27 -16.90 -23.38 36.38
CA VAL G 27 -15.84 -23.45 37.38
C VAL G 27 -16.20 -22.62 38.60
N LYS G 28 -15.91 -23.17 39.77
CA LYS G 28 -16.18 -22.51 41.04
C LYS G 28 -14.87 -22.36 41.79
N LEU G 29 -14.48 -21.12 42.07
CA LEU G 29 -13.27 -20.84 42.82
C LEU G 29 -13.61 -20.37 44.23
N THR G 30 -12.82 -20.83 45.20
CA THR G 30 -12.96 -20.40 46.60
C THR G 30 -11.63 -19.84 47.12
N THR G 31 -11.69 -18.67 47.74
CA THR G 31 -10.52 -18.03 48.35
C THR G 31 -10.20 -18.63 49.71
N ASP G 32 -9.04 -18.26 50.27
CA ASP G 32 -8.64 -18.72 51.60
C ASP G 32 -9.59 -18.26 52.72
N ASP G 33 -10.25 -17.12 52.53
CA ASP G 33 -11.23 -16.65 53.51
C ASP G 33 -12.68 -17.04 53.20
N GLY G 34 -12.85 -17.89 52.19
CA GLY G 34 -14.15 -18.53 51.91
C GLY G 34 -15.06 -17.87 50.88
N ILE G 35 -14.57 -16.80 50.23
CA ILE G 35 -15.36 -16.14 49.17
C ILE G 35 -15.40 -17.04 47.93
N THR G 36 -16.59 -17.21 47.35
CA THR G 36 -16.72 -18.04 46.15
C THR G 36 -17.03 -17.22 44.90
N GLY G 37 -16.52 -17.71 43.78
CA GLY G 37 -16.77 -17.09 42.49
C GLY G 37 -17.02 -18.14 41.43
N TRP G 38 -17.92 -17.83 40.50
CA TRP G 38 -18.26 -18.75 39.44
C TRP G 38 -17.82 -18.18 38.09
N GLY G 39 -17.29 -19.07 37.24
CA GLY G 39 -16.93 -18.72 35.88
C GLY G 39 -17.37 -19.81 34.91
N GLU G 40 -17.19 -19.55 33.62
CA GLU G 40 -17.56 -20.53 32.60
C GLU G 40 -16.51 -20.56 31.51
N CYS G 41 -16.03 -21.76 31.20
CA CYS G 41 -15.07 -21.98 30.13
C CYS G 41 -15.78 -22.29 28.82
N TYR G 42 -15.21 -21.81 27.72
CA TYR G 42 -15.74 -22.08 26.39
C TYR G 42 -14.59 -22.66 25.56
N ALA G 43 -14.55 -23.99 25.51
CA ALA G 43 -13.46 -24.73 24.85
C ALA G 43 -13.95 -26.14 24.56
N ALA G 44 -13.95 -26.51 23.29
CA ALA G 44 -14.47 -27.81 22.86
C ALA G 44 -13.69 -28.47 21.73
N SER G 45 -12.43 -28.08 21.55
CA SER G 45 -11.54 -28.80 20.62
C SER G 45 -11.38 -30.25 21.09
N VAL G 46 -11.33 -30.42 22.41
CA VAL G 46 -11.41 -31.73 23.05
C VAL G 46 -12.58 -31.76 24.03
N GLY G 47 -12.98 -32.96 24.43
CA GLY G 47 -14.15 -33.17 25.28
C GLY G 47 -13.95 -32.74 26.73
N PRO G 48 -15.05 -32.75 27.51
CA PRO G 48 -15.06 -32.25 28.89
C PRO G 48 -14.05 -32.91 29.84
N GLU G 49 -13.82 -34.21 29.69
CA GLU G 49 -12.87 -34.95 30.54
CA GLU G 49 -12.87 -34.94 30.54
C GLU G 49 -11.44 -34.45 30.32
N ALA G 50 -11.08 -34.22 29.06
CA ALA G 50 -9.77 -33.65 28.74
C ALA G 50 -9.67 -32.20 29.21
N MET G 51 -10.74 -31.43 29.02
CA MET G 51 -10.77 -30.03 29.49
C MET G 51 -10.62 -29.91 30.99
N ARG G 52 -11.21 -30.86 31.72
CA ARG G 52 -11.08 -30.94 33.18
C ARG G 52 -9.61 -31.01 33.58
N ALA G 53 -8.84 -31.85 32.91
CA ALA G 53 -7.40 -31.94 33.14
C ALA G 53 -6.65 -30.64 32.80
N VAL G 54 -7.03 -30.03 31.68
CA VAL G 54 -6.43 -28.75 31.25
C VAL G 54 -6.71 -27.66 32.29
N ILE G 55 -7.96 -27.55 32.72
CA ILE G 55 -8.37 -26.54 33.70
C ILE G 55 -7.65 -26.73 35.04
N GLU G 56 -7.57 -27.98 35.49
CA GLU G 56 -6.87 -28.29 36.74
C GLU G 56 -5.41 -27.85 36.66
N ASP G 57 -4.77 -28.12 35.52
CA ASP G 57 -3.36 -27.76 35.31
C ASP G 57 -3.18 -26.24 35.32
N VAL G 58 -3.95 -25.54 34.49
CA VAL G 58 -3.88 -24.10 34.40
C VAL G 58 -4.04 -23.45 35.78
N PHE G 59 -5.05 -23.88 36.53
CA PHE G 59 -5.29 -23.33 37.85
C PHE G 59 -4.15 -23.60 38.83
N ALA G 60 -3.75 -24.87 38.94
CA ALA G 60 -2.71 -25.25 39.91
C ALA G 60 -1.39 -24.56 39.60
N ARG G 61 -1.09 -24.44 38.32
CA ARG G 61 0.21 -23.95 37.88
C ARG G 61 0.33 -22.42 37.96
N HIS G 62 -0.74 -21.71 37.62
CA HIS G 62 -0.65 -20.26 37.42
C HIS G 62 -1.49 -19.40 38.34
N MET G 63 -2.45 -20.01 39.02
CA MET G 63 -3.46 -19.23 39.74
C MET G 63 -3.60 -19.57 41.21
N GLU G 64 -3.44 -20.84 41.55
CA GLU G 64 -3.61 -21.27 42.95
C GLU G 64 -2.63 -20.54 43.84
N GLY G 65 -3.12 -19.99 44.95
CA GLY G 65 -2.29 -19.22 45.89
C GLY G 65 -2.08 -17.77 45.50
N GLU G 66 -2.60 -17.36 44.35
CA GLU G 66 -2.47 -15.98 43.88
C GLU G 66 -3.58 -15.07 44.40
N ASN G 67 -3.24 -13.80 44.61
CA ASN G 67 -4.22 -12.74 44.86
C ASN G 67 -5.06 -12.51 43.60
N PRO G 68 -6.39 -12.72 43.68
CA PRO G 68 -7.23 -12.60 42.48
C PRO G 68 -7.25 -11.22 41.83
N GLU G 69 -6.75 -10.20 42.53
CA GLU G 69 -6.56 -8.86 41.96
C GLU G 69 -5.60 -8.88 40.77
N ASN G 70 -4.67 -9.83 40.78
CA ASN G 70 -3.58 -9.89 39.82
C ASN G 70 -3.95 -10.53 38.47
N ILE G 71 -4.93 -9.93 37.83
CA ILE G 71 -5.49 -10.42 36.55
C ILE G 71 -4.51 -10.25 35.38
N GLU G 72 -3.79 -9.14 35.34
CA GLU G 72 -2.76 -8.92 34.31
C GLU G 72 -1.72 -10.02 34.41
N LEU G 73 -1.24 -10.26 35.62
CA LEU G 73 -0.18 -11.24 35.87
C LEU G 73 -0.59 -12.67 35.56
N MET G 74 -1.76 -13.08 36.03
CA MET G 74 -2.27 -14.42 35.76
C MET G 74 -2.50 -14.67 34.27
N PHE G 75 -3.00 -13.65 33.55
CA PHE G 75 -3.11 -13.78 32.08
C PHE G 75 -1.73 -14.01 31.48
N ARG G 76 -0.75 -13.21 31.87
CA ARG G 76 0.61 -13.34 31.32
C ARG G 76 1.19 -14.73 31.57
N ARG G 77 0.91 -15.29 32.73
CA ARG G 77 1.41 -16.62 33.10
C ARG G 77 0.90 -17.73 32.19
N VAL G 78 -0.42 -17.77 32.02
CA VAL G 78 -1.06 -18.81 31.19
C VAL G 78 -0.70 -18.61 29.72
N TYR G 79 -0.80 -17.37 29.25
CA TYR G 79 -0.47 -16.99 27.87
C TYR G 79 0.96 -17.38 27.47
N SER G 80 1.89 -17.32 28.43
CA SER G 80 3.30 -17.59 28.19
C SER G 80 3.69 -19.03 28.56
N SER G 81 2.73 -19.79 29.07
CA SER G 81 2.99 -21.10 29.69
C SER G 81 3.70 -22.08 28.76
N GLY G 82 4.80 -22.65 29.26
CA GLY G 82 5.56 -23.66 28.52
C GLY G 82 6.36 -23.12 27.35
N PHE G 83 6.77 -21.86 27.43
CA PHE G 83 7.45 -21.16 26.35
C PHE G 83 6.55 -21.11 25.12
N THR G 84 5.40 -20.45 25.29
CA THR G 84 4.48 -20.26 24.18
C THR G 84 4.36 -18.76 23.87
N GLN G 85 3.54 -18.04 24.63
CA GLN G 85 3.38 -16.59 24.45
C GLN G 85 2.81 -16.25 23.07
N ARG G 86 1.89 -17.11 22.62
CA ARG G 86 0.97 -16.84 21.54
C ARG G 86 -0.32 -17.58 21.91
N PRO G 87 -1.46 -17.17 21.33
CA PRO G 87 -2.74 -17.69 21.79
C PRO G 87 -2.86 -19.22 21.69
N ASP G 88 -3.17 -19.86 22.81
CA ASP G 88 -3.50 -21.28 22.83
C ASP G 88 -4.99 -21.43 23.10
N LEU G 89 -5.74 -21.80 22.07
CA LEU G 89 -7.19 -21.83 22.13
C LEU G 89 -7.73 -22.65 23.31
N THR G 90 -7.11 -23.81 23.56
CA THR G 90 -7.53 -24.70 24.64
C THR G 90 -7.15 -24.18 26.02
N ALA G 91 -5.90 -23.72 26.17
CA ALA G 91 -5.39 -23.25 27.45
C ALA G 91 -6.02 -21.92 27.88
N ILE G 92 -6.22 -21.02 26.93
CA ILE G 92 -6.83 -19.72 27.24
C ILE G 92 -8.33 -19.88 27.53
N GLY G 93 -8.96 -20.87 26.90
CA GLY G 93 -10.35 -21.24 27.23
C GLY G 93 -10.46 -21.64 28.70
N ALA G 94 -9.49 -22.44 29.16
CA ALA G 94 -9.42 -22.80 30.59
C ALA G 94 -9.23 -21.56 31.47
N PHE G 95 -8.24 -20.73 31.14
CA PHE G 95 -8.00 -19.51 31.92
C PHE G 95 -9.22 -18.59 31.99
N SER G 96 -9.89 -18.40 30.86
CA SER G 96 -11.00 -17.46 30.74
C SER G 96 -12.11 -17.67 31.77
N GLY G 97 -12.57 -18.92 31.91
CA GLY G 97 -13.58 -19.27 32.91
C GLY G 97 -13.08 -18.96 34.31
N LEU G 98 -11.82 -19.30 34.56
CA LEU G 98 -11.20 -19.08 35.87
C LEU G 98 -11.06 -17.59 36.17
N GLU G 99 -10.72 -16.81 35.15
CA GLU G 99 -10.67 -15.35 35.24
C GLU G 99 -12.06 -14.74 35.57
N ILE G 100 -13.12 -15.27 34.94
CA ILE G 100 -14.48 -14.77 35.22
C ILE G 100 -14.84 -15.01 36.69
N ALA G 101 -14.52 -16.19 37.19
CA ALA G 101 -14.67 -16.51 38.62
C ALA G 101 -13.90 -15.54 39.52
N CYS G 102 -12.68 -15.16 39.11
CA CYS G 102 -11.90 -14.17 39.86
C CYS G 102 -12.64 -12.84 39.99
N TRP G 103 -13.28 -12.40 38.91
CA TRP G 103 -14.07 -11.17 38.94
C TRP G 103 -15.29 -11.26 39.84
N ASP G 104 -15.94 -12.42 39.84
CA ASP G 104 -17.07 -12.68 40.74
C ASP G 104 -16.59 -12.53 42.19
N ILE G 105 -15.43 -13.12 42.49
CA ILE G 105 -14.81 -13.00 43.80
C ILE G 105 -14.47 -11.54 44.15
N LEU G 106 -13.87 -10.83 43.18
CA LEU G 106 -13.41 -9.45 43.41
C LEU G 106 -14.56 -8.50 43.71
N GLY G 107 -15.66 -8.65 42.98
CA GLY G 107 -16.87 -7.87 43.25
C GLY G 107 -17.43 -8.15 44.64
N LYS G 108 -17.42 -9.42 45.03
CA LYS G 108 -17.87 -9.81 46.37
C LYS G 108 -16.98 -9.26 47.48
N ALA G 109 -15.67 -9.27 47.27
CA ALA G 109 -14.70 -8.72 48.22
C ALA G 109 -14.81 -7.20 48.30
N ARG G 110 -15.08 -6.56 47.16
CA ARG G 110 -15.23 -5.12 47.09
C ARG G 110 -16.62 -4.64 47.53
N GLY G 111 -17.58 -5.55 47.53
CA GLY G 111 -18.98 -5.21 47.80
C GLY G 111 -19.61 -4.41 46.66
N ARG G 112 -19.16 -4.66 45.43
CA ARG G 112 -19.65 -3.95 44.25
C ARG G 112 -19.88 -4.92 43.10
N PRO G 113 -20.79 -4.58 42.17
CA PRO G 113 -20.95 -5.37 40.95
C PRO G 113 -19.68 -5.28 40.09
N VAL G 114 -19.45 -6.30 39.25
CA VAL G 114 -18.24 -6.34 38.41
C VAL G 114 -18.11 -5.10 37.51
N TRP G 115 -19.21 -4.66 36.88
CA TRP G 115 -19.16 -3.46 36.03
C TRP G 115 -18.63 -2.24 36.77
N ALA G 116 -18.91 -2.16 38.08
CA ALA G 116 -18.43 -1.06 38.91
C ALA G 116 -16.91 -1.00 38.99
N LEU G 117 -16.26 -2.15 38.81
CA LEU G 117 -14.80 -2.27 38.87
C LEU G 117 -14.14 -2.08 37.51
N LEU G 118 -14.95 -1.87 36.47
CA LEU G 118 -14.48 -1.86 35.09
C LEU G 118 -14.63 -0.50 34.41
N GLY G 119 -14.53 0.57 35.18
CA GLY G 119 -14.72 1.91 34.64
C GLY G 119 -16.13 2.44 34.87
N GLY G 120 -16.91 1.69 35.64
CA GLY G 120 -18.25 2.12 36.04
C GLY G 120 -19.31 1.87 35.00
N LYS G 121 -20.44 2.57 35.13
CA LYS G 121 -21.58 2.31 34.28
C LYS G 121 -21.61 3.22 33.06
N MET G 122 -21.69 2.62 31.88
CA MET G 122 -21.94 3.34 30.65
C MET G 122 -23.38 3.16 30.18
N ASN G 123 -23.94 1.98 30.45
CA ASN G 123 -25.18 1.58 29.84
C ASN G 123 -26.21 1.10 30.87
N PRO G 124 -27.15 2.00 31.26
CA PRO G 124 -28.23 1.65 32.20
C PRO G 124 -29.06 0.47 31.68
N ARG G 125 -29.25 0.41 30.37
CA ARG G 125 -29.88 -0.76 29.76
CA ARG G 125 -29.93 -0.72 29.72
C ARG G 125 -29.04 -1.25 28.59
N ILE G 126 -28.98 -2.56 28.44
CA ILE G 126 -28.19 -3.16 27.37
C ILE G 126 -29.14 -3.83 26.38
N ARG G 127 -29.00 -3.47 25.11
CA ARG G 127 -29.78 -4.06 24.03
C ARG G 127 -29.47 -5.55 23.90
N ALA G 128 -30.53 -6.35 23.81
CA ALA G 128 -30.40 -7.81 23.68
C ALA G 128 -30.88 -8.32 22.32
N TYR G 129 -30.41 -9.51 21.94
CA TYR G 129 -30.95 -10.23 20.78
C TYR G 129 -30.93 -11.72 21.02
N THR G 130 -31.66 -12.44 20.18
CA THR G 130 -31.71 -13.89 20.25
C THR G 130 -31.71 -14.51 18.86
N TYR G 131 -31.28 -15.77 18.77
CA TYR G 131 -31.55 -16.61 17.61
C TYR G 131 -33.06 -16.82 17.49
N LEU G 132 -33.50 -17.15 16.28
CA LEU G 132 -34.86 -17.61 16.09
C LEU G 132 -34.92 -19.09 16.35
N TYR G 133 -35.65 -19.47 17.39
CA TYR G 133 -35.81 -20.85 17.79
C TYR G 133 -37.21 -21.31 17.40
N PRO G 134 -37.40 -22.64 17.23
CA PRO G 134 -38.71 -23.16 16.89
C PRO G 134 -39.75 -22.78 17.93
N LEU G 135 -40.95 -22.42 17.48
CA LEU G 135 -42.09 -22.26 18.37
C LEU G 135 -42.61 -23.66 18.72
N PRO G 136 -43.43 -23.79 19.79
CA PRO G 136 -43.87 -25.13 20.24
C PRO G 136 -44.51 -26.00 19.16
N HIS G 137 -45.22 -25.39 18.21
CA HIS G 137 -45.85 -26.16 17.13
C HIS G 137 -44.96 -26.41 15.90
N HIS G 138 -43.73 -25.90 15.93
CA HIS G 138 -42.81 -26.07 14.80
C HIS G 138 -42.02 -27.37 14.93
N PRO G 139 -42.13 -28.26 13.93
CA PRO G 139 -41.23 -29.43 13.91
C PRO G 139 -39.78 -28.95 13.87
N ILE G 140 -38.95 -29.46 14.79
CA ILE G 140 -37.60 -28.94 15.03
C ILE G 140 -36.72 -28.93 13.78
N THR G 141 -36.61 -30.09 13.13
CA THR G 141 -35.73 -30.25 11.97
C THR G 141 -36.15 -29.40 10.75
N PRO G 142 -37.43 -29.50 10.31
CA PRO G 142 -37.88 -28.66 9.20
C PRO G 142 -37.83 -27.16 9.48
N PHE G 143 -37.89 -26.76 10.75
CA PHE G 143 -37.84 -25.35 11.13
C PHE G 143 -36.62 -24.62 10.55
N TRP G 144 -35.46 -25.27 10.65
CA TRP G 144 -34.18 -24.66 10.25
C TRP G 144 -34.11 -24.21 8.78
N THR G 145 -34.92 -24.82 7.93
CA THR G 145 -34.96 -24.45 6.51
C THR G 145 -36.32 -23.89 6.09
N SER G 146 -37.15 -23.53 7.06
CA SER G 146 -38.47 -22.98 6.77
C SER G 146 -38.52 -21.48 7.00
N ALA G 147 -38.54 -20.71 5.91
CA ALA G 147 -38.65 -19.26 5.99
C ALA G 147 -39.97 -18.80 6.62
N ASP G 148 -41.04 -19.55 6.37
CA ASP G 148 -42.35 -19.26 6.97
C ASP G 148 -42.35 -19.40 8.50
N MET G 149 -41.80 -20.50 9.00
CA MET G 149 -41.73 -20.73 10.45
C MET G 149 -40.76 -19.75 11.12
N ALA G 150 -39.64 -19.45 10.44
CA ALA G 150 -38.70 -18.45 10.95
C ALA G 150 -39.35 -17.08 11.10
N ALA G 151 -40.15 -16.68 10.11
CA ALA G 151 -40.89 -15.42 10.17
C ALA G 151 -41.91 -15.39 11.33
N GLU G 152 -42.57 -16.52 11.57
CA GLU G 152 -43.47 -16.67 12.72
C GLU G 152 -42.70 -16.48 14.02
N SER G 153 -41.55 -17.14 14.12
CA SER G 153 -40.69 -17.01 15.30
CA SER G 153 -40.69 -17.01 15.30
C SER G 153 -40.18 -15.59 15.49
N ALA G 154 -39.84 -14.93 14.38
CA ALA G 154 -39.38 -13.54 14.44
C ALA G 154 -40.49 -12.61 14.94
N ALA G 155 -41.71 -12.80 14.44
CA ALA G 155 -42.85 -12.01 14.89
C ALA G 155 -43.06 -12.17 16.40
N ASP G 156 -42.90 -13.39 16.88
CA ASP G 156 -43.04 -13.70 18.30
C ASP G 156 -41.95 -12.99 19.13
N CYS G 157 -40.72 -12.93 18.62
CA CYS G 157 -39.65 -12.21 19.30
C CYS G 157 -39.93 -10.72 19.42
N VAL G 158 -40.37 -10.11 18.32
CA VAL G 158 -40.75 -8.70 18.30
C VAL G 158 -41.92 -8.42 19.26
N ALA G 159 -42.85 -9.37 19.34
CA ALA G 159 -44.01 -9.27 20.24
C ALA G 159 -43.59 -9.22 21.70
N ARG G 160 -42.44 -9.82 22.00
CA ARG G 160 -41.89 -9.86 23.36
CA ARG G 160 -41.91 -9.84 23.36
C ARG G 160 -40.89 -8.72 23.61
N GLY G 161 -40.69 -7.87 22.60
CA GLY G 161 -39.84 -6.68 22.75
C GLY G 161 -38.44 -6.72 22.14
N TYR G 162 -38.07 -7.84 21.54
CA TYR G 162 -36.76 -7.93 20.87
C TYR G 162 -36.65 -6.97 19.70
N THR G 163 -35.48 -6.34 19.57
CA THR G 163 -35.23 -5.34 18.53
C THR G 163 -34.23 -5.85 17.49
N ALA G 164 -33.86 -7.13 17.62
CA ALA G 164 -32.95 -7.77 16.68
C ALA G 164 -33.08 -9.28 16.81
N VAL G 165 -33.05 -9.97 15.67
CA VAL G 165 -33.16 -11.42 15.65
C VAL G 165 -32.10 -12.00 14.71
N LYS G 166 -31.57 -13.16 15.06
CA LYS G 166 -30.51 -13.82 14.26
C LYS G 166 -30.97 -15.16 13.74
N PHE G 167 -30.45 -15.55 12.58
CA PHE G 167 -30.83 -16.78 11.88
C PHE G 167 -29.75 -17.16 10.87
N ASP G 168 -29.61 -18.46 10.61
CA ASP G 168 -28.68 -18.92 9.57
C ASP G 168 -29.30 -19.99 8.69
N PRO G 169 -29.85 -19.58 7.54
CA PRO G 169 -30.44 -20.50 6.57
C PRO G 169 -29.46 -20.95 5.48
N ALA G 170 -28.18 -20.60 5.62
CA ALA G 170 -27.24 -20.72 4.50
C ALA G 170 -26.57 -22.09 4.35
N GLY G 171 -26.98 -23.05 5.17
CA GLY G 171 -26.53 -24.43 5.00
C GLY G 171 -25.46 -24.87 5.99
N PRO G 172 -25.03 -26.14 5.90
CA PRO G 172 -24.17 -26.69 6.94
C PRO G 172 -22.72 -26.20 6.86
N TYR G 173 -22.08 -26.10 8.02
CA TYR G 173 -20.64 -25.90 8.07
C TYR G 173 -20.00 -27.27 8.18
N THR G 174 -18.88 -27.47 7.48
CA THR G 174 -18.21 -28.77 7.48
C THR G 174 -16.72 -28.64 7.78
N LEU G 175 -16.09 -29.77 8.08
CA LEU G 175 -14.67 -29.82 8.43
C LEU G 175 -13.73 -29.52 7.26
N ARG G 176 -14.24 -29.56 6.03
CA ARG G 176 -13.45 -29.33 4.82
C ARG G 176 -12.90 -27.92 4.71
N GLY G 177 -13.53 -26.97 5.40
CA GLY G 177 -13.22 -25.55 5.25
C GLY G 177 -14.27 -24.92 4.36
N GLY G 178 -13.94 -23.76 3.82
CA GLY G 178 -14.91 -23.00 3.01
C GLY G 178 -15.39 -23.75 1.80
N HIS G 179 -16.70 -23.62 1.52
CA HIS G 179 -17.26 -24.14 0.28
C HIS G 179 -18.08 -23.06 -0.42
N MET G 180 -18.46 -23.31 -1.67
CA MET G 180 -19.33 -22.43 -2.43
C MET G 180 -20.78 -22.80 -2.06
N PRO G 181 -21.61 -21.81 -1.73
CA PRO G 181 -23.03 -22.13 -1.45
C PRO G 181 -23.71 -22.73 -2.69
N ALA G 182 -24.65 -23.66 -2.47
CA ALA G 182 -25.54 -24.13 -3.51
C ALA G 182 -26.49 -22.99 -3.88
N MET G 183 -27.04 -23.00 -5.10
CA MET G 183 -28.01 -21.97 -5.51
C MET G 183 -29.19 -21.94 -4.53
N THR G 184 -29.58 -23.11 -4.03
CA THR G 184 -30.68 -23.23 -3.08
C THR G 184 -30.35 -22.57 -1.73
N ASP G 185 -29.06 -22.61 -1.35
CA ASP G 185 -28.59 -21.90 -0.13
C ASP G 185 -28.80 -20.39 -0.25
N ILE G 186 -28.43 -19.85 -1.42
CA ILE G 186 -28.61 -18.43 -1.70
C ILE G 186 -30.10 -18.04 -1.77
N SER G 187 -30.88 -18.80 -2.53
CA SER G 187 -32.31 -18.51 -2.66
C SER G 187 -33.04 -18.60 -1.32
N LEU G 188 -32.72 -19.61 -0.51
CA LEU G 188 -33.34 -19.76 0.81
C LEU G 188 -32.96 -18.61 1.74
N SER G 189 -31.72 -18.14 1.65
CA SER G 189 -31.25 -17.00 2.44
C SER G 189 -32.01 -15.73 2.08
N VAL G 190 -32.23 -15.53 0.79
CA VAL G 190 -33.04 -14.40 0.31
C VAL G 190 -34.47 -14.55 0.80
N GLU G 191 -35.04 -15.75 0.69
CA GLU G 191 -36.42 -15.99 1.15
C GLU G 191 -36.58 -15.74 2.64
N PHE G 192 -35.62 -16.20 3.45
CA PHE G 192 -35.62 -15.93 4.88
C PHE G 192 -35.61 -14.42 5.15
N CYS G 193 -34.66 -13.72 4.55
CA CYS G 193 -34.53 -12.28 4.73
C CYS G 193 -35.79 -11.52 4.29
N ARG G 194 -36.36 -11.91 3.16
CA ARG G 194 -37.58 -11.28 2.65
C ARG G 194 -38.76 -11.46 3.61
N LYS G 195 -39.02 -12.70 4.02
CA LYS G 195 -40.18 -13.01 4.87
C LYS G 195 -40.03 -12.52 6.32
N ILE G 196 -38.80 -12.56 6.85
CA ILE G 196 -38.52 -12.03 8.18
C ILE G 196 -38.63 -10.50 8.20
N ARG G 197 -38.05 -9.84 7.20
CA ARG G 197 -38.22 -8.38 7.07
C ARG G 197 -39.70 -7.98 6.96
N ALA G 198 -40.48 -8.77 6.21
CA ALA G 198 -41.91 -8.51 6.07
C ALA G 198 -42.62 -8.65 7.42
N ALA G 199 -42.20 -9.65 8.20
CA ALA G 199 -42.82 -9.95 9.49
C ALA G 199 -42.45 -8.93 10.58
N VAL G 200 -41.25 -8.36 10.50
CA VAL G 200 -40.79 -7.42 11.54
C VAL G 200 -40.82 -5.94 11.14
N GLY G 201 -40.81 -5.66 9.84
CA GLY G 201 -40.72 -4.27 9.35
C GLY G 201 -39.52 -3.54 9.94
N ASP G 202 -39.75 -2.33 10.44
CA ASP G 202 -38.69 -1.54 11.12
C ASP G 202 -38.64 -1.76 12.62
N LYS G 203 -39.38 -2.76 13.12
CA LYS G 203 -39.40 -3.02 14.56
C LYS G 203 -38.17 -3.78 15.06
N ALA G 204 -37.47 -4.46 14.14
CA ALA G 204 -36.28 -5.23 14.50
C ALA G 204 -35.25 -5.26 13.38
N ASP G 205 -33.99 -5.45 13.77
CA ASP G 205 -32.91 -5.70 12.82
C ASP G 205 -32.77 -7.18 12.51
N LEU G 206 -32.30 -7.47 11.30
CA LEU G 206 -31.98 -8.82 10.88
C LEU G 206 -30.49 -9.02 11.04
N LEU G 207 -30.13 -10.11 11.71
CA LEU G 207 -28.73 -10.45 11.93
C LEU G 207 -28.48 -11.76 11.19
N PHE G 208 -27.64 -11.69 10.16
CA PHE G 208 -27.43 -12.86 9.33
C PHE G 208 -26.28 -13.67 9.95
N GLY G 209 -26.66 -14.72 10.67
CA GLY G 209 -25.75 -15.40 11.59
C GLY G 209 -25.04 -16.61 11.02
N THR G 210 -24.35 -16.40 9.90
CA THR G 210 -23.58 -17.45 9.25
C THR G 210 -22.50 -18.05 10.17
N HIS G 211 -22.03 -19.24 9.83
CA HIS G 211 -21.13 -20.01 10.67
C HIS G 211 -19.81 -20.34 9.98
N GLY G 212 -19.32 -19.39 9.19
CA GLY G 212 -18.04 -19.56 8.49
C GLY G 212 -18.02 -20.72 7.50
N GLN G 213 -19.13 -20.93 6.82
CA GLN G 213 -19.27 -22.02 5.84
C GLN G 213 -18.47 -21.80 4.56
N PHE G 214 -18.19 -20.54 4.24
CA PHE G 214 -17.89 -20.22 2.84
C PHE G 214 -16.47 -19.85 2.47
N THR G 215 -16.13 -20.10 1.21
CA THR G 215 -14.98 -19.49 0.57
C THR G 215 -15.28 -18.00 0.48
N THR G 216 -14.23 -17.22 0.30
CA THR G 216 -14.37 -15.77 0.11
C THR G 216 -15.33 -15.50 -1.04
N ALA G 217 -15.14 -16.23 -2.15
CA ALA G 217 -15.99 -16.12 -3.33
C ALA G 217 -17.44 -16.42 -2.99
N GLY G 218 -17.66 -17.53 -2.27
CA GLY G 218 -19.00 -17.92 -1.84
C GLY G 218 -19.67 -16.90 -0.94
N ALA G 219 -18.90 -16.37 0.02
CA ALA G 219 -19.41 -15.40 0.97
C ALA G 219 -19.84 -14.11 0.27
N ILE G 220 -19.13 -13.72 -0.79
CA ILE G 220 -19.47 -12.51 -1.55
C ILE G 220 -20.71 -12.73 -2.41
N ARG G 221 -20.82 -13.90 -3.04
CA ARG G 221 -22.01 -14.28 -3.81
C ARG G 221 -23.27 -14.32 -2.92
N LEU G 222 -23.16 -14.89 -1.72
CA LEU G 222 -24.29 -14.91 -0.80
C LEU G 222 -24.61 -13.50 -0.26
N GLY G 223 -23.57 -12.78 0.16
CA GLY G 223 -23.73 -11.45 0.75
C GLY G 223 -24.43 -10.44 -0.15
N GLN G 224 -24.05 -10.43 -1.44
CA GLN G 224 -24.67 -9.50 -2.38
C GLN G 224 -26.17 -9.79 -2.59
N ALA G 225 -26.56 -11.06 -2.42
CA ALA G 225 -27.94 -11.48 -2.61
C ALA G 225 -28.86 -10.99 -1.49
N ILE G 226 -28.33 -10.87 -0.28
CA ILE G 226 -29.15 -10.49 0.88
C ILE G 226 -29.04 -9.00 1.22
N GLU G 227 -28.17 -8.27 0.51
CA GLU G 227 -28.02 -6.81 0.70
C GLU G 227 -29.32 -5.99 0.70
N PRO G 228 -30.30 -6.34 -0.18
CA PRO G 228 -31.53 -5.54 -0.28
C PRO G 228 -32.39 -5.49 0.99
N TYR G 229 -32.18 -6.42 1.91
CA TYR G 229 -33.03 -6.52 3.10
C TYR G 229 -32.44 -5.78 4.30
N SER G 230 -31.38 -5.02 4.03
CA SER G 230 -30.66 -4.22 5.01
C SER G 230 -30.30 -4.99 6.31
N PRO G 231 -29.68 -6.19 6.18
CA PRO G 231 -29.27 -6.86 7.42
C PRO G 231 -28.23 -6.05 8.18
N LEU G 232 -28.33 -6.05 9.50
CA LEU G 232 -27.46 -5.23 10.36
C LEU G 232 -26.02 -5.74 10.33
N TRP G 233 -25.86 -7.06 10.30
CA TRP G 233 -24.54 -7.65 10.15
C TRP G 233 -24.54 -8.99 9.43
N TYR G 234 -23.35 -9.39 9.00
CA TYR G 234 -23.09 -10.62 8.29
C TYR G 234 -21.99 -11.33 9.09
N GLU G 235 -22.38 -12.36 9.81
CA GLU G 235 -21.53 -13.00 10.82
C GLU G 235 -20.64 -14.09 10.21
N GLU G 236 -19.38 -14.12 10.64
CA GLU G 236 -18.44 -15.16 10.21
C GLU G 236 -18.71 -15.61 8.76
N PRO G 237 -18.53 -14.69 7.78
CA PRO G 237 -18.85 -15.12 6.43
C PRO G 237 -17.92 -16.23 5.92
N VAL G 238 -16.72 -16.31 6.50
CA VAL G 238 -15.70 -17.32 6.14
C VAL G 238 -15.12 -17.94 7.42
N PRO G 239 -14.39 -19.08 7.31
CA PRO G 239 -13.76 -19.69 8.48
C PRO G 239 -12.82 -18.71 9.20
N PRO G 240 -12.61 -18.91 10.52
CA PRO G 240 -11.88 -17.96 11.38
C PRO G 240 -10.35 -18.00 11.28
N ASP G 241 -9.81 -18.66 10.27
CA ASP G 241 -8.36 -18.85 10.18
C ASP G 241 -7.68 -18.02 9.10
N ASN G 242 -8.33 -16.94 8.67
CA ASN G 242 -7.82 -16.13 7.55
C ASN G 242 -8.37 -14.70 7.59
N VAL G 243 -7.62 -13.80 8.22
CA VAL G 243 -8.06 -12.41 8.36
C VAL G 243 -8.18 -11.72 7.00
N GLY G 244 -7.22 -11.97 6.12
CA GLY G 244 -7.20 -11.34 4.80
C GLY G 244 -8.42 -11.71 3.98
N ALA G 245 -8.80 -12.98 4.05
CA ALA G 245 -10.00 -13.46 3.37
C ALA G 245 -11.25 -12.73 3.86
N MET G 246 -11.37 -12.58 5.18
CA MET G 246 -12.54 -11.91 5.75
C MET G 246 -12.60 -10.44 5.36
N ALA G 247 -11.44 -9.77 5.35
CA ALA G 247 -11.34 -8.39 4.87
C ALA G 247 -11.77 -8.25 3.41
N GLN G 248 -11.45 -9.25 2.59
CA GLN G 248 -11.90 -9.26 1.19
C GLN G 248 -13.43 -9.26 1.10
N VAL G 249 -14.06 -10.06 1.96
CA VAL G 249 -15.52 -10.11 1.99
C VAL G 249 -16.09 -8.76 2.42
N ALA G 250 -15.51 -8.19 3.48
CA ALA G 250 -15.98 -6.92 4.05
C ALA G 250 -15.93 -5.78 3.05
N ARG G 251 -14.88 -5.76 2.21
CA ARG G 251 -14.73 -4.74 1.18
C ARG G 251 -15.70 -4.96 0.01
N ALA G 252 -16.06 -6.22 -0.24
CA ALA G 252 -16.88 -6.57 -1.41
C ALA G 252 -18.39 -6.66 -1.13
N VAL G 253 -18.79 -6.66 0.13
CA VAL G 253 -20.23 -6.66 0.46
C VAL G 253 -20.60 -5.40 1.23
N ARG G 254 -21.84 -4.95 1.06
CA ARG G 254 -22.28 -3.68 1.65
C ARG G 254 -22.89 -3.88 3.05
N ILE G 255 -22.67 -5.07 3.61
CA ILE G 255 -23.17 -5.39 4.94
C ILE G 255 -22.01 -5.39 5.94
N PRO G 256 -22.20 -4.76 7.13
CA PRO G 256 -21.15 -4.86 8.15
C PRO G 256 -20.85 -6.31 8.50
N VAL G 257 -19.56 -6.64 8.59
CA VAL G 257 -19.12 -7.97 8.96
C VAL G 257 -18.90 -8.06 10.47
N ALA G 258 -19.43 -9.11 11.08
CA ALA G 258 -19.23 -9.37 12.50
C ALA G 258 -18.51 -10.71 12.64
N THR G 259 -17.60 -10.79 13.60
CA THR G 259 -16.90 -12.06 13.88
C THR G 259 -16.27 -12.05 15.27
N GLY G 260 -15.79 -13.22 15.70
CA GLY G 260 -14.96 -13.29 16.89
C GLY G 260 -15.17 -14.45 17.84
N GLU G 261 -16.27 -15.18 17.70
CA GLU G 261 -16.61 -16.23 18.66
C GLU G 261 -15.60 -17.38 18.72
N ARG G 262 -14.79 -17.49 17.66
CA ARG G 262 -13.78 -18.54 17.58
C ARG G 262 -12.37 -17.96 17.66
N LEU G 263 -12.28 -16.69 18.03
CA LEU G 263 -10.98 -16.03 18.20
C LEU G 263 -10.61 -15.88 19.68
N THR G 264 -9.33 -15.67 19.95
CA THR G 264 -8.86 -15.60 21.32
C THR G 264 -7.70 -14.62 21.52
N THR G 265 -7.85 -13.81 22.57
CA THR G 265 -6.90 -12.75 22.99
C THR G 265 -6.86 -11.56 22.05
N LYS G 266 -6.39 -10.44 22.56
CA LYS G 266 -6.20 -9.24 21.77
C LYS G 266 -5.22 -9.47 20.61
N ALA G 267 -4.34 -10.45 20.75
CA ALA G 267 -3.39 -10.78 19.68
C ALA G 267 -4.10 -11.23 18.39
N GLU G 268 -5.30 -11.77 18.53
CA GLU G 268 -6.13 -12.15 17.36
C GLU G 268 -7.14 -11.08 16.95
N PHE G 269 -7.70 -10.36 17.92
CA PHE G 269 -8.67 -9.33 17.59
C PHE G 269 -8.04 -8.07 16.97
N ALA G 270 -6.83 -7.74 17.39
CA ALA G 270 -6.13 -6.57 16.84
C ALA G 270 -5.97 -6.63 15.30
N PRO G 271 -5.48 -7.75 14.73
CA PRO G 271 -5.38 -7.83 13.27
C PRO G 271 -6.73 -7.76 12.56
N VAL G 272 -7.78 -8.33 13.14
CA VAL G 272 -9.14 -8.27 12.58
C VAL G 272 -9.57 -6.81 12.37
N LEU G 273 -9.31 -5.98 13.39
CA LEU G 273 -9.60 -4.56 13.31
C LEU G 273 -8.67 -3.86 12.33
N ARG G 274 -7.37 -4.10 12.49
CA ARG G 274 -6.33 -3.41 11.71
C ARG G 274 -6.47 -3.65 10.21
N GLU G 275 -6.91 -4.84 9.83
CA GLU G 275 -7.05 -5.20 8.42
CA GLU G 275 -7.05 -5.20 8.42
C GLU G 275 -8.45 -4.89 7.88
N GLY G 276 -9.33 -4.40 8.74
CA GLY G 276 -10.71 -4.06 8.35
C GLY G 276 -11.53 -5.28 8.02
N ALA G 277 -11.22 -6.40 8.70
CA ALA G 277 -11.90 -7.67 8.49
C ALA G 277 -13.32 -7.69 9.07
N ALA G 278 -13.53 -6.99 10.19
CA ALA G 278 -14.84 -6.91 10.83
C ALA G 278 -15.07 -5.56 11.52
N ALA G 279 -16.33 -5.13 11.55
CA ALA G 279 -16.73 -3.88 12.22
C ALA G 279 -17.34 -4.16 13.59
N ILE G 280 -17.72 -5.41 13.81
CA ILE G 280 -18.39 -5.82 15.04
C ILE G 280 -17.67 -7.06 15.58
N LEU G 281 -17.16 -6.95 16.81
CA LEU G 281 -16.41 -8.04 17.43
C LEU G 281 -17.28 -8.80 18.40
N GLN G 282 -17.25 -10.13 18.27
CA GLN G 282 -18.12 -11.03 19.03
C GLN G 282 -17.33 -12.09 19.81
N PRO G 283 -16.48 -11.67 20.75
CA PRO G 283 -15.76 -12.70 21.51
C PRO G 283 -16.68 -13.51 22.41
N ALA G 284 -16.36 -14.80 22.59
CA ALA G 284 -16.90 -15.55 23.72
C ALA G 284 -15.93 -15.25 24.87
N LEU G 285 -16.42 -14.59 25.91
CA LEU G 285 -15.55 -14.21 27.03
C LEU G 285 -14.95 -15.41 27.76
N GLY G 286 -15.64 -16.55 27.72
CA GLY G 286 -15.12 -17.81 28.28
C GLY G 286 -14.08 -18.49 27.41
N ARG G 287 -13.86 -17.93 26.22
CA ARG G 287 -12.82 -18.40 25.30
C ARG G 287 -11.70 -17.40 25.10
N ALA G 288 -12.05 -16.13 24.93
CA ALA G 288 -11.12 -15.13 24.40
C ALA G 288 -10.09 -14.56 25.38
N GLY G 289 -10.13 -14.98 26.65
CA GLY G 289 -9.19 -14.44 27.65
C GLY G 289 -9.82 -13.87 28.90
N GLY G 290 -11.16 -13.80 28.93
CA GLY G 290 -11.90 -13.30 30.07
C GLY G 290 -12.33 -11.84 29.94
N ILE G 291 -12.81 -11.28 31.05
CA ILE G 291 -13.34 -9.92 31.10
C ILE G 291 -12.28 -8.84 30.82
N TRP G 292 -11.18 -8.88 31.57
CA TRP G 292 -10.14 -7.84 31.46
C TRP G 292 -9.52 -7.80 30.06
N GLU G 293 -9.11 -8.95 29.55
CA GLU G 293 -8.59 -9.07 28.19
C GLU G 293 -9.57 -8.47 27.16
N MET G 294 -10.87 -8.69 27.36
CA MET G 294 -11.86 -8.16 26.42
C MET G 294 -12.10 -6.66 26.59
N LYS G 295 -11.90 -6.15 27.80
CA LYS G 295 -11.89 -4.71 27.99
C LYS G 295 -10.78 -4.07 27.14
N LYS G 296 -9.62 -4.72 27.08
CA LYS G 296 -8.53 -4.27 26.22
C LYS G 296 -8.95 -4.26 24.75
N VAL G 297 -9.62 -5.33 24.31
CA VAL G 297 -10.14 -5.42 22.94
C VAL G 297 -11.22 -4.35 22.67
N ALA G 298 -12.13 -4.15 23.62
CA ALA G 298 -13.16 -3.10 23.51
C ALA G 298 -12.56 -1.72 23.24
N ALA G 299 -11.48 -1.39 23.97
CA ALA G 299 -10.77 -0.12 23.76
C ALA G 299 -10.17 -0.04 22.36
N MET G 300 -9.60 -1.14 21.89
CA MET G 300 -9.09 -1.22 20.52
C MET G 300 -10.21 -1.00 19.51
N ALA G 301 -11.37 -1.61 19.75
CA ALA G 301 -12.53 -1.42 18.87
C ALA G 301 -12.96 0.06 18.82
N GLU G 302 -12.89 0.75 19.96
CA GLU G 302 -13.17 2.20 20.01
C GLU G 302 -12.36 3.03 19.01
N VAL G 303 -11.06 2.76 18.90
CA VAL G 303 -10.22 3.56 18.00
C VAL G 303 -10.36 3.16 16.53
N TYR G 304 -11.21 2.17 16.27
CA TYR G 304 -11.64 1.85 14.90
C TYR G 304 -13.09 2.23 14.66
N ASN G 305 -13.69 2.93 15.63
CA ASN G 305 -15.12 3.26 15.59
C ASN G 305 -15.92 1.98 15.31
N ALA G 306 -15.55 0.92 16.03
CA ALA G 306 -16.17 -0.40 15.91
C ALA G 306 -16.80 -0.77 17.25
N GLN G 307 -17.65 -1.79 17.26
CA GLN G 307 -18.42 -2.14 18.46
C GLN G 307 -18.27 -3.58 18.88
N MET G 308 -18.58 -3.83 20.15
CA MET G 308 -18.59 -5.17 20.72
C MET G 308 -20.01 -5.74 20.73
N ALA G 309 -20.14 -7.01 20.41
CA ALA G 309 -21.39 -7.73 20.59
C ALA G 309 -21.06 -9.12 21.15
N PRO G 310 -20.90 -9.21 22.49
CA PRO G 310 -20.43 -10.45 23.13
C PRO G 310 -21.24 -11.68 22.74
N HIS G 311 -20.52 -12.74 22.38
CA HIS G 311 -21.11 -13.99 21.93
C HIS G 311 -21.71 -14.77 23.09
N LEU G 312 -22.84 -15.43 22.84
CA LEU G 312 -23.34 -16.45 23.76
C LEU G 312 -23.92 -17.64 23.01
N TYR G 313 -23.23 -18.77 23.09
CA TYR G 313 -23.86 -20.06 22.83
C TYR G 313 -23.39 -21.03 23.90
N ALA G 314 -23.83 -20.73 25.12
CA ALA G 314 -23.33 -21.37 26.32
C ALA G 314 -24.25 -20.98 27.47
N GLY G 315 -23.76 -21.07 28.70
CA GLY G 315 -24.58 -20.91 29.89
C GLY G 315 -24.77 -19.49 30.41
N PRO G 316 -25.56 -19.36 31.49
CA PRO G 316 -25.91 -18.06 32.06
C PRO G 316 -24.75 -17.41 32.83
N VAL G 317 -23.74 -18.18 33.19
CA VAL G 317 -22.56 -17.63 33.89
C VAL G 317 -21.68 -16.83 32.93
N GLU G 318 -21.40 -17.38 31.75
CA GLU G 318 -20.74 -16.58 30.72
C GLU G 318 -21.56 -15.34 30.36
N TRP G 319 -22.87 -15.52 30.23
CA TRP G 319 -23.78 -14.43 29.88
C TRP G 319 -23.68 -13.29 30.91
N ALA G 320 -23.65 -13.65 32.20
CA ALA G 320 -23.51 -12.67 33.28
C ALA G 320 -22.22 -11.86 33.12
N ALA G 321 -21.12 -12.54 32.78
CA ALA G 321 -19.87 -11.86 32.44
C ALA G 321 -20.04 -10.89 31.26
N ASN G 322 -20.76 -11.33 30.22
CA ASN G 322 -21.08 -10.49 29.07
C ASN G 322 -21.80 -9.20 29.48
N VAL G 323 -22.78 -9.34 30.37
CA VAL G 323 -23.61 -8.23 30.83
C VAL G 323 -22.79 -7.17 31.58
N HIS G 324 -21.93 -7.61 32.50
CA HIS G 324 -21.06 -6.69 33.25
C HIS G 324 -20.05 -6.00 32.35
N PHE G 325 -19.44 -6.79 31.47
CA PHE G 325 -18.56 -6.27 30.43
C PHE G 325 -19.29 -5.21 29.60
N ALA G 326 -20.45 -5.58 29.05
CA ALA G 326 -21.27 -4.66 28.26
C ALA G 326 -21.70 -3.38 29.00
N ALA G 327 -22.00 -3.51 30.29
CA ALA G 327 -22.47 -2.37 31.08
C ALA G 327 -21.41 -1.27 31.15
N SER G 328 -20.14 -1.68 31.05
CA SER G 328 -18.99 -0.83 31.32
C SER G 328 -18.34 -0.21 30.07
N ILE G 329 -18.78 -0.58 28.88
CA ILE G 329 -18.13 -0.10 27.64
C ILE G 329 -18.99 0.90 26.85
N PRO G 330 -18.36 1.97 26.33
CA PRO G 330 -19.15 2.93 25.56
C PRO G 330 -19.57 2.38 24.20
N ASN G 331 -18.81 1.43 23.66
CA ASN G 331 -19.04 0.88 22.32
C ASN G 331 -19.75 -0.49 22.31
N ILE G 332 -20.81 -0.62 23.10
CA ILE G 332 -21.62 -1.84 23.06
C ILE G 332 -22.60 -1.73 21.90
N LEU G 333 -22.76 -2.80 21.14
CA LEU G 333 -23.82 -2.88 20.15
C LEU G 333 -25.04 -3.60 20.76
N MET G 334 -24.85 -4.86 21.12
CA MET G 334 -25.91 -5.68 21.74
C MET G 334 -25.34 -6.98 22.33
N CYS G 335 -26.11 -7.61 23.21
CA CYS G 335 -25.73 -8.89 23.84
C CYS G 335 -26.59 -10.06 23.38
N GLU G 336 -25.95 -11.05 22.77
CA GLU G 336 -26.58 -12.32 22.43
C GLU G 336 -27.14 -12.95 23.70
N SER G 337 -28.39 -13.41 23.62
CA SER G 337 -29.05 -14.01 24.77
C SER G 337 -29.80 -15.29 24.38
N ILE G 338 -29.89 -16.23 25.32
CA ILE G 338 -30.66 -17.46 25.11
C ILE G 338 -31.63 -17.62 26.28
N GLU G 339 -32.91 -17.44 26.01
CA GLU G 339 -33.91 -17.57 27.07
C GLU G 339 -34.44 -18.99 27.12
N THR G 340 -33.88 -19.80 28.00
CA THR G 340 -34.48 -21.09 28.30
C THR G 340 -34.78 -21.17 29.80
N PRO G 341 -35.73 -22.04 30.19
CA PRO G 341 -35.99 -22.32 31.60
C PRO G 341 -34.73 -22.72 32.37
N PHE G 342 -33.88 -23.55 31.77
CA PHE G 342 -32.66 -24.03 32.41
C PHE G 342 -31.62 -22.92 32.64
N HIS G 343 -31.43 -22.05 31.64
CA HIS G 343 -30.60 -20.84 31.78
C HIS G 343 -31.03 -20.03 32.99
N ASP G 344 -32.33 -19.73 33.08
CA ASP G 344 -32.87 -18.90 34.14
C ASP G 344 -32.73 -19.58 35.51
N ALA G 345 -33.05 -20.87 35.56
CA ALA G 345 -33.00 -21.63 36.81
C ALA G 345 -31.58 -21.73 37.36
N LEU G 346 -30.61 -21.90 36.45
CA LEU G 346 -29.22 -22.06 36.85
C LEU G 346 -28.66 -20.86 37.60
N ILE G 347 -29.11 -19.65 37.28
CA ILE G 347 -28.74 -18.46 38.06
C ILE G 347 -29.92 -17.90 38.86
N LYS G 348 -30.93 -18.74 39.09
CA LYS G 348 -32.10 -18.41 39.89
C LYS G 348 -32.76 -17.09 39.50
N GLY G 349 -32.88 -16.84 38.20
CA GLY G 349 -33.48 -15.61 37.67
C GLY G 349 -32.81 -14.31 38.09
N SER G 350 -31.52 -14.38 38.43
CA SER G 350 -30.79 -13.22 38.96
C SER G 350 -30.64 -12.08 37.95
N ILE G 351 -30.48 -12.44 36.68
CA ILE G 351 -30.38 -11.47 35.58
C ILE G 351 -31.30 -11.97 34.46
N ARG G 352 -32.10 -11.07 33.90
CA ARG G 352 -33.06 -11.44 32.87
C ARG G 352 -33.14 -10.43 31.74
N VAL G 353 -33.53 -10.90 30.56
CA VAL G 353 -33.93 -10.03 29.47
C VAL G 353 -35.35 -9.60 29.78
N GLU G 354 -35.61 -8.29 29.74
CA GLU G 354 -36.95 -7.76 29.94
CA GLU G 354 -36.93 -7.71 29.98
C GLU G 354 -37.29 -6.77 28.83
N GLY G 355 -38.31 -7.10 28.05
CA GLY G 355 -38.72 -6.27 26.92
C GLY G 355 -37.56 -5.94 25.98
N GLY G 356 -36.72 -6.94 25.71
CA GLY G 356 -35.63 -6.82 24.74
C GLY G 356 -34.35 -6.17 25.26
N TYR G 357 -34.30 -5.88 26.55
CA TYR G 357 -33.14 -5.23 27.16
C TYR G 357 -32.74 -5.87 28.47
N ILE G 358 -31.48 -5.65 28.86
CA ILE G 358 -30.91 -6.20 30.08
C ILE G 358 -30.46 -5.06 31.00
N THR G 359 -30.96 -5.08 32.23
CA THR G 359 -30.51 -4.15 33.26
C THR G 359 -29.34 -4.79 34.01
N PRO G 360 -28.17 -4.10 34.05
CA PRO G 360 -27.02 -4.60 34.81
C PRO G 360 -27.38 -4.76 36.28
N PRO G 361 -27.01 -5.91 36.90
CA PRO G 361 -27.37 -6.10 38.31
C PRO G 361 -26.59 -5.18 39.24
N GLU G 362 -27.17 -4.89 40.40
CA GLU G 362 -26.57 -3.98 41.37
C GLU G 362 -25.89 -4.72 42.51
N ALA G 363 -26.15 -6.03 42.62
CA ALA G 363 -25.59 -6.88 43.67
C ALA G 363 -24.07 -7.05 43.51
N PRO G 364 -23.37 -7.44 44.60
CA PRO G 364 -21.91 -7.68 44.51
C PRO G 364 -21.53 -8.79 43.51
N GLY G 365 -20.33 -8.68 42.95
CA GLY G 365 -19.82 -9.70 42.04
C GLY G 365 -20.56 -9.71 40.72
N LEU G 366 -20.79 -10.91 40.20
CA LEU G 366 -21.55 -11.07 38.98
C LEU G 366 -23.05 -10.85 39.22
N GLY G 367 -23.45 -10.77 40.49
CA GLY G 367 -24.84 -10.55 40.88
C GLY G 367 -25.73 -11.74 40.58
N ILE G 368 -25.12 -12.93 40.59
CA ILE G 368 -25.85 -14.17 40.35
C ILE G 368 -25.83 -15.07 41.58
N GLU G 369 -26.85 -15.92 41.71
CA GLU G 369 -26.80 -17.01 42.66
C GLU G 369 -26.89 -18.29 41.84
N VAL G 370 -25.76 -18.96 41.68
CA VAL G 370 -25.72 -20.19 40.89
C VAL G 370 -26.41 -21.31 41.66
N ASP G 371 -27.35 -21.99 41.01
CA ASP G 371 -27.96 -23.16 41.62
C ASP G 371 -27.03 -24.34 41.39
N GLU G 372 -26.07 -24.50 42.30
CA GLU G 372 -25.05 -25.55 42.19
C GLU G 372 -25.68 -26.95 42.20
N ALA G 373 -26.70 -27.14 43.06
CA ALA G 373 -27.43 -28.41 43.14
C ALA G 373 -28.04 -28.80 41.79
N LEU G 374 -28.68 -27.84 41.12
CA LEU G 374 -29.29 -28.08 39.81
C LEU G 374 -28.25 -28.50 38.75
N ALA G 375 -27.12 -27.81 38.72
CA ALA G 375 -26.02 -28.12 37.81
C ALA G 375 -25.50 -29.54 38.04
N ARG G 376 -25.29 -29.90 39.32
CA ARG G 376 -24.81 -31.23 39.69
C ARG G 376 -25.85 -32.32 39.40
N ALA G 377 -27.13 -31.97 39.47
CA ALA G 377 -28.20 -32.90 39.15
C ALA G 377 -28.36 -33.12 37.63
N ASN G 378 -27.66 -32.30 36.83
CA ASN G 378 -27.73 -32.40 35.37
C ASN G 378 -26.36 -32.65 34.72
N PRO G 379 -25.76 -33.82 34.96
CA PRO G 379 -24.44 -34.09 34.41
C PRO G 379 -24.50 -34.41 32.92
N TYR G 380 -23.35 -34.35 32.25
CA TYR G 380 -23.26 -34.73 30.85
C TYR G 380 -22.71 -36.15 30.75
N HIS G 381 -23.43 -37.00 30.03
CA HIS G 381 -23.04 -38.41 29.88
C HIS G 381 -22.73 -38.84 28.44
N GLY G 382 -22.74 -37.88 27.53
CA GLY G 382 -22.48 -38.18 26.12
C GLY G 382 -21.00 -38.30 25.77
N THR G 383 -20.71 -38.57 24.51
CA THR G 383 -19.34 -38.66 24.02
C THR G 383 -19.06 -37.57 22.99
N GLY G 384 -20.01 -36.65 22.84
CA GLY G 384 -19.90 -35.57 21.86
C GLY G 384 -19.23 -34.33 22.41
N LEU G 385 -19.02 -33.35 21.52
CA LEU G 385 -18.45 -32.06 21.92
C LEU G 385 -19.57 -31.04 21.98
N HIS G 386 -19.31 -29.90 22.63
CA HIS G 386 -20.29 -28.84 22.82
C HIS G 386 -21.01 -28.49 21.51
N LEU G 387 -20.23 -28.36 20.44
CA LEU G 387 -20.73 -28.26 19.07
C LEU G 387 -19.81 -29.11 18.20
N GLU G 388 -20.28 -29.49 17.03
CA GLU G 388 -19.50 -30.34 16.11
C GLU G 388 -19.66 -29.91 14.66
N MET G 389 -18.60 -30.11 13.87
CA MET G 389 -18.65 -29.85 12.42
C MET G 389 -18.83 -31.16 11.66
N GLN G 390 -19.83 -31.22 10.78
CA GLN G 390 -20.13 -32.45 10.03
C GLN G 390 -19.04 -32.81 9.03
N GLU G 391 -19.00 -34.09 8.65
CA GLU G 391 -18.04 -34.59 7.66
C GLU G 391 -18.55 -34.48 6.23
N ALA G 392 -19.80 -34.85 6.01
CA ALA G 392 -20.43 -34.79 4.68
C ALA G 392 -20.28 -33.41 4.03
N SER G 393 -20.08 -33.38 2.72
CA SER G 393 -19.91 -32.13 2.00
C SER G 393 -21.24 -31.38 1.87
N CYS G 394 -21.16 -30.11 1.44
CA CYS G 394 -22.33 -29.33 1.05
C CYS G 394 -23.09 -30.09 -0.03
N ASP G 395 -24.41 -30.19 0.12
CA ASP G 395 -25.25 -30.93 -0.81
C ASP G 395 -25.70 -30.03 -1.98
N TYR G 396 -25.21 -30.32 -3.18
CA TYR G 396 -25.57 -29.57 -4.39
C TYR G 396 -26.59 -30.34 -5.23
N THR G 397 -26.81 -31.60 -4.88
CA THR G 397 -27.76 -32.46 -5.59
C THR G 397 -29.03 -32.67 -4.77
N VAL H 2 0.35 50.25 12.68
CA VAL H 2 -0.61 50.24 13.82
C VAL H 2 -0.43 48.98 14.66
N LYS H 3 -0.83 49.09 15.85
CA LYS H 3 -0.71 47.94 16.73
C LYS H 3 -2.04 47.63 17.40
N LEU H 4 -2.29 46.34 17.61
CA LEU H 4 -3.45 45.90 18.39
C LEU H 4 -3.29 46.34 19.84
N ARG H 5 -4.35 46.88 20.41
CA ARG H 5 -4.29 47.40 21.79
C ARG H 5 -5.40 46.88 22.70
N ASP H 6 -6.66 47.06 22.29
CA ASP H 6 -7.81 46.74 23.15
C ASP H 6 -8.58 45.51 22.70
N LEU H 7 -9.09 44.77 23.68
CA LEU H 7 -9.99 43.65 23.45
C LEU H 7 -11.29 43.85 24.24
N ASP H 8 -12.42 43.67 23.56
CA ASP H 8 -13.71 43.58 24.21
C ASP H 8 -14.37 42.27 23.79
N ILE H 9 -14.90 41.52 24.76
CA ILE H 9 -15.62 40.28 24.47
C ILE H 9 -17.09 40.48 24.80
N ILE H 10 -17.95 40.17 23.83
CA ILE H 10 -19.39 40.22 24.05
C ILE H 10 -20.02 38.87 23.70
N VAL H 11 -20.63 38.25 24.71
CA VAL H 11 -21.38 37.01 24.50
C VAL H 11 -22.85 37.36 24.37
N THR H 12 -23.43 37.03 23.22
CA THR H 12 -24.83 37.37 22.94
C THR H 12 -25.70 36.16 22.61
N ALA H 13 -26.92 36.16 23.13
CA ALA H 13 -27.87 35.08 22.91
C ALA H 13 -28.92 35.44 21.87
N PRO H 14 -29.07 34.61 20.84
CA PRO H 14 -30.14 34.82 19.85
C PRO H 14 -31.51 34.50 20.47
N PRO H 15 -32.50 35.38 20.26
CA PRO H 15 -33.85 35.11 20.77
C PRO H 15 -34.42 33.80 20.23
N ALA H 16 -35.41 33.26 20.95
CA ALA H 16 -36.17 32.09 20.50
C ALA H 16 -36.66 32.32 19.06
N PRO H 17 -36.66 31.26 18.22
CA PRO H 17 -36.32 29.85 18.49
C PRO H 17 -34.81 29.57 18.58
N GLY H 18 -33.99 30.59 18.37
CA GLY H 18 -32.56 30.50 18.62
C GLY H 18 -31.77 29.76 17.57
N TRP H 19 -32.17 29.89 16.30
CA TRP H 19 -31.40 29.29 15.21
C TRP H 19 -29.99 29.85 15.21
N GLY H 20 -29.02 28.95 15.34
CA GLY H 20 -27.61 29.34 15.39
C GLY H 20 -26.94 29.06 16.73
N GLY H 21 -27.69 28.46 17.65
CA GLY H 21 -27.12 28.01 18.93
C GLY H 21 -27.51 28.88 20.11
N ARG H 22 -27.03 28.52 21.29
CA ARG H 22 -27.40 29.20 22.53
C ARG H 22 -26.82 30.61 22.66
N TYR H 23 -25.59 30.79 22.19
CA TYR H 23 -24.90 32.08 22.31
C TYR H 23 -23.82 32.19 21.24
N TRP H 24 -23.44 33.43 20.93
CA TRP H 24 -22.33 33.70 20.03
C TRP H 24 -21.25 34.49 20.77
N ILE H 25 -19.99 34.13 20.52
CA ILE H 25 -18.87 34.80 21.17
C ILE H 25 -18.28 35.82 20.21
N LEU H 26 -18.59 37.09 20.44
CA LEU H 26 -18.08 38.17 19.61
C LEU H 26 -16.85 38.77 20.26
N VAL H 27 -15.88 39.12 19.43
CA VAL H 27 -14.71 39.85 19.91
C VAL H 27 -14.55 41.14 19.12
N LYS H 28 -14.15 42.18 19.85
CA LYS H 28 -13.94 43.50 19.28
C LYS H 28 -12.53 43.97 19.62
N LEU H 29 -11.72 44.17 18.59
CA LEU H 29 -10.35 44.67 18.75
C LEU H 29 -10.24 46.12 18.32
N THR H 30 -9.44 46.88 19.07
CA THR H 30 -9.15 48.27 18.74
C THR H 30 -7.65 48.45 18.63
N THR H 31 -7.21 49.14 17.59
CA THR H 31 -5.80 49.47 17.41
C THR H 31 -5.47 50.74 18.19
N ASP H 32 -4.17 51.03 18.35
CA ASP H 32 -3.72 52.24 19.05
C ASP H 32 -4.11 53.54 18.31
N ASP H 33 -4.44 53.44 17.03
CA ASP H 33 -4.94 54.61 16.28
C ASP H 33 -6.47 54.63 16.11
N GLY H 34 -7.17 53.77 16.85
CA GLY H 34 -8.63 53.82 16.93
C GLY H 34 -9.45 53.07 15.88
N ILE H 35 -8.81 52.19 15.11
CA ILE H 35 -9.53 51.34 14.16
C ILE H 35 -10.12 50.14 14.91
N THR H 36 -11.39 49.85 14.66
CA THR H 36 -12.05 48.72 15.29
C THR H 36 -12.22 47.54 14.33
N GLY H 37 -12.15 46.33 14.89
CA GLY H 37 -12.33 45.11 14.12
C GLY H 37 -13.18 44.14 14.91
N TRP H 38 -14.06 43.44 14.20
CA TRP H 38 -14.96 42.48 14.80
C TRP H 38 -14.68 41.06 14.32
N GLY H 39 -14.76 40.11 15.25
CA GLY H 39 -14.56 38.70 14.94
C GLY H 39 -15.48 37.85 15.79
N GLU H 40 -15.45 36.54 15.55
CA GLU H 40 -16.33 35.61 16.26
C GLU H 40 -15.59 34.31 16.56
N CYS H 41 -15.64 33.88 17.82
CA CYS H 41 -15.02 32.63 18.23
C CYS H 41 -16.04 31.51 18.20
N TYR H 42 -15.59 30.32 17.81
CA TYR H 42 -16.42 29.14 17.82
C TYR H 42 -15.73 28.08 18.68
N ALA H 43 -16.14 28.01 19.93
CA ALA H 43 -15.48 27.17 20.92
C ALA H 43 -16.43 26.94 22.09
N ALA H 44 -16.80 25.68 22.33
CA ALA H 44 -17.81 25.37 23.33
C ALA H 44 -17.51 24.11 24.16
N SER H 45 -16.26 23.66 24.15
CA SER H 45 -15.84 22.59 25.06
C SER H 45 -16.09 23.01 26.52
N VAL H 46 -15.85 24.28 26.81
CA VAL H 46 -16.21 24.89 28.08
C VAL H 46 -17.11 26.10 27.82
N GLY H 47 -17.79 26.57 28.85
CA GLY H 47 -18.79 27.65 28.72
C GLY H 47 -18.21 29.04 28.45
N PRO H 48 -19.08 30.02 28.19
CA PRO H 48 -18.72 31.40 27.84
C PRO H 48 -17.77 32.09 28.85
N GLU H 49 -17.96 31.86 30.14
CA GLU H 49 -17.11 32.49 31.17
C GLU H 49 -15.66 31.99 31.13
N ALA H 50 -15.48 30.67 31.00
CA ALA H 50 -14.15 30.09 30.85
C ALA H 50 -13.51 30.54 29.53
N MET H 51 -14.30 30.59 28.46
CA MET H 51 -13.83 31.07 27.17
C MET H 51 -13.36 32.52 27.22
N ARG H 52 -14.06 33.36 27.98
CA ARG H 52 -13.62 34.73 28.24
C ARG H 52 -12.17 34.74 28.74
N ALA H 53 -11.88 33.92 29.73
CA ALA H 53 -10.53 33.83 30.31
C ALA H 53 -9.50 33.33 29.30
N VAL H 54 -9.90 32.36 28.48
CA VAL H 54 -9.05 31.81 27.42
C VAL H 54 -8.72 32.88 26.39
N ILE H 55 -9.75 33.59 25.91
CA ILE H 55 -9.58 34.64 24.89
C ILE H 55 -8.70 35.79 25.41
N GLU H 56 -8.94 36.23 26.64
CA GLU H 56 -8.13 37.27 27.28
C GLU H 56 -6.65 36.88 27.34
N ASP H 57 -6.40 35.62 27.69
CA ASP H 57 -5.04 35.08 27.80
C ASP H 57 -4.37 35.08 26.43
N VAL H 58 -5.04 34.50 25.43
CA VAL H 58 -4.53 34.43 24.06
C VAL H 58 -4.16 35.82 23.51
N PHE H 59 -5.10 36.76 23.61
CA PHE H 59 -4.87 38.12 23.16
C PHE H 59 -3.69 38.80 23.87
N ALA H 60 -3.73 38.83 25.20
CA ALA H 60 -2.70 39.52 25.98
C ALA H 60 -1.31 38.89 25.76
N ARG H 61 -1.28 37.57 25.65
CA ARG H 61 -0.02 36.85 25.58
C ARG H 61 0.66 36.91 24.21
N HIS H 62 -0.14 36.87 23.14
CA HIS H 62 0.41 36.64 21.79
C HIS H 62 0.11 37.73 20.76
N MET H 63 -0.86 38.60 21.05
CA MET H 63 -1.38 39.50 20.02
C MET H 63 -1.34 40.98 20.41
N GLU H 64 -1.55 41.28 21.69
CA GLU H 64 -1.53 42.67 22.16
C GLU H 64 -0.18 43.32 21.87
N GLY H 65 -0.21 44.52 21.28
CA GLY H 65 1.01 45.23 20.92
C GLY H 65 1.59 44.81 19.57
N GLU H 66 0.96 43.84 18.93
CA GLU H 66 1.42 43.35 17.63
C GLU H 66 0.78 44.09 16.46
N ASN H 67 1.55 44.28 15.39
CA ASN H 67 1.03 44.74 14.11
C ASN H 67 0.07 43.69 13.54
N PRO H 68 -1.20 44.09 13.25
CA PRO H 68 -2.20 43.14 12.75
C PRO H 68 -1.85 42.48 11.40
N GLU H 69 -0.90 43.05 10.68
CA GLU H 69 -0.35 42.46 9.44
C GLU H 69 0.30 41.10 9.67
N ASN H 70 0.76 40.88 10.90
CA ASN H 70 1.58 39.72 11.24
C ASN H 70 0.78 38.45 11.60
N ILE H 71 -0.09 38.07 10.67
CA ILE H 71 -1.03 36.96 10.83
C ILE H 71 -0.35 35.59 10.91
N GLU H 72 0.67 35.37 10.07
CA GLU H 72 1.48 34.14 10.14
C GLU H 72 2.10 33.99 11.53
N LEU H 73 2.69 35.09 12.02
CA LEU H 73 3.43 35.06 13.27
C LEU H 73 2.53 34.85 14.48
N MET H 74 1.41 35.57 14.51
CA MET H 74 0.45 35.41 15.60
C MET H 74 -0.13 34.00 15.65
N PHE H 75 -0.44 33.41 14.49
CA PHE H 75 -0.85 32.00 14.49
C PHE H 75 0.22 31.08 15.08
N ARG H 76 1.46 31.22 14.64
CA ARG H 76 2.56 30.40 15.16
C ARG H 76 2.67 30.52 16.67
N ARG H 77 2.59 31.76 17.19
CA ARG H 77 2.63 32.02 18.62
C ARG H 77 1.59 31.23 19.42
N VAL H 78 0.33 31.32 18.99
CA VAL H 78 -0.78 30.69 19.72
C VAL H 78 -0.73 29.17 19.54
N TYR H 79 -0.44 28.75 18.32
CA TYR H 79 -0.33 27.33 17.97
C TYR H 79 0.76 26.65 18.81
N SER H 80 1.85 27.38 19.10
CA SER H 80 2.97 26.82 19.82
C SER H 80 2.90 27.09 21.32
N SER H 81 1.92 27.87 21.75
CA SER H 81 1.84 28.39 23.13
C SER H 81 2.05 27.31 24.19
N GLY H 82 2.98 27.57 25.11
CA GLY H 82 3.24 26.68 26.24
C GLY H 82 3.87 25.35 25.91
N PHE H 83 4.69 25.33 24.86
CA PHE H 83 5.30 24.09 24.34
C PHE H 83 4.21 23.10 23.90
N THR H 84 3.38 23.53 22.96
CA THR H 84 2.38 22.64 22.41
C THR H 84 2.69 22.37 20.95
N GLN H 85 2.39 23.32 20.07
CA GLN H 85 2.65 23.17 18.63
C GLN H 85 1.93 21.96 18.02
N ARG H 86 0.73 21.71 18.53
CA ARG H 86 -0.28 20.85 17.91
C ARG H 86 -1.64 21.49 18.19
N PRO H 87 -2.67 21.16 17.39
CA PRO H 87 -3.97 21.86 17.52
C PRO H 87 -4.59 21.76 18.91
N ASP H 88 -4.89 22.91 19.51
CA ASP H 88 -5.63 22.99 20.76
C ASP H 88 -6.95 23.62 20.40
N LEU H 89 -8.01 22.82 20.40
CA LEU H 89 -9.34 23.26 19.99
C LEU H 89 -9.79 24.56 20.67
N THR H 90 -9.63 24.62 21.98
CA THR H 90 -10.06 25.76 22.77
C THR H 90 -9.20 27.00 22.49
N ALA H 91 -7.88 26.83 22.53
CA ALA H 91 -6.95 27.95 22.33
C ALA H 91 -7.02 28.52 20.90
N ILE H 92 -7.14 27.64 19.91
CA ILE H 92 -7.19 28.09 18.52
C ILE H 92 -8.57 28.69 18.20
N GLY H 93 -9.61 28.17 18.86
CA GLY H 93 -10.94 28.77 18.81
C GLY H 93 -10.90 30.22 19.26
N ALA H 94 -10.18 30.48 20.35
CA ALA H 94 -9.96 31.86 20.81
C ALA H 94 -9.20 32.68 19.76
N PHE H 95 -8.09 32.16 19.27
CA PHE H 95 -7.30 32.87 18.25
C PHE H 95 -8.13 33.21 17.01
N SER H 96 -8.95 32.27 16.58
CA SER H 96 -9.64 32.39 15.30
C SER H 96 -10.51 33.64 15.24
N GLY H 97 -11.30 33.88 16.29
CA GLY H 97 -12.13 35.07 16.36
C GLY H 97 -11.30 36.33 16.35
N LEU H 98 -10.22 36.32 17.11
CA LEU H 98 -9.29 37.45 17.17
C LEU H 98 -8.65 37.72 15.81
N GLU H 99 -8.26 36.65 15.12
CA GLU H 99 -7.72 36.72 13.77
C GLU H 99 -8.72 37.34 12.78
N ILE H 100 -9.98 36.92 12.87
CA ILE H 100 -11.03 37.51 12.01
C ILE H 100 -11.14 39.02 12.24
N ALA H 101 -11.07 39.44 13.51
CA ALA H 101 -11.07 40.86 13.88
C ALA H 101 -9.87 41.62 13.29
N CYS H 102 -8.71 40.96 13.25
CA CYS H 102 -7.51 41.53 12.60
C CYS H 102 -7.72 41.82 11.13
N TRP H 103 -8.42 40.91 10.43
CA TRP H 103 -8.74 41.10 9.01
C TRP H 103 -9.71 42.26 8.77
N ASP H 104 -10.70 42.39 9.66
CA ASP H 104 -11.61 43.54 9.64
C ASP H 104 -10.78 44.83 9.72
N ILE H 105 -9.86 44.89 10.68
CA ILE H 105 -8.96 46.04 10.88
C ILE H 105 -8.07 46.28 9.66
N LEU H 106 -7.46 45.21 9.15
CA LEU H 106 -6.55 45.30 7.99
C LEU H 106 -7.25 45.89 6.77
N GLY H 107 -8.45 45.39 6.50
CA GLY H 107 -9.27 45.89 5.39
C GLY H 107 -9.62 47.37 5.57
N LYS H 108 -9.96 47.75 6.80
CA LYS H 108 -10.23 49.15 7.10
C LYS H 108 -9.00 50.02 6.90
N ALA H 109 -7.84 49.54 7.37
CA ALA H 109 -6.57 50.26 7.19
C ALA H 109 -6.17 50.38 5.72
N ARG H 110 -6.40 49.31 4.96
CA ARG H 110 -6.10 49.26 3.53
C ARG H 110 -7.13 50.01 2.70
N GLY H 111 -8.31 50.23 3.25
CA GLY H 111 -9.41 50.84 2.51
C GLY H 111 -10.01 49.89 1.48
N ARG H 112 -9.92 48.59 1.74
CA ARG H 112 -10.42 47.55 0.83
C ARG H 112 -11.19 46.46 1.56
N PRO H 113 -12.14 45.79 0.88
CA PRO H 113 -12.76 44.61 1.48
C PRO H 113 -11.75 43.49 1.71
N VAL H 114 -12.02 42.63 2.70
CA VAL H 114 -11.09 41.56 3.05
C VAL H 114 -10.75 40.66 1.86
N TRP H 115 -11.74 40.30 1.05
CA TRP H 115 -11.51 39.42 -0.11
C TRP H 115 -10.45 39.98 -1.07
N ALA H 116 -10.41 41.30 -1.17
CA ALA H 116 -9.45 41.99 -2.03
C ALA H 116 -8.02 41.80 -1.57
N LEU H 117 -7.84 41.49 -0.30
CA LEU H 117 -6.51 41.24 0.27
C LEU H 117 -6.12 39.75 0.24
N LEU H 118 -7.03 38.91 -0.25
CA LEU H 118 -6.84 37.44 -0.22
C LEU H 118 -6.62 36.82 -1.61
N GLY H 119 -6.02 37.59 -2.50
CA GLY H 119 -5.78 37.14 -3.87
C GLY H 119 -6.86 37.67 -4.82
N GLY H 120 -7.67 38.61 -4.33
CA GLY H 120 -8.70 39.25 -5.14
C GLY H 120 -9.99 38.46 -5.29
N LYS H 121 -10.84 38.91 -6.21
CA LYS H 121 -12.16 38.30 -6.38
C LYS H 121 -12.11 37.14 -7.38
N MET H 122 -12.60 35.98 -6.94
CA MET H 122 -12.84 34.83 -7.83
C MET H 122 -14.32 34.70 -8.16
N ASN H 123 -15.17 35.03 -7.18
CA ASN H 123 -16.60 34.75 -7.29
C ASN H 123 -17.47 35.98 -7.08
N PRO H 124 -18.01 36.55 -8.18
CA PRO H 124 -18.88 37.72 -8.11
C PRO H 124 -20.15 37.47 -7.29
N ARG H 125 -20.63 36.22 -7.33
CA ARG H 125 -21.72 35.78 -6.46
CA ARG H 125 -21.73 35.77 -6.47
C ARG H 125 -21.38 34.43 -5.85
N ILE H 126 -21.77 34.24 -4.60
CA ILE H 126 -21.49 33.00 -3.88
C ILE H 126 -22.79 32.23 -3.63
N ARG H 127 -22.79 30.96 -4.01
CA ARG H 127 -23.93 30.07 -3.82
C ARG H 127 -24.17 29.84 -2.32
N ALA H 128 -25.42 30.03 -1.89
CA ALA H 128 -25.76 29.83 -0.48
C ALA H 128 -26.65 28.60 -0.30
N TYR H 129 -26.68 28.07 0.93
CA TYR H 129 -27.68 27.08 1.31
C TYR H 129 -28.14 27.29 2.74
N THR H 130 -29.24 26.65 3.11
CA THR H 130 -29.75 26.72 4.46
C THR H 130 -30.25 25.35 4.93
N TYR H 131 -30.28 25.14 6.24
CA TYR H 131 -31.05 24.04 6.83
C TYR H 131 -32.50 24.26 6.49
N LEU H 132 -33.27 23.17 6.55
CA LEU H 132 -34.70 23.26 6.49
C LEU H 132 -35.23 23.61 7.88
N TYR H 133 -35.80 24.80 8.01
CA TYR H 133 -36.38 25.27 9.29
C TYR H 133 -37.91 25.23 9.22
N PRO H 134 -38.57 25.09 10.38
CA PRO H 134 -40.03 25.10 10.39
C PRO H 134 -40.59 26.37 9.75
N LEU H 135 -41.59 26.20 8.90
CA LEU H 135 -42.40 27.31 8.41
C LEU H 135 -43.34 27.76 9.53
N PRO H 136 -43.86 29.01 9.46
CA PRO H 136 -44.67 29.57 10.56
C PRO H 136 -45.84 28.68 11.04
N HIS H 137 -46.41 27.90 10.13
CA HIS H 137 -47.52 26.99 10.47
C HIS H 137 -47.07 25.57 10.87
N HIS H 138 -45.75 25.38 11.00
CA HIS H 138 -45.22 24.09 11.45
C HIS H 138 -44.98 24.11 12.96
N PRO H 139 -45.54 23.11 13.69
CA PRO H 139 -45.16 22.95 15.10
C PRO H 139 -43.69 22.52 15.19
N ILE H 140 -42.93 23.20 16.05
CA ILE H 140 -41.46 23.10 16.06
C ILE H 140 -40.90 21.69 16.36
N THR H 141 -41.44 21.05 17.40
CA THR H 141 -40.96 19.72 17.81
C THR H 141 -41.27 18.60 16.80
N PRO H 142 -42.55 18.49 16.34
CA PRO H 142 -42.85 17.46 15.33
C PRO H 142 -42.14 17.67 13.98
N PHE H 143 -41.80 18.92 13.67
CA PHE H 143 -41.16 19.24 12.40
C PHE H 143 -39.91 18.40 12.12
N TRP H 144 -39.05 18.26 13.13
CA TRP H 144 -37.76 17.59 12.96
C TRP H 144 -37.83 16.14 12.52
N THR H 145 -38.98 15.50 12.75
CA THR H 145 -39.16 14.11 12.32
C THR H 145 -40.31 13.93 11.32
N SER H 146 -40.74 15.04 10.73
CA SER H 146 -41.80 15.02 9.71
C SER H 146 -41.24 15.28 8.31
N ALA H 147 -41.23 14.24 7.48
CA ALA H 147 -40.79 14.34 6.09
C ALA H 147 -41.70 15.26 5.26
N ASP H 148 -43.00 15.23 5.56
CA ASP H 148 -43.99 16.08 4.86
C ASP H 148 -43.72 17.57 5.10
N MET H 149 -43.49 17.94 6.35
CA MET H 149 -43.21 19.34 6.69
C MET H 149 -41.85 19.80 6.13
N ALA H 150 -40.86 18.93 6.23
CA ALA H 150 -39.54 19.21 5.65
C ALA H 150 -39.64 19.50 4.15
N ALA H 151 -40.41 18.69 3.44
CA ALA H 151 -40.63 18.90 2.00
C ALA H 151 -41.33 20.25 1.71
N GLU H 152 -42.27 20.64 2.58
CA GLU H 152 -42.92 21.97 2.46
C GLU H 152 -41.89 23.08 2.64
N SER H 153 -41.06 22.96 3.68
CA SER H 153 -39.98 23.92 3.91
CA SER H 153 -39.99 23.92 3.92
C SER H 153 -39.00 23.95 2.74
N ALA H 154 -38.66 22.77 2.21
CA ALA H 154 -37.78 22.68 1.05
C ALA H 154 -38.34 23.40 -0.18
N ALA H 155 -39.64 23.19 -0.44
CA ALA H 155 -40.33 23.88 -1.54
C ALA H 155 -40.33 25.40 -1.37
N ASP H 156 -40.51 25.85 -0.13
CA ASP H 156 -40.41 27.27 0.20
C ASP H 156 -39.00 27.83 -0.06
N CYS H 157 -37.98 27.11 0.39
CA CYS H 157 -36.59 27.52 0.16
C CYS H 157 -36.32 27.72 -1.33
N VAL H 158 -36.75 26.76 -2.14
CA VAL H 158 -36.62 26.85 -3.61
C VAL H 158 -37.37 28.05 -4.20
N ALA H 159 -38.58 28.29 -3.71
CA ALA H 159 -39.37 29.45 -4.15
C ALA H 159 -38.65 30.76 -3.83
N ARG H 160 -37.82 30.74 -2.80
CA ARG H 160 -37.03 31.92 -2.41
C ARG H 160 -35.67 32.01 -3.09
N GLY H 161 -35.36 31.04 -3.95
CA GLY H 161 -34.14 31.08 -4.77
C GLY H 161 -32.99 30.15 -4.35
N TYR H 162 -33.15 29.44 -3.24
CA TYR H 162 -32.10 28.52 -2.79
C TYR H 162 -31.95 27.33 -3.73
N THR H 163 -30.70 26.92 -3.94
CA THR H 163 -30.39 25.83 -4.87
C THR H 163 -29.87 24.58 -4.16
N ALA H 164 -29.94 24.59 -2.84
CA ALA H 164 -29.53 23.45 -2.01
C ALA H 164 -30.11 23.61 -0.63
N VAL H 165 -30.55 22.49 -0.05
CA VAL H 165 -31.16 22.50 1.29
C VAL H 165 -30.55 21.38 2.12
N LYS H 166 -30.36 21.64 3.41
CA LYS H 166 -29.80 20.65 4.33
C LYS H 166 -30.80 20.23 5.41
N PHE H 167 -30.69 18.96 5.82
CA PHE H 167 -31.58 18.37 6.82
C PHE H 167 -30.90 17.15 7.44
N ASP H 168 -31.24 16.84 8.70
CA ASP H 168 -30.74 15.65 9.38
C ASP H 168 -31.86 14.86 10.08
N PRO H 169 -32.40 13.83 9.42
CA PRO H 169 -33.46 13.01 9.99
C PRO H 169 -32.95 11.71 10.64
N ALA H 170 -31.64 11.60 10.84
CA ALA H 170 -31.00 10.31 11.12
C ALA H 170 -30.88 9.98 12.61
N GLY H 171 -31.37 10.85 13.47
CA GLY H 171 -31.43 10.56 14.90
C GLY H 171 -30.44 11.36 15.75
N PRO H 172 -30.48 11.14 17.07
CA PRO H 172 -29.69 11.93 18.01
C PRO H 172 -28.21 11.57 18.00
N TYR H 173 -27.37 12.57 18.25
CA TYR H 173 -25.96 12.32 18.48
C TYR H 173 -25.71 12.28 19.98
N THR H 174 -24.94 11.31 20.44
CA THR H 174 -24.72 11.13 21.89
C THR H 174 -23.24 11.11 22.27
N LEU H 175 -22.98 11.30 23.56
CA LEU H 175 -21.62 11.37 24.08
C LEU H 175 -20.88 10.03 24.06
N ARG H 176 -21.62 8.97 23.79
CA ARG H 176 -21.08 7.62 23.78
C ARG H 176 -20.14 7.38 22.61
N GLY H 177 -20.35 8.14 21.54
CA GLY H 177 -19.62 7.94 20.31
C GLY H 177 -20.53 7.30 19.29
N GLY H 178 -19.95 6.75 18.23
CA GLY H 178 -20.73 6.18 17.15
C GLY H 178 -21.66 5.09 17.61
N HIS H 179 -22.86 5.07 17.04
CA HIS H 179 -23.80 3.99 17.28
C HIS H 179 -24.38 3.52 15.94
N MET H 180 -25.06 2.38 15.98
CA MET H 180 -25.72 1.84 14.80
C MET H 180 -27.10 2.52 14.69
N PRO H 181 -27.48 2.98 13.48
CA PRO H 181 -28.83 3.53 13.35
C PRO H 181 -29.90 2.47 13.60
N ALA H 182 -31.04 2.91 14.15
CA ALA H 182 -32.23 2.07 14.22
C ALA H 182 -32.81 1.95 12.82
N MET H 183 -33.54 0.88 12.56
CA MET H 183 -34.21 0.73 11.27
C MET H 183 -35.08 1.94 10.94
N THR H 184 -35.71 2.50 11.98
CA THR H 184 -36.56 3.69 11.84
C THR H 184 -35.77 4.94 11.45
N ASP H 185 -34.51 5.03 11.87
CA ASP H 185 -33.63 6.13 11.47
C ASP H 185 -33.35 6.06 9.97
N ILE H 186 -33.07 4.85 9.48
CA ILE H 186 -32.84 4.63 8.06
C ILE H 186 -34.11 4.88 7.23
N SER H 187 -35.22 4.29 7.66
CA SER H 187 -36.51 4.49 6.99
C SER H 187 -36.90 5.96 6.90
N LEU H 188 -36.73 6.70 8.00
CA LEU H 188 -37.10 8.12 8.02
C LEU H 188 -36.18 8.92 7.11
N SER H 189 -34.89 8.59 7.11
CA SER H 189 -33.92 9.23 6.23
C SER H 189 -34.28 9.02 4.77
N VAL H 190 -34.70 7.81 4.42
CA VAL H 190 -35.18 7.50 3.06
C VAL H 190 -36.44 8.32 2.73
N GLU H 191 -37.39 8.37 3.66
CA GLU H 191 -38.64 9.12 3.48
C GLU H 191 -38.38 10.62 3.27
N PHE H 192 -37.49 11.19 4.09
CA PHE H 192 -37.07 12.57 3.95
C PHE H 192 -36.49 12.82 2.55
N CYS H 193 -35.51 12.00 2.15
CA CYS H 193 -34.86 12.16 0.85
C CYS H 193 -35.84 12.01 -0.31
N ARG H 194 -36.74 11.04 -0.23
CA ARG H 194 -37.74 10.81 -1.26
C ARG H 194 -38.68 12.00 -1.43
N LYS H 195 -39.22 12.48 -0.31
CA LYS H 195 -40.23 13.53 -0.35
C LYS H 195 -39.62 14.91 -0.65
N ILE H 196 -38.44 15.18 -0.10
CA ILE H 196 -37.73 16.42 -0.42
C ILE H 196 -37.32 16.46 -1.90
N ARG H 197 -36.79 15.36 -2.43
CA ARG H 197 -36.47 15.26 -3.87
C ARG H 197 -37.71 15.50 -4.74
N ALA H 198 -38.84 14.94 -4.33
CA ALA H 198 -40.10 15.13 -5.07
C ALA H 198 -40.54 16.59 -5.06
N ALA H 199 -40.35 17.27 -3.93
CA ALA H 199 -40.76 18.65 -3.77
C ALA H 199 -39.87 19.62 -4.54
N VAL H 200 -38.59 19.30 -4.68
CA VAL H 200 -37.64 20.21 -5.32
C VAL H 200 -37.21 19.80 -6.74
N GLY H 201 -37.44 18.55 -7.10
CA GLY H 201 -36.99 17.98 -8.39
C GLY H 201 -35.53 18.31 -8.65
N ASP H 202 -35.26 18.91 -9.81
CA ASP H 202 -33.92 19.35 -10.23
C ASP H 202 -33.57 20.77 -9.80
N LYS H 203 -34.47 21.43 -9.09
CA LYS H 203 -34.27 22.84 -8.75
C LYS H 203 -33.30 23.04 -7.59
N ALA H 204 -33.06 21.98 -6.81
CA ALA H 204 -32.14 22.05 -5.67
C ALA H 204 -31.46 20.74 -5.34
N ASP H 205 -30.28 20.84 -4.73
CA ASP H 205 -29.56 19.69 -4.23
C ASP H 205 -30.00 19.34 -2.81
N LEU H 206 -29.94 18.06 -2.47
CA LEU H 206 -30.18 17.63 -1.11
C LEU H 206 -28.83 17.48 -0.40
N LEU H 207 -28.71 18.11 0.76
CA LEU H 207 -27.51 17.98 1.56
C LEU H 207 -27.90 17.18 2.79
N PHE H 208 -27.33 15.99 2.92
CA PHE H 208 -27.65 15.13 4.05
C PHE H 208 -26.73 15.48 5.21
N GLY H 209 -27.25 16.29 6.13
CA GLY H 209 -26.45 16.98 7.13
C GLY H 209 -26.35 16.28 8.46
N THR H 210 -25.92 15.02 8.43
CA THR H 210 -25.68 14.22 9.63
C THR H 210 -24.67 14.85 10.60
N HIS H 211 -24.69 14.38 11.86
CA HIS H 211 -23.93 14.99 12.94
C HIS H 211 -22.95 14.02 13.62
N GLY H 212 -22.35 13.13 12.84
CA GLY H 212 -21.35 12.18 13.37
C GLY H 212 -21.90 11.17 14.36
N GLN H 213 -23.16 10.79 14.17
CA GLN H 213 -23.88 9.89 15.08
C GLN H 213 -23.33 8.45 15.09
N PHE H 214 -22.70 8.06 14.00
CA PHE H 214 -22.64 6.65 13.65
C PHE H 214 -21.27 6.01 13.70
N THR H 215 -21.26 4.71 13.98
CA THR H 215 -20.10 3.88 13.73
C THR H 215 -19.90 3.82 12.22
N THR H 216 -18.72 3.38 11.80
CA THR H 216 -18.42 3.21 10.38
C THR H 216 -19.47 2.30 9.72
N ALA H 217 -19.76 1.19 10.37
CA ALA H 217 -20.76 0.22 9.89
C ALA H 217 -22.13 0.86 9.74
N GLY H 218 -22.55 1.61 10.75
CA GLY H 218 -23.84 2.28 10.73
C GLY H 218 -23.94 3.35 9.65
N ALA H 219 -22.85 4.10 9.47
CA ALA H 219 -22.79 5.15 8.46
C ALA H 219 -22.92 4.58 7.05
N ILE H 220 -22.31 3.42 6.83
CA ILE H 220 -22.40 2.73 5.54
C ILE H 220 -23.82 2.19 5.29
N ARG H 221 -24.44 1.61 6.31
CA ARG H 221 -25.83 1.13 6.17
C ARG H 221 -26.79 2.28 5.85
N LEU H 222 -26.63 3.40 6.54
CA LEU H 222 -27.46 4.57 6.27
C LEU H 222 -27.18 5.16 4.88
N GLY H 223 -25.90 5.35 4.56
CA GLY H 223 -25.47 5.95 3.30
C GLY H 223 -26.00 5.22 2.07
N GLN H 224 -25.90 3.90 2.07
CA GLN H 224 -26.35 3.11 0.93
C GLN H 224 -27.86 3.26 0.68
N ALA H 225 -28.63 3.43 1.75
CA ALA H 225 -30.08 3.56 1.64
C ALA H 225 -30.52 4.89 1.00
N ILE H 226 -29.72 5.94 1.17
CA ILE H 226 -30.10 7.26 0.64
C ILE H 226 -29.49 7.58 -0.73
N GLU H 227 -28.57 6.72 -1.19
CA GLU H 227 -27.96 6.83 -2.52
C GLU H 227 -28.91 7.09 -3.70
N PRO H 228 -30.09 6.41 -3.74
CA PRO H 228 -30.98 6.60 -4.91
C PRO H 228 -31.49 8.04 -5.14
N TYR H 229 -31.39 8.89 -4.12
CA TYR H 229 -31.95 10.25 -4.18
C TYR H 229 -30.90 11.30 -4.54
N SER H 230 -29.71 10.82 -4.89
CA SER H 230 -28.56 11.63 -5.29
C SER H 230 -28.26 12.83 -4.37
N PRO H 231 -28.12 12.59 -3.05
CA PRO H 231 -27.69 13.67 -2.17
C PRO H 231 -26.33 14.20 -2.61
N LEU H 232 -26.16 15.52 -2.61
CA LEU H 232 -24.91 16.14 -3.03
C LEU H 232 -23.76 15.81 -2.04
N TRP H 233 -24.08 15.79 -0.75
CA TRP H 233 -23.10 15.32 0.25
C TRP H 233 -23.68 14.54 1.43
N TYR H 234 -22.79 13.86 2.13
CA TYR H 234 -23.09 13.07 3.31
C TYR H 234 -22.17 13.66 4.39
N GLU H 235 -22.75 14.49 5.26
CA GLU H 235 -21.99 15.30 6.20
C GLU H 235 -21.65 14.53 7.47
N GLU H 236 -20.40 14.66 7.94
CA GLU H 236 -19.96 14.05 9.21
C GLU H 236 -20.61 12.67 9.48
N PRO H 237 -20.35 11.67 8.62
CA PRO H 237 -21.06 10.39 8.85
C PRO H 237 -20.64 9.68 10.14
N VAL H 238 -19.43 9.96 10.62
CA VAL H 238 -18.87 9.35 11.82
C VAL H 238 -18.33 10.48 12.70
N PRO H 239 -18.02 10.19 13.99
CA PRO H 239 -17.42 11.23 14.85
C PRO H 239 -16.09 11.75 14.28
N PRO H 240 -15.72 13.00 14.64
CA PRO H 240 -14.59 13.70 14.03
C PRO H 240 -13.20 13.28 14.53
N ASP H 241 -13.11 12.15 15.22
CA ASP H 241 -11.86 11.75 15.87
C ASP H 241 -11.18 10.53 15.24
N ASN H 242 -11.54 10.21 14.00
CA ASN H 242 -10.99 9.04 13.33
C ASN H 242 -11.02 9.22 11.82
N VAL H 243 -9.89 9.66 11.27
CA VAL H 243 -9.78 9.91 9.84
C VAL H 243 -9.95 8.62 9.03
N GLY H 244 -9.32 7.55 9.49
CA GLY H 244 -9.38 6.26 8.79
C GLY H 244 -10.80 5.74 8.68
N ALA H 245 -11.57 5.89 9.76
CA ALA H 245 -12.97 5.48 9.77
C ALA H 245 -13.82 6.27 8.78
N MET H 246 -13.61 7.59 8.70
CA MET H 246 -14.35 8.38 7.72
C MET H 246 -13.98 8.00 6.28
N ALA H 247 -12.71 7.69 6.05
CA ALA H 247 -12.26 7.27 4.72
C ALA H 247 -12.89 5.93 4.31
N GLN H 248 -13.07 5.04 5.27
CA GLN H 248 -13.79 3.78 5.04
C GLN H 248 -15.23 4.05 4.59
N VAL H 249 -15.91 5.00 5.23
CA VAL H 249 -17.25 5.39 4.77
C VAL H 249 -17.18 5.97 3.35
N ALA H 250 -16.22 6.86 3.11
CA ALA H 250 -16.07 7.48 1.79
C ALA H 250 -15.91 6.46 0.66
N ARG H 251 -15.11 5.42 0.91
CA ARG H 251 -14.90 4.37 -0.10
C ARG H 251 -16.11 3.46 -0.29
N ALA H 252 -16.94 3.33 0.75
CA ALA H 252 -18.03 2.36 0.73
C ALA H 252 -19.41 2.93 0.37
N VAL H 253 -19.55 4.26 0.36
CA VAL H 253 -20.79 4.87 -0.07
C VAL H 253 -20.56 5.72 -1.33
N ARG H 254 -21.57 5.80 -2.17
CA ARG H 254 -21.45 6.48 -3.46
C ARG H 254 -21.77 7.99 -3.37
N ILE H 255 -21.88 8.49 -2.14
CA ILE H 255 -22.19 9.90 -1.89
C ILE H 255 -20.91 10.60 -1.44
N PRO H 256 -20.64 11.81 -1.98
CA PRO H 256 -19.47 12.55 -1.49
C PRO H 256 -19.58 12.87 0.00
N VAL H 257 -18.48 12.67 0.73
CA VAL H 257 -18.43 12.97 2.16
C VAL H 257 -17.96 14.41 2.38
N ALA H 258 -18.68 15.11 3.26
CA ALA H 258 -18.31 16.45 3.67
C ALA H 258 -18.05 16.44 5.17
N THR H 259 -17.01 17.14 5.61
CA THR H 259 -16.72 17.29 7.03
C THR H 259 -15.86 18.49 7.32
N GLY H 260 -15.70 18.80 8.61
CA GLY H 260 -14.70 19.78 9.04
C GLY H 260 -15.08 20.74 10.15
N GLU H 261 -16.38 20.82 10.48
CA GLU H 261 -16.82 21.82 11.45
C GLU H 261 -16.25 21.65 12.85
N ARG H 262 -15.80 20.44 13.16
CA ARG H 262 -15.22 20.13 14.46
C ARG H 262 -13.71 19.90 14.35
N LEU H 263 -13.14 20.27 13.22
CA LEU H 263 -11.70 20.15 13.02
C LEU H 263 -11.04 21.51 13.14
N THR H 264 -9.72 21.51 13.35
CA THR H 264 -9.00 22.75 13.55
C THR H 264 -7.57 22.72 13.01
N THR H 265 -7.22 23.78 12.28
CA THR H 265 -5.90 23.95 11.63
C THR H 265 -5.65 23.03 10.43
N LYS H 266 -4.72 23.46 9.59
CA LYS H 266 -4.27 22.67 8.44
C LYS H 266 -3.71 21.32 8.86
N ALA H 267 -3.19 21.22 10.09
CA ALA H 267 -2.65 19.96 10.59
C ALA H 267 -3.71 18.84 10.65
N GLU H 268 -4.98 19.23 10.79
CA GLU H 268 -6.08 18.27 10.83
C GLU H 268 -6.78 18.10 9.48
N PHE H 269 -6.85 19.16 8.69
CA PHE H 269 -7.47 19.09 7.37
C PHE H 269 -6.62 18.39 6.33
N ALA H 270 -5.30 18.51 6.44
CA ALA H 270 -4.40 17.83 5.51
C ALA H 270 -4.55 16.30 5.52
N PRO H 271 -4.57 15.66 6.72
CA PRO H 271 -4.83 14.22 6.71
C PRO H 271 -6.19 13.81 6.14
N VAL H 272 -7.23 14.61 6.40
CA VAL H 272 -8.55 14.33 5.84
C VAL H 272 -8.48 14.20 4.31
N LEU H 273 -7.80 15.16 3.66
CA LEU H 273 -7.63 15.10 2.21
C LEU H 273 -6.75 13.93 1.79
N ARG H 274 -5.58 13.82 2.43
CA ARG H 274 -4.57 12.83 2.07
C ARG H 274 -5.14 11.40 2.12
N GLU H 275 -5.95 11.11 3.13
CA GLU H 275 -6.52 9.78 3.29
C GLU H 275 -7.81 9.57 2.48
N GLY H 276 -8.32 10.63 1.85
CA GLY H 276 -9.56 10.57 1.08
C GLY H 276 -10.79 10.41 1.95
N ALA H 277 -10.74 10.94 3.16
CA ALA H 277 -11.85 10.85 4.10
C ALA H 277 -13.00 11.80 3.75
N ALA H 278 -12.68 12.94 3.12
CA ALA H 278 -13.72 13.88 2.70
C ALA H 278 -13.35 14.59 1.40
N ALA H 279 -14.38 14.83 0.58
CA ALA H 279 -14.24 15.56 -0.69
C ALA H 279 -14.63 17.04 -0.54
N ILE H 280 -15.34 17.35 0.55
CA ILE H 280 -15.81 18.72 0.79
C ILE H 280 -15.42 19.11 2.22
N LEU H 281 -14.75 20.26 2.36
CA LEU H 281 -14.25 20.68 3.67
C LEU H 281 -15.08 21.83 4.23
N GLN H 282 -15.54 21.66 5.47
CA GLN H 282 -16.49 22.59 6.09
C GLN H 282 -15.95 23.15 7.39
N PRO H 283 -14.82 23.88 7.33
CA PRO H 283 -14.33 24.47 8.57
C PRO H 283 -15.26 25.57 9.08
N ALA H 284 -15.33 25.70 10.40
CA ALA H 284 -15.87 26.89 11.02
C ALA H 284 -14.67 27.81 11.22
N LEU H 285 -14.65 28.95 10.52
CA LEU H 285 -13.49 29.85 10.54
C LEU H 285 -13.18 30.39 11.94
N GLY H 286 -14.23 30.50 12.77
CA GLY H 286 -14.08 30.90 14.16
C GLY H 286 -13.50 29.81 15.05
N ARG H 287 -13.34 28.60 14.50
CA ARG H 287 -12.74 27.49 15.23
C ARG H 287 -11.39 27.09 14.65
N ALA H 288 -11.33 27.03 13.32
CA ALA H 288 -10.30 26.29 12.62
C ALA H 288 -8.96 27.00 12.45
N GLY H 289 -8.85 28.23 12.93
CA GLY H 289 -7.60 28.98 12.82
C GLY H 289 -7.71 30.33 12.15
N GLY H 290 -8.90 30.68 11.68
CA GLY H 290 -9.15 31.97 11.04
C GLY H 290 -9.10 31.95 9.52
N ILE H 291 -9.18 33.14 8.91
CA ILE H 291 -9.27 33.28 7.46
C ILE H 291 -8.01 32.82 6.73
N TRP H 292 -6.85 33.30 7.20
CA TRP H 292 -5.56 32.99 6.56
C TRP H 292 -5.25 31.51 6.63
N GLU H 293 -5.43 30.92 7.81
CA GLU H 293 -5.19 29.48 7.98
C GLU H 293 -6.09 28.66 7.05
N MET H 294 -7.32 29.12 6.84
CA MET H 294 -8.25 28.41 5.93
C MET H 294 -7.95 28.62 4.46
N LYS H 295 -7.35 29.76 4.12
CA LYS H 295 -6.81 29.95 2.78
C LYS H 295 -5.74 28.90 2.47
N LYS H 296 -4.87 28.62 3.44
CA LYS H 296 -3.91 27.52 3.30
C LYS H 296 -4.64 26.20 3.05
N VAL H 297 -5.72 25.96 3.80
CA VAL H 297 -6.51 24.73 3.64
C VAL H 297 -7.20 24.68 2.28
N ALA H 298 -7.76 25.81 1.85
CA ALA H 298 -8.35 25.89 0.51
C ALA H 298 -7.36 25.53 -0.60
N ALA H 299 -6.12 25.97 -0.46
CA ALA H 299 -5.07 25.62 -1.46
C ALA H 299 -4.77 24.13 -1.46
N MET H 300 -4.76 23.52 -0.28
CA MET H 300 -4.61 22.07 -0.15
C MET H 300 -5.76 21.33 -0.82
N ALA H 301 -6.99 21.80 -0.58
CA ALA H 301 -8.16 21.21 -1.25
C ALA H 301 -8.03 21.27 -2.78
N GLU H 302 -7.49 22.39 -3.30
CA GLU H 302 -7.29 22.55 -4.74
C GLU H 302 -6.47 21.40 -5.35
N VAL H 303 -5.40 20.99 -4.69
CA VAL H 303 -4.53 19.92 -5.24
C VAL H 303 -5.09 18.52 -4.99
N TYR H 304 -6.27 18.46 -4.36
CA TYR H 304 -7.04 17.21 -4.30
C TYR H 304 -8.32 17.30 -5.13
N ASN H 305 -8.44 18.36 -5.94
CA ASN H 305 -9.65 18.61 -6.73
C ASN H 305 -10.90 18.54 -5.83
N ALA H 306 -10.74 19.12 -4.64
CA ALA H 306 -11.77 19.14 -3.60
C ALA H 306 -12.20 20.59 -3.37
N GLN H 307 -13.30 20.78 -2.64
CA GLN H 307 -13.86 22.12 -2.45
C GLN H 307 -14.15 22.47 -0.99
N MET H 308 -14.31 23.77 -0.74
CA MET H 308 -14.65 24.30 0.57
C MET H 308 -16.13 24.67 0.62
N ALA H 309 -16.77 24.36 1.75
CA ALA H 309 -18.12 24.84 2.04
C ALA H 309 -18.11 25.32 3.50
N PRO H 310 -17.73 26.59 3.73
CA PRO H 310 -17.56 27.10 5.10
C PRO H 310 -18.79 26.86 5.98
N HIS H 311 -18.55 26.34 7.18
CA HIS H 311 -19.61 26.02 8.12
C HIS H 311 -20.21 27.27 8.75
N LEU H 312 -21.51 27.24 8.98
CA LEU H 312 -22.15 28.25 9.81
C LEU H 312 -23.23 27.66 10.69
N TYR H 313 -22.97 27.65 11.99
CA TYR H 313 -24.04 27.54 12.99
C TYR H 313 -23.65 28.44 14.14
N ALA H 314 -23.66 29.73 13.83
CA ALA H 314 -23.12 30.77 14.68
C ALA H 314 -23.66 32.10 14.14
N GLY H 315 -23.04 33.21 14.54
CA GLY H 315 -23.52 34.54 14.20
C GLY H 315 -23.15 35.06 12.81
N PRO H 316 -23.59 36.29 12.48
CA PRO H 316 -23.35 36.91 11.18
C PRO H 316 -21.92 37.42 11.02
N VAL H 317 -21.16 37.49 12.10
CA VAL H 317 -19.78 37.94 12.04
C VAL H 317 -18.90 36.82 11.49
N GLU H 318 -19.06 35.61 12.02
CA GLU H 318 -18.37 34.48 11.43
C GLU H 318 -18.80 34.30 9.97
N TRP H 319 -20.09 34.56 9.69
CA TRP H 319 -20.62 34.42 8.33
C TRP H 319 -19.95 35.42 7.38
N ALA H 320 -19.80 36.67 7.83
CA ALA H 320 -19.07 37.67 7.05
C ALA H 320 -17.66 37.19 6.70
N ALA H 321 -16.98 36.56 7.66
CA ALA H 321 -15.65 35.98 7.41
C ALA H 321 -15.72 34.91 6.32
N ASN H 322 -16.74 34.06 6.39
CA ASN H 322 -16.97 33.01 5.38
C ASN H 322 -17.13 33.60 3.99
N VAL H 323 -17.89 34.68 3.90
CA VAL H 323 -18.20 35.34 2.63
C VAL H 323 -16.94 35.88 1.96
N HIS H 324 -16.10 36.56 2.74
CA HIS H 324 -14.84 37.10 2.21
C HIS H 324 -13.89 35.98 1.80
N PHE H 325 -13.81 34.97 2.66
CA PHE H 325 -13.03 33.77 2.36
C PHE H 325 -13.49 33.19 1.02
N ALA H 326 -14.79 32.89 0.94
CA ALA H 326 -15.38 32.26 -0.25
C ALA H 326 -15.19 33.06 -1.54
N ALA H 327 -15.26 34.39 -1.44
CA ALA H 327 -15.15 35.28 -2.58
C ALA H 327 -13.79 35.15 -3.28
N SER H 328 -12.77 34.76 -2.53
CA SER H 328 -11.39 34.79 -2.98
C SER H 328 -10.83 33.45 -3.46
N ILE H 329 -11.61 32.38 -3.33
CA ILE H 329 -11.10 31.04 -3.65
C ILE H 329 -11.75 30.45 -4.91
N PRO H 330 -10.93 29.85 -5.80
CA PRO H 330 -11.52 29.26 -7.00
C PRO H 330 -12.35 28.02 -6.69
N ASN H 331 -12.07 27.34 -5.58
CA ASN H 331 -12.70 26.07 -5.23
C ASN H 331 -13.81 26.15 -4.17
N ILE H 332 -14.64 27.18 -4.26
CA ILE H 332 -15.82 27.30 -3.39
C ILE H 332 -16.96 26.43 -3.94
N LEU H 333 -17.64 25.73 -3.04
CA LEU H 333 -18.86 25.01 -3.41
C LEU H 333 -20.08 25.86 -3.03
N MET H 334 -20.26 26.13 -1.74
CA MET H 334 -21.36 26.96 -1.25
C MET H 334 -21.16 27.41 0.19
N CYS H 335 -21.89 28.45 0.61
CA CYS H 335 -21.81 28.98 1.97
C CYS H 335 -23.09 28.71 2.77
N GLU H 336 -22.94 27.95 3.86
CA GLU H 336 -24.00 27.75 4.83
C GLU H 336 -24.45 29.11 5.35
N SER H 337 -25.76 29.31 5.42
CA SER H 337 -26.33 30.59 5.82
C SER H 337 -27.53 30.36 6.73
N ILE H 338 -27.74 31.30 7.66
CA ILE H 338 -28.91 31.30 8.53
C ILE H 338 -29.61 32.66 8.46
N GLU H 339 -30.84 32.67 7.95
CA GLU H 339 -31.62 33.90 7.86
C GLU H 339 -32.55 34.02 9.05
N THR H 340 -32.19 34.86 10.02
CA THR H 340 -33.10 35.24 11.08
C THR H 340 -33.04 36.77 11.24
N PRO H 341 -34.14 37.36 11.77
CA PRO H 341 -34.14 38.80 12.08
C PRO H 341 -32.95 39.23 12.93
N PHE H 342 -32.56 38.41 13.88
CA PHE H 342 -31.45 38.74 14.77
C PHE H 342 -30.11 38.77 14.03
N HIS H 343 -29.86 37.77 13.18
CA HIS H 343 -28.65 37.73 12.34
C HIS H 343 -28.51 39.03 11.56
N ASP H 344 -29.59 39.39 10.87
CA ASP H 344 -29.60 40.55 9.99
C ASP H 344 -29.42 41.86 10.77
N ALA H 345 -30.10 41.98 11.91
CA ALA H 345 -30.04 43.21 12.73
C ALA H 345 -28.66 43.42 13.37
N LEU H 346 -28.02 42.33 13.79
CA LEU H 346 -26.70 42.39 14.42
C LEU H 346 -25.62 42.95 13.50
N ILE H 347 -25.77 42.74 12.19
CA ILE H 347 -24.87 43.38 11.22
C ILE H 347 -25.57 44.47 10.39
N LYS H 348 -26.75 44.89 10.85
CA LYS H 348 -27.53 45.97 10.23
C LYS H 348 -27.81 45.76 8.73
N GLY H 349 -28.02 44.50 8.36
CA GLY H 349 -28.31 44.14 6.97
C GLY H 349 -27.18 44.41 5.98
N SER H 350 -25.95 44.43 6.48
CA SER H 350 -24.76 44.79 5.69
C SER H 350 -24.47 43.79 4.58
N ILE H 351 -24.75 42.52 4.85
CA ILE H 351 -24.56 41.44 3.88
C ILE H 351 -25.80 40.55 3.98
N ARG H 352 -26.39 40.20 2.84
CA ARG H 352 -27.62 39.40 2.79
C ARG H 352 -27.60 38.32 1.72
N VAL H 353 -28.32 37.23 1.96
CA VAL H 353 -28.62 36.26 0.91
C VAL H 353 -29.72 36.88 0.05
N GLU H 354 -29.47 36.98 -1.26
CA GLU H 354 -30.49 37.47 -2.18
C GLU H 354 -30.70 36.49 -3.32
N GLY H 355 -31.89 35.90 -3.37
CA GLY H 355 -32.21 34.89 -4.38
C GLY H 355 -31.26 33.71 -4.37
N GLY H 356 -30.94 33.21 -3.17
CA GLY H 356 -30.05 32.05 -3.01
C GLY H 356 -28.56 32.30 -3.20
N TYR H 357 -28.17 33.56 -3.37
CA TYR H 357 -26.77 33.90 -3.60
C TYR H 357 -26.31 35.08 -2.74
N ILE H 358 -25.01 35.14 -2.50
CA ILE H 358 -24.42 36.23 -1.73
C ILE H 358 -23.43 37.01 -2.58
N THR H 359 -23.61 38.33 -2.61
CA THR H 359 -22.68 39.23 -3.27
C THR H 359 -21.65 39.69 -2.24
N PRO H 360 -20.34 39.46 -2.50
CA PRO H 360 -19.30 39.97 -1.60
C PRO H 360 -19.41 41.49 -1.48
N PRO H 361 -19.38 42.03 -0.24
CA PRO H 361 -19.45 43.49 -0.05
C PRO H 361 -18.23 44.21 -0.62
N GLU H 362 -18.41 45.48 -0.97
CA GLU H 362 -17.37 46.27 -1.59
C GLU H 362 -16.77 47.28 -0.61
N ALA H 363 -17.38 47.40 0.57
CA ALA H 363 -16.92 48.34 1.60
C ALA H 363 -15.63 47.82 2.27
N PRO H 364 -14.88 48.69 2.98
CA PRO H 364 -13.63 48.23 3.59
C PRO H 364 -13.83 47.17 4.69
N GLY H 365 -12.81 46.33 4.92
CA GLY H 365 -12.85 45.31 5.96
C GLY H 365 -13.86 44.20 5.69
N LEU H 366 -14.48 43.68 6.75
CA LEU H 366 -15.55 42.70 6.58
C LEU H 366 -16.82 43.32 5.97
N GLY H 367 -16.87 44.65 5.91
CA GLY H 367 -17.98 45.37 5.31
C GLY H 367 -19.27 45.21 6.10
N ILE H 368 -19.11 45.11 7.42
CA ILE H 368 -20.25 44.99 8.31
C ILE H 368 -20.28 46.16 9.29
N GLU H 369 -21.48 46.56 9.71
CA GLU H 369 -21.62 47.47 10.84
C GLU H 369 -22.29 46.70 11.97
N VAL H 370 -21.50 46.35 12.97
CA VAL H 370 -22.00 45.53 14.07
C VAL H 370 -22.81 46.41 15.04
N ASP H 371 -24.03 45.97 15.34
CA ASP H 371 -24.85 46.64 16.32
C ASP H 371 -24.44 46.19 17.72
N GLU H 372 -23.41 46.84 18.25
CA GLU H 372 -22.87 46.50 19.56
C GLU H 372 -23.93 46.63 20.66
N ALA H 373 -24.72 47.71 20.60
CA ALA H 373 -25.80 47.95 21.57
C ALA H 373 -26.79 46.80 21.60
N LEU H 374 -27.23 46.35 20.43
CA LEU H 374 -28.13 45.20 20.32
C LEU H 374 -27.51 43.92 20.91
N ALA H 375 -26.22 43.68 20.63
CA ALA H 375 -25.51 42.52 21.16
C ALA H 375 -25.47 42.52 22.70
N ARG H 376 -25.15 43.68 23.28
CA ARG H 376 -25.10 43.84 24.73
C ARG H 376 -26.49 43.76 25.38
N ALA H 377 -27.51 44.17 24.64
CA ALA H 377 -28.90 44.11 25.11
C ALA H 377 -29.43 42.68 25.16
N ASN H 378 -28.72 41.77 24.49
CA ASN H 378 -29.09 40.35 24.48
C ASN H 378 -28.01 39.45 25.09
N PRO H 379 -27.83 39.51 26.43
CA PRO H 379 -26.79 38.65 27.02
C PRO H 379 -27.25 37.21 27.13
N TYR H 380 -26.32 36.29 27.34
CA TYR H 380 -26.67 34.89 27.58
C TYR H 380 -26.91 34.66 29.05
N HIS H 381 -28.08 34.12 29.39
CA HIS H 381 -28.46 33.93 30.79
C HIS H 381 -28.36 32.48 31.27
N GLY H 382 -28.28 31.54 30.32
CA GLY H 382 -28.27 30.12 30.66
C GLY H 382 -26.98 29.60 31.27
N THR H 383 -26.94 28.29 31.49
CA THR H 383 -25.78 27.60 32.04
C THR H 383 -25.30 26.51 31.07
N GLY H 384 -25.90 26.48 29.89
CA GLY H 384 -25.59 25.46 28.90
C GLY H 384 -24.49 25.88 27.95
N LEU H 385 -24.17 25.00 27.00
CA LEU H 385 -23.15 25.26 25.98
C LEU H 385 -23.81 25.50 24.62
N HIS H 386 -23.07 26.17 23.73
CA HIS H 386 -23.55 26.54 22.40
C HIS H 386 -24.41 25.43 21.77
N LEU H 387 -23.86 24.22 21.71
CA LEU H 387 -24.60 22.99 21.40
C LEU H 387 -24.20 21.95 22.44
N GLU H 388 -24.99 20.88 22.56
CA GLU H 388 -24.71 19.81 23.52
C GLU H 388 -25.00 18.42 22.95
N MET H 389 -24.27 17.42 23.44
CA MET H 389 -24.52 16.03 23.09
C MET H 389 -25.23 15.33 24.25
N GLN H 390 -26.37 14.70 23.96
CA GLN H 390 -27.17 14.02 24.99
C GLN H 390 -26.46 12.81 25.61
N GLU H 391 -26.94 12.39 26.79
CA GLU H 391 -26.38 11.25 27.49
C GLU H 391 -27.14 9.96 27.18
N ALA H 392 -28.47 10.06 27.07
CA ALA H 392 -29.31 8.92 26.70
C ALA H 392 -28.87 8.31 25.36
N SER H 393 -28.87 7.00 25.29
CA SER H 393 -28.46 6.28 24.07
C SER H 393 -29.49 6.48 22.94
N CYS H 394 -29.16 5.95 21.76
CA CYS H 394 -30.09 5.86 20.65
C CYS H 394 -31.29 4.98 21.05
N ASP H 395 -32.48 5.34 20.60
CA ASP H 395 -33.71 4.62 20.95
C ASP H 395 -34.06 3.56 19.90
N TYR H 396 -33.94 2.29 20.29
CA TYR H 396 -34.33 1.15 19.45
C TYR H 396 -35.62 0.53 19.98
MG MG I . 24.34 -13.00 -16.46
C1 GOL J . 31.07 -22.65 4.44
O1 GOL J . 31.91 -21.54 4.38
C2 GOL J . 30.84 -22.93 5.91
O2 GOL J . 30.83 -24.33 6.06
C3 GOL J . 29.54 -22.33 6.41
O3 GOL J . 29.03 -21.36 5.53
C1 GOL K . 11.76 4.74 -39.95
O1 GOL K . 11.89 4.28 -41.29
C2 GOL K . 12.73 5.88 -39.70
O2 GOL K . 14.04 5.49 -40.02
C3 GOL K . 12.61 6.40 -38.26
O3 GOL K . 13.86 6.37 -37.59
O5 RIB L . 3.48 -11.87 -17.85
C5 RIB L . 3.82 -12.15 -16.49
C4 RIB L . 3.61 -13.63 -16.25
O4 RIB L . 2.49 -13.81 -15.38
C3 RIB L . 3.31 -14.33 -17.55
O3 RIB L . 4.37 -15.25 -17.86
C2 RIB L . 1.94 -14.98 -17.35
O2 RIB L . 1.97 -16.37 -17.66
C1 RIB L . 1.60 -14.81 -15.88
O1 RIB L . 0.23 -14.42 -15.67
O5 RIB M . 6.44 -16.74 -12.42
C5 RIB M . 6.33 -15.33 -12.67
C4 RIB M . 7.18 -15.00 -13.88
O4 RIB M . 7.67 -13.66 -13.79
C3 RIB M . 8.42 -15.88 -13.93
O3 RIB M . 8.21 -16.95 -14.82
C2 RIB M . 9.51 -15.00 -14.47
O2 RIB M . 9.67 -15.24 -15.86
C1 RIB M . 9.01 -13.58 -14.26
O1 RIB M . 9.85 -12.91 -13.30
MG MG N . 20.14 23.59 -8.99
C1 GOL O . 35.13 6.02 -15.40
O1 GOL O . 35.81 6.31 -14.21
C2 GOL O . 35.25 4.54 -15.67
O2 GOL O . 35.11 4.35 -17.06
C3 GOL O . 34.24 3.72 -14.88
O3 GOL O . 33.09 4.45 -14.48
O5 RIB P . 0.48 18.19 -12.28
C5 RIB P . 1.21 16.98 -12.50
C4 RIB P . 0.97 16.52 -13.93
O4 RIB P . 0.15 15.35 -13.95
C3 RIB P . 0.20 17.56 -14.71
O3 RIB P . 1.13 18.39 -15.40
C2 RIB P . -0.69 16.76 -15.65
O2 RIB P . -0.21 16.84 -16.99
C1 RIB P . -0.60 15.32 -15.17
O1 RIB P . -1.90 14.74 -14.95
C1 GOL Q . 26.90 26.57 11.88
O1 GOL Q . 26.72 25.25 12.33
C2 GOL Q . 26.12 26.81 10.60
O2 GOL Q . 26.72 27.89 9.94
C3 GOL Q . 26.14 25.57 9.69
O3 GOL Q . 24.98 24.80 9.91
C1 GOL R . -1.93 40.41 6.07
O1 GOL R . -0.56 40.12 6.23
C2 GOL R . -2.16 41.78 5.45
O2 GOL R . -0.96 42.51 5.23
C3 GOL R . -2.96 41.66 4.17
O3 GOL R . -3.14 42.90 3.53
MG MG S . -11.83 -22.06 -20.23
C1 GOL T . -21.08 -1.41 -31.07
O1 GOL T . -20.65 -2.15 -29.95
C2 GOL T . -21.88 -2.24 -32.07
O2 GOL T . -21.42 -2.00 -33.37
C3 GOL T . -21.77 -3.73 -31.81
O3 GOL T . -22.86 -4.10 -31.03
C1 GOL U . 1.53 -41.92 1.17
O1 GOL U . 1.95 -43.17 0.66
C2 GOL U . 0.17 -42.05 1.83
O2 GOL U . -0.72 -42.80 1.03
C3 GOL U . -0.38 -40.65 2.14
O3 GOL U . -1.77 -40.55 1.86
MG MG V . -12.55 15.18 -25.46
C1 GOL W . 9.33 -2.49 -39.72
O1 GOL W . 7.93 -2.63 -39.64
C2 GOL W . 9.64 -1.29 -40.61
O2 GOL W . 9.04 -1.49 -41.88
C3 GOL W . 11.15 -1.12 -40.78
O3 GOL W . 11.41 -0.05 -41.65
C1 GOL X . -13.17 7.80 -1.42
O1 GOL X . -12.00 8.18 -0.72
C2 GOL X . -13.26 8.54 -2.74
O2 GOL X . -14.13 7.82 -3.58
C3 GOL X . -13.83 9.94 -2.52
O3 GOL X . -13.43 10.84 -3.54
C1 GOL Y . -29.48 23.12 -10.39
O1 GOL Y . -30.14 22.03 -10.97
C2 GOL Y . -29.93 23.23 -8.96
O2 GOL Y . -29.58 24.51 -8.49
C3 GOL Y . -29.28 22.16 -8.10
O3 GOL Y . -27.97 21.88 -8.54
O5 RIB Z . 5.69 13.83 -16.19
C5 RIB Z . 5.23 13.84 -14.84
C4 RIB Z . 5.41 15.23 -14.26
O4 RIB Z . 5.86 15.16 -12.90
C3 RIB Z . 6.49 15.99 -15.01
O3 RIB Z . 5.84 16.82 -15.99
C2 RIB Z . 7.20 16.82 -13.95
O2 RIB Z . 6.91 18.20 -14.10
C1 RIB Z . 6.68 16.31 -12.61
O1 RIB Z . 7.74 15.98 -11.71
C1 GOL AA . 4.22 -41.94 -4.19
O1 GOL AA . 3.95 -42.95 -3.23
C2 GOL AA . 5.55 -41.26 -3.86
O2 GOL AA . 6.58 -42.23 -3.81
C3 GOL AA . 5.90 -40.20 -4.90
O3 GOL AA . 7.10 -39.56 -4.53
MG MG BA . 14.74 -21.36 18.84
O5 RIB CA . -4.35 -18.31 11.00
C5 RIB CA . -3.83 -17.05 11.43
C4 RIB CA . -4.44 -16.68 12.78
O4 RIB CA . -5.36 -15.60 12.61
C3 RIB CA . -5.20 -17.86 13.37
O3 RIB CA . -4.50 -18.34 14.53
C2 RIB CA . -6.61 -17.33 13.61
O2 RIB CA . -7.02 -17.55 14.95
C1 RIB CA . -6.56 -15.84 13.34
O1 RIB CA . -7.71 -15.39 12.58
C1 GOL DA . 22.18 -2.45 31.75
O1 GOL DA . 23.39 -2.55 31.07
C2 GOL DA . 22.00 -1.01 32.15
O2 GOL DA . 21.13 -1.00 33.25
C3 GOL DA . 21.45 -0.15 31.02
O3 GOL DA . 21.00 -0.91 29.92
MG MG EA . 10.42 15.30 26.26
C1 GOL FA . -8.67 -5.83 39.31
O1 GOL FA . -7.26 -5.90 39.44
C2 GOL FA . -9.37 -5.62 40.65
O2 GOL FA . -8.52 -5.06 41.62
C3 GOL FA . -10.59 -4.72 40.44
O3 GOL FA . -11.14 -4.27 41.66
C1 GOL GA . -28.16 -26.74 -6.08
O1 GOL GA . -28.71 -25.46 -5.82
C2 GOL GA . -27.36 -26.74 -7.38
O2 GOL GA . -26.30 -27.66 -7.22
C3 GOL GA . -26.77 -25.38 -7.73
O3 GOL GA . -25.81 -24.97 -6.78
C1 GOL HA . -4.44 -1.83 15.84
O1 GOL HA . -4.64 -3.19 16.16
C2 GOL HA . -5.12 -0.93 16.86
O2 GOL HA . -5.22 -1.57 18.12
C3 GOL HA . -4.40 0.42 16.98
O3 GOL HA . -4.89 1.34 16.03
MG MG IA . -22.18 -17.16 15.53
C1 GOL JA . -34.65 -1.78 14.97
O1 GOL JA . -33.45 -1.13 14.59
C2 GOL JA . -35.23 -1.10 16.19
O2 GOL JA . -36.21 -1.93 16.78
C3 GOL JA . -35.90 0.23 15.86
O3 GOL JA . -36.03 0.43 14.47
C1 GOL KA . -13.24 2.28 38.69
O1 GOL KA . -14.32 2.16 37.80
C2 GOL KA . -13.25 1.07 39.63
O2 GOL KA . -14.45 1.07 40.39
C3 GOL KA . -12.06 1.14 40.56
O3 GOL KA . -12.32 0.38 41.72
O5 RIB LA . -1.71 -13.27 17.05
C5 RIB LA . -2.30 -13.63 15.80
C4 RIB LA . -1.78 -15.01 15.41
O4 RIB LA . -0.63 -14.85 14.58
C3 RIB LA . -1.35 -15.76 16.65
O3 RIB LA . -2.25 -16.85 16.88
C2 RIB LA . 0.11 -16.14 16.41
O2 RIB LA . 0.33 -17.54 16.57
C1 RIB LA . 0.39 -15.76 14.97
O1 RIB LA . 1.69 -15.15 14.83
C1 GOL MA . -3.55 40.73 -3.58
O1 GOL MA . -4.75 40.07 -3.89
C2 GOL MA . -3.78 41.62 -2.36
O2 GOL MA . -4.75 42.60 -2.70
C3 GOL MA . -2.50 42.31 -1.96
O3 GOL MA . -2.77 43.14 -0.84
O5 RIB NA . -8.28 11.67 16.59
C5 RIB NA . -7.02 11.97 15.97
C4 RIB NA . -7.06 13.39 15.42
O4 RIB NA . -7.50 13.36 14.06
C3 RIB NA . -8.05 14.23 16.21
O3 RIB NA . -7.30 15.24 16.90
C2 RIB NA . -9.03 14.76 15.17
O2 RIB NA . -9.19 16.18 15.25
C1 RIB NA . -8.44 14.40 13.81
O1 RIB NA . -9.44 13.98 12.88
MG MG OA . -23.05 20.01 10.29
O5 RIB PA . -2.64 16.88 13.25
C5 RIB PA . -3.49 15.73 13.41
C4 RIB PA . -3.61 15.41 14.89
O4 RIB PA . -2.79 14.29 15.23
C3 RIB PA . -3.15 16.59 15.72
O3 RIB PA . -4.24 17.06 16.52
C2 RIB PA . -1.94 16.09 16.50
O2 RIB PA . -2.04 16.41 17.89
C1 RIB PA . -1.93 14.59 16.33
O1 RIB PA . -0.61 14.10 16.07
#